data_7PET
#
_entry.id   7PET
#
_cell.length_a   1.00
_cell.length_b   1.00
_cell.length_c   1.00
_cell.angle_alpha   90.00
_cell.angle_beta   90.00
_cell.angle_gamma   90.00
#
_symmetry.space_group_name_H-M   'P 1'
#
loop_
_entity.id
_entity.type
_entity.pdbx_description
1 polymer 'Histone H3.2'
2 polymer 'Histone H4'
3 polymer 'Histone H2A type 1-B/E'
4 polymer 'Histone H2B type 1-K'
5 polymer 'Histone H1.4'
6 polymer 'DNA (702-MER)'
7 polymer 'DNA (702-MER)'
#
loop_
_entity_poly.entity_id
_entity_poly.type
_entity_poly.pdbx_seq_one_letter_code
_entity_poly.pdbx_strand_id
1 'polypeptide(L)'
;MARTKQTARKSTGGKAPRKQLATKAARKSAPATGGVKKPHRYRPGTVALREIRRYQKSTELLIRKLPFQRLVREIAQDFK
TDLRFQSSAVMALQEASEAYLVGLFEDTNLAAIHAKRVTIMPKDIQLARRIRGERA
;
A,E,a,e,K,O,k,o
2 'polypeptide(L)'
;MSGRGKGGKGLGKGGAKRHRKVLRDNIQGITKPAIRRLARRGGVKRISGLIYEETRGVLKVFLENVIRDAVTYTEHAKRK
TVTAMDVVYALKRQGRTLYGFGG
;
B,F,b,f,L,P,l,p
3 'polypeptide(L)'
;HHHHHHENLYFQSNAPWMSGRGKQGGKARAKAKTRSSRAGLQFPVGRVHRLLRKGNYSERVGAGAPVYLAAVLEYLTAEI
LELAGNAARDNKKTRIIPRHLQLAIRNDEELNKLLGRVTIAQGGVLPNIQAVLLPKKTESHHKAKGK
;
C,G,c,g,M,Q,m,q
4 'polypeptide(L)'
;MPEPAKSAPAPKKGSKKAVTKAQKKDGKKRKRSRKESYSVYVYKVLKQVHPDTGISSKAMGIMNSFVNDIFERIAGEASR
LAHYNKRSTITSREIQTAVRLLLPGELAKHAVSEGTKAVTKYTSAK
;
D,H,d,h,N,R,n,r
5 'polypeptide(L)'
;SETAPAAPAAPAPAEKTPVKKKARKSAGAAKRKASGPPVSELITKAVAASKERSGVSLAALKKALAAAGYDVEKNNSRIK
LGLKSLVSKGTLVQTKGTGASGSFKLNKKAASGEAKPKAKKAGAAKAKKPAGAAKKPKKATGAATPKKSAKKTPKKAKKP
AAAAGAKKAKSPKKAKAAKPKKAPKSPAKAKAVKPKAAKPKTAKPKAAKPKKAAAKKK
;
u,s
6 'polydeoxyribonucleotide'
;(DA)(DT)(DC)(DC)(DC)(DG)(DG)(DA)(DT)(DC)(DC)(DC)(DC)(DT)(DG)(DG)(DA)(DG)(DA)(DA)
(DT)(DC)(DC)(DC)(DG)(DG)(DT)(DG)(DC)(DC)(DG)(DA)(DG)(DG)(DC)(DC)(DG)(DC)(DT)(DC)
(DA)(DA)(DT)(DT)(DG)(DG)(DT)(DC)(DG)(DT)(DA)(DG)(DA)(DC)(DA)(DG)(DC)(DT)(DC)(DT)
(DA)(DG)(DC)(DA)(DC)(DC)(DG)(DC)(DT)(DT)(DA)(DA)(DA)(DC)(DG)(DC)(DA)(DC)(DG)(DT)
(DA)(DC)(DG)(DC)(DG)(DC)(DT)(DG)(DT)(DC)(DC)(DC)(DC)(DC)(DG)(DC)(DG)(DT)(DT)(DT)
(DT)(DA)(DA)(DC)(DC)(DG)(DC)(DC)(DA)(DA)(DG)(DG)(DG)(DG)(DA)(DT)(DT)(DA)(DC)(DT)
(DC)(DC)(DC)(DT)(DA)(DG)(DT)(DC)(DT)(DC)(DC)(DA)(DG)(DG)(DC)(DA)(DC)(DG)(DT)(DG)
(DT)(DC)(DA)(DC)(DA)(DT)(DA)(DT)(DA)(DT)(DA)(DC)(DA)(DT)(DC)(DC)(DT)(DG)(DT)(DT)
(DC)(DC)(DA)(DG)(DT)(DG)(DC)(DC)(DG)(DG)(DA)(DC)(DC)(DC)(DG)(DA)(DG)(DC)(DA)(DT)
(DC)(DC)(DG)(DG)(DA)(DT)(DC)(DC)(DC)(DC)(DT)(DG)(DG)(DA)(DG)(DA)(DA)(DT)(DC)(DC)
(DC)(DG)(DG)(DT)(DG)(DC)(DC)(DG)(DA)(DG)(DG)(DC)(DC)(DG)(DC)(DT)(DC)(DA)(DA)(DT)
(DT)(DG)(DG)(DT)(DC)(DG)(DT)(DA)(DG)(DA)(DC)(DA)(DG)(DC)(DT)(DC)(DT)(DA)(DG)(DC)
(DA)(DC)(DC)(DG)(DC)(DT)(DT)(DA)(DA)(DA)(DC)(DG)(DC)(DA)(DC)(DG)(DT)(DA)(DC)(DG)
(DC)(DG)(DC)(DT)(DG)(DT)(DC)(DC)(DC)(DC)(DC)(DG)(DC)(DG)(DT)(DT)(DT)(DT)(DA)(DA)
(DC)(DC)(DG)(DC)(DC)(DA)(DA)(DG)(DG)(DG)(DG)(DA)(DT)(DT)(DA)(DC)(DT)(DC)(DC)(DC)
(DT)(DA)(DG)(DT)(DC)(DT)(DC)(DC)(DA)(DG)(DG)(DC)(DA)(DC)(DG)(DT)(DG)(DT)(DC)(DA)
(DC)(DA)(DT)(DA)(DT)(DA)(DT)(DA)(DC)(DA)(DT)(DC)(DC)(DT)(DG)(DT)(DT)(DC)(DC)(DA)
(DG)(DT)(DG)(DC)(DC)(DG)(DG)(DA)(DC)(DC)(DC)(DG)(DA)(DG)(DC)(DA)(DT)(DC)(DC)(DG)
(DG)(DA)(DT)(DC)(DC)(DC)(DC)(DT)(DG)(DG)(DA)(DG)(DA)(DA)(DT)(DC)(DC)(DC)(DG)(DG)
(DT)(DG)(DC)(DC)(DG)(DA)(DG)(DG)(DC)(DC)(DG)(DC)(DT)(DC)(DA)(DA)(DT)(DT)(DG)(DG)
(DT)(DC)(DG)(DT)(DA)(DG)(DA)(DC)(DA)(DG)(DC)(DT)(DC)(DT)(DA)(DG)(DC)(DA)(DC)(DC)
(DG)(DC)(DT)(DT)(DA)(DA)(DA)(DC)(DG)(DC)(DA)(DC)(DG)(DT)(DA)(DC)(DG)(DC)(DG)(DC)
(DT)(DG)(DT)(DC)(DC)(DC)(DC)(DC)(DG)(DC)(DG)(DT)(DT)(DT)(DT)(DA)(DA)(DC)(DC)(DG)
(DC)(DC)(DA)(DA)(DG)(DG)(DG)(DG)(DA)(DT)(DT)(DA)(DC)(DT)(DC)(DC)(DC)(DT)(DA)(DG)
(DT)(DC)(DT)(DC)(DC)(DA)(DG)(DG)(DC)(DA)(DC)(DG)(DT)(DG)(DT)(DC)(DA)(DC)(DA)(DT)
(DA)(DT)(DA)(DT)(DA)(DC)(DA)(DT)(DC)(DC)(DT)(DG)(DT)(DT)(DC)(DC)(DA)(DG)(DT)(DG)
(DC)(DC)(DG)(DG)(DA)(DC)(DC)(DC)(DG)(DA)(DG)(DC)(DA)(DT)(DC)(DC)(DG)(DG)(DA)(DT)
(DC)(DC)(DC)(DC)(DT)(DG)(DG)(DA)(DG)(DA)(DA)(DT)(DC)(DC)(DC)(DG)(DG)(DT)(DG)(DC)
(DC)(DG)(DA)(DG)(DG)(DC)(DC)(DG)(DC)(DT)(DC)(DA)(DA)(DT)(DT)(DG)(DG)(DT)(DC)(DG)
(DT)(DA)(DG)(DA)(DC)(DA)(DG)(DC)(DT)(DC)(DT)(DA)(DG)(DC)(DA)(DC)(DC)(DG)(DC)(DT)
(DT)(DA)(DA)(DA)(DC)(DG)(DC)(DA)(DC)(DG)(DT)(DA)(DC)(DG)(DC)(DG)(DC)(DT)(DG)(DT)
(DC)(DC)(DC)(DC)(DC)(DG)(DC)(DG)(DT)(DT)(DT)(DT)(DA)(DA)(DC)(DC)(DG)(DC)(DC)(DA)
(DA)(DG)(DG)(DG)(DG)(DA)(DT)(DT)(DA)(DC)(DT)(DC)(DC)(DC)(DT)(DA)(DG)(DT)(DC)(DT)
(DC)(DC)(DA)(DG)(DG)(DC)(DA)(DC)(DG)(DT)(DG)(DT)(DC)(DA)(DC)(DA)(DT)(DA)(DT)(DA)
(DT)(DA)(DC)(DA)(DT)(DC)(DC)(DT)(DG)(DT)(DT)(DC)(DC)(DA)(DG)(DT)(DG)(DC)(DC)(DG)
(DA)(DT)
;
I
7 'polydeoxyribonucleotide'
;(DA)(DT)(DC)(DG)(DG)(DC)(DA)(DC)(DT)(DG)(DG)(DA)(DA)(DC)(DA)(DG)(DG)(DA)(DT)(DG)
(DT)(DA)(DT)(DA)(DT)(DA)(DT)(DG)(DT)(DG)(DA)(DC)(DA)(DC)(DG)(DT)(DG)(DC)(DC)(DT)
(DG)(DG)(DA)(DG)(DA)(DC)(DT)(DA)(DG)(DG)(DG)(DA)(DG)(DT)(DA)(DA)(DT)(DC)(DC)(DC)
(DC)(DT)(DT)(DG)(DG)(DC)(DG)(DG)(DT)(DT)(DA)(DA)(DA)(DA)(DC)(DG)(DC)(DG)(DG)(DG)
(DG)(DG)(DA)(DC)(DA)(DG)(DC)(DG)(DC)(DG)(DT)(DA)(DC)(DG)(DT)(DG)(DC)(DG)(DT)(DT)
(DT)(DA)(DA)(DG)(DC)(DG)(DG)(DT)(DG)(DC)(DT)(DA)(DG)(DA)(DG)(DC)(DT)(DG)(DT)(DC)
(DT)(DA)(DC)(DG)(DA)(DC)(DC)(DA)(DA)(DT)(DT)(DG)(DA)(DG)(DC)(DG)(DG)(DC)(DC)(DT)
(DC)(DG)(DG)(DC)(DA)(DC)(DC)(DG)(DG)(DG)(DA)(DT)(DT)(DC)(DT)(DC)(DC)(DA)(DG)(DG)
(DG)(DG)(DA)(DT)(DC)(DC)(DG)(DG)(DA)(DT)(DG)(DC)(DT)(DC)(DG)(DG)(DG)(DT)(DC)(DC)
(DG)(DG)(DC)(DA)(DC)(DT)(DG)(DG)(DA)(DA)(DC)(DA)(DG)(DG)(DA)(DT)(DG)(DT)(DA)(DT)
(DA)(DT)(DA)(DT)(DG)(DT)(DG)(DA)(DC)(DA)(DC)(DG)(DT)(DG)(DC)(DC)(DT)(DG)(DG)(DA)
(DG)(DA)(DC)(DT)(DA)(DG)(DG)(DG)(DA)(DG)(DT)(DA)(DA)(DT)(DC)(DC)(DC)(DC)(DT)(DT)
(DG)(DG)(DC)(DG)(DG)(DT)(DT)(DA)(DA)(DA)(DA)(DC)(DG)(DC)(DG)(DG)(DG)(DG)(DG)(DA)
(DC)(DA)(DG)(DC)(DG)(DC)(DG)(DT)(DA)(DC)(DG)(DT)(DG)(DC)(DG)(DT)(DT)(DT)(DA)(DA)
(DG)(DC)(DG)(DG)(DT)(DG)(DC)(DT)(DA)(DG)(DA)(DG)(DC)(DT)(DG)(DT)(DC)(DT)(DA)(DC)
(DG)(DA)(DC)(DC)(DA)(DA)(DT)(DT)(DG)(DA)(DG)(DC)(DG)(DG)(DC)(DC)(DT)(DC)(DG)(DG)
(DC)(DA)(DC)(DC)(DG)(DG)(DG)(DA)(DT)(DT)(DC)(DT)(DC)(DC)(DA)(DG)(DG)(DG)(DG)(DA)
(DT)(DC)(DC)(DG)(DG)(DA)(DT)(DG)(DC)(DT)(DC)(DG)(DG)(DG)(DT)(DC)(DC)(DG)(DG)(DC)
(DA)(DC)(DT)(DG)(DG)(DA)(DA)(DC)(DA)(DG)(DG)(DA)(DT)(DG)(DT)(DA)(DT)(DA)(DT)(DA)
(DT)(DG)(DT)(DG)(DA)(DC)(DA)(DC)(DG)(DT)(DG)(DC)(DC)(DT)(DG)(DG)(DA)(DG)(DA)(DC)
(DT)(DA)(DG)(DG)(DG)(DA)(DG)(DT)(DA)(DA)(DT)(DC)(DC)(DC)(DC)(DT)(DT)(DG)(DG)(DC)
(DG)(DG)(DT)(DT)(DA)(DA)(DA)(DA)(DC)(DG)(DC)(DG)(DG)(DG)(DG)(DG)(DA)(DC)(DA)(DG)
(DC)(DG)(DC)(DG)(DT)(DA)(DC)(DG)(DT)(DG)(DC)(DG)(DT)(DT)(DT)(DA)(DA)(DG)(DC)(DG)
(DG)(DT)(DG)(DC)(DT)(DA)(DG)(DA)(DG)(DC)(DT)(DG)(DT)(DC)(DT)(DA)(DC)(DG)(DA)(DC)
(DC)(DA)(DA)(DT)(DT)(DG)(DA)(DG)(DC)(DG)(DG)(DC)(DC)(DT)(DC)(DG)(DG)(DC)(DA)(DC)
(DC)(DG)(DG)(DG)(DA)(DT)(DT)(DC)(DT)(DC)(DC)(DA)(DG)(DG)(DG)(DG)(DA)(DT)(DC)(DC)
(DG)(DG)(DA)(DT)(DG)(DC)(DT)(DC)(DG)(DG)(DG)(DT)(DC)(DC)(DG)(DG)(DC)(DA)(DC)(DT)
(DG)(DG)(DA)(DA)(DC)(DA)(DG)(DG)(DA)(DT)(DG)(DT)(DA)(DT)(DA)(DT)(DA)(DT)(DG)(DT)
(DG)(DA)(DC)(DA)(DC)(DG)(DT)(DG)(DC)(DC)(DT)(DG)(DG)(DA)(DG)(DA)(DC)(DT)(DA)(DG)
(DG)(DG)(DA)(DG)(DT)(DA)(DA)(DT)(DC)(DC)(DC)(DC)(DT)(DT)(DG)(DG)(DC)(DG)(DG)(DT)
(DT)(DA)(DA)(DA)(DA)(DC)(DG)(DC)(DG)(DG)(DG)(DG)(DG)(DA)(DC)(DA)(DG)(DC)(DG)(DC)
(DG)(DT)(DA)(DC)(DG)(DT)(DG)(DC)(DG)(DT)(DT)(DT)(DA)(DA)(DG)(DC)(DG)(DG)(DT)(DG)
(DC)(DT)(DA)(DG)(DA)(DG)(DC)(DT)(DG)(DT)(DC)(DT)(DA)(DC)(DG)(DA)(DC)(DC)(DA)(DA)
(DT)(DT)(DG)(DA)(DG)(DC)(DG)(DG)(DC)(DC)(DT)(DC)(DG)(DG)(DC)(DA)(DC)(DC)(DG)(DG)
(DG)(DA)(DT)(DT)(DC)(DT)(DC)(DC)(DA)(DG)(DG)(DG)(DG)(DA)(DT)(DC)(DC)(DG)(DG)(DG)
(DA)(DT)
;
J
#
# COMPACT_ATOMS: atom_id res chain seq x y z
N LYS A 38 -27.49 57.15 48.48
CA LYS A 38 -26.45 56.87 49.46
C LYS A 38 -25.33 57.90 49.24
N PRO A 39 -24.86 58.51 50.33
CA PRO A 39 -23.90 59.62 50.19
C PRO A 39 -22.54 59.16 49.70
N HIS A 40 -21.81 60.12 49.13
CA HIS A 40 -20.46 59.87 48.67
C HIS A 40 -19.52 59.59 49.84
N ARG A 41 -18.55 58.70 49.59
CA ARG A 41 -17.49 58.45 50.56
C ARG A 41 -16.28 57.94 49.81
N TYR A 42 -15.09 58.87 49.94
CA TYR A 42 -13.59 58.82 49.42
C TYR A 42 -12.76 57.50 49.85
N ARG A 43 -12.63 56.25 49.12
CA ARG A 43 -11.87 55.13 49.66
C ARG A 43 -10.67 55.65 50.45
N PRO A 44 -10.16 54.86 51.40
CA PRO A 44 -8.98 55.29 52.18
C PRO A 44 -7.77 55.54 51.31
N GLY A 45 -7.06 56.64 51.62
CA GLY A 45 -5.85 57.02 50.94
C GLY A 45 -6.04 58.04 49.84
N THR A 46 -7.23 58.09 49.23
CA THR A 46 -7.48 59.07 48.16
C THR A 46 -7.44 60.49 48.69
N VAL A 47 -8.20 60.73 49.76
CA VAL A 47 -8.18 62.02 50.43
C VAL A 47 -6.79 62.34 50.95
N ALA A 48 -6.11 61.33 51.51
CA ALA A 48 -4.77 61.51 52.04
C ALA A 48 -3.80 61.95 50.96
N LEU A 49 -3.89 61.33 49.78
CA LEU A 49 -3.07 61.76 48.65
C LEU A 49 -3.43 63.17 48.20
N ARG A 50 -4.71 63.53 48.31
CA ARG A 50 -5.12 64.87 47.92
C ARG A 50 -4.52 65.93 48.85
N GLU A 51 -4.54 65.70 50.16
CA GLU A 51 -3.88 66.69 51.02
C GLU A 51 -2.37 66.57 50.95
N ILE A 52 -1.84 65.42 50.54
CA ILE A 52 -0.41 65.33 50.28
C ILE A 52 -0.01 66.29 49.16
N ARG A 53 -0.78 66.27 48.07
CA ARG A 53 -0.52 67.18 46.96
C ARG A 53 -0.75 68.63 47.38
N ARG A 54 -1.80 68.86 48.19
CA ARG A 54 -2.13 70.21 48.64
C ARG A 54 -1.01 70.80 49.49
N TYR A 55 -0.57 70.06 50.51
CA TYR A 55 0.45 70.60 51.40
C TYR A 55 1.83 70.60 50.78
N GLN A 56 2.12 69.70 49.84
CA GLN A 56 3.35 69.84 49.08
C GLN A 56 3.34 71.08 48.18
N LYS A 57 2.19 71.41 47.60
CA LYS A 57 2.09 72.64 46.82
C LYS A 57 2.18 73.87 47.70
N SER A 58 1.52 73.85 48.85
CA SER A 58 1.49 75.00 49.73
C SER A 58 2.78 75.08 50.54
N THR A 59 3.03 76.26 51.12
CA THR A 59 4.17 76.47 51.98
C THR A 59 3.81 76.97 53.37
N GLU A 60 2.53 77.22 53.65
CA GLU A 60 2.13 77.89 54.88
C GLU A 60 2.32 76.97 56.09
N LEU A 61 2.47 77.60 57.26
CA LEU A 61 2.84 76.88 58.47
C LEU A 61 1.72 76.02 59.00
N LEU A 62 2.03 74.76 59.26
CA LEU A 62 1.05 73.76 59.63
C LEU A 62 0.77 73.72 61.13
N ILE A 63 1.55 74.44 61.92
CA ILE A 63 1.38 74.50 63.36
C ILE A 63 0.71 75.81 63.71
N ARG A 64 -0.29 75.74 64.59
CA ARG A 64 -0.94 76.94 65.11
C ARG A 64 0.07 77.76 65.90
N LYS A 65 0.06 79.08 65.68
CA LYS A 65 1.13 79.92 66.22
C LYS A 65 1.02 80.10 67.74
N LEU A 66 -0.19 80.35 68.23
CA LEU A 66 -0.37 80.67 69.65
C LEU A 66 0.01 79.52 70.59
N PRO A 67 -0.48 78.28 70.42
CA PRO A 67 -0.03 77.23 71.35
C PRO A 67 1.44 76.88 71.17
N PHE A 68 1.96 77.04 69.96
CA PHE A 68 3.36 76.74 69.72
C PHE A 68 4.26 77.72 70.45
N GLN A 69 3.95 79.01 70.37
CA GLN A 69 4.75 79.99 71.10
C GLN A 69 4.53 79.87 72.59
N ARG A 70 3.34 79.42 73.01
CA ARG A 70 3.10 79.16 74.42
C ARG A 70 4.00 78.03 74.93
N LEU A 71 4.13 76.96 74.14
CA LEU A 71 5.03 75.87 74.50
C LEU A 71 6.48 76.32 74.48
N VAL A 72 6.84 77.20 73.53
CA VAL A 72 8.20 77.70 73.47
C VAL A 72 8.54 78.51 74.72
N ARG A 73 7.62 79.38 75.14
CA ARG A 73 7.81 80.15 76.37
C ARG A 73 7.88 79.21 77.58
N GLU A 74 7.04 78.17 77.59
CA GLU A 74 7.01 77.23 78.70
C GLU A 74 8.34 76.49 78.85
N ILE A 75 8.88 75.96 77.75
CA ILE A 75 10.13 75.23 77.80
C ILE A 75 11.29 76.18 78.11
N ALA A 76 11.28 77.37 77.52
CA ALA A 76 12.35 78.33 77.75
C ALA A 76 12.36 78.82 79.20
N GLN A 77 11.20 78.81 79.86
CA GLN A 77 11.13 79.19 81.26
C GLN A 77 11.95 78.26 82.15
N ASP A 78 12.03 76.97 81.78
CA ASP A 78 12.80 76.02 82.56
C ASP A 78 14.30 76.27 82.52
N PHE A 79 14.78 77.03 81.55
CA PHE A 79 16.20 77.35 81.47
C PHE A 79 16.54 78.70 82.05
N LYS A 80 15.63 79.67 81.92
CA LYS A 80 15.85 81.00 82.44
C LYS A 80 14.49 81.66 82.68
N THR A 81 14.36 82.37 83.80
CA THR A 81 13.13 83.08 84.09
C THR A 81 13.11 84.43 83.37
N ASP A 82 11.90 84.99 83.27
CA ASP A 82 11.63 86.32 82.71
C ASP A 82 12.11 86.46 81.26
N LEU A 83 11.92 85.43 80.44
CA LEU A 83 12.33 85.53 79.04
C LEU A 83 11.25 86.19 78.20
N ARG A 84 11.67 87.02 77.27
CA ARG A 84 10.80 87.65 76.30
C ARG A 84 11.25 87.24 74.91
N PHE A 85 10.32 87.28 73.96
CA PHE A 85 10.56 86.73 72.64
C PHE A 85 10.22 87.74 71.56
N GLN A 86 11.16 87.96 70.65
CA GLN A 86 10.83 88.57 69.38
C GLN A 86 9.97 87.60 68.59
N SER A 87 8.94 88.12 67.92
CA SER A 87 8.02 87.25 67.20
C SER A 87 8.73 86.54 66.05
N SER A 88 9.59 87.26 65.33
CA SER A 88 10.31 86.68 64.21
C SER A 88 11.23 85.56 64.67
N ALA A 89 11.72 85.63 65.92
CA ALA A 89 12.44 84.50 66.49
C ALA A 89 11.55 83.29 66.62
N VAL A 90 10.30 83.50 67.05
CA VAL A 90 9.37 82.38 67.21
C VAL A 90 9.05 81.77 65.85
N MET A 91 8.84 82.60 64.83
CA MET A 91 8.64 82.04 63.50
C MET A 91 9.90 81.38 62.94
N ALA A 92 11.08 81.93 63.22
CA ALA A 92 12.30 81.30 62.71
C ALA A 92 12.49 79.91 63.29
N LEU A 93 12.30 79.78 64.60
CA LEU A 93 12.37 78.44 65.20
C LEU A 93 11.13 77.62 64.84
N GLN A 94 10.04 78.27 64.42
CA GLN A 94 8.92 77.54 63.83
C GLN A 94 9.35 76.77 62.59
N GLU A 95 9.74 77.46 61.50
CA GLU A 95 10.20 76.70 60.32
C GLU A 95 11.41 75.80 60.61
N ALA A 96 12.19 76.11 61.65
CA ALA A 96 13.13 75.10 62.13
C ALA A 96 12.40 73.83 62.58
N SER A 97 11.29 74.00 63.30
CA SER A 97 10.53 72.85 63.78
C SER A 97 9.90 72.07 62.63
N GLU A 98 9.25 72.77 61.68
CA GLU A 98 8.70 72.02 60.55
C GLU A 98 9.79 71.42 59.68
N ALA A 99 10.96 72.06 59.59
CA ALA A 99 12.04 71.48 58.81
C ALA A 99 12.53 70.17 59.40
N TYR A 100 12.80 70.18 60.70
CA TYR A 100 13.29 68.98 61.37
C TYR A 100 12.25 67.89 61.34
N LEU A 101 10.98 68.25 61.60
CA LEU A 101 9.91 67.26 61.54
C LEU A 101 9.73 66.69 60.15
N VAL A 102 9.70 67.53 59.11
CA VAL A 102 9.40 67.01 57.78
C VAL A 102 10.55 66.13 57.32
N GLY A 103 11.79 66.49 57.70
CA GLY A 103 12.94 65.67 57.33
C GLY A 103 12.89 64.30 57.96
N LEU A 104 12.56 64.25 59.26
CA LEU A 104 12.31 62.95 59.88
C LEU A 104 11.13 62.23 59.24
N PHE A 105 10.20 62.97 58.63
CA PHE A 105 9.08 62.25 58.01
C PHE A 105 9.43 61.65 56.66
N GLU A 106 10.27 62.27 55.82
CA GLU A 106 10.64 61.51 54.62
C GLU A 106 11.61 60.40 54.98
N ASP A 107 12.42 60.60 56.02
CA ASP A 107 13.25 59.50 56.51
C ASP A 107 12.39 58.34 56.97
N THR A 108 11.31 58.64 57.69
CA THR A 108 10.41 57.62 58.18
C THR A 108 9.66 56.97 57.02
N ASN A 109 9.33 57.76 55.99
CA ASN A 109 8.69 57.20 54.80
C ASN A 109 9.59 56.22 54.09
N LEU A 110 10.88 56.57 53.94
CA LEU A 110 11.83 55.66 53.32
C LEU A 110 12.00 54.40 54.15
N ALA A 111 12.04 54.53 55.47
CA ALA A 111 12.12 53.36 56.33
C ALA A 111 10.87 52.49 56.20
N ALA A 112 9.70 53.11 56.10
CA ALA A 112 8.45 52.35 56.05
C ALA A 112 8.28 51.63 54.72
N ILE A 113 8.61 52.30 53.61
CA ILE A 113 8.53 51.63 52.32
C ILE A 113 9.63 50.59 52.20
N HIS A 114 10.70 50.75 52.97
CA HIS A 114 11.76 49.75 52.95
C HIS A 114 11.31 48.45 53.59
N ALA A 115 10.41 48.54 54.56
CA ALA A 115 9.83 47.36 55.18
C ALA A 115 8.57 46.87 54.47
N LYS A 116 8.38 47.28 53.21
CA LYS A 116 7.25 46.90 52.36
C LYS A 116 5.91 47.31 52.98
N ARG A 117 5.90 48.34 53.81
CA ARG A 117 4.70 48.80 54.48
C ARG A 117 4.37 50.23 54.09
N VAL A 118 3.15 50.64 54.42
CA VAL A 118 2.68 51.99 54.14
C VAL A 118 2.36 52.77 55.39
N THR A 119 2.40 52.14 56.56
CA THR A 119 2.05 52.80 57.81
C THR A 119 3.28 52.84 58.71
N ILE A 120 3.58 54.02 59.24
CA ILE A 120 4.76 54.20 60.08
C ILE A 120 4.44 53.85 61.53
N MET A 121 5.45 53.42 62.27
CA MET A 121 5.37 53.04 63.67
C MET A 121 6.52 53.71 64.41
N PRO A 122 6.45 53.81 65.75
CA PRO A 122 7.51 54.54 66.47
C PRO A 122 8.92 53.98 66.29
N LYS A 123 9.05 52.68 66.04
CA LYS A 123 10.37 52.13 65.76
C LYS A 123 10.95 52.67 64.45
N ASP A 124 10.09 53.10 63.53
CA ASP A 124 10.58 53.72 62.30
C ASP A 124 11.27 55.06 62.60
N ILE A 125 10.64 55.90 63.43
CA ILE A 125 11.23 57.18 63.77
C ILE A 125 12.48 56.99 64.61
N GLN A 126 12.44 56.03 65.54
CA GLN A 126 13.63 55.75 66.34
C GLN A 126 14.77 55.23 65.47
N LEU A 127 14.45 54.42 64.46
CA LEU A 127 15.46 53.97 63.51
C LEU A 127 16.05 55.15 62.75
N ALA A 128 15.19 56.05 62.26
CA ALA A 128 15.66 57.17 61.46
C ALA A 128 16.55 58.09 62.28
N ARG A 129 16.16 58.34 63.54
CA ARG A 129 16.98 59.16 64.42
C ARG A 129 18.31 58.48 64.74
N ARG A 130 18.29 57.17 64.98
CA ARG A 130 19.51 56.49 65.38
C ARG A 130 20.47 56.38 64.21
N ILE A 131 19.94 56.26 62.99
CA ILE A 131 20.81 56.33 61.82
C ILE A 131 21.37 57.73 61.65
N ARG A 132 20.52 58.75 61.84
CA ARG A 132 21.02 60.13 61.79
C ARG A 132 21.92 60.45 62.97
N GLY A 133 21.80 59.72 64.08
CA GLY A 133 22.77 59.85 65.15
C GLY A 133 22.45 60.88 66.20
N GLU A 134 21.22 60.93 66.71
CA GLU A 134 20.87 61.88 67.75
C GLU A 134 20.52 61.16 69.05
N LYS B 21 0.60 83.19 81.99
CA LYS B 21 2.05 83.30 82.16
C LYS B 21 2.69 81.93 82.36
N VAL B 22 2.46 81.33 83.52
CA VAL B 22 3.08 80.05 83.86
C VAL B 22 2.14 78.92 83.44
N LEU B 23 2.63 78.01 82.60
CA LEU B 23 1.82 76.96 82.00
C LEU B 23 2.41 75.58 82.26
N ARG B 24 1.60 74.54 82.06
CA ARG B 24 1.95 73.17 82.43
C ARG B 24 2.03 72.21 81.25
N ASP B 25 1.00 72.11 80.42
CA ASP B 25 0.76 70.92 79.61
C ASP B 25 0.68 71.26 78.13
N ASN B 26 1.65 72.03 77.65
CA ASN B 26 1.59 72.51 76.27
C ASN B 26 2.24 71.58 75.27
N ILE B 27 2.70 70.40 75.70
CA ILE B 27 3.15 69.41 74.73
C ILE B 27 1.96 68.90 73.92
N GLN B 28 0.77 68.91 74.51
CA GLN B 28 -0.44 68.65 73.74
C GLN B 28 -0.87 69.85 72.91
N GLY B 29 -0.22 71.00 73.09
CA GLY B 29 -0.49 72.17 72.27
C GLY B 29 -0.16 72.00 70.80
N ILE B 30 0.68 71.03 70.46
CA ILE B 30 0.88 70.62 69.08
C ILE B 30 -0.15 69.51 68.83
N THR B 31 -1.23 69.87 68.14
CA THR B 31 -2.36 68.97 68.02
C THR B 31 -2.04 67.80 67.11
N LYS B 32 -2.83 66.73 67.28
CA LYS B 32 -2.70 65.54 66.43
C LYS B 32 -2.92 65.83 64.94
N PRO B 33 -3.96 66.55 64.49
CA PRO B 33 -4.06 66.82 63.05
C PRO B 33 -2.96 67.70 62.52
N ALA B 34 -2.33 68.53 63.37
CA ALA B 34 -1.15 69.26 62.94
C ALA B 34 -0.02 68.30 62.62
N ILE B 35 0.16 67.26 63.43
CA ILE B 35 1.17 66.25 63.14
C ILE B 35 0.81 65.49 61.88
N ARG B 36 -0.49 65.25 61.66
CA ARG B 36 -0.93 64.66 60.41
C ARG B 36 -0.60 65.56 59.22
N ARG B 37 -0.73 66.88 59.40
CA ARG B 37 -0.36 67.81 58.33
C ARG B 37 1.12 67.74 58.00
N LEU B 38 1.97 67.68 59.05
CA LEU B 38 3.41 67.52 58.81
C LEU B 38 3.72 66.20 58.12
N ALA B 39 3.01 65.13 58.49
CA ALA B 39 3.22 63.85 57.85
C ALA B 39 2.80 63.87 56.38
N ARG B 40 1.70 64.55 56.08
CA ARG B 40 1.28 64.68 54.69
C ARG B 40 2.26 65.54 53.89
N ARG B 41 2.83 66.57 54.52
CA ARG B 41 3.92 67.29 53.87
C ARG B 41 5.14 66.41 53.71
N GLY B 42 5.36 65.50 54.64
CA GLY B 42 6.40 64.52 54.49
C GLY B 42 6.06 63.37 53.56
N GLY B 43 4.84 63.32 53.06
CA GLY B 43 4.45 62.28 52.14
C GLY B 43 4.03 60.98 52.80
N VAL B 44 3.63 61.02 54.06
CA VAL B 44 3.15 59.83 54.75
C VAL B 44 1.73 59.55 54.29
N LYS B 45 1.48 58.30 53.88
CA LYS B 45 0.14 57.94 53.46
C LYS B 45 -0.72 57.48 54.63
N ARG B 46 -0.17 56.69 55.54
CA ARG B 46 -0.91 56.21 56.70
C ARG B 46 -0.07 56.39 57.96
N ILE B 47 -0.70 56.87 59.03
CA ILE B 47 -0.03 57.22 60.27
C ILE B 47 -0.62 56.37 61.37
N SER B 48 0.23 55.76 62.19
CA SER B 48 -0.27 55.06 63.37
C SER B 48 -0.71 56.06 64.42
N GLY B 49 -1.63 55.63 65.29
CA GLY B 49 -2.11 56.47 66.35
C GLY B 49 -1.09 56.72 67.44
N LEU B 50 -0.10 55.85 67.56
CA LEU B 50 0.93 56.02 68.57
C LEU B 50 1.92 57.11 68.22
N ILE B 51 1.96 57.51 66.94
CA ILE B 51 3.06 58.29 66.37
C ILE B 51 3.17 59.65 67.03
N TYR B 52 2.02 60.27 67.33
CA TYR B 52 1.99 61.66 67.76
C TYR B 52 2.75 61.86 69.06
N GLU B 53 2.78 60.83 69.91
CA GLU B 53 3.47 60.95 71.19
C GLU B 53 4.99 61.08 71.03
N GLU B 54 5.60 60.21 70.23
CA GLU B 54 7.06 60.30 70.12
C GLU B 54 7.45 61.47 69.23
N THR B 55 6.59 61.87 68.29
CA THR B 55 6.87 63.11 67.59
C THR B 55 6.83 64.32 68.52
N ARG B 56 5.90 64.33 69.47
CA ARG B 56 5.89 65.37 70.49
C ARG B 56 7.17 65.34 71.32
N GLY B 57 7.63 64.13 71.68
CA GLY B 57 8.86 64.02 72.44
C GLY B 57 10.09 64.48 71.66
N VAL B 58 10.19 64.07 70.39
CA VAL B 58 11.33 64.45 69.55
C VAL B 58 11.32 65.94 69.28
N LEU B 59 10.14 66.51 69.03
CA LEU B 59 10.01 67.95 68.92
C LEU B 59 10.45 68.65 70.19
N LYS B 60 10.06 68.12 71.35
CA LYS B 60 10.45 68.72 72.62
C LYS B 60 11.96 68.69 72.81
N VAL B 61 12.59 67.57 72.46
CA VAL B 61 14.04 67.45 72.60
C VAL B 61 14.75 68.42 71.67
N PHE B 62 14.28 68.51 70.42
CA PHE B 62 14.92 69.37 69.43
C PHE B 62 14.78 70.84 69.81
N LEU B 63 13.57 71.26 70.18
CA LEU B 63 13.36 72.64 70.57
C LEU B 63 14.09 72.95 71.86
N GLU B 64 14.18 71.96 72.75
CA GLU B 64 14.91 72.13 74.02
C GLU B 64 16.38 72.39 73.76
N ASN B 65 16.99 71.63 72.85
CA ASN B 65 18.40 71.83 72.54
C ASN B 65 18.65 73.19 71.92
N VAL B 66 17.83 73.55 70.92
CA VAL B 66 18.07 74.82 70.23
C VAL B 66 17.75 75.99 71.15
N ILE B 67 16.80 75.81 72.08
CA ILE B 67 16.46 76.94 72.95
C ILE B 67 17.47 77.05 74.08
N ARG B 68 18.10 75.94 74.47
CA ARG B 68 19.20 76.02 75.43
C ARG B 68 20.36 76.79 74.82
N ASP B 69 20.66 76.49 73.56
CA ASP B 69 21.69 77.25 72.86
C ASP B 69 21.30 78.72 72.73
N ALA B 70 20.03 78.98 72.42
CA ALA B 70 19.57 80.34 72.23
C ALA B 70 19.64 81.15 73.52
N VAL B 71 19.18 80.57 74.64
CA VAL B 71 19.24 81.29 75.90
C VAL B 71 20.68 81.44 76.35
N THR B 72 21.56 80.52 75.95
CA THR B 72 22.98 80.69 76.23
C THR B 72 23.53 81.92 75.49
N TYR B 73 23.19 82.05 74.21
CA TYR B 73 23.63 83.19 73.42
C TYR B 73 23.10 84.50 73.99
N THR B 74 21.82 84.54 74.32
CA THR B 74 21.23 85.77 74.81
C THR B 74 21.72 86.11 76.21
N GLU B 75 21.95 85.09 77.04
CA GLU B 75 22.48 85.34 78.37
C GLU B 75 23.89 85.88 78.30
N HIS B 76 24.68 85.41 77.34
CA HIS B 76 25.95 86.07 77.09
C HIS B 76 25.74 87.48 76.55
N ALA B 77 24.67 87.68 75.78
CA ALA B 77 24.39 88.98 75.21
C ALA B 77 23.86 89.98 76.24
N LYS B 78 23.66 89.55 77.49
CA LYS B 78 23.12 90.37 78.57
C LYS B 78 21.73 90.90 78.25
N ARG B 79 20.93 90.10 77.55
CA ARG B 79 19.59 90.49 77.16
C ARG B 79 18.55 89.61 77.83
N LYS B 80 17.41 90.22 78.15
CA LYS B 80 16.24 89.49 78.63
C LYS B 80 15.35 89.03 77.50
N THR B 81 15.64 89.43 76.26
CA THR B 81 14.79 89.14 75.12
C THR B 81 15.53 88.20 74.18
N VAL B 82 14.87 87.12 73.79
CA VAL B 82 15.43 86.23 72.79
C VAL B 82 15.25 86.85 71.41
N THR B 83 16.34 87.02 70.69
CA THR B 83 16.30 87.58 69.36
C THR B 83 16.41 86.48 68.31
N ALA B 84 15.89 86.77 67.12
CA ALA B 84 15.95 85.84 66.01
C ALA B 84 17.38 85.58 65.58
N MET B 85 18.25 86.58 65.76
CA MET B 85 19.60 86.52 65.26
C MET B 85 20.38 85.40 65.95
N ASP B 86 20.20 85.30 67.27
CA ASP B 86 20.85 84.26 68.05
C ASP B 86 20.23 82.90 67.79
N VAL B 87 18.94 82.87 67.47
CA VAL B 87 18.30 81.62 67.07
C VAL B 87 18.91 81.11 65.78
N VAL B 88 19.20 82.03 64.84
CA VAL B 88 19.88 81.67 63.61
C VAL B 88 21.25 81.08 63.91
N TYR B 89 22.00 81.72 64.82
CA TYR B 89 23.28 81.17 65.24
C TYR B 89 23.14 79.77 65.83
N ALA B 90 22.15 79.59 66.72
CA ALA B 90 22.00 78.33 67.42
C ALA B 90 21.64 77.20 66.48
N LEU B 91 20.80 77.48 65.49
CA LEU B 91 20.50 76.47 64.48
C LEU B 91 21.71 76.17 63.61
N LYS B 92 22.46 77.21 63.19
CA LYS B 92 23.45 76.95 62.15
C LYS B 92 24.71 76.33 62.72
N ARG B 93 24.99 76.55 64.01
CA ARG B 93 26.13 75.82 64.57
C ARG B 93 25.73 74.37 64.83
N GLN B 94 24.44 74.10 64.92
CA GLN B 94 23.90 72.77 65.10
C GLN B 94 23.77 72.03 63.77
N GLY B 95 24.16 72.69 62.67
CA GLY B 95 24.09 72.05 61.36
C GLY B 95 22.74 72.08 60.72
N ARG B 96 21.87 73.00 61.14
CA ARG B 96 20.51 73.13 60.64
C ARG B 96 20.22 74.58 60.29
N THR B 97 21.09 75.16 59.46
CA THR B 97 21.05 76.57 59.09
C THR B 97 19.70 76.95 58.47
N LEU B 98 19.22 78.14 58.81
CA LEU B 98 18.01 78.70 58.22
C LEU B 98 18.38 79.99 57.51
N TYR B 99 17.66 80.29 56.43
CA TYR B 99 17.88 81.51 55.68
C TYR B 99 16.64 82.40 55.80
N GLY B 100 16.87 83.71 55.66
CA GLY B 100 15.79 84.66 55.58
C GLY B 100 15.53 85.45 56.85
N PHE B 101 16.44 85.46 57.81
CA PHE B 101 16.21 86.18 59.06
C PHE B 101 17.40 87.05 59.41
N GLY B 102 18.02 87.62 58.38
CA GLY B 102 19.14 88.51 58.57
C GLY B 102 20.45 87.84 58.89
N GLY B 103 20.49 86.50 58.93
CA GLY B 103 21.66 85.76 59.37
C GLY B 103 22.89 85.91 58.49
N ALA C 28 67.38 93.51 88.92
CA ALA C 28 66.44 93.71 90.01
C ALA C 28 65.09 93.07 89.68
N ARG C 29 65.08 92.21 88.66
CA ARG C 29 63.86 91.53 88.27
C ARG C 29 63.46 90.51 89.32
N ALA C 30 62.16 90.25 89.42
CA ALA C 30 61.67 89.19 90.28
C ALA C 30 62.01 87.83 89.69
N LYS C 31 61.82 86.78 90.51
CA LYS C 31 62.02 85.42 90.04
C LYS C 31 61.00 85.08 88.96
N ALA C 32 61.48 84.47 87.89
CA ALA C 32 60.64 84.15 86.74
C ALA C 32 59.67 83.03 87.12
N LYS C 33 58.44 83.40 87.42
CA LYS C 33 57.43 82.45 87.84
C LYS C 33 56.49 82.20 86.66
N THR C 34 55.71 81.13 86.71
CA THR C 34 54.91 80.71 85.58
C THR C 34 53.43 80.86 85.90
N ARG C 35 52.66 81.21 84.87
CA ARG C 35 51.24 81.47 85.04
C ARG C 35 50.45 80.19 85.25
N SER C 36 50.94 79.06 84.73
CA SER C 36 50.28 77.79 84.99
C SER C 36 50.35 77.43 86.46
N SER C 37 51.51 77.67 87.09
CA SER C 37 51.62 77.50 88.53
C SER C 37 50.80 78.54 89.27
N ARG C 38 50.65 79.74 88.69
CA ARG C 38 49.80 80.76 89.30
C ARG C 38 48.35 80.32 89.34
N ALA C 39 47.88 79.65 88.30
CA ALA C 39 46.60 78.96 88.36
C ALA C 39 46.69 77.65 89.12
N GLY C 40 47.89 77.12 89.32
CA GLY C 40 48.04 75.81 89.89
C GLY C 40 47.67 74.68 88.95
N LEU C 41 47.65 74.95 87.66
CA LEU C 41 47.33 73.93 86.65
C LEU C 41 48.60 73.59 85.88
N GLN C 42 48.53 72.48 85.13
CA GLN C 42 49.70 72.00 84.41
C GLN C 42 49.74 72.43 82.95
N PHE C 43 48.59 72.67 82.33
CA PHE C 43 48.59 73.08 80.93
C PHE C 43 49.14 74.49 80.78
N PRO C 44 49.93 74.74 79.73
CA PRO C 44 50.68 75.99 79.60
C PRO C 44 49.78 77.17 79.32
N VAL C 45 49.83 78.18 80.20
CA VAL C 45 49.09 79.41 79.94
C VAL C 45 49.74 80.18 78.80
N GLY C 46 51.06 80.28 78.79
CA GLY C 46 51.74 81.08 77.78
C GLY C 46 51.61 80.50 76.39
N ARG C 47 51.68 79.18 76.27
CA ARG C 47 51.55 78.55 74.95
C ARG C 47 50.16 78.72 74.38
N VAL C 48 49.13 78.50 75.20
CA VAL C 48 47.75 78.66 74.73
C VAL C 48 47.46 80.12 74.42
N HIS C 49 48.02 81.03 75.22
CA HIS C 49 47.89 82.46 74.96
C HIS C 49 48.54 82.83 73.63
N ARG C 50 49.72 82.29 73.36
CA ARG C 50 50.39 82.55 72.08
C ARG C 50 49.62 81.98 70.92
N LEU C 51 49.04 80.78 71.10
CA LEU C 51 48.25 80.17 70.03
C LEU C 51 46.98 80.96 69.74
N LEU C 52 46.35 81.50 70.77
CA LEU C 52 45.18 82.35 70.56
C LEU C 52 45.58 83.66 69.90
N ARG C 53 46.75 84.19 70.24
CA ARG C 53 47.22 85.42 69.60
C ARG C 53 47.51 85.19 68.12
N LYS C 54 48.09 84.04 67.78
CA LYS C 54 48.47 83.77 66.41
C LYS C 54 47.45 82.93 65.65
N GLY C 55 46.43 82.40 66.33
CA GLY C 55 45.40 81.67 65.63
C GLY C 55 44.35 82.54 64.98
N ASN C 56 44.43 83.85 65.18
CA ASN C 56 43.52 84.84 64.62
C ASN C 56 42.07 84.56 64.99
N TYR C 57 41.78 84.63 66.28
CA TYR C 57 40.41 84.56 66.76
C TYR C 57 39.92 85.89 67.29
N SER C 58 40.84 86.77 67.68
CA SER C 58 40.52 88.16 67.96
C SER C 58 41.81 88.95 67.78
N GLU C 59 41.65 90.27 67.64
CA GLU C 59 42.83 91.13 67.64
C GLU C 59 43.30 91.43 69.05
N ARG C 60 42.42 91.26 70.03
CA ARG C 60 42.68 91.61 71.41
C ARG C 60 42.25 90.44 72.28
N VAL C 61 43.13 90.04 73.20
CA VAL C 61 42.91 88.83 74.00
C VAL C 61 42.96 89.17 75.48
N GLY C 62 41.97 88.68 76.24
CA GLY C 62 41.95 88.89 77.66
C GLY C 62 42.86 87.92 78.40
N ALA C 63 43.17 88.29 79.64
CA ALA C 63 44.16 87.53 80.41
C ALA C 63 43.59 86.22 80.92
N GLY C 64 42.37 86.22 81.41
CA GLY C 64 41.85 85.04 82.10
C GLY C 64 41.36 83.92 81.21
N ALA C 65 41.02 84.24 79.96
CA ALA C 65 40.48 83.23 79.04
C ALA C 65 41.44 82.08 78.75
N PRO C 66 42.74 82.29 78.48
CA PRO C 66 43.62 81.11 78.34
C PRO C 66 43.76 80.30 79.61
N VAL C 67 43.70 80.94 80.78
CA VAL C 67 43.72 80.19 82.03
C VAL C 67 42.49 79.30 82.13
N TYR C 68 41.33 79.85 81.80
CA TYR C 68 40.09 79.08 81.80
C TYR C 68 40.18 77.91 80.83
N LEU C 69 40.68 78.18 79.62
CA LEU C 69 40.72 77.17 78.59
C LEU C 69 41.70 76.06 78.93
N ALA C 70 42.84 76.43 79.51
CA ALA C 70 43.83 75.43 79.94
C ALA C 70 43.26 74.55 81.04
N ALA C 71 42.52 75.15 81.98
CA ALA C 71 41.90 74.35 83.03
C ALA C 71 40.88 73.38 82.46
N VAL C 72 40.07 73.84 81.51
CA VAL C 72 39.06 72.99 80.89
C VAL C 72 39.71 71.83 80.16
N LEU C 73 40.72 72.12 79.34
CA LEU C 73 41.39 71.07 78.58
C LEU C 73 42.11 70.09 79.48
N GLU C 74 42.73 70.59 80.56
CA GLU C 74 43.41 69.69 81.48
C GLU C 74 42.42 68.77 82.17
N TYR C 75 41.25 69.29 82.53
CA TYR C 75 40.25 68.43 83.15
C TYR C 75 39.70 67.40 82.15
N LEU C 76 39.52 67.82 80.89
CA LEU C 76 39.06 66.89 79.86
C LEU C 76 40.07 65.76 79.65
N THR C 77 41.34 66.11 79.54
CA THR C 77 42.38 65.08 79.43
C THR C 77 42.42 64.21 80.66
N ALA C 78 42.24 64.80 81.83
CA ALA C 78 42.27 64.04 83.07
C ALA C 78 41.15 63.01 83.12
N GLU C 79 39.94 63.41 82.74
CA GLU C 79 38.82 62.49 82.85
C GLU C 79 38.88 61.40 81.77
N ILE C 80 39.35 61.76 80.57
CA ILE C 80 39.51 60.75 79.53
C ILE C 80 40.61 59.77 79.89
N LEU C 81 41.72 60.27 80.45
CA LEU C 81 42.79 59.39 80.89
C LEU C 81 42.36 58.52 82.05
N GLU C 82 41.49 59.04 82.93
CA GLU C 82 40.92 58.21 83.99
C GLU C 82 40.11 57.06 83.42
N LEU C 83 39.26 57.35 82.43
CA LEU C 83 38.46 56.30 81.82
C LEU C 83 39.34 55.28 81.10
N ALA C 84 40.37 55.77 80.41
CA ALA C 84 41.27 54.87 79.69
C ALA C 84 42.09 54.01 80.64
N GLY C 85 42.57 54.60 81.74
CA GLY C 85 43.33 53.83 82.70
C GLY C 85 42.49 52.80 83.42
N ASN C 86 41.23 53.14 83.72
CA ASN C 86 40.34 52.17 84.32
C ASN C 86 40.03 51.03 83.36
N ALA C 87 39.86 51.34 82.07
CA ALA C 87 39.66 50.29 81.07
C ALA C 87 40.90 49.43 80.92
N ALA C 88 42.08 50.05 80.95
CA ALA C 88 43.33 49.31 80.77
C ALA C 88 43.62 48.40 81.95
N ARG C 89 43.32 48.88 83.16
CA ARG C 89 43.45 48.04 84.34
C ARG C 89 42.38 46.95 84.35
N ASP C 90 41.21 47.24 83.78
CA ASP C 90 40.24 46.18 83.50
C ASP C 90 40.77 45.20 82.48
N ASN C 91 41.48 45.70 81.47
CA ASN C 91 42.09 44.85 80.46
C ASN C 91 43.49 44.39 80.86
N LYS C 92 43.84 44.58 82.14
CA LYS C 92 45.10 44.15 82.79
C LYS C 92 46.36 44.58 82.02
N LYS C 93 46.28 45.69 81.29
CA LYS C 93 47.43 46.29 80.65
C LYS C 93 47.80 47.57 81.38
N THR C 94 49.09 47.71 81.68
CA THR C 94 49.56 48.85 82.45
C THR C 94 49.98 50.04 81.61
N ARG C 95 49.82 49.96 80.29
CA ARG C 95 50.08 51.08 79.40
C ARG C 95 48.86 51.30 78.53
N ILE C 96 48.44 52.55 78.37
CA ILE C 96 47.17 52.82 77.69
C ILE C 96 47.33 52.62 76.21
N ILE C 97 46.25 52.21 75.57
CA ILE C 97 46.24 51.75 74.18
C ILE C 97 45.20 52.59 73.45
N PRO C 98 45.36 52.84 72.15
CA PRO C 98 44.26 53.43 71.37
C PRO C 98 42.95 52.67 71.46
N ARG C 99 43.00 51.33 71.55
CA ARG C 99 41.80 50.54 71.80
C ARG C 99 41.15 50.95 73.13
N HIS C 100 41.96 51.17 74.16
CA HIS C 100 41.43 51.61 75.44
C HIS C 100 40.79 52.99 75.33
N LEU C 101 41.39 53.88 74.54
CA LEU C 101 40.81 55.21 74.33
C LEU C 101 39.45 55.11 73.64
N GLN C 102 39.36 54.27 72.61
CA GLN C 102 38.10 54.07 71.91
C GLN C 102 37.02 53.49 72.81
N LEU C 103 37.39 52.46 73.58
CA LEU C 103 36.42 51.82 74.47
C LEU C 103 36.01 52.77 75.59
N ALA C 104 36.91 53.68 75.97
CA ALA C 104 36.58 54.66 77.00
C ALA C 104 35.59 55.70 76.46
N ILE C 105 35.86 56.25 75.28
CA ILE C 105 35.04 57.35 74.81
C ILE C 105 33.70 56.86 74.29
N ARG C 106 33.66 55.63 73.78
CA ARG C 106 32.38 55.11 73.28
C ARG C 106 31.47 54.63 74.40
N ASN C 107 32.01 54.36 75.58
CA ASN C 107 31.19 53.88 76.68
C ASN C 107 30.72 54.98 77.61
N ASP C 108 31.14 56.22 77.39
CA ASP C 108 30.64 57.37 78.15
C ASP C 108 29.69 58.15 77.26
N GLU C 109 28.48 58.40 77.78
CA GLU C 109 27.41 58.94 76.94
C GLU C 109 27.69 60.37 76.49
N GLU C 110 28.11 61.23 77.42
CA GLU C 110 28.27 62.64 77.08
C GLU C 110 29.51 62.88 76.23
N LEU C 111 30.58 62.12 76.48
CA LEU C 111 31.73 62.20 75.59
C LEU C 111 31.40 61.63 74.22
N ASN C 112 30.54 60.62 74.16
CA ASN C 112 30.08 60.10 72.87
C ASN C 112 29.28 61.16 72.12
N LYS C 113 28.51 61.96 72.86
CA LYS C 113 27.84 63.11 72.25
C LYS C 113 28.85 64.14 71.77
N LEU C 114 29.93 64.34 72.52
CA LEU C 114 30.98 65.23 72.07
C LEU C 114 31.74 64.67 70.88
N LEU C 115 32.04 63.37 70.90
CA LEU C 115 32.95 62.75 69.95
C LEU C 115 32.28 61.71 69.07
N GLY C 116 31.07 62.01 68.60
CA GLY C 116 30.36 61.05 67.75
C GLY C 116 30.90 60.98 66.34
N ARG C 117 31.42 62.10 65.83
CA ARG C 117 31.79 62.20 64.42
C ARG C 117 33.29 62.09 64.21
N VAL C 118 34.02 61.52 65.15
CA VAL C 118 35.47 61.44 65.05
C VAL C 118 35.86 59.96 65.00
N THR C 119 37.00 59.68 64.39
CA THR C 119 37.53 58.32 64.28
C THR C 119 38.85 58.23 65.05
N ILE C 120 38.95 57.21 65.91
CA ILE C 120 40.18 56.92 66.63
C ILE C 120 41.02 55.98 65.78
N ALA C 121 42.27 56.34 65.54
CA ALA C 121 43.18 55.46 64.82
C ALA C 121 43.44 54.19 65.62
N GLN C 122 43.40 53.05 64.92
CA GLN C 122 43.70 51.72 65.47
C GLN C 122 42.76 51.38 66.64
N GLY C 123 41.51 51.86 66.58
CA GLY C 123 40.67 51.82 67.76
C GLY C 123 39.70 50.67 67.82
N GLY C 124 39.18 50.22 66.68
CA GLY C 124 38.12 49.25 66.75
C GLY C 124 36.82 49.91 67.19
N VAL C 125 35.87 49.07 67.62
CA VAL C 125 34.55 49.55 68.03
C VAL C 125 34.13 48.83 69.31
N LEU C 126 32.95 49.20 69.80
CA LEU C 126 32.39 48.53 70.96
C LEU C 126 32.02 47.09 70.64
N PRO C 127 32.29 46.17 71.55
CA PRO C 127 31.75 44.81 71.41
C PRO C 127 30.25 44.82 71.59
N ASN C 128 29.52 44.52 70.51
CA ASN C 128 28.07 44.60 70.53
C ASN C 128 27.51 43.69 69.45
N ILE C 129 26.63 42.78 69.85
CA ILE C 129 25.86 41.96 68.93
C ILE C 129 24.39 42.24 69.18
N GLN C 130 23.61 42.28 68.11
CA GLN C 130 22.19 42.55 68.24
C GLN C 130 21.46 41.31 68.75
N ALA C 131 20.36 41.54 69.46
CA ALA C 131 19.66 40.45 70.15
C ALA C 131 19.08 39.44 69.18
N VAL C 132 18.55 39.92 68.05
CA VAL C 132 17.98 38.99 67.07
C VAL C 132 19.07 38.23 66.33
N LEU C 133 20.30 38.74 66.31
CA LEU C 133 21.40 38.01 65.71
C LEU C 133 21.87 36.85 66.58
N LEU C 134 21.59 36.90 67.88
CA LEU C 134 21.96 35.80 68.76
C LEU C 134 21.03 34.61 68.53
N PRO C 135 21.54 33.39 68.69
CA PRO C 135 20.67 32.22 68.56
C PRO C 135 19.74 32.09 69.75
N LYS C 136 18.73 31.24 69.57
CA LYS C 136 17.74 30.99 70.62
C LYS C 136 18.34 30.25 71.81
N LYS D 31 70.99 70.90 64.09
CA LYS D 31 69.95 69.98 64.50
C LYS D 31 68.76 70.06 63.56
N ARG D 32 67.57 70.14 64.16
CA ARG D 32 66.32 70.32 63.46
C ARG D 32 65.58 71.48 64.12
N SER D 33 64.72 72.13 63.35
CA SER D 33 63.86 73.18 63.90
C SER D 33 62.87 72.56 64.87
N ARG D 34 62.58 73.27 65.96
CA ARG D 34 61.79 72.71 67.05
C ARG D 34 60.34 72.53 66.64
N LYS D 35 59.78 71.36 66.98
CA LYS D 35 58.40 71.02 66.67
C LYS D 35 57.64 70.88 67.99
N GLU D 36 56.55 71.62 68.08
CA GLU D 36 55.79 71.69 69.33
C GLU D 36 54.86 70.49 69.47
N SER D 37 54.64 70.08 70.72
CA SER D 37 53.68 69.03 71.04
C SER D 37 53.20 69.20 72.48
N TYR D 38 52.14 68.46 72.82
CA TYR D 38 51.55 68.45 74.15
C TYR D 38 51.89 67.21 74.96
N SER D 39 53.04 66.57 74.70
CA SER D 39 53.33 65.28 75.31
C SER D 39 53.54 65.40 76.82
N VAL D 40 54.40 66.34 77.23
CA VAL D 40 54.87 66.33 78.61
C VAL D 40 53.78 66.81 79.56
N TYR D 41 52.90 67.72 79.13
CA TYR D 41 51.82 68.18 79.99
C TYR D 41 50.83 67.06 80.27
N VAL D 42 50.45 66.33 79.23
CA VAL D 42 49.58 65.16 79.39
C VAL D 42 50.29 64.10 80.22
N TYR D 43 51.62 64.06 80.15
CA TYR D 43 52.35 63.12 80.98
C TYR D 43 52.24 63.48 82.47
N LYS D 44 52.35 64.77 82.82
CA LYS D 44 52.08 65.14 84.22
C LYS D 44 50.64 64.86 84.60
N VAL D 45 49.71 65.09 83.67
CA VAL D 45 48.29 64.85 83.96
C VAL D 45 48.05 63.38 84.27
N LEU D 46 48.66 62.49 83.48
CA LEU D 46 48.57 61.07 83.76
C LEU D 46 49.17 60.73 85.11
N LYS D 47 50.36 61.26 85.41
CA LYS D 47 50.99 60.97 86.69
C LYS D 47 50.21 61.52 87.87
N GLN D 48 49.42 62.57 87.66
CA GLN D 48 48.49 62.99 88.71
C GLN D 48 47.32 62.02 88.83
N VAL D 49 46.76 61.57 87.71
CA VAL D 49 45.55 60.75 87.82
C VAL D 49 45.90 59.28 88.03
N HIS D 50 47.04 58.83 87.51
CA HIS D 50 47.47 57.44 87.66
C HIS D 50 49.00 57.44 87.63
N PRO D 51 49.64 57.48 88.80
CA PRO D 51 51.11 57.50 88.82
C PRO D 51 51.76 56.25 88.26
N ASP D 52 51.03 55.14 88.20
CA ASP D 52 51.61 53.84 87.90
C ASP D 52 51.66 53.51 86.40
N THR D 53 50.75 54.06 85.60
CA THR D 53 50.59 53.59 84.23
C THR D 53 51.33 54.48 83.24
N GLY D 54 51.50 53.96 82.03
CA GLY D 54 52.18 54.64 80.96
C GLY D 54 51.32 54.83 79.72
N ILE D 55 51.93 55.44 78.71
CA ILE D 55 51.23 55.76 77.47
C ILE D 55 51.99 55.18 76.29
N SER D 56 51.26 54.83 75.25
CA SER D 56 51.86 54.57 73.95
C SER D 56 51.91 55.86 73.15
N SER D 57 52.90 55.94 72.25
CA SER D 57 53.05 57.14 71.44
C SER D 57 51.89 57.30 70.47
N LYS D 58 51.26 56.20 70.06
CA LYS D 58 50.03 56.27 69.29
C LYS D 58 48.92 56.94 70.10
N ALA D 59 48.79 56.55 71.36
CA ALA D 59 47.81 57.18 72.24
C ALA D 59 48.13 58.65 72.43
N MET D 60 49.41 59.01 72.45
CA MET D 60 49.75 60.41 72.59
C MET D 60 49.45 61.19 71.31
N GLY D 61 49.59 60.55 70.16
CA GLY D 61 49.14 61.19 68.92
C GLY D 61 47.65 61.45 68.92
N ILE D 62 46.87 60.50 69.42
CA ILE D 62 45.43 60.74 69.57
C ILE D 62 45.17 61.87 70.55
N MET D 63 45.94 61.93 71.64
CA MET D 63 45.76 63.03 72.60
C MET D 63 46.07 64.38 72.00
N ASN D 64 47.14 64.48 71.20
CA ASN D 64 47.45 65.75 70.56
C ASN D 64 46.37 66.15 69.56
N SER D 65 45.88 65.18 68.77
CA SER D 65 44.79 65.46 67.84
C SER D 65 43.53 65.89 68.58
N PHE D 66 43.22 65.22 69.69
CA PHE D 66 42.07 65.59 70.51
C PHE D 66 42.18 66.99 71.08
N VAL D 67 43.30 67.30 71.70
CA VAL D 67 43.40 68.57 72.41
C VAL D 67 43.46 69.72 71.41
N ASN D 68 44.15 69.52 70.28
CA ASN D 68 44.12 70.53 69.23
C ASN D 68 42.72 70.69 68.65
N ASP D 69 41.98 69.59 68.51
CA ASP D 69 40.63 69.64 67.97
C ASP D 69 39.69 70.42 68.89
N ILE D 70 39.73 70.09 70.19
CA ILE D 70 38.89 70.79 71.15
C ILE D 70 39.31 72.25 71.27
N PHE D 71 40.62 72.50 71.21
CA PHE D 71 41.13 73.86 71.28
C PHE D 71 40.64 74.70 70.11
N GLU D 72 40.65 74.14 68.90
CA GLU D 72 40.23 74.91 67.76
C GLU D 72 38.71 75.07 67.75
N ARG D 73 37.97 74.07 68.25
CA ARG D 73 36.52 74.21 68.36
C ARG D 73 36.15 75.35 69.30
N ILE D 74 36.76 75.37 70.49
CA ILE D 74 36.42 76.38 71.47
C ILE D 74 36.90 77.75 71.02
N ALA D 75 38.07 77.81 70.37
CA ALA D 75 38.57 79.08 69.87
C ALA D 75 37.73 79.61 68.71
N GLY D 76 37.20 78.70 67.87
CA GLY D 76 36.30 79.12 66.82
C GLY D 76 34.99 79.64 67.37
N GLU D 77 34.44 78.98 68.39
CA GLU D 77 33.25 79.49 69.06
C GLU D 77 33.53 80.83 69.71
N ALA D 78 34.71 80.99 70.30
CA ALA D 78 35.08 82.26 70.92
C ALA D 78 35.15 83.38 69.91
N SER D 79 35.79 83.13 68.77
CA SER D 79 35.87 84.11 67.71
C SER D 79 34.48 84.43 67.15
N ARG D 80 33.63 83.41 67.06
CA ARG D 80 32.28 83.60 66.57
C ARG D 80 31.47 84.53 67.46
N LEU D 81 31.50 84.27 68.78
CA LEU D 81 30.80 85.12 69.73
C LEU D 81 31.39 86.53 69.78
N ALA D 82 32.71 86.65 69.71
CA ALA D 82 33.32 87.97 69.78
C ALA D 82 32.98 88.79 68.55
N HIS D 83 32.85 88.13 67.39
CA HIS D 83 32.40 88.82 66.20
C HIS D 83 30.93 89.21 66.29
N TYR D 84 30.11 88.36 66.93
CA TYR D 84 28.68 88.60 66.96
C TYR D 84 28.31 89.83 67.77
N ASN D 85 28.86 89.96 68.95
CA ASN D 85 28.50 91.03 69.87
C ASN D 85 29.30 92.31 69.63
N LYS D 86 30.03 92.38 68.51
CA LYS D 86 30.79 93.56 68.10
C LYS D 86 31.82 93.95 69.16
N ARG D 87 32.41 92.95 69.80
CA ARG D 87 33.44 93.16 70.79
C ARG D 87 34.80 92.80 70.23
N SER D 88 35.75 93.71 70.37
CA SER D 88 37.08 93.55 69.81
C SER D 88 37.99 92.70 70.67
N THR D 89 37.60 92.42 71.91
CA THR D 89 38.39 91.64 72.85
C THR D 89 37.80 90.25 72.95
N ILE D 90 38.64 89.24 73.12
CA ILE D 90 38.17 87.95 73.59
C ILE D 90 38.44 87.88 75.09
N THR D 91 37.43 87.50 75.86
CA THR D 91 37.48 87.46 77.31
C THR D 91 36.99 86.11 77.79
N SER D 92 37.06 85.91 79.10
CA SER D 92 36.69 84.61 79.67
C SER D 92 35.19 84.38 79.63
N ARG D 93 34.39 85.46 79.62
CA ARG D 93 32.94 85.35 79.76
C ARG D 93 32.34 84.54 78.61
N GLU D 94 32.70 84.89 77.40
CA GLU D 94 32.27 84.10 76.26
C GLU D 94 32.97 82.75 76.21
N ILE D 95 34.06 82.57 76.95
CA ILE D 95 34.64 81.24 77.01
C ILE D 95 33.74 80.31 77.83
N GLN D 96 33.20 80.80 78.97
CA GLN D 96 32.20 79.98 79.67
C GLN D 96 30.98 79.77 78.78
N THR D 97 30.59 80.80 78.03
CA THR D 97 29.47 80.66 77.11
C THR D 97 29.75 79.57 76.08
N ALA D 98 30.95 79.55 75.53
CA ALA D 98 31.29 78.59 74.48
C ALA D 98 31.35 77.17 75.02
N VAL D 99 31.97 76.98 76.18
CA VAL D 99 32.07 75.64 76.73
C VAL D 99 30.71 75.16 77.21
N ARG D 100 29.85 76.10 77.64
CA ARG D 100 28.52 75.71 78.09
C ARG D 100 27.63 75.32 76.91
N LEU D 101 27.78 76.03 75.78
CA LEU D 101 26.98 75.66 74.62
C LEU D 101 27.49 74.40 73.96
N LEU D 102 28.81 74.20 73.94
CA LEU D 102 29.37 73.10 73.18
C LEU D 102 29.40 71.82 74.02
N LEU D 103 29.99 71.88 75.22
CA LEU D 103 30.02 70.68 76.05
C LEU D 103 28.63 70.42 76.64
N PRO D 104 28.21 69.16 76.68
CA PRO D 104 26.89 68.84 77.24
C PRO D 104 26.89 68.79 78.76
N GLY D 105 25.83 69.36 79.33
CA GLY D 105 25.37 69.12 80.70
C GLY D 105 26.34 69.16 81.85
N GLU D 106 26.47 68.00 82.52
CA GLU D 106 27.29 67.93 83.71
C GLU D 106 28.77 68.15 83.41
N LEU D 107 29.24 67.70 82.24
CA LEU D 107 30.60 68.03 81.82
C LEU D 107 30.77 69.53 81.69
N ALA D 108 29.75 70.21 81.15
CA ALA D 108 29.81 71.66 81.01
C ALA D 108 29.88 72.36 82.36
N LYS D 109 29.02 71.96 83.31
CA LYS D 109 29.01 72.71 84.58
C LYS D 109 30.21 72.34 85.45
N HIS D 110 30.70 71.09 85.35
CA HIS D 110 31.96 70.75 85.98
C HIS D 110 33.08 71.60 85.41
N ALA D 111 33.11 71.76 84.08
CA ALA D 111 34.13 72.54 83.40
C ALA D 111 34.11 73.99 83.87
N VAL D 112 32.91 74.55 83.99
CA VAL D 112 32.75 75.88 84.56
C VAL D 112 33.30 75.93 85.97
N SER D 113 33.13 74.85 86.74
CA SER D 113 33.65 74.84 88.10
C SER D 113 35.18 74.95 88.14
N GLU D 114 35.92 74.08 87.41
CA GLU D 114 37.38 74.18 87.56
C GLU D 114 37.87 75.46 86.94
N GLY D 115 37.22 75.92 85.87
CA GLY D 115 37.64 77.15 85.25
C GLY D 115 37.43 78.36 86.15
N THR D 116 36.31 78.37 86.88
CA THR D 116 36.03 79.45 87.82
C THR D 116 37.05 79.48 88.94
N LYS D 117 37.38 78.32 89.52
CA LYS D 117 38.33 78.34 90.62
C LYS D 117 39.74 78.64 90.13
N ALA D 118 40.08 78.19 88.92
CA ALA D 118 41.37 78.53 88.33
C ALA D 118 41.47 80.03 88.08
N VAL D 119 40.37 80.65 87.67
CA VAL D 119 40.33 82.09 87.53
C VAL D 119 40.54 82.77 88.88
N THR D 120 39.93 82.21 89.93
CA THR D 120 40.11 82.82 91.26
C THR D 120 41.57 82.80 91.70
N LYS D 121 42.26 81.66 91.55
CA LYS D 121 43.68 81.64 91.91
C LYS D 121 44.53 82.48 90.96
N TYR D 122 44.19 82.54 89.67
CA TYR D 122 44.98 83.34 88.76
C TYR D 122 44.80 84.83 89.05
N THR D 123 43.60 85.22 89.47
CA THR D 123 43.33 86.60 89.83
C THR D 123 44.09 87.00 91.08
N SER D 124 44.14 86.10 92.07
CA SER D 124 44.88 86.32 93.30
C SER D 124 46.36 86.01 93.16
N ALA D 125 46.83 85.76 91.94
CA ALA D 125 48.23 85.48 91.61
C ALA D 125 48.81 84.32 92.40
N LYS E 38 33.17 11.00 60.93
CA LYS E 38 32.49 12.10 60.28
C LYS E 38 33.23 13.40 60.61
N PRO E 39 33.69 14.12 59.59
CA PRO E 39 34.37 15.40 59.83
C PRO E 39 33.39 16.43 60.39
N HIS E 40 33.87 17.17 61.38
CA HIS E 40 33.03 18.14 62.06
C HIS E 40 32.69 19.32 61.16
N ARG E 41 31.49 19.84 61.33
CA ARG E 41 31.05 21.01 60.58
C ARG E 41 30.07 21.78 61.45
N TYR E 42 30.36 23.05 61.70
CA TYR E 42 29.48 23.88 62.51
C TYR E 42 28.26 24.28 61.70
N ARG E 43 27.15 24.52 62.39
CA ARG E 43 25.97 25.05 61.74
C ARG E 43 26.21 26.51 61.34
N PRO E 44 25.58 26.96 60.24
CA PRO E 44 25.87 28.31 59.72
C PRO E 44 25.46 29.40 60.69
N GLY E 45 26.23 30.48 60.68
CA GLY E 45 26.01 31.61 61.56
C GLY E 45 26.77 31.52 62.87
N THR E 46 27.00 30.30 63.38
CA THR E 46 27.76 30.14 64.61
C THR E 46 29.20 30.58 64.41
N VAL E 47 29.84 30.09 63.34
CA VAL E 47 31.18 30.55 63.02
C VAL E 47 31.16 32.03 62.70
N ALA E 48 30.15 32.49 61.95
CA ALA E 48 30.06 33.89 61.56
C ALA E 48 29.98 34.79 62.79
N LEU E 49 29.18 34.39 63.78
CA LEU E 49 29.17 35.09 65.06
C LEU E 49 30.53 35.03 65.73
N ARG E 50 31.26 33.93 65.54
CA ARG E 50 32.60 33.87 66.11
C ARG E 50 33.56 34.85 65.44
N GLU E 51 33.47 35.06 64.12
CA GLU E 51 34.31 36.12 63.56
C GLU E 51 33.80 37.50 63.97
N ILE E 52 32.50 37.65 64.24
CA ILE E 52 31.99 38.91 64.78
C ILE E 52 32.68 39.24 66.09
N ARG E 53 32.69 38.27 67.01
CA ARG E 53 33.38 38.47 68.29
C ARG E 53 34.87 38.66 68.10
N ARG E 54 35.47 37.87 67.20
CA ARG E 54 36.91 37.88 67.02
C ARG E 54 37.40 39.21 66.46
N TYR E 55 36.78 39.68 65.38
CA TYR E 55 37.19 40.93 64.78
C TYR E 55 36.65 42.14 65.53
N GLN E 56 35.64 41.98 66.38
CA GLN E 56 35.18 43.13 67.15
C GLN E 56 36.00 43.31 68.42
N LYS E 57 36.55 42.24 68.98
CA LYS E 57 37.54 42.43 70.04
C LYS E 57 38.83 43.01 69.50
N SER E 58 39.26 42.56 68.33
CA SER E 58 40.52 42.99 67.76
C SER E 58 40.36 44.32 67.04
N THR E 59 41.49 45.00 66.82
CA THR E 59 41.51 46.25 66.10
C THR E 59 42.38 46.23 64.86
N GLU E 60 43.15 45.16 64.64
CA GLU E 60 44.12 45.12 63.55
C GLU E 60 43.43 45.15 62.19
N LEU E 61 44.16 45.66 61.21
CA LEU E 61 43.57 46.20 59.99
C LEU E 61 43.10 45.07 59.08
N LEU E 62 41.91 45.24 58.51
CA LEU E 62 41.20 44.15 57.85
C LEU E 62 41.52 43.99 56.37
N ILE E 63 41.86 45.05 55.66
CA ILE E 63 42.11 44.93 54.23
C ILE E 63 43.62 44.83 54.02
N ARG E 64 44.00 44.28 52.87
CA ARG E 64 45.42 44.21 52.52
C ARG E 64 45.90 45.60 52.13
N LYS E 65 47.03 46.02 52.72
CA LYS E 65 47.42 47.43 52.64
C LYS E 65 48.01 47.79 51.28
N LEU E 66 48.73 46.87 50.65
CA LEU E 66 49.35 47.18 49.37
C LEU E 66 48.34 47.24 48.21
N PRO E 67 47.34 46.35 48.11
CA PRO E 67 46.26 46.62 47.15
C PRO E 67 45.53 47.92 47.41
N PHE E 68 45.39 48.30 48.68
CA PHE E 68 44.82 49.61 48.98
C PHE E 68 45.70 50.72 48.44
N GLN E 69 47.02 50.58 48.59
CA GLN E 69 47.92 51.60 48.08
C GLN E 69 47.85 51.67 46.56
N ARG E 70 47.72 50.52 45.91
CA ARG E 70 47.52 50.51 44.46
C ARG E 70 46.23 51.22 44.07
N LEU E 71 45.16 50.99 44.83
CA LEU E 71 43.87 51.60 44.51
C LEU E 71 43.89 53.11 44.72
N VAL E 72 44.52 53.56 45.81
CA VAL E 72 44.53 55.00 46.08
C VAL E 72 45.42 55.72 45.09
N ARG E 73 46.53 55.10 44.67
CA ARG E 73 47.33 55.72 43.61
C ARG E 73 46.58 55.73 42.29
N GLU E 74 45.81 54.67 42.02
CA GLU E 74 45.02 54.58 40.79
C GLU E 74 43.98 55.69 40.71
N ILE E 75 43.29 55.95 41.83
CA ILE E 75 42.28 57.00 41.80
C ILE E 75 42.95 58.36 41.88
N ALA E 76 44.13 58.43 42.49
CA ALA E 76 44.83 59.70 42.66
C ALA E 76 45.36 60.23 41.35
N GLN E 77 45.88 59.35 40.48
CA GLN E 77 46.37 59.83 39.19
C GLN E 77 45.26 60.30 38.27
N ASP E 78 44.00 60.00 38.59
CA ASP E 78 42.88 60.46 37.80
C ASP E 78 42.63 61.96 37.94
N PHE E 79 43.17 62.60 38.98
CA PHE E 79 43.06 64.04 39.14
C PHE E 79 44.30 64.77 38.66
N LYS E 80 45.47 64.30 39.06
CA LYS E 80 46.73 64.92 38.70
C LYS E 80 47.76 63.81 38.57
N THR E 81 48.68 63.96 37.61
CA THR E 81 49.65 62.90 37.35
C THR E 81 50.77 62.88 38.39
N ASP E 82 51.22 61.65 38.67
CA ASP E 82 52.52 61.37 39.30
C ASP E 82 52.59 61.94 40.72
N LEU E 83 51.61 61.64 41.56
CA LEU E 83 51.69 62.07 42.95
C LEU E 83 52.43 61.06 43.80
N ARG E 84 53.06 61.56 44.86
CA ARG E 84 53.80 60.74 45.79
C ARG E 84 53.07 60.70 47.12
N PHE E 85 53.16 59.56 47.80
CA PHE E 85 52.40 59.31 49.01
C PHE E 85 53.35 59.01 50.16
N GLN E 86 53.07 59.60 51.32
CA GLN E 86 53.66 59.10 52.55
C GLN E 86 52.86 57.90 53.00
N SER E 87 53.56 56.88 53.49
CA SER E 87 52.90 55.65 53.92
C SER E 87 51.96 55.90 55.09
N SER E 88 52.33 56.84 55.96
CA SER E 88 51.46 57.23 57.06
C SER E 88 50.16 57.83 56.56
N ALA E 89 50.22 58.65 55.51
CA ALA E 89 49.02 59.23 54.94
C ALA E 89 48.11 58.16 54.36
N VAL E 90 48.71 57.16 53.70
CA VAL E 90 47.94 56.08 53.12
C VAL E 90 47.28 55.26 54.22
N MET E 91 48.01 54.97 55.30
CA MET E 91 47.43 54.24 56.42
C MET E 91 46.32 55.02 57.10
N ALA E 92 46.48 56.34 57.22
CA ALA E 92 45.47 57.16 57.86
C ALA E 92 44.20 57.23 57.03
N LEU E 93 44.36 57.44 55.72
CA LEU E 93 43.20 57.48 54.84
C LEU E 93 42.54 56.11 54.76
N GLN E 94 43.34 55.06 54.86
CA GLN E 94 42.84 53.70 54.95
C GLN E 94 42.00 53.50 56.21
N GLU E 95 42.48 54.03 57.34
CA GLU E 95 41.74 53.90 58.59
C GLU E 95 40.42 54.65 58.52
N ALA E 96 40.44 55.85 57.94
CA ALA E 96 39.21 56.62 57.78
C ALA E 96 38.24 55.91 56.84
N SER E 97 38.77 55.27 55.80
CA SER E 97 37.91 54.53 54.88
C SER E 97 37.24 53.35 55.58
N GLU E 98 38.00 52.59 56.38
CA GLU E 98 37.37 51.47 57.08
C GLU E 98 36.35 51.96 58.10
N ALA E 99 36.61 53.10 58.73
CA ALA E 99 35.64 53.66 59.67
C ALA E 99 34.35 54.03 58.96
N TYR E 100 34.46 54.65 57.78
CA TYR E 100 33.28 55.01 57.01
C TYR E 100 32.48 53.78 56.60
N LEU E 101 33.18 52.75 56.11
CA LEU E 101 32.51 51.50 55.74
C LEU E 101 31.85 50.82 56.93
N VAL E 102 32.53 50.74 58.08
CA VAL E 102 31.94 50.00 59.20
C VAL E 102 30.78 50.78 59.80
N GLY E 103 30.83 52.11 59.72
CA GLY E 103 29.68 52.89 60.16
C GLY E 103 28.47 52.66 59.30
N LEU E 104 28.64 52.72 57.98
CA LEU E 104 27.50 52.43 57.11
C LEU E 104 27.08 50.96 57.18
N PHE E 105 28.01 50.08 57.55
CA PHE E 105 27.64 48.69 57.83
C PHE E 105 26.76 48.55 59.04
N GLU E 106 27.04 49.25 60.13
CA GLU E 106 26.17 49.09 61.29
C GLU E 106 24.81 49.75 61.04
N ASP E 107 24.80 50.83 60.25
CA ASP E 107 23.50 51.37 59.83
C ASP E 107 22.70 50.38 58.98
N THR E 108 23.32 49.72 58.01
CA THR E 108 22.54 48.80 57.20
C THR E 108 22.19 47.54 57.98
N ASN E 109 22.97 47.23 59.02
CA ASN E 109 22.59 46.15 59.93
C ASN E 109 21.30 46.49 60.66
N LEU E 110 21.23 47.71 61.19
CA LEU E 110 20.02 48.16 61.87
C LEU E 110 18.83 48.21 60.91
N ALA E 111 19.08 48.63 59.67
CA ALA E 111 18.02 48.69 58.68
C ALA E 111 17.51 47.28 58.33
N ALA E 112 18.43 46.33 58.16
CA ALA E 112 18.03 44.98 57.79
C ALA E 112 17.26 44.30 58.91
N ILE E 113 17.65 44.56 60.16
CA ILE E 113 16.83 44.09 61.28
C ILE E 113 15.48 44.77 61.26
N HIS E 114 15.44 46.07 60.94
CA HIS E 114 14.19 46.81 60.93
C HIS E 114 13.26 46.30 59.85
N ALA E 115 13.81 45.74 58.77
CA ALA E 115 13.01 45.08 57.75
C ALA E 115 12.72 43.63 58.08
N LYS E 116 12.86 43.23 59.34
CA LYS E 116 12.53 41.91 59.85
C LYS E 116 13.38 40.81 59.21
N ARG E 117 14.56 41.16 58.72
CA ARG E 117 15.49 40.22 58.11
C ARG E 117 16.81 40.23 58.87
N VAL E 118 17.68 39.31 58.48
CA VAL E 118 19.03 39.26 59.03
C VAL E 118 20.11 39.48 57.98
N THR E 119 19.79 39.36 56.70
CA THR E 119 20.78 39.51 55.64
C THR E 119 20.68 40.89 55.02
N ILE E 120 21.82 41.56 54.88
CA ILE E 120 21.85 42.87 54.22
C ILE E 120 21.85 42.66 52.71
N MET E 121 21.16 43.56 52.02
CA MET E 121 21.06 43.56 50.56
C MET E 121 21.29 44.99 50.09
N PRO E 122 21.66 45.19 48.81
CA PRO E 122 22.04 46.55 48.37
C PRO E 122 20.94 47.60 48.48
N LYS E 123 19.67 47.20 48.52
CA LYS E 123 18.65 48.20 48.78
C LYS E 123 18.70 48.68 50.23
N ASP E 124 19.13 47.81 51.16
CA ASP E 124 19.29 48.23 52.54
C ASP E 124 20.37 49.30 52.67
N ILE E 125 21.50 49.11 52.00
CA ILE E 125 22.58 50.08 52.09
C ILE E 125 22.25 51.32 51.25
N GLN E 126 21.45 51.15 50.19
CA GLN E 126 20.98 52.31 49.45
C GLN E 126 20.08 53.18 50.32
N LEU E 127 19.22 52.53 51.13
CA LEU E 127 18.44 53.22 52.13
C LEU E 127 19.33 53.94 53.12
N ALA E 128 20.39 53.26 53.59
CA ALA E 128 21.28 53.86 54.59
C ALA E 128 21.99 55.09 54.04
N ARG E 129 22.45 55.01 52.79
CA ARG E 129 23.11 56.15 52.17
C ARG E 129 22.12 57.29 51.95
N ARG E 130 20.88 56.98 51.60
CA ARG E 130 19.91 58.04 51.39
C ARG E 130 19.51 58.71 52.71
N ILE E 131 19.43 57.94 53.78
CA ILE E 131 19.08 58.51 55.08
C ILE E 131 20.22 59.37 55.61
N ARG E 132 21.47 58.90 55.48
CA ARG E 132 22.59 59.65 56.01
C ARG E 132 22.80 60.99 55.31
N GLY E 133 22.47 61.09 54.02
CA GLY E 133 22.56 62.37 53.35
C GLY E 133 23.68 62.52 52.35
N GLU E 134 23.92 61.52 51.51
CA GLU E 134 24.86 61.66 50.40
C GLU E 134 24.17 61.42 49.06
N LYS F 21 53.36 51.70 34.27
CA LYS F 21 53.27 53.04 34.83
C LYS F 21 51.84 53.37 35.22
N VAL F 22 50.89 53.05 34.34
CA VAL F 22 49.48 53.30 34.64
C VAL F 22 48.86 52.07 35.29
N LEU F 23 47.76 52.29 35.99
CA LEU F 23 47.00 51.22 36.61
C LEU F 23 45.54 51.38 36.20
N ARG F 24 44.88 50.27 35.93
CA ARG F 24 43.55 50.34 35.35
C ARG F 24 42.47 49.66 36.18
N ASP F 25 42.82 48.64 36.96
CA ASP F 25 41.83 47.91 37.77
C ASP F 25 42.51 47.51 39.08
N ASN F 26 42.25 48.30 40.13
CA ASN F 26 42.59 47.91 41.49
C ASN F 26 41.39 47.91 42.42
N ILE F 27 40.20 48.19 41.93
CA ILE F 27 39.00 48.11 42.75
C ILE F 27 38.70 46.66 43.12
N GLN F 28 39.14 45.71 42.28
CA GLN F 28 39.01 44.30 42.63
C GLN F 28 39.99 43.88 43.71
N GLY F 29 41.00 44.70 44.01
CA GLY F 29 41.90 44.42 45.10
C GLY F 29 41.26 44.49 46.47
N ILE F 30 40.13 45.18 46.61
CA ILE F 30 39.34 45.13 47.82
C ILE F 30 38.52 43.85 47.73
N THR F 31 39.10 42.76 48.24
CA THR F 31 38.56 41.44 48.02
C THR F 31 37.29 41.22 48.82
N LYS F 32 36.56 40.19 48.43
CA LYS F 32 35.37 39.75 49.17
C LYS F 32 35.64 39.39 50.63
N PRO F 33 36.69 38.64 51.00
CA PRO F 33 36.91 38.40 52.45
C PRO F 33 37.22 39.65 53.26
N ALA F 34 37.86 40.67 52.66
CA ALA F 34 38.10 41.90 53.40
C ALA F 34 36.80 42.63 53.70
N ILE F 35 35.89 42.65 52.74
CA ILE F 35 34.55 43.20 52.95
C ILE F 35 33.80 42.37 53.99
N ARG F 36 34.00 41.05 53.97
CA ARG F 36 33.39 40.19 54.98
C ARG F 36 33.91 40.51 56.37
N ARG F 37 35.22 40.73 56.50
CA ARG F 37 35.81 41.09 57.80
C ARG F 37 35.28 42.44 58.28
N LEU F 38 35.15 43.40 57.37
CA LEU F 38 34.59 44.69 57.75
C LEU F 38 33.14 44.57 58.20
N ALA F 39 32.37 43.70 57.53
CA ALA F 39 30.98 43.50 57.94
C ALA F 39 30.89 42.75 59.26
N ARG F 40 31.84 41.86 59.54
CA ARG F 40 31.91 41.23 60.85
C ARG F 40 32.21 42.26 61.92
N ARG F 41 33.08 43.23 61.60
CA ARG F 41 33.29 44.34 62.52
C ARG F 41 32.05 45.21 62.62
N GLY F 42 31.26 45.27 61.55
CA GLY F 42 29.95 45.87 61.64
C GLY F 42 28.89 45.01 62.28
N GLY F 43 29.20 43.74 62.55
CA GLY F 43 28.25 42.86 63.20
C GLY F 43 27.28 42.16 62.28
N VAL F 44 27.49 42.22 60.98
CA VAL F 44 26.64 41.53 60.02
C VAL F 44 27.06 40.07 59.97
N LYS F 45 26.11 39.17 60.23
CA LYS F 45 26.46 37.75 60.21
C LYS F 45 26.12 37.09 58.88
N ARG F 46 25.25 37.71 58.08
CA ARG F 46 24.87 37.13 56.79
C ARG F 46 24.88 38.22 55.73
N ILE F 47 25.65 37.98 54.67
CA ILE F 47 25.90 38.97 53.63
C ILE F 47 25.42 38.40 52.31
N SER F 48 24.61 39.16 51.59
CA SER F 48 24.22 38.72 50.25
C SER F 48 25.38 38.84 49.28
N GLY F 49 25.27 38.13 48.16
CA GLY F 49 26.32 38.15 47.16
C GLY F 49 26.41 39.43 46.38
N LEU F 50 25.34 40.23 46.37
CA LEU F 50 25.29 41.46 45.60
C LEU F 50 25.95 42.64 46.31
N ILE F 51 26.41 42.43 47.54
CA ILE F 51 26.93 43.50 48.38
C ILE F 51 28.28 44.03 47.88
N TYR F 52 29.13 43.13 47.39
CA TYR F 52 30.57 43.42 47.28
C TYR F 52 30.86 44.51 46.26
N GLU F 53 30.22 44.44 45.08
CA GLU F 53 30.51 45.39 44.03
C GLU F 53 29.96 46.78 44.35
N GLU F 54 28.81 46.85 45.02
CA GLU F 54 28.28 48.17 45.37
C GLU F 54 29.02 48.77 46.55
N THR F 55 29.54 47.94 47.45
CA THR F 55 30.45 48.47 48.46
C THR F 55 31.74 48.97 47.85
N ARG F 56 32.23 48.29 46.81
CA ARG F 56 33.35 48.81 46.03
C ARG F 56 32.99 50.16 45.42
N GLY F 57 31.76 50.30 44.93
CA GLY F 57 31.34 51.56 44.36
C GLY F 57 31.30 52.69 45.36
N VAL F 58 30.70 52.44 46.54
CA VAL F 58 30.58 53.50 47.53
C VAL F 58 31.95 53.84 48.13
N LEU F 59 32.84 52.84 48.21
CA LEU F 59 34.23 53.09 48.55
C LEU F 59 34.90 53.98 47.52
N LYS F 60 34.65 53.70 46.24
CA LYS F 60 35.22 54.51 45.17
C LYS F 60 34.75 55.95 45.27
N VAL F 61 33.47 56.14 45.59
CA VAL F 61 32.89 57.49 45.70
C VAL F 61 33.53 58.23 46.87
N PHE F 62 33.61 57.58 48.04
CA PHE F 62 34.21 58.22 49.21
C PHE F 62 35.67 58.55 48.98
N LEU F 63 36.41 57.62 48.37
CA LEU F 63 37.82 57.88 48.10
C LEU F 63 38.01 59.04 47.15
N GLU F 64 37.19 59.13 46.10
CA GLU F 64 37.27 60.28 45.20
C GLU F 64 37.01 61.57 45.95
N ASN F 65 35.97 61.56 46.79
CA ASN F 65 35.56 62.75 47.51
C ASN F 65 36.67 63.24 48.44
N VAL F 66 37.37 62.32 49.07
CA VAL F 66 38.39 62.74 50.03
C VAL F 66 39.69 63.11 49.32
N ILE F 67 40.09 62.35 48.29
CA ILE F 67 41.44 62.59 47.78
C ILE F 67 41.43 63.78 46.86
N ARG F 68 40.28 64.14 46.27
CA ARG F 68 40.21 65.36 45.48
C ARG F 68 40.52 66.57 46.32
N ASP F 69 39.93 66.64 47.51
CA ASP F 69 40.25 67.70 48.44
C ASP F 69 41.69 67.58 48.92
N ALA F 70 42.17 66.36 49.09
CA ALA F 70 43.55 66.15 49.54
C ALA F 70 44.56 66.67 48.52
N VAL F 71 44.37 66.33 47.24
CA VAL F 71 45.30 66.80 46.24
C VAL F 71 45.12 68.28 45.99
N THR F 72 43.92 68.82 46.26
CA THR F 72 43.73 70.27 46.19
C THR F 72 44.57 70.98 47.25
N TYR F 73 44.51 70.46 48.48
CA TYR F 73 45.38 70.94 49.56
C TYR F 73 46.84 70.82 49.18
N THR F 74 47.21 69.72 48.54
CA THR F 74 48.59 69.49 48.16
C THR F 74 49.06 70.50 47.11
N GLU F 75 48.27 70.67 46.05
CA GLU F 75 48.72 71.51 44.95
C GLU F 75 48.70 72.98 45.34
N HIS F 76 47.84 73.35 46.29
CA HIS F 76 47.95 74.71 46.80
C HIS F 76 49.24 74.89 47.59
N ALA F 77 49.69 73.83 48.26
CA ALA F 77 50.96 73.89 48.97
C ALA F 77 52.16 73.82 48.03
N LYS F 78 51.95 73.70 46.72
CA LYS F 78 52.97 73.61 45.69
C LYS F 78 53.89 72.42 45.91
N ARG F 79 53.34 71.35 46.48
CA ARG F 79 54.09 70.12 46.71
C ARG F 79 53.71 69.08 45.68
N LYS F 80 54.61 68.14 45.46
CA LYS F 80 54.34 67.02 44.57
C LYS F 80 54.01 65.77 45.37
N THR F 81 54.25 65.82 46.67
CA THR F 81 53.93 64.75 47.60
C THR F 81 52.87 65.24 48.57
N VAL F 82 51.85 64.44 48.80
CA VAL F 82 50.82 64.78 49.76
C VAL F 82 51.38 64.64 51.17
N THR F 83 50.82 65.38 52.11
CA THR F 83 51.10 65.17 53.51
C THR F 83 49.91 64.46 54.17
N ALA F 84 50.19 63.79 55.28
CA ALA F 84 49.12 63.23 56.09
C ALA F 84 48.28 64.33 56.71
N MET F 85 48.90 65.51 56.93
CA MET F 85 48.18 66.68 57.41
C MET F 85 47.05 67.04 56.45
N ASP F 86 47.31 66.97 55.15
CA ASP F 86 46.29 67.27 54.16
C ASP F 86 45.16 66.26 54.20
N VAL F 87 45.48 64.99 54.44
CA VAL F 87 44.44 63.97 54.55
C VAL F 87 43.57 64.24 55.77
N VAL F 88 44.20 64.61 56.88
CA VAL F 88 43.44 64.97 58.08
C VAL F 88 42.55 66.17 57.82
N TYR F 89 43.05 67.16 57.07
CA TYR F 89 42.22 68.33 56.77
C TYR F 89 41.06 67.96 55.86
N ALA F 90 41.28 67.05 54.93
CA ALA F 90 40.21 66.61 54.03
C ALA F 90 39.13 65.87 54.80
N LEU F 91 39.52 65.03 55.76
CA LEU F 91 38.52 64.33 56.56
C LEU F 91 37.80 65.26 57.52
N LYS F 92 38.50 66.24 58.10
CA LYS F 92 37.81 67.11 59.07
C LYS F 92 36.90 68.09 58.37
N ARG F 93 37.19 68.43 57.11
CA ARG F 93 36.25 69.25 56.37
C ARG F 93 34.99 68.46 56.02
N GLN F 94 35.15 67.17 55.76
CA GLN F 94 34.05 66.34 55.31
C GLN F 94 33.20 65.85 56.47
N GLY F 95 33.57 66.18 57.70
CA GLY F 95 32.80 65.77 58.85
C GLY F 95 33.12 64.39 59.38
N ARG F 96 34.29 63.87 59.04
CA ARG F 96 34.77 62.57 59.51
C ARG F 96 36.19 62.70 60.02
N THR F 97 36.40 63.70 60.88
CA THR F 97 37.72 64.07 61.39
C THR F 97 38.41 62.90 62.08
N LEU F 98 39.72 62.82 61.88
CA LEU F 98 40.50 61.66 62.28
C LEU F 98 41.44 62.03 63.42
N TYR F 99 41.42 61.22 64.46
CA TYR F 99 42.38 61.33 65.54
C TYR F 99 43.46 60.29 65.37
N GLY F 100 44.69 60.63 65.74
CA GLY F 100 45.79 59.69 65.76
C GLY F 100 46.87 59.94 64.74
N PHE F 101 46.77 60.98 63.93
CA PHE F 101 47.79 61.26 62.93
C PHE F 101 48.22 62.71 62.91
N GLY F 102 47.51 63.59 63.61
CA GLY F 102 47.90 64.98 63.68
C GLY F 102 49.21 65.17 64.43
N GLY F 103 50.02 66.09 63.92
CA GLY F 103 51.34 66.32 64.46
C GLY F 103 52.41 65.51 63.75
N ALA G 28 44.71 117.71 40.11
CA ALA G 28 45.25 117.67 41.46
C ALA G 28 45.05 116.30 42.09
N ARG G 29 43.95 115.66 41.75
CA ARG G 29 43.63 114.34 42.28
C ARG G 29 42.87 113.56 41.22
N ALA G 30 43.05 112.24 41.22
CA ALA G 30 42.34 111.39 40.28
C ALA G 30 40.84 111.38 40.59
N LYS G 31 40.03 111.27 39.54
CA LYS G 31 38.59 111.25 39.72
C LYS G 31 38.18 109.92 40.35
N ALA G 32 37.15 109.97 41.18
CA ALA G 32 36.76 108.81 41.97
C ALA G 32 36.10 107.74 41.09
N LYS G 33 36.67 106.55 41.10
CA LYS G 33 36.24 105.47 40.22
C LYS G 33 36.45 104.17 40.97
N THR G 34 35.38 103.41 41.17
CA THR G 34 35.41 102.34 42.16
C THR G 34 36.12 101.10 41.65
N ARG G 35 36.50 100.25 42.60
CA ARG G 35 37.22 99.02 42.28
C ARG G 35 36.28 97.96 41.71
N SER G 36 34.99 98.02 42.04
CA SER G 36 34.06 97.07 41.45
C SER G 36 33.90 97.30 39.96
N SER G 37 33.94 98.57 39.55
CA SER G 37 33.97 98.90 38.13
C SER G 37 35.28 98.47 37.49
N ARG G 38 36.38 98.54 38.24
CA ARG G 38 37.66 98.03 37.75
C ARG G 38 37.58 96.53 37.51
N ALA G 39 36.92 95.81 38.41
CA ALA G 39 36.58 94.42 38.15
C ALA G 39 35.48 94.27 37.12
N GLY G 40 34.64 95.28 36.96
CA GLY G 40 33.47 95.13 36.14
C GLY G 40 32.42 94.25 36.76
N LEU G 41 32.39 94.17 38.10
CA LEU G 41 31.43 93.37 38.82
C LEU G 41 30.55 94.27 39.67
N GLN G 42 29.35 93.79 39.97
CA GLN G 42 28.38 94.58 40.71
C GLN G 42 28.56 94.47 42.22
N PHE G 43 29.05 93.33 42.72
CA PHE G 43 29.29 93.20 44.14
C PHE G 43 30.44 94.10 44.58
N PRO G 44 30.33 94.70 45.76
CA PRO G 44 31.30 95.72 46.19
C PRO G 44 32.65 95.10 46.54
N VAL G 45 33.70 95.56 45.87
CA VAL G 45 35.05 95.17 46.23
C VAL G 45 35.42 95.75 47.59
N GLY G 46 35.09 97.02 47.82
CA GLY G 46 35.49 97.67 49.05
C GLY G 46 34.82 97.10 50.28
N ARG G 47 33.52 96.79 50.18
CA ARG G 47 32.80 96.25 51.33
C ARG G 47 33.30 94.87 51.70
N VAL G 48 33.50 94.00 50.71
CA VAL G 48 34.01 92.65 50.99
C VAL G 48 35.44 92.72 51.51
N HIS G 49 36.23 93.64 50.97
CA HIS G 49 37.59 93.86 51.46
C HIS G 49 37.58 94.28 52.93
N ARG G 50 36.70 95.22 53.29
CA ARG G 50 36.60 95.67 54.67
C ARG G 50 36.10 94.56 55.59
N LEU G 51 35.14 93.76 55.11
CA LEU G 51 34.63 92.66 55.92
C LEU G 51 35.70 91.62 56.17
N LEU G 52 36.53 91.33 55.17
CA LEU G 52 37.61 90.38 55.38
C LEU G 52 38.68 90.95 56.29
N ARG G 53 38.93 92.27 56.20
CA ARG G 53 39.91 92.89 57.09
C ARG G 53 39.45 92.85 58.54
N LYS G 54 38.17 93.08 58.79
CA LYS G 54 37.64 92.96 60.15
C LYS G 54 36.98 91.60 60.43
N GLY G 55 37.02 90.67 59.49
CA GLY G 55 36.57 89.33 59.81
C GLY G 55 37.62 88.45 60.45
N ASN G 56 38.85 88.95 60.57
CA ASN G 56 39.96 88.30 61.27
C ASN G 56 40.25 86.91 60.71
N TYR G 57 40.44 86.83 59.40
CA TYR G 57 40.81 85.57 58.75
C TYR G 57 42.28 85.51 58.42
N SER G 58 42.92 86.66 58.24
CA SER G 58 44.36 86.75 58.14
C SER G 58 44.77 88.13 58.65
N GLU G 59 46.04 88.24 59.01
CA GLU G 59 46.54 89.54 59.44
C GLU G 59 46.69 90.51 58.27
N ARG G 60 47.03 90.00 57.09
CA ARG G 60 47.12 90.82 55.89
C ARG G 60 46.29 90.21 54.79
N VAL G 61 45.87 91.05 53.85
CA VAL G 61 44.95 90.65 52.80
C VAL G 61 45.53 91.05 51.44
N GLY G 62 45.49 90.12 50.48
CA GLY G 62 45.88 90.45 49.14
C GLY G 62 44.83 91.28 48.42
N ALA G 63 45.27 92.01 47.40
CA ALA G 63 44.36 92.91 46.70
C ALA G 63 43.37 92.15 45.83
N GLY G 64 43.84 91.12 45.13
CA GLY G 64 42.97 90.41 44.21
C GLY G 64 42.02 89.42 44.84
N ALA G 65 42.29 89.02 46.08
CA ALA G 65 41.45 88.03 46.75
C ALA G 65 40.01 88.49 46.96
N PRO G 66 39.71 89.70 47.48
CA PRO G 66 38.29 90.09 47.54
C PRO G 66 37.66 90.29 46.19
N VAL G 67 38.45 90.64 45.17
CA VAL G 67 37.91 90.74 43.82
C VAL G 67 37.46 89.37 43.34
N TYR G 68 38.30 88.35 43.58
CA TYR G 68 37.95 86.98 43.21
C TYR G 68 36.72 86.52 43.98
N LEU G 69 36.67 86.86 45.27
CA LEU G 69 35.55 86.43 46.10
C LEU G 69 34.25 87.08 45.67
N ALA G 70 34.30 88.36 45.34
CA ALA G 70 33.11 89.04 44.82
C ALA G 70 32.69 88.45 43.49
N ALA G 71 33.65 88.07 42.66
CA ALA G 71 33.33 87.46 41.38
C ALA G 71 32.61 86.14 41.54
N VAL G 72 33.11 85.26 42.41
CA VAL G 72 32.48 83.95 42.57
C VAL G 72 31.12 84.09 43.25
N LEU G 73 30.99 85.04 44.19
CA LEU G 73 29.69 85.32 44.77
C LEU G 73 28.70 85.81 43.73
N GLU G 74 29.14 86.69 42.83
CA GLU G 74 28.21 87.24 41.86
C GLU G 74 27.81 86.19 40.83
N TYR G 75 28.72 85.27 40.50
CA TYR G 75 28.36 84.17 39.60
C TYR G 75 27.33 83.25 40.25
N LEU G 76 27.53 82.91 41.52
CA LEU G 76 26.58 82.05 42.23
C LEU G 76 25.21 82.70 42.34
N THR G 77 25.17 83.96 42.78
CA THR G 77 23.92 84.66 42.88
C THR G 77 23.27 84.84 41.51
N ALA G 78 24.09 85.04 40.47
CA ALA G 78 23.55 85.15 39.13
C ALA G 78 22.80 83.90 38.73
N GLU G 79 23.47 82.74 38.83
CA GLU G 79 22.86 81.50 38.33
C GLU G 79 21.65 81.11 39.18
N ILE G 80 21.69 81.38 40.48
CA ILE G 80 20.52 81.07 41.28
C ILE G 80 19.40 82.06 40.95
N LEU G 81 19.75 83.25 40.44
CA LEU G 81 18.69 84.15 40.00
C LEU G 81 18.04 83.71 38.69
N GLU G 82 18.80 83.19 37.72
CA GLU G 82 18.09 82.65 36.55
C GLU G 82 17.25 81.44 36.94
N LEU G 83 17.76 80.61 37.85
CA LEU G 83 16.97 79.46 38.30
C LEU G 83 15.67 79.91 38.97
N ALA G 84 15.75 80.93 39.82
CA ALA G 84 14.54 81.47 40.43
C ALA G 84 13.64 82.12 39.38
N GLY G 85 14.23 82.79 38.39
CA GLY G 85 13.43 83.50 37.42
C GLY G 85 12.63 82.58 36.52
N ASN G 86 13.25 81.53 36.01
CA ASN G 86 12.49 80.63 35.14
C ASN G 86 11.56 79.73 35.95
N ALA G 87 11.93 79.40 37.20
CA ALA G 87 10.98 78.69 38.05
C ALA G 87 9.75 79.56 38.35
N ALA G 88 9.96 80.86 38.56
CA ALA G 88 8.84 81.77 38.77
C ALA G 88 8.02 81.93 37.50
N ARG G 89 8.69 81.98 36.36
CA ARG G 89 8.00 82.14 35.08
C ARG G 89 7.16 80.92 34.77
N ASP G 90 7.59 79.74 35.23
CA ASP G 90 6.75 78.56 35.13
C ASP G 90 5.50 78.69 35.98
N ASN G 91 5.57 79.44 37.08
CA ASN G 91 4.39 79.73 37.88
C ASN G 91 3.70 81.03 37.49
N LYS G 92 4.17 81.67 36.41
CA LYS G 92 3.57 82.89 35.86
C LYS G 92 3.51 84.03 36.87
N LYS G 93 4.53 84.15 37.72
CA LYS G 93 4.65 85.26 38.65
C LYS G 93 5.94 86.01 38.37
N THR G 94 5.84 87.33 38.22
CA THR G 94 7.03 88.09 37.86
C THR G 94 7.96 88.34 39.05
N ARG G 95 7.49 88.12 40.27
CA ARG G 95 8.31 88.34 41.45
C ARG G 95 8.67 86.99 42.06
N ILE G 96 9.93 86.82 42.43
CA ILE G 96 10.41 85.53 42.90
C ILE G 96 9.89 85.28 44.31
N ILE G 97 9.68 84.00 44.61
CA ILE G 97 9.06 83.55 45.85
C ILE G 97 10.06 82.65 46.56
N PRO G 98 10.06 82.59 47.89
CA PRO G 98 10.83 81.56 48.59
C PRO G 98 10.47 80.14 48.18
N ARG G 99 9.22 79.89 47.80
CA ARG G 99 8.88 78.61 47.19
C ARG G 99 9.63 78.39 45.89
N HIS G 100 9.74 79.43 45.06
CA HIS G 100 10.53 79.33 43.83
C HIS G 100 12.01 79.10 44.14
N LEU G 101 12.53 79.75 45.18
CA LEU G 101 13.92 79.54 45.56
C LEU G 101 14.17 78.10 46.00
N GLN G 102 13.23 77.54 46.77
CA GLN G 102 13.37 76.17 47.22
C GLN G 102 13.26 75.20 46.05
N LEU G 103 12.36 75.48 45.11
CA LEU G 103 12.24 74.65 43.92
C LEU G 103 13.51 74.72 43.07
N ALA G 104 14.13 75.90 43.03
CA ALA G 104 15.38 76.04 42.29
C ALA G 104 16.50 75.24 42.93
N ILE G 105 16.66 75.35 44.25
CA ILE G 105 17.81 74.73 44.90
C ILE G 105 17.63 73.21 44.98
N ARG G 106 16.39 72.73 45.13
CA ARG G 106 16.21 71.29 45.27
C ARG G 106 16.24 70.56 43.95
N ASN G 107 15.96 71.25 42.85
CA ASN G 107 15.98 70.58 41.54
C ASN G 107 17.34 70.65 40.86
N ASP G 108 18.34 71.26 41.50
CA ASP G 108 19.72 71.21 41.02
C ASP G 108 20.53 70.31 41.92
N GLU G 109 21.28 69.38 41.33
CA GLU G 109 22.03 68.42 42.13
C GLU G 109 23.20 69.08 42.84
N GLU G 110 23.99 69.89 42.12
CA GLU G 110 25.17 70.48 42.73
C GLU G 110 24.81 71.57 43.73
N LEU G 111 23.71 72.30 43.50
CA LEU G 111 23.30 73.26 44.51
C LEU G 111 22.71 72.57 45.73
N ASN G 112 22.10 71.40 45.54
CA ASN G 112 21.63 70.62 46.67
C ASN G 112 22.84 70.15 47.48
N LYS G 113 23.90 69.73 46.80
CA LYS G 113 25.13 69.34 47.50
C LYS G 113 25.75 70.54 48.20
N LEU G 114 25.63 71.73 47.61
CA LEU G 114 26.04 72.95 48.30
C LEU G 114 25.15 73.24 49.49
N LEU G 115 23.84 73.04 49.35
CA LEU G 115 22.85 73.51 50.31
C LEU G 115 22.03 72.37 50.91
N GLY G 116 22.70 71.28 51.28
CA GLY G 116 21.98 70.14 51.84
C GLY G 116 21.42 70.41 53.22
N ARG G 117 22.18 71.08 54.07
CA ARG G 117 21.85 71.20 55.48
C ARG G 117 21.25 72.55 55.84
N VAL G 118 20.72 73.28 54.85
CA VAL G 118 20.06 74.55 55.09
C VAL G 118 18.60 74.42 54.63
N THR G 119 17.69 75.05 55.38
CA THR G 119 16.28 75.07 55.02
C THR G 119 15.86 76.52 54.82
N ILE G 120 15.06 76.76 53.77
CA ILE G 120 14.59 78.08 53.40
C ILE G 120 13.28 78.34 54.12
N ALA G 121 13.12 79.54 54.69
CA ALA G 121 11.87 79.92 55.32
C ALA G 121 10.74 79.99 54.30
N GLN G 122 9.61 79.34 54.65
CA GLN G 122 8.49 79.10 53.73
C GLN G 122 8.93 78.40 52.46
N GLY G 123 9.89 77.49 52.56
CA GLY G 123 10.42 76.82 51.40
C GLY G 123 9.57 75.68 50.93
N GLY G 124 8.99 74.94 51.87
CA GLY G 124 8.22 73.79 51.46
C GLY G 124 9.11 72.65 51.01
N VAL G 125 8.49 71.71 50.31
CA VAL G 125 9.14 70.48 49.88
C VAL G 125 8.84 70.29 48.41
N LEU G 126 9.67 69.49 47.74
CA LEU G 126 9.43 69.14 46.35
C LEU G 126 8.14 68.34 46.23
N PRO G 127 7.42 68.48 45.12
CA PRO G 127 6.28 67.59 44.86
C PRO G 127 6.80 66.19 44.62
N ASN G 128 6.61 65.31 45.61
CA ASN G 128 7.25 64.01 45.58
C ASN G 128 6.37 63.01 46.31
N ILE G 129 5.88 62.03 45.57
CA ILE G 129 5.14 60.91 46.14
C ILE G 129 5.90 59.63 45.81
N GLN G 130 5.93 58.70 46.75
CA GLN G 130 6.55 57.41 46.47
C GLN G 130 5.64 56.60 45.56
N ALA G 131 6.25 55.82 44.67
CA ALA G 131 5.50 55.10 43.65
C ALA G 131 4.60 54.03 44.26
N VAL G 132 5.03 53.42 45.37
CA VAL G 132 4.19 52.43 46.03
C VAL G 132 2.98 53.07 46.71
N LEU G 133 3.04 54.37 46.98
CA LEU G 133 1.90 55.05 47.60
C LEU G 133 0.79 55.34 46.61
N LEU G 134 1.08 55.33 45.33
CA LEU G 134 0.04 55.52 44.33
C LEU G 134 -0.84 54.27 44.22
N PRO G 135 -2.10 54.43 43.83
CA PRO G 135 -2.98 53.27 43.67
C PRO G 135 -2.56 52.40 42.50
N LYS G 136 -3.10 51.18 42.49
CA LYS G 136 -2.77 50.10 41.55
C LYS G 136 -1.27 49.80 41.55
N LYS H 31 16.15 109.74 64.54
CA LYS H 31 17.56 109.41 64.36
C LYS H 31 17.76 107.90 64.46
N ARG H 32 18.50 107.35 63.51
CA ARG H 32 18.65 105.90 63.37
C ARG H 32 20.11 105.57 63.07
N SER H 33 20.42 104.28 63.18
CA SER H 33 21.72 103.74 62.78
C SER H 33 21.49 102.67 61.72
N ARG H 34 22.39 102.60 60.73
CA ARG H 34 22.19 101.73 59.59
C ARG H 34 22.39 100.27 59.96
N LYS H 35 21.71 99.39 59.23
CA LYS H 35 22.08 98.00 59.10
C LYS H 35 22.35 97.72 57.63
N GLU H 36 23.54 97.25 57.31
CA GLU H 36 23.91 97.08 55.91
C GLU H 36 23.27 95.81 55.36
N SER H 37 23.19 95.74 54.03
CA SER H 37 22.51 94.65 53.37
C SER H 37 23.05 94.52 51.96
N TYR H 38 22.62 93.45 51.28
CA TYR H 38 22.99 93.19 49.91
C TYR H 38 21.83 93.34 48.94
N SER H 39 20.77 94.04 49.35
CA SER H 39 19.56 94.12 48.54
C SER H 39 19.80 94.88 47.24
N VAL H 40 20.60 95.94 47.30
CA VAL H 40 20.85 96.74 46.12
C VAL H 40 21.63 95.94 45.08
N TYR H 41 22.64 95.18 45.48
CA TYR H 41 23.48 94.50 44.51
C TYR H 41 22.75 93.33 43.88
N VAL H 42 22.02 92.57 44.70
CA VAL H 42 21.25 91.45 44.18
C VAL H 42 20.13 91.95 43.28
N TYR H 43 19.55 93.10 43.63
CA TYR H 43 18.54 93.70 42.77
C TYR H 43 19.13 94.10 41.42
N LYS H 44 20.33 94.71 41.43
CA LYS H 44 20.99 95.06 40.17
C LYS H 44 21.29 93.84 39.33
N VAL H 45 21.93 92.82 39.91
CA VAL H 45 22.32 91.65 39.12
C VAL H 45 21.10 90.89 38.65
N LEU H 46 19.99 90.98 39.41
CA LEU H 46 18.71 90.49 38.93
C LEU H 46 18.27 91.24 37.69
N LYS H 47 18.47 92.56 37.67
CA LYS H 47 18.12 93.33 36.49
C LYS H 47 18.98 92.99 35.27
N GLN H 48 20.30 92.77 35.43
CA GLN H 48 21.04 92.34 34.24
C GLN H 48 20.65 90.93 33.82
N VAL H 49 20.32 90.05 34.75
CA VAL H 49 20.00 88.71 34.29
C VAL H 49 18.55 88.64 33.82
N HIS H 50 17.69 89.51 34.36
CA HIS H 50 16.27 89.53 34.03
C HIS H 50 15.73 90.94 34.27
N PRO H 51 15.68 91.77 33.23
CA PRO H 51 15.12 93.12 33.42
C PRO H 51 13.66 93.14 33.83
N ASP H 52 12.91 92.10 33.49
CA ASP H 52 11.47 92.10 33.60
C ASP H 52 10.91 91.35 34.81
N THR H 53 11.76 90.89 35.73
CA THR H 53 11.28 90.12 36.86
C THR H 53 11.40 90.91 38.16
N GLY H 54 10.50 90.62 39.09
CA GLY H 54 10.49 91.25 40.39
C GLY H 54 11.13 90.39 41.47
N ILE H 55 10.94 90.83 42.71
CA ILE H 55 11.51 90.17 43.88
C ILE H 55 10.63 90.47 45.08
N SER H 56 10.48 89.49 45.96
CA SER H 56 9.87 89.76 47.26
C SER H 56 10.98 90.04 48.28
N SER H 57 10.63 90.82 49.31
CA SER H 57 11.65 91.26 50.27
C SER H 57 12.11 90.13 51.16
N LYS H 58 11.21 89.20 51.50
CA LYS H 58 11.62 88.05 52.29
C LYS H 58 12.53 87.11 51.48
N ALA H 59 12.30 87.02 50.17
CA ALA H 59 13.25 86.32 49.32
C ALA H 59 14.59 87.05 49.29
N MET H 60 14.58 88.38 49.39
CA MET H 60 15.83 89.09 49.46
C MET H 60 16.52 88.86 50.80
N GLY H 61 15.76 88.67 51.87
CA GLY H 61 16.36 88.26 53.13
C GLY H 61 17.00 86.90 53.04
N ILE H 62 16.36 85.98 52.29
CA ILE H 62 16.95 84.67 52.02
C ILE H 62 18.26 84.81 51.26
N MET H 63 18.29 85.70 50.25
CA MET H 63 19.53 85.96 49.52
C MET H 63 20.59 86.61 50.40
N ASN H 64 20.19 87.49 51.32
CA ASN H 64 21.14 88.08 52.25
C ASN H 64 21.81 87.01 53.10
N SER H 65 21.00 86.09 53.64
CA SER H 65 21.53 84.97 54.40
C SER H 65 22.40 84.07 53.54
N PHE H 66 22.01 83.87 52.29
CA PHE H 66 22.78 83.07 51.35
C PHE H 66 24.17 83.65 51.11
N VAL H 67 24.25 84.93 50.79
CA VAL H 67 25.53 85.53 50.45
C VAL H 67 26.40 85.62 51.70
N ASN H 68 25.82 85.97 52.84
CA ASN H 68 26.61 86.02 54.06
C ASN H 68 27.11 84.65 54.47
N ASP H 69 26.29 83.61 54.28
CA ASP H 69 26.69 82.25 54.65
C ASP H 69 27.80 81.73 53.75
N ILE H 70 27.67 81.92 52.44
CA ILE H 70 28.72 81.46 51.54
C ILE H 70 29.99 82.27 51.75
N PHE H 71 29.85 83.58 51.99
CA PHE H 71 31.01 84.42 52.24
C PHE H 71 31.76 83.99 53.50
N GLU H 72 31.02 83.65 54.56
CA GLU H 72 31.69 83.20 55.78
C GLU H 72 32.32 81.84 55.60
N ARG H 73 31.69 80.95 54.80
CA ARG H 73 32.29 79.65 54.54
C ARG H 73 33.62 79.79 53.81
N ILE H 74 33.63 80.58 52.72
CA ILE H 74 34.85 80.79 51.96
C ILE H 74 35.91 81.50 52.80
N ALA H 75 35.49 82.46 53.61
CA ALA H 75 36.44 83.20 54.43
C ALA H 75 37.07 82.32 55.50
N GLY H 76 36.27 81.48 56.16
CA GLY H 76 36.81 80.58 57.17
C GLY H 76 37.71 79.50 56.58
N GLU H 77 37.31 78.95 55.43
CA GLU H 77 38.17 77.97 54.77
C GLU H 77 39.46 78.62 54.27
N ALA H 78 39.38 79.87 53.82
CA ALA H 78 40.56 80.61 53.43
C ALA H 78 41.48 80.84 54.62
N SER H 79 40.90 81.12 55.79
CA SER H 79 41.70 81.28 57.00
C SER H 79 42.40 79.97 57.36
N ARG H 80 41.71 78.83 57.22
CA ARG H 80 42.36 77.56 57.52
C ARG H 80 43.47 77.23 56.52
N LEU H 81 43.25 77.48 55.24
CA LEU H 81 44.30 77.29 54.24
C LEU H 81 45.49 78.21 54.49
N ALA H 82 45.25 79.45 54.89
CA ALA H 82 46.37 80.33 55.22
C ALA H 82 47.08 79.84 56.47
N HIS H 83 46.34 79.21 57.38
CA HIS H 83 46.93 78.72 58.62
C HIS H 83 47.79 77.49 58.38
N TYR H 84 47.41 76.65 57.42
CA TYR H 84 48.10 75.37 57.24
C TYR H 84 49.53 75.57 56.72
N ASN H 85 49.70 76.45 55.75
CA ASN H 85 51.02 76.69 55.18
C ASN H 85 51.74 77.87 55.82
N LYS H 86 51.27 78.31 56.99
CA LYS H 86 51.88 79.39 57.77
C LYS H 86 51.94 80.70 56.98
N ARG H 87 50.90 80.99 56.22
CA ARG H 87 50.80 82.27 55.54
C ARG H 87 49.93 83.23 56.34
N SER H 88 50.48 84.41 56.63
CA SER H 88 49.74 85.45 57.32
C SER H 88 48.97 86.36 56.38
N THR H 89 49.20 86.24 55.08
CA THR H 89 48.53 87.04 54.07
C THR H 89 47.52 86.14 53.36
N ILE H 90 46.31 86.64 53.17
CA ILE H 90 45.31 85.90 52.40
C ILE H 90 45.39 86.38 50.96
N THR H 91 45.50 85.44 50.03
CA THR H 91 45.67 85.73 48.61
C THR H 91 44.58 85.05 47.81
N SER H 92 44.44 85.48 46.57
CA SER H 92 43.42 84.94 45.68
C SER H 92 43.66 83.49 45.35
N ARG H 93 44.89 83.00 45.46
CA ARG H 93 45.20 81.63 45.11
C ARG H 93 44.50 80.65 46.05
N GLU H 94 44.56 80.89 47.35
CA GLU H 94 43.85 79.99 48.26
C GLU H 94 42.37 80.26 48.28
N ILE H 95 41.94 81.44 47.85
CA ILE H 95 40.51 81.65 47.65
C ILE H 95 40.01 80.72 46.54
N GLN H 96 40.78 80.66 45.46
CA GLN H 96 40.51 79.77 44.33
C GLN H 96 40.58 78.31 44.76
N THR H 97 41.53 77.99 45.65
CA THR H 97 41.61 76.67 46.24
C THR H 97 40.36 76.33 47.03
N ALA H 98 39.85 77.27 47.81
CA ALA H 98 38.65 77.02 48.59
C ALA H 98 37.42 76.89 47.69
N VAL H 99 37.42 77.61 46.57
CA VAL H 99 36.33 77.46 45.60
C VAL H 99 36.29 76.05 45.05
N ARG H 100 37.46 75.49 44.70
CA ARG H 100 37.45 74.07 44.35
C ARG H 100 37.07 73.20 45.53
N LEU H 101 37.42 73.64 46.74
CA LEU H 101 37.23 72.81 47.92
C LEU H 101 35.76 72.63 48.25
N LEU H 102 34.97 73.70 48.20
CA LEU H 102 33.57 73.62 48.61
C LEU H 102 32.66 73.34 47.45
N LEU H 103 32.76 74.14 46.40
CA LEU H 103 31.83 74.04 45.28
C LEU H 103 32.15 72.78 44.47
N PRO H 104 31.16 71.94 44.19
CA PRO H 104 31.45 70.70 43.46
C PRO H 104 31.52 70.92 41.95
N GLY H 105 32.63 70.47 41.35
CA GLY H 105 32.75 70.25 39.93
C GLY H 105 32.46 71.41 39.00
N GLU H 106 31.30 71.31 38.32
CA GLU H 106 30.87 72.28 37.33
C GLU H 106 30.78 73.69 37.89
N LEU H 107 30.17 73.84 39.07
CA LEU H 107 30.12 75.13 39.73
C LEU H 107 31.51 75.64 40.03
N ALA H 108 32.39 74.73 40.45
CA ALA H 108 33.77 75.10 40.75
C ALA H 108 34.52 75.55 39.51
N LYS H 109 34.44 74.80 38.42
CA LYS H 109 35.25 75.16 37.25
C LYS H 109 34.77 76.45 36.60
N HIS H 110 33.45 76.62 36.49
CA HIS H 110 32.97 77.87 35.93
C HIS H 110 33.23 79.05 36.86
N ALA H 111 33.07 78.87 38.17
CA ALA H 111 33.34 79.95 39.11
C ALA H 111 34.80 80.36 39.09
N VAL H 112 35.70 79.37 39.00
CA VAL H 112 37.12 79.65 38.86
C VAL H 112 37.36 80.43 37.57
N SER H 113 36.64 80.09 36.51
CA SER H 113 36.79 80.80 35.24
C SER H 113 36.40 82.28 35.37
N GLU H 114 35.23 82.56 35.95
CA GLU H 114 34.81 83.97 36.04
C GLU H 114 35.71 84.75 37.00
N GLY H 115 36.10 84.13 38.11
CA GLY H 115 37.00 84.83 39.02
C GLY H 115 38.36 85.07 38.42
N THR H 116 38.84 84.13 37.61
CA THR H 116 40.13 84.29 36.94
C THR H 116 40.08 85.42 35.94
N LYS H 117 39.05 85.48 35.10
CA LYS H 117 38.99 86.56 34.13
C LYS H 117 38.77 87.89 34.84
N ALA H 118 38.01 87.88 35.94
CA ALA H 118 37.78 89.10 36.71
C ALA H 118 39.08 89.63 37.31
N VAL H 119 39.91 88.74 37.84
CA VAL H 119 41.15 89.22 38.43
C VAL H 119 42.13 89.62 37.34
N THR H 120 41.98 89.08 36.13
CA THR H 120 42.78 89.61 35.02
C THR H 120 42.40 91.05 34.68
N LYS H 121 41.10 91.36 34.62
CA LYS H 121 40.73 92.77 34.42
C LYS H 121 41.19 93.64 35.58
N TYR H 122 41.11 93.13 36.81
CA TYR H 122 41.55 93.93 37.95
C TYR H 122 43.06 94.14 37.92
N THR H 123 43.80 93.15 37.41
CA THR H 123 45.24 93.29 37.25
C THR H 123 45.58 94.33 36.19
N SER H 124 44.83 94.31 35.08
CA SER H 124 45.03 95.31 34.04
C SER H 124 44.57 96.70 34.47
N ALA H 125 43.67 96.78 35.44
CA ALA H 125 43.21 98.07 35.96
C ALA H 125 44.28 98.69 36.84
N LYS I 38 -26.41 -31.84 72.79
CA LYS I 38 -27.43 -32.46 71.94
C LYS I 38 -27.60 -33.93 72.28
N PRO I 39 -28.86 -34.36 72.46
CA PRO I 39 -29.11 -35.78 72.74
C PRO I 39 -28.85 -36.63 71.50
N HIS I 40 -28.66 -37.92 71.76
CA HIS I 40 -28.28 -38.84 70.69
C HIS I 40 -29.46 -39.14 69.78
N ARG I 41 -29.17 -39.38 68.51
CA ARG I 41 -30.20 -39.72 67.52
C ARG I 41 -29.56 -40.51 66.39
N TYR I 42 -30.12 -41.68 66.07
CA TYR I 42 -29.69 -42.42 64.89
C TYR I 42 -30.33 -41.85 63.63
N ARG I 43 -29.66 -42.08 62.50
CA ARG I 43 -30.15 -41.72 61.18
C ARG I 43 -31.31 -42.62 60.78
N PRO I 44 -32.22 -42.14 59.92
CA PRO I 44 -33.38 -42.93 59.53
C PRO I 44 -33.00 -44.21 58.80
N GLY I 45 -33.80 -45.26 59.02
CA GLY I 45 -33.57 -46.55 58.41
C GLY I 45 -32.73 -47.50 59.24
N THR I 46 -31.74 -46.98 59.96
CA THR I 46 -30.90 -47.83 60.80
C THR I 46 -31.67 -48.40 61.98
N VAL I 47 -32.49 -47.54 62.63
CA VAL I 47 -33.43 -48.02 63.63
C VAL I 47 -34.43 -48.96 62.99
N ALA I 48 -34.89 -48.63 61.78
CA ALA I 48 -35.82 -49.49 61.06
C ALA I 48 -35.18 -50.84 60.72
N LEU I 49 -33.91 -50.84 60.31
CA LEU I 49 -33.24 -52.09 59.99
C LEU I 49 -32.99 -52.92 61.25
N ARG I 50 -32.72 -52.25 62.37
CA ARG I 50 -32.60 -52.96 63.64
C ARG I 50 -33.94 -53.57 64.04
N GLU I 51 -35.04 -52.87 63.77
CA GLU I 51 -36.36 -53.44 63.97
C GLU I 51 -36.59 -54.64 63.06
N ILE I 52 -36.08 -54.59 61.83
CA ILE I 52 -36.20 -55.73 60.91
C ILE I 52 -35.49 -56.94 61.49
N ARG I 53 -34.25 -56.77 61.93
CA ARG I 53 -33.50 -57.88 62.53
C ARG I 53 -34.18 -58.39 63.79
N ARG I 54 -34.66 -57.47 64.63
CA ARG I 54 -35.28 -57.83 65.90
C ARG I 54 -36.56 -58.62 65.68
N TYR I 55 -37.48 -58.09 64.88
CA TYR I 55 -38.79 -58.70 64.72
C TYR I 55 -38.77 -59.90 63.80
N GLN I 56 -37.86 -59.94 62.83
CA GLN I 56 -37.71 -61.12 62.00
C GLN I 56 -37.01 -62.24 62.75
N LYS I 57 -36.10 -61.91 63.67
CA LYS I 57 -35.58 -62.90 64.60
C LYS I 57 -36.66 -63.40 65.54
N SER I 58 -37.58 -62.51 65.93
CA SER I 58 -38.64 -62.85 66.86
C SER I 58 -39.65 -63.80 66.22
N THR I 59 -40.38 -64.53 67.08
CA THR I 59 -41.34 -65.51 66.63
C THR I 59 -42.74 -65.25 67.16
N GLU I 60 -42.91 -64.27 68.04
CA GLU I 60 -44.16 -64.12 68.78
C GLU I 60 -45.25 -63.54 67.89
N LEU I 61 -46.48 -63.66 68.37
CA LEU I 61 -47.62 -63.01 67.75
C LEU I 61 -47.45 -61.50 67.83
N LEU I 62 -47.72 -60.82 66.71
CA LEU I 62 -47.24 -59.46 66.55
C LEU I 62 -48.33 -58.41 66.63
N ILE I 63 -49.55 -58.71 66.22
CA ILE I 63 -50.66 -57.77 66.34
C ILE I 63 -51.33 -57.97 67.69
N ARG I 64 -52.01 -56.92 68.16
CA ARG I 64 -52.72 -56.99 69.42
C ARG I 64 -53.91 -57.95 69.31
N LYS I 65 -54.12 -58.73 70.37
CA LYS I 65 -55.10 -59.83 70.31
C LYS I 65 -56.53 -59.32 70.33
N LEU I 66 -56.87 -58.53 71.36
CA LEU I 66 -58.27 -58.13 71.57
C LEU I 66 -58.86 -57.26 70.45
N PRO I 67 -58.21 -56.20 69.95
CA PRO I 67 -58.85 -55.44 68.87
C PRO I 67 -58.99 -56.23 67.58
N PHE I 68 -58.03 -57.08 67.25
CA PHE I 68 -58.17 -57.92 66.07
C PHE I 68 -59.30 -58.93 66.24
N GLN I 69 -59.44 -59.47 67.45
CA GLN I 69 -60.52 -60.40 67.75
C GLN I 69 -61.87 -59.70 67.63
N ARG I 70 -61.94 -58.45 68.11
CA ARG I 70 -63.13 -57.62 67.97
C ARG I 70 -63.43 -57.35 66.50
N LEU I 71 -62.39 -57.12 65.69
CA LEU I 71 -62.56 -56.91 64.26
C LEU I 71 -63.09 -58.15 63.56
N VAL I 72 -62.61 -59.34 63.97
CA VAL I 72 -63.11 -60.58 63.37
C VAL I 72 -64.58 -60.76 63.72
N ARG I 73 -64.97 -60.44 64.97
CA ARG I 73 -66.39 -60.41 65.30
C ARG I 73 -67.15 -59.39 64.46
N GLU I 74 -66.56 -58.21 64.27
CA GLU I 74 -67.20 -57.11 63.55
C GLU I 74 -67.55 -57.51 62.13
N ILE I 75 -66.60 -58.16 61.45
CA ILE I 75 -66.88 -58.69 60.13
C ILE I 75 -67.87 -59.86 60.25
N ALA I 76 -67.83 -60.57 61.38
CA ALA I 76 -68.59 -61.80 61.50
C ALA I 76 -70.10 -61.59 61.66
N GLN I 77 -70.55 -60.46 62.23
CA GLN I 77 -72.00 -60.32 62.38
C GLN I 77 -72.70 -60.21 61.04
N ASP I 78 -72.02 -59.65 60.03
CA ASP I 78 -72.64 -59.30 58.77
C ASP I 78 -73.14 -60.51 58.00
N PHE I 79 -72.44 -61.64 58.08
CA PHE I 79 -72.84 -62.83 57.33
C PHE I 79 -73.73 -63.76 58.16
N LYS I 80 -73.49 -63.85 59.47
CA LYS I 80 -74.38 -64.61 60.33
C LYS I 80 -74.33 -64.00 61.73
N THR I 81 -75.51 -63.74 62.30
CA THR I 81 -75.65 -63.12 63.60
C THR I 81 -75.34 -64.12 64.71
N ASP I 82 -74.80 -63.60 65.82
CA ASP I 82 -74.54 -64.33 67.07
C ASP I 82 -73.50 -65.42 66.92
N LEU I 83 -72.43 -65.16 66.19
CA LEU I 83 -71.37 -66.14 66.02
C LEU I 83 -70.39 -66.08 67.20
N ARG I 84 -70.00 -67.26 67.69
CA ARG I 84 -69.05 -67.35 68.80
C ARG I 84 -67.76 -68.01 68.34
N PHE I 85 -66.69 -67.67 69.05
CA PHE I 85 -65.33 -68.05 68.69
C PHE I 85 -64.69 -68.82 69.82
N GLN I 86 -64.02 -69.92 69.50
CA GLN I 86 -63.01 -70.43 70.42
C GLN I 86 -61.70 -69.69 70.17
N SER I 87 -60.89 -69.57 71.22
CA SER I 87 -59.74 -68.67 71.19
C SER I 87 -58.68 -69.14 70.18
N SER I 88 -58.44 -70.45 70.12
CA SER I 88 -57.44 -70.98 69.21
C SER I 88 -57.79 -70.73 67.75
N ALA I 89 -59.08 -70.69 67.43
CA ALA I 89 -59.50 -70.26 66.09
C ALA I 89 -59.10 -68.81 65.84
N VAL I 90 -59.20 -67.96 66.87
CA VAL I 90 -58.84 -66.56 66.70
C VAL I 90 -57.34 -66.41 66.50
N MET I 91 -56.52 -67.16 67.25
CA MET I 91 -55.08 -67.13 66.98
C MET I 91 -54.75 -67.72 65.62
N ALA I 92 -55.52 -68.69 65.16
CA ALA I 92 -55.29 -69.24 63.82
C ALA I 92 -55.58 -68.21 62.74
N LEU I 93 -56.70 -67.48 62.86
CA LEU I 93 -56.97 -66.37 61.95
C LEU I 93 -55.94 -65.27 62.07
N GLN I 94 -55.45 -65.02 63.30
CA GLN I 94 -54.39 -64.06 63.53
C GLN I 94 -53.13 -64.40 62.75
N GLU I 95 -52.67 -65.64 62.87
CA GLU I 95 -51.46 -66.06 62.19
C GLU I 95 -51.68 -66.12 60.67
N ALA I 96 -52.90 -66.51 60.25
CA ALA I 96 -53.21 -66.53 58.83
C ALA I 96 -53.15 -65.13 58.22
N SER I 97 -53.75 -64.16 58.91
CA SER I 97 -53.71 -62.78 58.44
C SER I 97 -52.30 -62.25 58.41
N GLU I 98 -51.52 -62.54 59.47
CA GLU I 98 -50.15 -62.07 59.51
C GLU I 98 -49.30 -62.71 58.41
N ALA I 99 -49.54 -63.99 58.12
CA ALA I 99 -48.79 -64.68 57.08
C ALA I 99 -49.11 -64.13 55.70
N TYR I 100 -50.40 -63.94 55.42
CA TYR I 100 -50.82 -63.38 54.13
C TYR I 100 -50.26 -61.98 53.94
N LEU I 101 -50.35 -61.15 54.99
CA LEU I 101 -49.79 -59.81 54.92
C LEU I 101 -48.28 -59.83 54.72
N VAL I 102 -47.54 -60.64 55.51
CA VAL I 102 -46.09 -60.56 55.43
C VAL I 102 -45.60 -61.04 54.07
N GLY I 103 -46.26 -62.07 53.51
CA GLY I 103 -45.93 -62.50 52.16
C GLY I 103 -46.17 -61.42 51.13
N LEU I 104 -47.30 -60.70 51.25
CA LEU I 104 -47.52 -59.55 50.39
C LEU I 104 -46.43 -58.49 50.57
N PHE I 105 -45.88 -58.35 51.76
CA PHE I 105 -44.83 -57.35 51.94
C PHE I 105 -43.47 -57.78 51.37
N GLU I 106 -43.11 -59.08 51.36
CA GLU I 106 -41.90 -59.40 50.58
C GLU I 106 -42.19 -59.22 49.08
N ASP I 107 -43.44 -59.44 48.67
CA ASP I 107 -43.81 -59.20 47.29
C ASP I 107 -43.65 -57.73 46.91
N THR I 108 -44.10 -56.83 47.77
CA THR I 108 -43.96 -55.41 47.51
C THR I 108 -42.54 -54.93 47.68
N ASN I 109 -41.74 -55.60 48.51
CA ASN I 109 -40.31 -55.29 48.54
C ASN I 109 -39.64 -55.64 47.22
N LEU I 110 -40.00 -56.79 46.64
CA LEU I 110 -39.53 -57.11 45.30
C LEU I 110 -39.98 -56.07 44.29
N ALA I 111 -41.22 -55.60 44.42
CA ALA I 111 -41.72 -54.56 43.54
C ALA I 111 -40.97 -53.24 43.72
N ALA I 112 -40.65 -52.88 44.96
CA ALA I 112 -39.98 -51.62 45.23
C ALA I 112 -38.54 -51.64 44.73
N ILE I 113 -37.85 -52.76 44.92
CA ILE I 113 -36.54 -52.94 44.31
C ILE I 113 -36.66 -52.89 42.79
N HIS I 114 -37.75 -53.44 42.26
CA HIS I 114 -37.95 -53.50 40.82
C HIS I 114 -38.06 -52.10 40.23
N ALA I 115 -38.75 -51.20 40.92
CA ALA I 115 -38.91 -49.82 40.50
C ALA I 115 -37.81 -48.91 41.02
N LYS I 116 -36.66 -49.47 41.43
CA LYS I 116 -35.49 -48.74 41.93
C LYS I 116 -35.81 -47.89 43.15
N ARG I 117 -36.77 -48.30 43.96
CA ARG I 117 -37.20 -47.51 45.10
C ARG I 117 -36.96 -48.26 46.41
N VAL I 118 -37.01 -47.51 47.51
CA VAL I 118 -37.06 -48.07 48.85
C VAL I 118 -38.41 -47.91 49.49
N THR I 119 -39.30 -47.11 48.89
CA THR I 119 -40.65 -46.91 49.40
C THR I 119 -41.60 -47.76 48.57
N ILE I 120 -42.56 -48.40 49.23
CA ILE I 120 -43.66 -48.98 48.48
C ILE I 120 -44.81 -48.00 48.42
N MET I 121 -45.55 -48.03 47.33
CA MET I 121 -46.71 -47.19 47.08
C MET I 121 -47.87 -48.11 46.73
N PRO I 122 -49.13 -47.67 46.90
CA PRO I 122 -50.26 -48.62 46.78
C PRO I 122 -50.38 -49.32 45.43
N LYS I 123 -49.81 -48.76 44.37
CA LYS I 123 -49.78 -49.49 43.10
C LYS I 123 -48.85 -50.70 43.16
N ASP I 124 -47.83 -50.67 44.02
CA ASP I 124 -46.99 -51.85 44.22
C ASP I 124 -47.82 -53.00 44.79
N ILE I 125 -48.60 -52.71 45.83
CA ILE I 125 -49.47 -53.69 46.46
C ILE I 125 -50.54 -54.16 45.47
N GLN I 126 -51.09 -53.21 44.70
CA GLN I 126 -52.14 -53.53 43.74
C GLN I 126 -51.64 -54.48 42.65
N LEU I 127 -50.44 -54.23 42.13
CA LEU I 127 -49.92 -55.10 41.09
C LEU I 127 -49.47 -56.43 41.67
N ALA I 128 -49.08 -56.44 42.94
CA ALA I 128 -48.84 -57.72 43.62
C ALA I 128 -50.10 -58.56 43.65
N ARG I 129 -51.22 -57.92 44.00
CA ARG I 129 -52.54 -58.57 43.95
C ARG I 129 -52.87 -59.06 42.55
N ARG I 130 -52.56 -58.26 41.54
CA ARG I 130 -52.95 -58.58 40.17
C ARG I 130 -52.15 -59.76 39.64
N ILE I 131 -50.85 -59.80 39.94
CA ILE I 131 -50.02 -60.89 39.42
C ILE I 131 -50.31 -62.18 40.21
N ARG I 132 -50.66 -62.05 41.50
CA ARG I 132 -51.10 -63.23 42.24
C ARG I 132 -52.44 -63.77 41.77
N GLY I 133 -53.18 -63.01 40.96
CA GLY I 133 -54.36 -63.54 40.33
C GLY I 133 -55.60 -63.57 41.19
N GLU I 134 -55.86 -62.51 41.94
CA GLU I 134 -57.04 -62.44 42.79
C GLU I 134 -57.92 -61.25 42.43
N LYS J 21 -72.57 -55.24 72.28
CA LYS J 21 -72.62 -56.31 71.30
C LYS J 21 -72.33 -55.79 69.90
N VAL J 22 -72.84 -54.59 69.60
CA VAL J 22 -72.68 -54.00 68.29
C VAL J 22 -71.28 -53.41 68.16
N LEU J 23 -70.58 -53.78 67.11
CA LEU J 23 -69.26 -53.24 66.80
C LEU J 23 -69.29 -52.61 65.42
N ARG J 24 -68.74 -51.40 65.30
CA ARG J 24 -68.86 -50.62 64.07
C ARG J 24 -67.52 -50.24 63.46
N ASP J 25 -66.54 -49.83 64.26
CA ASP J 25 -65.34 -49.19 63.75
C ASP J 25 -64.07 -49.85 64.28
N ASN J 26 -64.02 -51.17 64.24
CA ASN J 26 -62.81 -51.88 64.59
C ASN J 26 -61.92 -52.16 63.39
N ILE J 27 -62.28 -51.67 62.20
CA ILE J 27 -61.37 -51.77 61.06
C ILE J 27 -60.14 -50.90 61.28
N GLN J 28 -60.29 -49.78 61.99
CA GLN J 28 -59.14 -49.01 62.43
C GLN J 28 -58.52 -49.58 63.70
N GLY J 29 -59.09 -50.65 64.25
CA GLY J 29 -58.54 -51.30 65.43
C GLY J 29 -57.16 -51.89 65.22
N ILE J 30 -56.78 -52.23 63.99
CA ILE J 30 -55.41 -52.57 63.67
C ILE J 30 -54.66 -51.24 63.55
N THR J 31 -53.60 -51.12 64.34
CA THR J 31 -52.93 -49.84 64.45
C THR J 31 -51.94 -49.65 63.30
N LYS J 32 -51.59 -48.38 63.08
CA LYS J 32 -50.49 -48.05 62.17
C LYS J 32 -49.16 -48.70 62.55
N PRO J 33 -48.68 -48.63 63.82
CA PRO J 33 -47.42 -49.33 64.12
C PRO J 33 -47.49 -50.84 64.01
N ALA J 34 -48.67 -51.44 64.13
CA ALA J 34 -48.80 -52.86 63.86
C ALA J 34 -48.50 -53.18 62.40
N ILE J 35 -49.00 -52.35 61.49
CA ILE J 35 -48.69 -52.53 60.08
C ILE J 35 -47.22 -52.27 59.81
N ARG J 36 -46.63 -51.31 60.54
CA ARG J 36 -45.17 -51.11 60.46
C ARG J 36 -44.41 -52.35 60.90
N ARG J 37 -44.86 -53.02 61.96
CA ARG J 37 -44.16 -54.20 62.44
C ARG J 37 -44.30 -55.37 61.49
N LEU J 38 -45.49 -55.53 60.88
CA LEU J 38 -45.62 -56.52 59.81
C LEU J 38 -44.74 -56.18 58.61
N ALA J 39 -44.56 -54.89 58.34
CA ALA J 39 -43.65 -54.47 57.27
C ALA J 39 -42.20 -54.80 57.61
N ARG J 40 -41.84 -54.69 58.89
CA ARG J 40 -40.51 -55.12 59.32
C ARG J 40 -40.35 -56.62 59.18
N ARG J 41 -41.42 -57.38 59.44
CA ARG J 41 -41.42 -58.81 59.14
C ARG J 41 -41.26 -59.06 57.65
N GLY J 42 -41.84 -58.22 56.81
CA GLY J 42 -41.71 -58.39 55.39
C GLY J 42 -40.43 -57.86 54.79
N GLY J 43 -39.56 -57.25 55.59
CA GLY J 43 -38.35 -56.68 55.06
C GLY J 43 -38.51 -55.33 54.41
N VAL J 44 -39.48 -54.53 54.83
CA VAL J 44 -39.69 -53.20 54.29
C VAL J 44 -38.72 -52.24 54.97
N LYS J 45 -37.94 -51.51 54.17
CA LYS J 45 -37.06 -50.51 54.73
C LYS J 45 -37.80 -49.22 55.05
N ARG J 46 -38.41 -48.58 54.06
CA ARG J 46 -39.15 -47.35 54.27
C ARG J 46 -40.59 -47.55 53.80
N ILE J 47 -41.54 -47.24 54.68
CA ILE J 47 -42.96 -47.48 54.43
C ILE J 47 -43.65 -46.14 54.20
N SER J 48 -44.51 -46.07 53.19
CA SER J 48 -45.27 -44.86 52.96
C SER J 48 -46.48 -44.79 53.90
N GLY J 49 -46.91 -43.56 54.18
CA GLY J 49 -48.08 -43.35 55.00
C GLY J 49 -49.38 -43.60 54.27
N LEU J 50 -49.34 -43.67 52.94
CA LEU J 50 -50.52 -43.93 52.14
C LEU J 50 -50.84 -45.42 52.05
N ILE J 51 -49.99 -46.29 52.59
CA ILE J 51 -50.15 -47.73 52.41
C ILE J 51 -51.26 -48.28 53.29
N TYR J 52 -51.52 -47.62 54.42
CA TYR J 52 -52.20 -48.24 55.55
C TYR J 52 -53.66 -48.55 55.26
N GLU J 53 -54.34 -47.64 54.55
CA GLU J 53 -55.77 -47.86 54.29
C GLU J 53 -55.98 -48.99 53.29
N GLU J 54 -55.13 -49.12 52.27
CA GLU J 54 -55.30 -50.23 51.33
C GLU J 54 -54.85 -51.55 51.94
N THR J 55 -53.85 -51.52 52.84
CA THR J 55 -53.52 -52.75 53.57
C THR J 55 -54.68 -53.18 54.46
N ARG J 56 -55.34 -52.22 55.11
CA ARG J 56 -56.55 -52.52 55.87
C ARG J 56 -57.65 -53.08 54.97
N GLY J 57 -57.78 -52.51 53.77
CA GLY J 57 -58.79 -53.01 52.84
C GLY J 57 -58.54 -54.43 52.38
N VAL J 58 -57.30 -54.74 51.98
CA VAL J 58 -57.00 -56.09 51.52
C VAL J 58 -57.03 -57.07 52.68
N LEU J 59 -56.68 -56.59 53.89
CA LEU J 59 -56.80 -57.40 55.09
C LEU J 59 -58.24 -57.76 55.36
N LYS J 60 -59.14 -56.77 55.23
CA LYS J 60 -60.56 -57.00 55.43
C LYS J 60 -61.13 -57.92 54.35
N VAL J 61 -60.65 -57.78 53.11
CA VAL J 61 -61.10 -58.65 52.03
C VAL J 61 -60.70 -60.09 52.29
N PHE J 62 -59.45 -60.31 52.69
CA PHE J 62 -58.96 -61.66 52.93
C PHE J 62 -59.69 -62.31 54.11
N LEU J 63 -59.85 -61.54 55.20
CA LEU J 63 -60.64 -62.06 56.32
C LEU J 63 -62.09 -62.31 55.95
N GLU J 64 -62.69 -61.43 55.12
CA GLU J 64 -64.07 -61.63 54.69
C GLU J 64 -64.22 -62.93 53.91
N ASN J 65 -63.28 -63.19 53.00
CA ASN J 65 -63.31 -64.43 52.22
C ASN J 65 -63.17 -65.65 53.12
N VAL J 66 -62.19 -65.62 54.03
CA VAL J 66 -61.94 -66.83 54.82
C VAL J 66 -63.04 -67.07 55.83
N ILE J 67 -63.65 -66.01 56.40
CA ILE J 67 -64.68 -66.29 57.38
C ILE J 67 -65.99 -66.58 56.67
N ARG J 68 -66.17 -66.09 55.44
CA ARG J 68 -67.30 -66.54 54.64
C ARG J 68 -67.24 -68.03 54.44
N ASP J 69 -66.05 -68.52 54.07
CA ASP J 69 -65.86 -69.96 53.92
C ASP J 69 -66.12 -70.67 55.24
N ALA J 70 -65.62 -70.09 56.34
CA ALA J 70 -65.75 -70.71 57.66
C ALA J 70 -67.20 -70.75 58.14
N VAL J 71 -67.95 -69.67 57.90
CA VAL J 71 -69.32 -69.67 58.37
C VAL J 71 -70.18 -70.60 57.54
N THR J 72 -69.86 -70.77 56.24
CA THR J 72 -70.54 -71.82 55.48
C THR J 72 -70.21 -73.21 56.01
N TYR J 73 -68.94 -73.41 56.38
CA TYR J 73 -68.54 -74.69 57.00
C TYR J 73 -69.32 -74.96 58.28
N THR J 74 -69.47 -73.96 59.15
CA THR J 74 -70.11 -74.21 60.43
C THR J 74 -71.63 -74.29 60.29
N GLU J 75 -72.23 -73.54 59.35
CA GLU J 75 -73.68 -73.62 59.21
C GLU J 75 -74.07 -74.91 58.50
N HIS J 76 -73.11 -75.52 57.80
CA HIS J 76 -73.30 -76.92 57.42
C HIS J 76 -73.40 -77.80 58.65
N ALA J 77 -72.56 -77.56 59.66
CA ALA J 77 -72.53 -78.43 60.83
C ALA J 77 -73.63 -78.11 61.83
N LYS J 78 -74.50 -77.14 61.53
CA LYS J 78 -75.59 -76.69 62.40
C LYS J 78 -75.06 -76.17 63.74
N ARG J 79 -73.83 -75.67 63.73
CA ARG J 79 -73.18 -75.14 64.92
C ARG J 79 -73.19 -73.61 64.86
N LYS J 80 -73.36 -73.00 66.02
CA LYS J 80 -73.30 -71.55 66.10
C LYS J 80 -71.91 -71.07 66.52
N THR J 81 -71.02 -72.00 66.88
CA THR J 81 -69.65 -71.69 67.22
C THR J 81 -68.73 -72.26 66.15
N VAL J 82 -67.80 -71.44 65.66
CA VAL J 82 -66.83 -71.92 64.66
C VAL J 82 -65.58 -72.39 65.39
N THR J 83 -64.92 -73.41 64.83
CA THR J 83 -63.74 -74.00 65.43
C THR J 83 -62.48 -73.66 64.64
N ALA J 84 -61.34 -73.93 65.26
CA ALA J 84 -60.04 -73.74 64.61
C ALA J 84 -59.85 -74.70 63.45
N MET J 85 -60.41 -75.90 63.57
CA MET J 85 -60.40 -76.86 62.47
C MET J 85 -61.06 -76.27 61.23
N ASP J 86 -62.18 -75.58 61.41
CA ASP J 86 -62.85 -74.95 60.28
C ASP J 86 -62.00 -73.83 59.67
N VAL J 87 -61.27 -73.10 60.51
CA VAL J 87 -60.39 -72.05 60.03
C VAL J 87 -59.29 -72.62 59.14
N VAL J 88 -58.58 -73.64 59.64
CA VAL J 88 -57.48 -74.20 58.87
C VAL J 88 -58.01 -74.94 57.65
N TYR J 89 -59.25 -75.41 57.74
CA TYR J 89 -59.88 -76.14 56.64
C TYR J 89 -60.22 -75.18 55.49
N ALA J 90 -60.80 -74.04 55.83
CA ALA J 90 -61.09 -73.00 54.84
C ALA J 90 -59.80 -72.45 54.23
N LEU J 91 -58.78 -72.25 55.04
CA LEU J 91 -57.51 -71.79 54.48
C LEU J 91 -56.83 -72.88 53.66
N LYS J 92 -57.13 -74.15 53.95
CA LYS J 92 -56.65 -75.23 53.11
C LYS J 92 -57.27 -75.17 51.72
N ARG J 93 -58.58 -74.89 51.65
CA ARG J 93 -59.19 -74.86 50.33
C ARG J 93 -58.87 -73.58 49.56
N GLN J 94 -58.33 -72.56 50.22
CA GLN J 94 -57.94 -71.34 49.55
C GLN J 94 -56.54 -71.39 48.96
N GLY J 95 -55.71 -72.35 49.36
CA GLY J 95 -54.33 -72.37 48.92
C GLY J 95 -53.41 -71.49 49.73
N ARG J 96 -53.78 -71.17 50.97
CA ARG J 96 -52.94 -70.50 51.95
C ARG J 96 -52.93 -71.30 53.24
N THR J 97 -52.56 -72.58 53.12
CA THR J 97 -52.56 -73.51 54.25
C THR J 97 -51.67 -73.05 55.40
N LEU J 98 -52.16 -73.26 56.61
CA LEU J 98 -51.41 -73.08 57.85
C LEU J 98 -51.27 -74.44 58.51
N TYR J 99 -50.45 -74.51 59.56
CA TYR J 99 -50.34 -75.78 60.26
C TYR J 99 -50.58 -75.54 61.75
N GLY J 100 -51.02 -76.59 62.45
CA GLY J 100 -50.90 -76.62 63.90
C GLY J 100 -52.15 -76.34 64.68
N PHE J 101 -53.34 -76.49 64.11
CA PHE J 101 -54.58 -76.24 64.83
C PHE J 101 -55.55 -77.39 64.61
N GLY J 102 -55.05 -78.62 64.79
CA GLY J 102 -55.85 -79.79 64.58
C GLY J 102 -56.07 -80.17 63.14
N GLY J 103 -55.40 -79.52 62.21
CA GLY J 103 -55.56 -79.81 60.80
C GLY J 103 -54.88 -81.09 60.36
N ALA K 28 -96.88 -105.18 34.74
CA ALA K 28 -97.51 -104.36 35.77
C ALA K 28 -96.62 -103.18 36.16
N ARG K 29 -95.44 -103.11 35.53
CA ARG K 29 -94.52 -102.02 35.82
C ARG K 29 -95.00 -100.73 35.15
N ALA K 30 -94.77 -99.61 35.82
CA ALA K 30 -95.19 -98.31 35.32
C ALA K 30 -94.37 -97.91 34.10
N LYS K 31 -94.85 -96.89 33.41
CA LYS K 31 -94.19 -96.38 32.21
C LYS K 31 -92.84 -95.79 32.55
N ALA K 32 -91.81 -96.18 31.81
CA ALA K 32 -90.45 -95.76 32.09
C ALA K 32 -90.27 -94.30 31.70
N LYS K 33 -90.40 -93.40 32.68
CA LYS K 33 -90.13 -91.99 32.48
C LYS K 33 -88.79 -91.69 33.15
N THR K 34 -88.17 -90.55 32.85
CA THR K 34 -86.80 -90.26 33.28
C THR K 34 -86.83 -89.31 34.47
N ARG K 35 -85.79 -89.40 35.30
CA ARG K 35 -85.74 -88.56 36.49
C ARG K 35 -85.42 -87.11 36.14
N SER K 36 -84.75 -86.86 35.02
CA SER K 36 -84.57 -85.49 34.55
C SER K 36 -85.91 -84.86 34.19
N SER K 37 -86.83 -85.67 33.64
CA SER K 37 -88.14 -85.15 33.27
C SER K 37 -88.96 -84.79 34.50
N ARG K 38 -88.96 -85.65 35.54
CA ARG K 38 -89.69 -85.31 36.76
C ARG K 38 -88.99 -84.18 37.51
N ALA K 39 -87.69 -84.03 37.30
CA ALA K 39 -86.96 -82.88 37.81
C ALA K 39 -87.18 -81.63 36.97
N GLY K 40 -87.80 -81.77 35.81
CA GLY K 40 -87.95 -80.65 34.91
C GLY K 40 -86.66 -80.16 34.32
N LEU K 41 -85.64 -81.01 34.29
CA LEU K 41 -84.31 -80.61 33.87
C LEU K 41 -83.87 -81.40 32.65
N GLN K 42 -82.84 -80.91 31.98
CA GLN K 42 -82.40 -81.50 30.73
C GLN K 42 -81.05 -82.18 30.83
N PHE K 43 -80.23 -81.82 31.80
CA PHE K 43 -79.00 -82.54 32.06
C PHE K 43 -79.31 -83.94 32.58
N PRO K 44 -78.47 -84.93 32.26
CA PRO K 44 -78.77 -86.31 32.67
C PRO K 44 -78.54 -86.51 34.15
N VAL K 45 -79.64 -86.56 34.90
CA VAL K 45 -79.52 -86.68 36.35
C VAL K 45 -79.05 -88.08 36.73
N GLY K 46 -79.58 -89.10 36.06
CA GLY K 46 -79.18 -90.47 36.36
C GLY K 46 -77.72 -90.74 36.04
N ARG K 47 -77.20 -90.12 34.97
CA ARG K 47 -75.81 -90.30 34.63
C ARG K 47 -74.89 -89.66 35.67
N VAL K 48 -75.27 -88.49 36.17
CA VAL K 48 -74.53 -87.85 37.25
C VAL K 48 -74.59 -88.69 38.52
N HIS K 49 -75.76 -89.26 38.81
CA HIS K 49 -75.91 -90.16 39.96
C HIS K 49 -74.98 -91.36 39.83
N ARG K 50 -74.91 -91.96 38.64
CA ARG K 50 -74.00 -93.07 38.39
C ARG K 50 -72.54 -92.66 38.58
N LEU K 51 -72.19 -91.46 38.08
CA LEU K 51 -70.79 -91.06 38.10
C LEU K 51 -70.34 -90.66 39.49
N LEU K 52 -71.26 -90.18 40.33
CA LEU K 52 -70.92 -89.98 41.74
C LEU K 52 -70.91 -91.29 42.51
N ARG K 53 -71.74 -92.26 42.10
CA ARG K 53 -71.73 -93.57 42.74
C ARG K 53 -70.40 -94.27 42.54
N LYS K 54 -69.88 -94.25 41.32
CA LYS K 54 -68.58 -94.84 41.05
C LYS K 54 -67.42 -93.85 41.16
N GLY K 55 -67.70 -92.60 41.53
CA GLY K 55 -66.62 -91.66 41.75
C GLY K 55 -65.87 -91.85 43.04
N ASN K 56 -66.43 -92.64 43.97
CA ASN K 56 -65.84 -92.91 45.29
C ASN K 56 -65.59 -91.62 46.07
N TYR K 57 -66.67 -90.93 46.40
CA TYR K 57 -66.60 -89.75 47.26
C TYR K 57 -67.35 -89.94 48.57
N SER K 58 -68.26 -90.91 48.63
CA SER K 58 -68.82 -91.38 49.89
C SER K 58 -69.29 -92.81 49.66
N GLU K 59 -69.72 -93.45 50.75
CA GLU K 59 -70.25 -94.80 50.62
C GLU K 59 -71.64 -94.82 50.00
N ARG K 60 -72.34 -93.69 50.05
CA ARG K 60 -73.68 -93.55 49.50
C ARG K 60 -74.01 -92.10 49.21
N VAL K 61 -75.04 -91.91 48.39
CA VAL K 61 -75.48 -90.59 47.95
C VAL K 61 -77.00 -90.50 48.10
N GLY K 62 -77.47 -89.39 48.65
CA GLY K 62 -78.90 -89.17 48.74
C GLY K 62 -79.52 -88.87 47.40
N ALA K 63 -80.85 -88.92 47.36
CA ALA K 63 -81.56 -88.77 46.09
C ALA K 63 -81.47 -87.34 45.55
N GLY K 64 -81.54 -86.35 46.44
CA GLY K 64 -81.56 -84.96 46.00
C GLY K 64 -80.23 -84.42 45.53
N ALA K 65 -79.13 -85.01 45.95
CA ALA K 65 -77.80 -84.49 45.59
C ALA K 65 -77.49 -84.53 44.10
N PRO K 66 -77.69 -85.64 43.36
CA PRO K 66 -77.42 -85.57 41.92
C PRO K 66 -78.37 -84.65 41.17
N VAL K 67 -79.61 -84.54 41.64
CA VAL K 67 -80.56 -83.59 41.06
C VAL K 67 -80.04 -82.17 41.23
N TYR K 68 -79.54 -81.87 42.44
CA TYR K 68 -79.03 -80.54 42.72
C TYR K 68 -77.80 -80.23 41.89
N LEU K 69 -76.91 -81.20 41.75
CA LEU K 69 -75.68 -80.95 41.00
C LEU K 69 -75.94 -80.86 39.50
N ALA K 70 -76.86 -81.68 38.99
CA ALA K 70 -77.28 -81.54 37.60
C ALA K 70 -77.92 -80.18 37.36
N ALA K 71 -78.68 -79.70 38.33
CA ALA K 71 -79.29 -78.38 38.23
C ALA K 71 -78.24 -77.27 38.17
N VAL K 72 -77.23 -77.33 39.04
CA VAL K 72 -76.24 -76.25 39.05
C VAL K 72 -75.36 -76.31 37.81
N LEU K 73 -75.04 -77.52 37.33
CA LEU K 73 -74.29 -77.64 36.08
C LEU K 73 -75.10 -77.11 34.90
N GLU K 74 -76.40 -77.39 34.88
CA GLU K 74 -77.24 -76.90 33.78
C GLU K 74 -77.34 -75.38 33.81
N TYR K 75 -77.42 -74.79 35.00
CA TYR K 75 -77.44 -73.33 35.08
C TYR K 75 -76.11 -72.74 34.61
N LEU K 76 -74.99 -73.34 35.01
CA LEU K 76 -73.69 -72.81 34.60
C LEU K 76 -73.52 -72.90 33.09
N THR K 77 -73.89 -74.03 32.49
CA THR K 77 -73.77 -74.18 31.04
C THR K 77 -74.73 -73.24 30.32
N ALA K 78 -75.92 -73.01 30.89
CA ALA K 78 -76.86 -72.06 30.29
C ALA K 78 -76.29 -70.65 30.32
N GLU K 79 -75.65 -70.25 31.43
CA GLU K 79 -75.01 -68.95 31.51
C GLU K 79 -73.90 -68.80 30.49
N ILE K 80 -73.00 -69.79 30.43
CA ILE K 80 -71.86 -69.73 29.53
C ILE K 80 -72.31 -69.66 28.08
N LEU K 81 -73.27 -70.51 27.70
CA LEU K 81 -73.68 -70.53 26.29
C LEU K 81 -74.61 -69.38 25.95
N GLU K 82 -75.30 -68.80 26.94
CA GLU K 82 -76.05 -67.58 26.66
C GLU K 82 -75.11 -66.45 26.31
N LEU K 83 -74.03 -66.30 27.10
CA LEU K 83 -73.02 -65.31 26.78
C LEU K 83 -72.31 -65.65 25.48
N ALA K 84 -72.13 -66.94 25.19
CA ALA K 84 -71.45 -67.35 23.96
C ALA K 84 -72.30 -67.07 22.73
N GLY K 85 -73.60 -67.32 22.81
CA GLY K 85 -74.48 -66.99 21.70
C GLY K 85 -74.61 -65.50 21.49
N ASN K 86 -74.63 -64.73 22.58
CA ASN K 86 -74.63 -63.28 22.44
C ASN K 86 -73.33 -62.78 21.81
N ALA K 87 -72.21 -63.39 22.17
CA ALA K 87 -70.94 -63.02 21.54
C ALA K 87 -70.88 -63.45 20.08
N ALA K 88 -71.53 -64.56 19.76
CA ALA K 88 -71.60 -65.00 18.36
C ALA K 88 -72.43 -64.05 17.53
N ARG K 89 -73.57 -63.60 18.06
CA ARG K 89 -74.36 -62.58 17.39
C ARG K 89 -73.61 -61.27 17.31
N ASP K 90 -72.74 -61.01 18.28
CA ASP K 90 -71.89 -59.82 18.23
C ASP K 90 -70.94 -59.90 17.05
N ASN K 91 -70.43 -61.09 16.72
CA ASN K 91 -69.43 -61.24 15.68
C ASN K 91 -70.11 -61.62 14.36
N LYS K 92 -71.43 -61.40 14.26
CA LYS K 92 -72.24 -61.67 13.06
C LYS K 92 -72.11 -63.13 12.63
N LYS K 93 -72.06 -64.04 13.59
CA LYS K 93 -71.86 -65.45 13.32
C LYS K 93 -72.94 -66.26 14.03
N THR K 94 -73.49 -67.26 13.33
CA THR K 94 -74.43 -68.16 13.97
C THR K 94 -73.76 -69.41 14.51
N ARG K 95 -72.44 -69.53 14.37
CA ARG K 95 -71.69 -70.69 14.82
C ARG K 95 -70.68 -70.22 15.86
N ILE K 96 -70.68 -70.88 17.02
CA ILE K 96 -69.86 -70.41 18.13
C ILE K 96 -68.47 -71.05 18.06
N ILE K 97 -67.45 -70.19 18.17
CA ILE K 97 -66.04 -70.57 18.12
C ILE K 97 -65.55 -70.50 19.56
N PRO K 98 -64.53 -71.27 19.97
CA PRO K 98 -63.95 -71.09 21.32
C PRO K 98 -63.43 -69.69 21.60
N ARG K 99 -63.07 -68.92 20.57
CA ARG K 99 -62.81 -67.50 20.73
C ARG K 99 -64.00 -66.80 21.36
N HIS K 100 -65.21 -67.19 20.98
CA HIS K 100 -66.41 -66.58 21.58
C HIS K 100 -66.54 -67.00 23.04
N LEU K 101 -66.06 -68.19 23.40
CA LEU K 101 -66.04 -68.57 24.80
C LEU K 101 -65.06 -67.71 25.59
N GLN K 102 -63.93 -67.34 24.98
CA GLN K 102 -63.03 -66.37 25.62
C GLN K 102 -63.70 -65.01 25.81
N LEU K 103 -64.35 -64.49 24.77
CA LEU K 103 -65.08 -63.23 24.88
C LEU K 103 -66.21 -63.32 25.90
N ALA K 104 -66.74 -64.52 26.12
CA ALA K 104 -67.77 -64.71 27.14
C ALA K 104 -67.18 -64.70 28.54
N ILE K 105 -66.29 -65.65 28.85
CA ILE K 105 -65.91 -65.87 30.25
C ILE K 105 -64.94 -64.79 30.72
N ARG K 106 -64.10 -64.26 29.82
CA ARG K 106 -63.08 -63.33 30.27
C ARG K 106 -63.64 -61.92 30.40
N ASN K 107 -64.87 -61.69 29.94
CA ASN K 107 -65.51 -60.40 30.11
C ASN K 107 -66.56 -60.40 31.22
N ASP K 108 -66.72 -61.50 31.95
CA ASP K 108 -67.55 -61.54 33.15
C ASP K 108 -66.64 -61.84 34.32
N GLU K 109 -66.60 -60.94 35.30
CA GLU K 109 -65.61 -61.04 36.37
C GLU K 109 -65.92 -62.17 37.33
N GLU K 110 -67.19 -62.52 37.48
CA GLU K 110 -67.57 -63.57 38.41
C GLU K 110 -67.23 -64.94 37.83
N LEU K 111 -67.50 -65.13 36.54
CA LEU K 111 -67.03 -66.32 35.84
C LEU K 111 -65.50 -66.33 35.74
N ASN K 112 -64.90 -65.15 35.66
CA ASN K 112 -63.44 -65.05 35.67
C ASN K 112 -62.88 -65.58 36.98
N LYS K 113 -63.52 -65.23 38.10
CA LYS K 113 -63.12 -65.78 39.39
C LYS K 113 -63.40 -67.27 39.46
N LEU K 114 -64.45 -67.73 38.76
CA LEU K 114 -64.71 -69.16 38.68
C LEU K 114 -63.61 -69.90 37.93
N LEU K 115 -63.15 -69.34 36.81
CA LEU K 115 -62.22 -70.04 35.91
C LEU K 115 -60.97 -69.22 35.61
N GLY K 116 -60.33 -68.68 36.65
CA GLY K 116 -59.15 -67.87 36.44
C GLY K 116 -57.93 -68.67 35.99
N ARG K 117 -57.83 -69.93 36.43
CA ARG K 117 -56.61 -70.70 36.27
C ARG K 117 -56.64 -71.59 35.03
N VAL K 118 -57.68 -71.48 34.21
CA VAL K 118 -57.88 -72.39 33.09
C VAL K 118 -57.56 -71.64 31.80
N THR K 119 -57.23 -72.38 30.74
CA THR K 119 -57.00 -71.80 29.43
C THR K 119 -57.81 -72.60 28.41
N ILE K 120 -58.47 -71.90 27.49
CA ILE K 120 -59.16 -72.52 26.36
C ILE K 120 -58.15 -72.76 25.25
N ALA K 121 -58.10 -73.99 24.75
CA ALA K 121 -57.26 -74.30 23.60
C ALA K 121 -57.79 -73.62 22.35
N GLN K 122 -56.88 -73.04 21.57
CA GLN K 122 -57.17 -72.21 20.41
C GLN K 122 -58.11 -71.06 20.75
N GLY K 123 -57.99 -70.49 21.94
CA GLY K 123 -58.88 -69.43 22.36
C GLY K 123 -58.27 -68.04 22.31
N GLY K 124 -57.03 -67.90 22.76
CA GLY K 124 -56.42 -66.59 22.79
C GLY K 124 -56.85 -65.76 23.99
N VAL K 125 -56.57 -64.46 23.90
CA VAL K 125 -56.75 -63.52 25.00
C VAL K 125 -57.64 -62.39 24.48
N LEU K 126 -58.34 -61.71 25.39
CA LEU K 126 -59.11 -60.53 25.04
C LEU K 126 -58.18 -59.42 24.52
N PRO K 127 -58.67 -58.54 23.65
CA PRO K 127 -57.88 -57.36 23.29
C PRO K 127 -57.73 -56.43 24.49
N ASN K 128 -56.50 -56.25 24.93
CA ASN K 128 -56.21 -55.44 26.12
C ASN K 128 -54.90 -54.72 25.86
N ILE K 129 -54.97 -53.39 25.82
CA ILE K 129 -53.80 -52.54 25.59
C ILE K 129 -53.66 -51.61 26.77
N GLN K 130 -52.47 -51.56 27.35
CA GLN K 130 -52.22 -50.64 28.45
C GLN K 130 -52.21 -49.20 27.95
N ALA K 131 -52.63 -48.28 28.82
CA ALA K 131 -52.85 -46.90 28.41
C ALA K 131 -51.55 -46.19 28.04
N VAL K 132 -50.42 -46.62 28.58
CA VAL K 132 -49.15 -45.99 28.25
C VAL K 132 -48.69 -46.39 26.85
N LEU K 133 -49.23 -47.48 26.30
CA LEU K 133 -48.75 -48.00 25.03
C LEU K 133 -49.21 -47.19 23.83
N LEU K 134 -50.40 -46.60 23.88
CA LEU K 134 -50.88 -45.83 22.75
C LEU K 134 -50.15 -44.50 22.64
N PRO K 135 -49.89 -44.02 21.43
CA PRO K 135 -49.23 -42.72 21.27
C PRO K 135 -50.18 -41.58 21.57
N LYS K 136 -49.62 -40.37 21.63
CA LYS K 136 -50.39 -39.17 21.91
C LYS K 136 -51.31 -38.82 20.75
N LYS L 31 -68.30 -103.42 15.73
CA LYS L 31 -68.21 -102.00 16.06
C LYS L 31 -67.17 -101.75 17.14
N ARG L 32 -67.47 -100.82 18.04
CA ARG L 32 -66.52 -100.37 19.04
C ARG L 32 -67.18 -100.23 20.40
N SER L 33 -66.35 -100.21 21.43
CA SER L 33 -66.80 -99.78 22.74
C SER L 33 -66.99 -98.27 22.76
N ARG L 34 -67.96 -97.81 23.55
CA ARG L 34 -68.43 -96.44 23.49
C ARG L 34 -67.61 -95.51 24.40
N LYS L 35 -67.70 -94.21 24.13
CA LYS L 35 -67.10 -93.16 24.94
C LYS L 35 -68.25 -92.32 25.49
N GLU L 36 -68.42 -92.34 26.82
CA GLU L 36 -69.46 -91.55 27.46
C GLU L 36 -69.15 -90.06 27.33
N SER L 37 -70.20 -89.26 27.11
CA SER L 37 -70.01 -87.85 26.82
C SER L 37 -71.19 -87.05 27.32
N TYR L 38 -71.05 -85.73 27.21
CA TYR L 38 -72.10 -84.78 27.55
C TYR L 38 -72.42 -83.84 26.40
N SER L 39 -72.36 -84.32 25.15
CA SER L 39 -72.45 -83.43 24.01
C SER L 39 -73.88 -82.97 23.74
N VAL L 40 -74.79 -83.92 23.54
CA VAL L 40 -76.14 -83.57 23.09
C VAL L 40 -76.91 -82.83 24.17
N TYR L 41 -76.47 -82.94 25.42
CA TYR L 41 -77.12 -82.18 26.48
C TYR L 41 -76.77 -80.70 26.36
N VAL L 42 -75.50 -80.40 26.03
CA VAL L 42 -75.11 -79.02 25.75
C VAL L 42 -75.86 -78.52 24.52
N TYR L 43 -76.04 -79.38 23.53
CA TYR L 43 -76.76 -79.01 22.31
C TYR L 43 -78.22 -78.67 22.62
N LYS L 44 -78.88 -79.47 23.47
CA LYS L 44 -80.29 -79.22 23.73
C LYS L 44 -80.48 -78.05 24.69
N VAL L 45 -79.50 -77.79 25.56
CA VAL L 45 -79.52 -76.54 26.33
C VAL L 45 -79.34 -75.34 25.41
N LEU L 46 -78.51 -75.47 24.37
CA LEU L 46 -78.42 -74.44 23.34
C LEU L 46 -79.76 -74.22 22.64
N LYS L 47 -80.47 -75.30 22.34
CA LYS L 47 -81.83 -75.20 21.83
C LYS L 47 -82.76 -74.48 22.80
N GLN L 48 -82.59 -74.69 24.10
CA GLN L 48 -83.42 -73.99 25.08
C GLN L 48 -83.12 -72.49 25.11
N VAL L 49 -81.84 -72.11 25.05
CA VAL L 49 -81.49 -70.72 25.31
C VAL L 49 -81.37 -69.93 24.01
N HIS L 50 -80.97 -70.57 22.91
CA HIS L 50 -80.72 -69.87 21.66
C HIS L 50 -81.11 -70.80 20.50
N PRO L 51 -82.37 -70.74 20.07
CA PRO L 51 -82.86 -71.72 19.07
C PRO L 51 -82.20 -71.60 17.71
N ASP L 52 -81.54 -70.48 17.42
CA ASP L 52 -81.08 -70.20 16.07
C ASP L 52 -79.60 -70.52 15.83
N THR L 53 -78.77 -70.45 16.85
CA THR L 53 -77.32 -70.48 16.64
C THR L 53 -76.76 -71.89 16.78
N GLY L 54 -75.53 -72.06 16.29
CA GLY L 54 -74.84 -73.33 16.31
C GLY L 54 -73.57 -73.29 17.13
N ILE L 55 -72.93 -74.46 17.24
CA ILE L 55 -71.79 -74.68 18.11
C ILE L 55 -70.78 -75.56 17.40
N SER L 56 -69.50 -75.26 17.59
CA SER L 56 -68.44 -76.04 16.96
C SER L 56 -68.08 -77.25 17.82
N SER L 57 -67.50 -78.26 17.17
CA SER L 57 -67.16 -79.49 17.86
C SER L 57 -66.01 -79.29 18.85
N LYS L 58 -65.08 -78.38 18.52
CA LYS L 58 -63.99 -78.05 19.44
C LYS L 58 -64.53 -77.46 20.73
N ALA L 59 -65.44 -76.49 20.63
CA ALA L 59 -66.06 -75.92 21.83
C ALA L 59 -66.95 -76.94 22.52
N MET L 60 -67.45 -77.92 21.77
CA MET L 60 -68.26 -78.97 22.39
C MET L 60 -67.40 -79.85 23.29
N GLY L 61 -66.21 -80.21 22.82
CA GLY L 61 -65.26 -80.91 23.68
C GLY L 61 -64.81 -80.07 24.85
N ILE L 62 -64.68 -78.74 24.63
CA ILE L 62 -64.41 -77.83 25.73
C ILE L 62 -65.51 -77.89 26.78
N MET L 63 -66.76 -77.96 26.35
CA MET L 63 -67.84 -78.02 27.33
C MET L 63 -67.91 -79.36 28.02
N ASN L 64 -67.54 -80.45 27.34
CA ASN L 64 -67.43 -81.73 28.05
C ASN L 64 -66.34 -81.68 29.12
N SER L 65 -65.20 -81.06 28.79
CA SER L 65 -64.17 -80.82 29.79
C SER L 65 -64.66 -79.93 30.92
N PHE L 66 -65.48 -78.93 30.59
CA PHE L 66 -66.01 -78.00 31.59
C PHE L 66 -66.92 -78.72 32.56
N VAL L 67 -67.82 -79.55 32.03
CA VAL L 67 -68.75 -80.28 32.88
C VAL L 67 -67.98 -81.25 33.77
N ASN L 68 -66.97 -81.91 33.21
CA ASN L 68 -66.16 -82.83 34.02
C ASN L 68 -65.38 -82.09 35.10
N ASP L 69 -64.84 -80.90 34.79
CA ASP L 69 -64.03 -80.15 35.75
C ASP L 69 -64.89 -79.63 36.91
N ILE L 70 -66.02 -79.00 36.59
CA ILE L 70 -66.88 -78.49 37.66
C ILE L 70 -67.50 -79.65 38.44
N PHE L 71 -67.79 -80.75 37.75
CA PHE L 71 -68.29 -81.95 38.40
C PHE L 71 -67.29 -82.49 39.41
N GLU L 72 -66.01 -82.59 39.03
CA GLU L 72 -65.04 -83.18 39.95
C GLU L 72 -64.72 -82.21 41.09
N ARG L 73 -64.74 -80.90 40.82
CA ARG L 73 -64.55 -79.93 41.91
C ARG L 73 -65.66 -80.03 42.95
N ILE L 74 -66.91 -80.04 42.49
CA ILE L 74 -68.03 -80.11 43.43
C ILE L 74 -68.07 -81.46 44.11
N ALA L 75 -67.72 -82.53 43.40
CA ALA L 75 -67.68 -83.86 44.01
C ALA L 75 -66.60 -83.96 45.07
N GLY L 76 -65.42 -83.37 44.80
CA GLY L 76 -64.36 -83.39 45.79
C GLY L 76 -64.70 -82.59 47.03
N GLU L 77 -65.30 -81.41 46.85
CA GLU L 77 -65.74 -80.64 48.02
C GLU L 77 -66.85 -81.35 48.76
N ALA L 78 -67.71 -82.07 48.05
CA ALA L 78 -68.74 -82.87 48.70
C ALA L 78 -68.12 -83.97 49.55
N SER L 79 -67.10 -84.63 49.03
CA SER L 79 -66.41 -85.67 49.78
C SER L 79 -65.73 -85.09 51.01
N ARG L 80 -65.12 -83.90 50.89
CA ARG L 80 -64.49 -83.27 52.04
C ARG L 80 -65.51 -82.90 53.10
N LEU L 81 -66.61 -82.27 52.71
CA LEU L 81 -67.65 -81.91 53.69
C LEU L 81 -68.31 -83.14 54.30
N ALA L 82 -68.38 -84.24 53.53
CA ALA L 82 -68.89 -85.47 54.11
C ALA L 82 -67.94 -86.02 55.17
N HIS L 83 -66.64 -86.09 54.84
CA HIS L 83 -65.64 -86.64 55.76
C HIS L 83 -65.55 -85.76 57.01
N TYR L 84 -65.71 -84.44 56.83
CA TYR L 84 -65.32 -83.48 57.85
C TYR L 84 -66.31 -83.48 59.01
N ASN L 85 -67.57 -83.77 58.72
CA ASN L 85 -68.59 -83.98 59.73
C ASN L 85 -68.77 -85.45 60.08
N LYS L 86 -67.88 -86.31 59.59
CA LYS L 86 -67.96 -87.77 59.72
C LYS L 86 -69.29 -88.30 59.19
N ARG L 87 -69.73 -87.73 58.07
CA ARG L 87 -70.93 -88.17 57.38
C ARG L 87 -70.54 -89.00 56.17
N SER L 88 -71.16 -90.15 56.01
CA SER L 88 -70.81 -90.96 54.86
C SER L 88 -71.93 -91.05 53.83
N THR L 89 -72.90 -90.15 53.88
CA THR L 89 -73.91 -90.00 52.86
C THR L 89 -73.75 -88.65 52.17
N ILE L 90 -73.66 -88.64 50.84
CA ILE L 90 -73.75 -87.40 50.09
C ILE L 90 -75.21 -86.98 50.03
N THR L 91 -75.53 -85.88 50.71
CA THR L 91 -76.88 -85.34 50.77
C THR L 91 -76.95 -84.07 49.93
N SER L 92 -78.18 -83.59 49.72
CA SER L 92 -78.36 -82.35 48.96
C SER L 92 -77.84 -81.14 49.71
N ARG L 93 -77.82 -81.21 51.05
CA ARG L 93 -77.49 -80.05 51.86
C ARG L 93 -76.02 -79.64 51.69
N GLU L 94 -75.10 -80.59 51.77
CA GLU L 94 -73.70 -80.20 51.63
C GLU L 94 -73.35 -79.89 50.18
N ILE L 95 -74.14 -80.42 49.23
CA ILE L 95 -74.03 -79.96 47.86
C ILE L 95 -74.40 -78.48 47.77
N GLN L 96 -75.46 -78.09 48.48
CA GLN L 96 -75.85 -76.68 48.53
C GLN L 96 -74.74 -75.83 49.14
N THR L 97 -74.14 -76.32 50.23
CA THR L 97 -73.04 -75.59 50.86
C THR L 97 -71.82 -75.48 49.95
N ALA L 98 -71.50 -76.57 49.24
CA ALA L 98 -70.32 -76.53 48.37
C ALA L 98 -70.56 -75.68 47.13
N VAL L 99 -71.80 -75.65 46.65
CA VAL L 99 -72.17 -74.75 45.56
C VAL L 99 -72.03 -73.31 46.00
N ARG L 100 -72.49 -73.00 47.22
CA ARG L 100 -72.23 -71.68 47.80
C ARG L 100 -70.74 -71.43 47.94
N LEU L 101 -69.99 -72.47 48.24
CA LEU L 101 -68.61 -72.33 48.67
C LEU L 101 -67.69 -72.03 47.48
N LEU L 102 -67.89 -72.76 46.38
CA LEU L 102 -67.01 -72.60 45.21
C LEU L 102 -67.47 -71.48 44.31
N LEU L 103 -68.73 -71.45 43.96
CA LEU L 103 -69.25 -70.40 43.10
C LEU L 103 -69.27 -69.07 43.86
N PRO L 104 -68.81 -67.99 43.25
CA PRO L 104 -68.87 -66.69 43.92
C PRO L 104 -70.24 -66.03 43.75
N GLY L 105 -70.78 -65.56 44.88
CA GLY L 105 -71.86 -64.59 44.90
C GLY L 105 -73.16 -64.89 44.17
N GLU L 106 -73.39 -64.13 43.10
CA GLU L 106 -74.64 -64.20 42.35
C GLU L 106 -74.86 -65.57 41.74
N LEU L 107 -73.79 -66.18 41.20
CA LEU L 107 -73.88 -67.55 40.70
C LEU L 107 -74.32 -68.49 41.81
N ALA L 108 -73.75 -68.32 43.00
CA ALA L 108 -74.10 -69.19 44.12
C ALA L 108 -75.56 -69.03 44.52
N LYS L 109 -76.03 -67.79 44.67
CA LYS L 109 -77.39 -67.60 45.15
C LYS L 109 -78.43 -68.02 44.10
N HIS L 110 -78.17 -67.75 42.83
CA HIS L 110 -79.11 -68.16 41.79
C HIS L 110 -79.07 -69.67 41.62
N ALA L 111 -77.90 -70.29 41.79
CA ALA L 111 -77.80 -71.74 41.77
C ALA L 111 -78.57 -72.36 42.91
N VAL L 112 -78.52 -71.74 44.10
CA VAL L 112 -79.32 -72.22 45.22
C VAL L 112 -80.80 -72.12 44.91
N SER L 113 -81.24 -70.99 44.36
CA SER L 113 -82.65 -70.82 44.02
C SER L 113 -83.12 -71.85 42.99
N GLU L 114 -82.36 -72.01 41.91
CA GLU L 114 -82.75 -72.92 40.84
C GLU L 114 -82.69 -74.38 41.30
N GLY L 115 -81.66 -74.73 42.08
CA GLY L 115 -81.54 -76.09 42.57
C GLY L 115 -82.62 -76.46 43.57
N THR L 116 -82.97 -75.52 44.46
CA THR L 116 -84.07 -75.75 45.37
C THR L 116 -85.38 -75.90 44.61
N LYS L 117 -85.58 -75.10 43.58
CA LYS L 117 -86.74 -75.28 42.70
C LYS L 117 -86.76 -76.66 42.08
N ALA L 118 -85.60 -77.12 41.60
CA ALA L 118 -85.50 -78.43 40.96
C ALA L 118 -85.78 -79.56 41.95
N VAL L 119 -85.27 -79.45 43.19
CA VAL L 119 -85.46 -80.56 44.12
C VAL L 119 -86.88 -80.56 44.66
N THR L 120 -87.51 -79.39 44.76
CA THR L 120 -88.94 -79.37 45.11
C THR L 120 -89.79 -80.01 44.02
N LYS L 121 -89.47 -79.78 42.74
CA LYS L 121 -90.17 -80.53 41.71
C LYS L 121 -89.82 -82.02 41.73
N TYR L 122 -88.59 -82.37 42.13
CA TYR L 122 -88.21 -83.78 42.14
C TYR L 122 -88.92 -84.55 43.24
N THR L 123 -89.04 -83.96 44.43
CA THR L 123 -89.74 -84.64 45.52
C THR L 123 -91.24 -84.72 45.26
N SER L 124 -91.77 -83.80 44.44
CA SER L 124 -93.17 -83.82 44.07
C SER L 124 -93.44 -84.68 42.83
N ALA L 125 -92.52 -85.59 42.50
CA ALA L 125 -92.62 -86.51 41.36
C ALA L 125 -92.84 -85.81 40.03
N LYS M 38 -38.94 -41.61 -2.46
CA LYS M 38 -38.72 -42.03 -1.08
C LYS M 38 -39.77 -43.04 -0.64
N PRO M 39 -39.33 -44.25 -0.29
CA PRO M 39 -40.27 -45.26 0.21
C PRO M 39 -40.84 -44.86 1.55
N HIS M 40 -42.09 -45.23 1.78
CA HIS M 40 -42.73 -44.95 3.05
C HIS M 40 -42.16 -45.84 4.14
N ARG M 41 -42.06 -45.28 5.34
CA ARG M 41 -41.60 -46.05 6.49
C ARG M 41 -42.34 -45.55 7.72
N TYR M 42 -43.02 -46.45 8.42
CA TYR M 42 -43.79 -46.06 9.58
C TYR M 42 -42.88 -45.93 10.79
N ARG M 43 -43.29 -45.10 11.74
CA ARG M 43 -42.56 -44.96 12.99
C ARG M 43 -42.64 -46.26 13.77
N PRO M 44 -41.56 -46.64 14.47
CA PRO M 44 -41.56 -47.92 15.19
C PRO M 44 -42.56 -47.95 16.33
N GLY M 45 -43.13 -49.12 16.57
CA GLY M 45 -44.20 -49.29 17.51
C GLY M 45 -45.58 -49.21 16.91
N THR M 46 -45.78 -48.35 15.91
CA THR M 46 -47.07 -48.27 15.23
C THR M 46 -47.39 -49.57 14.51
N VAL M 47 -46.41 -50.07 13.75
CA VAL M 47 -46.52 -51.40 13.17
C VAL M 47 -46.74 -52.40 14.27
N ALA M 48 -45.89 -52.34 15.32
CA ALA M 48 -45.92 -53.31 16.41
C ALA M 48 -47.27 -53.36 17.08
N LEU M 49 -47.86 -52.19 17.34
CA LEU M 49 -49.24 -52.13 17.83
C LEU M 49 -50.23 -52.75 16.86
N ARG M 50 -50.01 -52.56 15.55
CA ARG M 50 -50.92 -53.17 14.60
C ARG M 50 -50.86 -54.69 14.62
N GLU M 51 -49.68 -55.31 14.71
CA GLU M 51 -49.72 -56.78 14.81
C GLU M 51 -50.10 -57.24 16.22
N ILE M 52 -49.93 -56.41 17.27
CA ILE M 52 -50.55 -56.74 18.55
C ILE M 52 -52.06 -56.89 18.39
N ARG M 53 -52.68 -55.91 17.74
CA ARG M 53 -54.11 -56.00 17.47
C ARG M 53 -54.44 -57.18 16.58
N ARG M 54 -53.56 -57.46 15.60
CA ARG M 54 -53.81 -58.52 14.63
C ARG M 54 -53.82 -59.89 15.29
N TYR M 55 -52.73 -60.28 15.96
CA TYR M 55 -52.76 -61.59 16.61
C TYR M 55 -53.64 -61.61 17.86
N GLN M 56 -53.95 -60.46 18.45
CA GLN M 56 -54.77 -60.51 19.63
C GLN M 56 -56.25 -60.67 19.31
N LYS M 57 -56.70 -60.17 18.15
CA LYS M 57 -58.06 -60.52 17.74
C LYS M 57 -58.09 -61.91 17.11
N SER M 58 -56.92 -62.47 16.81
CA SER M 58 -56.83 -63.79 16.22
C SER M 58 -57.05 -64.87 17.26
N THR M 59 -57.08 -66.11 16.81
CA THR M 59 -57.20 -67.26 17.69
C THR M 59 -56.28 -68.40 17.30
N GLU M 60 -55.51 -68.25 16.23
CA GLU M 60 -54.71 -69.35 15.70
C GLU M 60 -53.39 -69.48 16.45
N LEU M 61 -52.71 -70.58 16.17
CA LEU M 61 -51.42 -70.91 16.76
C LEU M 61 -50.33 -69.97 16.23
N LEU M 62 -49.35 -69.68 17.08
CA LEU M 62 -48.24 -68.81 16.69
C LEU M 62 -46.93 -69.54 16.46
N ILE M 63 -46.64 -70.58 17.22
CA ILE M 63 -45.36 -71.27 17.16
C ILE M 63 -45.46 -72.44 16.19
N ARG M 64 -44.41 -72.61 15.37
CA ARG M 64 -44.36 -73.66 14.36
C ARG M 64 -44.37 -75.03 15.02
N LYS M 65 -45.21 -75.94 14.50
CA LYS M 65 -45.49 -77.16 15.22
C LYS M 65 -44.37 -78.19 15.09
N LEU M 66 -43.66 -78.20 13.94
CA LEU M 66 -42.63 -79.23 13.76
C LEU M 66 -41.34 -79.00 14.55
N PRO M 67 -40.70 -77.80 14.56
CA PRO M 67 -39.52 -77.64 15.43
C PRO M 67 -39.85 -77.80 16.90
N PHE M 68 -41.03 -77.33 17.31
CA PHE M 68 -41.44 -77.48 18.68
C PHE M 68 -41.70 -78.94 19.01
N GLN M 69 -42.26 -79.70 18.07
CA GLN M 69 -42.52 -81.11 18.30
C GLN M 69 -41.22 -81.89 18.37
N ARG M 70 -40.22 -81.46 17.59
CA ARG M 70 -38.87 -81.99 17.74
C ARG M 70 -38.32 -81.69 19.13
N LEU M 71 -38.58 -80.49 19.64
CA LEU M 71 -38.15 -80.13 20.99
C LEU M 71 -38.84 -81.01 22.04
N VAL M 72 -40.12 -81.33 21.81
CA VAL M 72 -40.85 -82.20 22.73
C VAL M 72 -40.24 -83.59 22.75
N ARG M 73 -39.92 -84.16 21.58
CA ARG M 73 -39.23 -85.44 21.57
C ARG M 73 -37.85 -85.36 22.21
N GLU M 74 -37.14 -84.24 22.02
CA GLU M 74 -35.81 -84.08 22.60
C GLU M 74 -35.88 -84.05 24.13
N ILE M 75 -36.84 -83.31 24.68
CA ILE M 75 -36.93 -83.19 26.13
C ILE M 75 -37.50 -84.48 26.74
N ALA M 76 -38.29 -85.22 25.96
CA ALA M 76 -38.77 -86.51 26.44
C ALA M 76 -37.67 -87.56 26.39
N GLN M 77 -36.71 -87.39 25.48
CA GLN M 77 -35.67 -88.38 25.24
C GLN M 77 -34.74 -88.59 26.43
N ASP M 78 -34.47 -87.55 27.22
CA ASP M 78 -33.51 -87.65 28.31
C ASP M 78 -34.04 -88.40 29.52
N PHE M 79 -35.31 -88.77 29.55
CA PHE M 79 -35.88 -89.53 30.65
C PHE M 79 -36.11 -90.99 30.29
N LYS M 80 -36.78 -91.25 29.18
CA LYS M 80 -37.00 -92.61 28.70
C LYS M 80 -36.82 -92.61 27.19
N THR M 81 -36.21 -93.67 26.67
CA THR M 81 -36.04 -93.78 25.23
C THR M 81 -37.30 -94.34 24.58
N ASP M 82 -37.40 -94.12 23.26
CA ASP M 82 -38.43 -94.70 22.39
C ASP M 82 -39.83 -94.27 22.84
N LEU M 83 -40.07 -92.97 22.91
CA LEU M 83 -41.42 -92.47 23.18
C LEU M 83 -42.12 -92.11 21.88
N ARG M 84 -43.45 -92.26 21.91
CA ARG M 84 -44.30 -91.94 20.78
C ARG M 84 -45.31 -90.89 21.22
N PHE M 85 -45.74 -90.06 20.28
CA PHE M 85 -46.58 -88.92 20.60
C PHE M 85 -47.80 -88.90 19.68
N GLN M 86 -48.98 -88.83 20.27
CA GLN M 86 -50.17 -88.49 19.52
C GLN M 86 -50.05 -87.07 19.02
N SER M 87 -50.55 -86.83 17.80
CA SER M 87 -50.48 -85.48 17.22
C SER M 87 -51.30 -84.50 18.05
N SER M 88 -52.51 -84.91 18.46
CA SER M 88 -53.32 -84.08 19.33
C SER M 88 -52.67 -83.87 20.68
N ALA M 89 -51.89 -84.84 21.15
CA ALA M 89 -51.21 -84.71 22.44
C ALA M 89 -50.14 -83.62 22.40
N VAL M 90 -49.30 -83.65 21.37
CA VAL M 90 -48.24 -82.64 21.28
C VAL M 90 -48.84 -81.29 20.95
N MET M 91 -49.96 -81.27 20.22
CA MET M 91 -50.68 -80.01 20.04
C MET M 91 -51.20 -79.46 21.36
N ALA M 92 -51.80 -80.33 22.20
CA ALA M 92 -52.35 -79.86 23.48
C ALA M 92 -51.27 -79.33 24.39
N LEU M 93 -50.13 -80.03 24.43
CA LEU M 93 -48.95 -79.51 25.12
C LEU M 93 -48.52 -78.19 24.51
N GLN M 94 -48.73 -78.02 23.20
CA GLN M 94 -48.31 -76.78 22.56
C GLN M 94 -49.16 -75.60 23.01
N GLU M 95 -50.51 -75.72 23.01
CA GLU M 95 -51.30 -74.60 23.52
C GLU M 95 -51.06 -74.38 25.01
N ALA M 96 -50.75 -75.44 25.75
CA ALA M 96 -50.30 -75.25 27.13
C ALA M 96 -49.05 -74.38 27.17
N SER M 97 -48.12 -74.60 26.23
CA SER M 97 -46.89 -73.83 26.18
C SER M 97 -47.15 -72.35 25.91
N GLU M 98 -47.94 -72.02 24.86
CA GLU M 98 -48.12 -70.58 24.67
C GLU M 98 -49.06 -70.00 25.71
N ALA M 99 -49.88 -70.84 26.36
CA ALA M 99 -50.72 -70.34 27.44
C ALA M 99 -49.87 -69.84 28.60
N TYR M 100 -48.94 -70.68 29.07
CA TYR M 100 -48.05 -70.27 30.16
C TYR M 100 -47.17 -69.11 29.72
N LEU M 101 -46.70 -69.14 28.47
CA LEU M 101 -45.84 -68.07 27.98
C LEU M 101 -46.57 -66.74 27.90
N VAL M 102 -47.81 -66.73 27.40
CA VAL M 102 -48.52 -65.47 27.24
C VAL M 102 -48.93 -64.91 28.59
N GLY M 103 -49.27 -65.81 29.54
CA GLY M 103 -49.63 -65.35 30.88
C GLY M 103 -48.45 -64.73 31.59
N LEU M 104 -47.29 -65.38 31.49
CA LEU M 104 -46.04 -64.77 31.94
C LEU M 104 -45.77 -63.45 31.23
N PHE M 105 -46.22 -63.33 29.98
CA PHE M 105 -45.97 -62.10 29.26
C PHE M 105 -46.85 -60.93 29.72
N GLU M 106 -48.13 -61.13 30.07
CA GLU M 106 -48.81 -59.94 30.62
C GLU M 106 -48.31 -59.67 32.03
N ASP M 107 -47.85 -60.71 32.73
CA ASP M 107 -47.19 -60.50 34.02
C ASP M 107 -45.98 -59.59 33.88
N THR M 108 -45.10 -59.90 32.94
CA THR M 108 -43.91 -59.08 32.73
C THR M 108 -44.26 -57.73 32.10
N ASN M 109 -45.36 -57.65 31.37
CA ASN M 109 -45.79 -56.37 30.81
C ASN M 109 -46.23 -55.43 31.93
N LEU M 110 -46.98 -55.95 32.90
CA LEU M 110 -47.32 -55.15 34.07
C LEU M 110 -46.08 -54.77 34.87
N ALA M 111 -45.12 -55.72 34.97
CA ALA M 111 -43.87 -55.42 35.65
C ALA M 111 -43.09 -54.32 34.94
N ALA M 112 -43.11 -54.31 33.61
CA ALA M 112 -42.34 -53.34 32.85
C ALA M 112 -42.99 -51.96 32.90
N ILE M 113 -44.32 -51.90 32.82
CA ILE M 113 -44.97 -50.59 32.91
C ILE M 113 -44.95 -50.10 34.34
N HIS M 114 -44.73 -51.00 35.30
CA HIS M 114 -44.57 -50.60 36.70
C HIS M 114 -43.34 -49.72 36.87
N ALA M 115 -42.25 -50.06 36.20
CA ALA M 115 -41.00 -49.31 36.28
C ALA M 115 -40.95 -48.15 35.32
N LYS M 116 -42.10 -47.64 34.87
CA LYS M 116 -42.23 -46.52 33.94
C LYS M 116 -41.53 -46.77 32.62
N ARG M 117 -41.45 -48.02 32.20
CA ARG M 117 -40.77 -48.40 30.97
C ARG M 117 -41.71 -49.13 30.02
N VAL M 118 -41.31 -49.17 28.76
CA VAL M 118 -41.95 -50.04 27.78
C VAL M 118 -41.04 -51.15 27.29
N THR M 119 -39.74 -51.06 27.55
CA THR M 119 -38.80 -52.11 27.17
C THR M 119 -38.82 -53.22 28.21
N ILE M 120 -38.87 -54.45 27.74
CA ILE M 120 -38.86 -55.61 28.64
C ILE M 120 -37.42 -56.07 28.84
N MET M 121 -37.09 -56.41 30.07
CA MET M 121 -35.78 -56.95 30.41
C MET M 121 -35.96 -58.25 31.19
N PRO M 122 -34.98 -59.16 31.13
CA PRO M 122 -35.14 -60.46 31.83
C PRO M 122 -35.25 -60.34 33.33
N LYS M 123 -34.80 -59.23 33.91
CA LYS M 123 -35.02 -58.96 35.32
C LYS M 123 -36.51 -58.86 35.64
N ASP M 124 -37.32 -58.36 34.70
CA ASP M 124 -38.76 -58.39 34.85
C ASP M 124 -39.28 -59.82 34.86
N ILE M 125 -38.70 -60.68 34.00
CA ILE M 125 -39.11 -62.08 33.94
C ILE M 125 -38.78 -62.78 35.25
N GLN M 126 -37.62 -62.47 35.81
CA GLN M 126 -37.23 -63.03 37.10
C GLN M 126 -38.18 -62.58 38.20
N LEU M 127 -38.59 -61.31 38.16
CA LEU M 127 -39.60 -60.82 39.08
C LEU M 127 -40.90 -61.60 38.95
N ALA M 128 -41.35 -61.82 37.71
CA ALA M 128 -42.62 -62.50 37.47
C ALA M 128 -42.57 -63.95 37.95
N ARG M 129 -41.44 -64.60 37.73
CA ARG M 129 -41.28 -65.97 38.21
C ARG M 129 -41.24 -66.02 39.73
N ARG M 130 -40.63 -65.02 40.37
CA ARG M 130 -40.51 -65.07 41.83
C ARG M 130 -41.85 -64.77 42.50
N ILE M 131 -42.62 -63.83 41.95
CA ILE M 131 -43.96 -63.58 42.50
C ILE M 131 -44.90 -64.74 42.20
N ARG M 132 -44.73 -65.41 41.07
CA ARG M 132 -45.62 -66.51 40.73
C ARG M 132 -45.40 -67.73 41.61
N GLY M 133 -44.23 -67.83 42.24
CA GLY M 133 -43.93 -69.00 43.05
C GLY M 133 -43.28 -70.13 42.28
N GLU M 134 -42.18 -69.85 41.60
CA GLU M 134 -41.64 -70.77 40.61
C GLU M 134 -40.15 -70.55 40.40
N LYS N 21 -30.46 -89.54 14.75
CA LYS N 21 -31.44 -90.12 15.66
C LYS N 21 -31.62 -89.26 16.91
N VAL N 22 -30.53 -89.04 17.64
CA VAL N 22 -30.59 -88.20 18.82
C VAL N 22 -30.65 -86.74 18.43
N LEU N 23 -31.12 -85.91 19.35
CA LEU N 23 -31.30 -84.48 19.11
C LEU N 23 -30.51 -83.70 20.16
N ARG N 24 -29.91 -82.60 19.73
CA ARG N 24 -29.05 -81.81 20.61
C ARG N 24 -29.47 -80.36 20.74
N ASP N 25 -29.88 -79.72 19.64
CA ASP N 25 -30.23 -78.29 19.67
C ASP N 25 -31.59 -78.06 19.01
N ASN N 26 -32.65 -78.20 19.79
CA ASN N 26 -33.99 -77.82 19.35
C ASN N 26 -34.51 -76.59 20.07
N ILE N 27 -33.81 -76.10 21.08
CA ILE N 27 -34.24 -74.88 21.75
C ILE N 27 -34.04 -73.66 20.85
N GLN N 28 -33.13 -73.77 19.88
CA GLN N 28 -33.04 -72.77 18.82
C GLN N 28 -34.17 -72.90 17.80
N GLY N 29 -34.90 -74.02 17.80
CA GLY N 29 -36.03 -74.17 16.91
C GLY N 29 -37.24 -73.33 17.27
N ILE N 30 -37.27 -72.77 18.47
CA ILE N 30 -38.31 -71.82 18.87
C ILE N 30 -37.76 -70.44 18.53
N THR N 31 -38.12 -69.95 17.35
CA THR N 31 -37.36 -68.89 16.71
C THR N 31 -37.71 -67.51 17.27
N LYS N 32 -36.87 -66.54 16.90
CA LYS N 32 -36.98 -65.15 17.36
C LYS N 32 -38.30 -64.46 17.01
N PRO N 33 -38.78 -64.46 15.75
CA PRO N 33 -40.06 -63.75 15.51
C PRO N 33 -41.25 -64.47 16.11
N ALA N 34 -41.16 -65.78 16.34
CA ALA N 34 -42.25 -66.47 17.01
C ALA N 34 -42.38 -66.03 18.46
N ILE N 35 -41.25 -65.90 19.17
CA ILE N 35 -41.25 -65.34 20.52
C ILE N 35 -41.75 -63.90 20.48
N ARG N 36 -41.38 -63.15 19.44
CA ARG N 36 -41.87 -61.79 19.29
C ARG N 36 -43.38 -61.77 19.17
N ARG N 37 -43.95 -62.63 18.31
CA ARG N 37 -45.39 -62.67 18.10
C ARG N 37 -46.12 -63.13 19.37
N LEU N 38 -45.50 -64.01 20.15
CA LEU N 38 -46.03 -64.36 21.46
C LEU N 38 -46.07 -63.14 22.37
N ALA N 39 -45.03 -62.31 22.31
CA ALA N 39 -45.03 -61.08 23.12
C ALA N 39 -46.09 -60.10 22.64
N ARG N 40 -46.38 -60.07 21.33
CA ARG N 40 -47.55 -59.34 20.86
C ARG N 40 -48.84 -59.91 21.43
N ARG N 41 -48.94 -61.24 21.54
CA ARG N 41 -50.12 -61.81 22.19
C ARG N 41 -50.15 -61.44 23.66
N GLY N 42 -49.00 -61.29 24.29
CA GLY N 42 -48.95 -60.71 25.62
C GLY N 42 -49.04 -59.20 25.66
N GLY N 43 -49.09 -58.54 24.51
CA GLY N 43 -49.17 -57.10 24.46
C GLY N 43 -47.86 -56.37 24.70
N VAL N 44 -46.73 -57.05 24.56
CA VAL N 44 -45.44 -56.42 24.76
C VAL N 44 -45.06 -55.65 23.50
N LYS N 45 -44.65 -54.40 23.68
CA LYS N 45 -44.33 -53.56 22.53
C LYS N 45 -42.96 -53.85 21.94
N ARG N 46 -41.89 -53.61 22.71
CA ARG N 46 -40.53 -53.71 22.19
C ARG N 46 -39.74 -54.65 23.08
N ILE N 47 -38.96 -55.54 22.46
CA ILE N 47 -38.38 -56.69 23.14
C ILE N 47 -36.87 -56.62 23.02
N SER N 48 -36.17 -56.68 24.16
CA SER N 48 -34.72 -56.63 24.17
C SER N 48 -34.13 -57.95 23.70
N GLY N 49 -32.82 -57.92 23.40
CA GLY N 49 -32.13 -59.10 22.94
C GLY N 49 -31.96 -60.18 24.00
N LEU N 50 -31.72 -59.79 25.25
CA LEU N 50 -31.50 -60.74 26.33
C LEU N 50 -32.77 -61.46 26.77
N ILE N 51 -33.94 -61.02 26.28
CA ILE N 51 -35.20 -61.68 26.57
C ILE N 51 -35.20 -63.12 26.09
N TYR N 52 -34.63 -63.36 24.92
CA TYR N 52 -34.93 -64.54 24.12
C TYR N 52 -34.49 -65.82 24.80
N GLU N 53 -33.24 -65.85 25.26
CA GLU N 53 -32.73 -67.05 25.93
C GLU N 53 -33.42 -67.27 27.28
N GLU N 54 -33.87 -66.19 27.93
CA GLU N 54 -34.61 -66.35 29.18
C GLU N 54 -35.96 -66.99 28.96
N THR N 55 -36.68 -66.56 27.91
CA THR N 55 -37.92 -67.23 27.55
C THR N 55 -37.68 -68.67 27.13
N ARG N 56 -36.58 -68.92 26.40
CA ARG N 56 -36.22 -70.29 26.04
C ARG N 56 -36.01 -71.15 27.29
N GLY N 57 -35.32 -70.59 28.28
CA GLY N 57 -35.06 -71.34 29.51
C GLY N 57 -36.32 -71.62 30.31
N VAL N 58 -37.19 -70.62 30.46
CA VAL N 58 -38.38 -70.83 31.29
C VAL N 58 -39.36 -71.73 30.54
N LEU N 59 -39.38 -71.66 29.21
CA LEU N 59 -40.08 -72.64 28.40
C LEU N 59 -39.54 -74.03 28.65
N LYS N 60 -38.22 -74.17 28.67
CA LYS N 60 -37.61 -75.48 28.90
C LYS N 60 -37.99 -76.03 30.25
N VAL N 61 -37.99 -75.18 31.29
CA VAL N 61 -38.32 -75.62 32.64
C VAL N 61 -39.78 -76.06 32.74
N PHE N 62 -40.70 -75.25 32.21
CA PHE N 62 -42.11 -75.60 32.26
C PHE N 62 -42.38 -76.88 31.49
N LEU N 63 -41.80 -77.00 30.29
CA LEU N 63 -42.01 -78.20 29.48
C LEU N 63 -41.42 -79.44 30.14
N GLU N 64 -40.22 -79.35 30.73
CA GLU N 64 -39.64 -80.55 31.32
C GLU N 64 -40.41 -80.96 32.56
N ASN N 65 -40.90 -79.97 33.32
CA ASN N 65 -41.68 -80.28 34.52
C ASN N 65 -42.98 -80.96 34.15
N VAL N 66 -43.62 -80.55 33.05
CA VAL N 66 -44.88 -81.21 32.70
C VAL N 66 -44.62 -82.56 32.02
N ILE N 67 -43.54 -82.67 31.23
CA ILE N 67 -43.40 -83.89 30.44
C ILE N 67 -42.85 -85.01 31.33
N ARG N 68 -42.12 -84.65 32.39
CA ARG N 68 -41.70 -85.65 33.38
C ARG N 68 -42.91 -86.25 34.07
N ASP N 69 -43.86 -85.40 34.45
CA ASP N 69 -45.08 -85.89 35.06
C ASP N 69 -45.87 -86.75 34.08
N ALA N 70 -45.92 -86.32 32.81
CA ALA N 70 -46.63 -87.08 31.79
C ALA N 70 -46.00 -88.45 31.55
N VAL N 71 -44.66 -88.51 31.52
CA VAL N 71 -44.03 -89.80 31.24
C VAL N 71 -44.15 -90.71 32.46
N THR N 72 -44.23 -90.14 33.67
CA THR N 72 -44.55 -90.99 34.82
C THR N 72 -45.98 -91.51 34.75
N TYR N 73 -46.90 -90.70 34.22
CA TYR N 73 -48.25 -91.20 33.99
C TYR N 73 -48.25 -92.35 32.97
N THR N 74 -47.46 -92.22 31.92
CA THR N 74 -47.40 -93.28 30.91
C THR N 74 -46.73 -94.54 31.45
N GLU N 75 -45.69 -94.36 32.28
CA GLU N 75 -45.05 -95.52 32.91
C GLU N 75 -46.00 -96.20 33.89
N HIS N 76 -46.86 -95.43 34.54
CA HIS N 76 -47.96 -96.06 35.27
C HIS N 76 -48.89 -96.81 34.33
N ALA N 77 -49.15 -96.23 33.16
CA ALA N 77 -50.02 -96.87 32.18
C ALA N 77 -49.37 -98.07 31.50
N LYS N 78 -48.06 -98.27 31.71
CA LYS N 78 -47.24 -99.24 30.98
C LYS N 78 -47.31 -99.01 29.47
N ARG N 79 -47.42 -97.76 29.07
CA ARG N 79 -47.66 -97.38 27.69
C ARG N 79 -46.48 -96.57 27.17
N LYS N 80 -45.99 -96.94 25.99
CA LYS N 80 -44.83 -96.30 25.40
C LYS N 80 -45.19 -95.07 24.57
N THR N 81 -46.45 -94.65 24.58
CA THR N 81 -46.92 -93.51 23.81
C THR N 81 -47.43 -92.44 24.76
N VAL N 82 -47.01 -91.20 24.54
CA VAL N 82 -47.57 -90.08 25.30
C VAL N 82 -48.94 -89.75 24.72
N THR N 83 -49.96 -89.78 25.57
CA THR N 83 -51.32 -89.51 25.14
C THR N 83 -51.76 -88.13 25.63
N ALA N 84 -52.77 -87.59 24.94
CA ALA N 84 -53.30 -86.27 25.31
C ALA N 84 -53.97 -86.31 26.66
N MET N 85 -54.50 -87.48 27.04
CA MET N 85 -55.18 -87.62 28.33
C MET N 85 -54.23 -87.32 29.47
N ASP N 86 -53.03 -87.89 29.43
CA ASP N 86 -52.09 -87.70 30.52
C ASP N 86 -51.49 -86.30 30.49
N VAL N 87 -51.41 -85.68 29.31
CA VAL N 87 -50.96 -84.29 29.25
C VAL N 87 -51.95 -83.37 29.93
N VAL N 88 -53.25 -83.52 29.61
CA VAL N 88 -54.28 -82.73 30.27
C VAL N 88 -54.28 -83.03 31.77
N TYR N 89 -54.01 -84.28 32.12
CA TYR N 89 -54.10 -84.71 33.51
C TYR N 89 -52.96 -84.12 34.34
N ALA N 90 -51.74 -84.12 33.77
CA ALA N 90 -50.59 -83.56 34.46
C ALA N 90 -50.66 -82.05 34.53
N LEU N 91 -51.18 -81.41 33.49
CA LEU N 91 -51.41 -79.97 33.58
C LEU N 91 -52.50 -79.64 34.59
N LYS N 92 -53.48 -80.54 34.76
CA LYS N 92 -54.47 -80.38 35.82
C LYS N 92 -53.82 -80.46 37.19
N ARG N 93 -52.91 -81.41 37.37
CA ARG N 93 -52.25 -81.54 38.67
C ARG N 93 -51.33 -80.35 38.95
N GLN N 94 -50.73 -79.78 37.90
CA GLN N 94 -49.79 -78.69 38.09
C GLN N 94 -50.52 -77.34 38.21
N GLY N 95 -51.86 -77.37 38.34
CA GLY N 95 -52.63 -76.17 38.58
C GLY N 95 -52.94 -75.36 37.34
N ARG N 96 -52.70 -75.91 36.16
CA ARG N 96 -52.89 -75.24 34.88
C ARG N 96 -53.73 -76.09 33.96
N THR N 97 -54.87 -76.57 34.46
CA THR N 97 -55.75 -77.44 33.69
C THR N 97 -56.22 -76.76 32.42
N LEU N 98 -56.33 -77.54 31.34
CA LEU N 98 -56.51 -77.02 30.01
C LEU N 98 -57.82 -77.55 29.45
N TYR N 99 -58.54 -76.70 28.75
CA TYR N 99 -59.84 -77.03 28.18
C TYR N 99 -59.70 -77.25 26.68
N GLY N 100 -60.33 -78.31 26.19
CA GLY N 100 -60.35 -78.59 24.76
C GLY N 100 -59.69 -79.87 24.34
N PHE N 101 -59.18 -80.68 25.25
CA PHE N 101 -58.56 -81.93 24.88
C PHE N 101 -58.93 -83.08 25.80
N GLY N 102 -59.74 -82.82 26.83
CA GLY N 102 -60.26 -83.90 27.64
C GLY N 102 -61.21 -84.79 26.84
N GLY N 103 -61.00 -86.09 26.97
CA GLY N 103 -61.77 -87.06 26.20
C GLY N 103 -61.35 -87.16 24.74
N ALA O 28 -52.31 -121.96 71.05
CA ALA O 28 -53.61 -121.95 70.41
C ALA O 28 -53.61 -121.04 69.19
N ARG O 29 -53.23 -119.78 69.40
CA ARG O 29 -53.17 -118.79 68.33
C ARG O 29 -51.79 -118.17 68.33
N ALA O 30 -51.41 -117.60 67.18
CA ALA O 30 -50.07 -117.07 67.01
C ALA O 30 -49.83 -115.85 67.89
N LYS O 31 -48.56 -115.65 68.26
CA LYS O 31 -48.18 -114.52 69.09
C LYS O 31 -48.35 -113.22 68.32
N ALA O 32 -48.86 -112.19 69.01
CA ALA O 32 -49.17 -110.93 68.35
C ALA O 32 -47.90 -110.18 67.98
N LYS O 33 -47.80 -109.83 66.70
CA LYS O 33 -46.66 -109.10 66.17
C LYS O 33 -47.20 -108.08 65.16
N THR O 34 -46.96 -106.81 65.41
CA THR O 34 -47.50 -105.77 64.53
C THR O 34 -46.75 -105.74 63.21
N ARG O 35 -47.46 -105.32 62.16
CA ARG O 35 -46.90 -105.36 60.82
C ARG O 35 -45.83 -104.29 60.63
N SER O 36 -45.87 -103.22 61.41
CA SER O 36 -44.81 -102.22 61.38
C SER O 36 -43.49 -102.82 61.85
N SER O 37 -43.55 -103.69 62.87
CA SER O 37 -42.34 -104.35 63.35
C SER O 37 -41.79 -105.34 62.34
N ARG O 38 -42.67 -106.10 61.67
CA ARG O 38 -42.22 -107.02 60.63
C ARG O 38 -41.61 -106.26 59.47
N ALA O 39 -42.20 -105.12 59.12
CA ALA O 39 -41.55 -104.20 58.20
C ALA O 39 -40.31 -103.56 58.81
N GLY O 40 -40.28 -103.38 60.13
CA GLY O 40 -39.20 -102.63 60.74
C GLY O 40 -39.38 -101.13 60.66
N LEU O 41 -40.62 -100.66 60.61
CA LEU O 41 -40.93 -99.26 60.43
C LEU O 41 -41.70 -98.76 61.65
N GLN O 42 -41.69 -97.44 61.86
CA GLN O 42 -42.14 -96.85 63.12
C GLN O 42 -43.59 -96.37 63.10
N PHE O 43 -44.02 -95.68 62.04
CA PHE O 43 -45.43 -95.29 61.98
C PHE O 43 -46.33 -96.51 61.83
N PRO O 44 -47.54 -96.48 62.41
CA PRO O 44 -48.42 -97.66 62.39
C PRO O 44 -48.99 -97.91 61.00
N VAL O 45 -48.54 -98.99 60.37
CA VAL O 45 -49.02 -99.34 59.05
C VAL O 45 -50.48 -99.74 59.11
N GLY O 46 -50.90 -100.40 60.20
CA GLY O 46 -52.30 -100.75 60.35
C GLY O 46 -53.21 -99.54 60.44
N ARG O 47 -52.77 -98.50 61.16
CA ARG O 47 -53.60 -97.31 61.31
C ARG O 47 -53.76 -96.56 60.00
N VAL O 48 -52.67 -96.37 59.26
CA VAL O 48 -52.77 -95.67 57.97
C VAL O 48 -53.52 -96.53 56.96
N HIS O 49 -53.42 -97.85 57.08
CA HIS O 49 -54.21 -98.75 56.26
C HIS O 49 -55.70 -98.59 56.53
N ARG O 50 -56.07 -98.49 57.81
CA ARG O 50 -57.46 -98.22 58.17
C ARG O 50 -57.91 -96.86 57.66
N LEU O 51 -57.02 -95.87 57.74
CA LEU O 51 -57.37 -94.52 57.33
C LEU O 51 -57.55 -94.43 55.82
N LEU O 52 -56.78 -95.22 55.06
CA LEU O 52 -57.03 -95.33 53.62
C LEU O 52 -58.31 -96.10 53.33
N ARG O 53 -58.65 -97.07 54.19
CA ARG O 53 -59.92 -97.78 54.00
C ARG O 53 -61.11 -96.86 54.20
N LYS O 54 -61.07 -96.00 55.22
CA LYS O 54 -62.21 -95.13 55.52
C LYS O 54 -62.08 -93.74 54.90
N GLY O 55 -61.03 -93.46 54.15
CA GLY O 55 -61.00 -92.23 53.41
C GLY O 55 -61.77 -92.26 52.11
N ASN O 56 -62.23 -93.45 51.70
CA ASN O 56 -62.85 -93.72 50.40
C ASN O 56 -62.02 -93.18 49.25
N TYR O 57 -60.72 -93.43 49.29
CA TYR O 57 -59.85 -93.07 48.18
C TYR O 57 -59.70 -94.23 47.21
N SER O 58 -60.24 -95.38 47.58
CA SER O 58 -60.36 -96.52 46.69
C SER O 58 -61.46 -97.42 47.23
N GLU O 59 -61.98 -98.28 46.35
CA GLU O 59 -62.85 -99.34 46.83
C GLU O 59 -62.04 -100.47 47.46
N ARG O 60 -60.83 -100.71 46.96
CA ARG O 60 -60.11 -101.94 47.19
C ARG O 60 -58.66 -101.54 47.41
N VAL O 61 -58.00 -102.06 48.43
CA VAL O 61 -56.67 -101.56 48.80
C VAL O 61 -55.67 -102.71 48.91
N GLY O 62 -54.50 -102.52 48.29
CA GLY O 62 -53.48 -103.55 48.30
C GLY O 62 -52.66 -103.57 49.58
N ALA O 63 -51.94 -104.67 49.78
CA ALA O 63 -51.23 -104.88 51.04
C ALA O 63 -49.97 -104.03 51.15
N GLY O 64 -49.20 -103.92 50.07
CA GLY O 64 -47.92 -103.24 50.15
C GLY O 64 -47.99 -101.73 50.18
N ALA O 65 -49.09 -101.15 49.69
CA ALA O 65 -49.22 -99.70 49.63
C ALA O 65 -49.15 -98.99 50.98
N PRO O 66 -49.83 -99.44 52.06
CA PRO O 66 -49.63 -98.76 53.35
C PRO O 66 -48.21 -98.86 53.90
N VAL O 67 -47.54 -100.00 53.69
CA VAL O 67 -46.15 -100.13 54.12
C VAL O 67 -45.28 -99.14 53.37
N TYR O 68 -45.50 -99.03 52.07
CA TYR O 68 -44.75 -98.11 51.22
C TYR O 68 -44.96 -96.66 51.66
N LEU O 69 -46.22 -96.30 51.90
CA LEU O 69 -46.56 -94.95 52.34
C LEU O 69 -45.95 -94.64 53.70
N ALA O 70 -45.98 -95.62 54.60
CA ALA O 70 -45.38 -95.44 55.92
C ALA O 70 -43.90 -95.19 55.81
N ALA O 71 -43.20 -95.93 54.95
CA ALA O 71 -41.77 -95.73 54.77
C ALA O 71 -41.47 -94.35 54.19
N VAL O 72 -42.29 -93.88 53.25
CA VAL O 72 -42.11 -92.56 52.68
C VAL O 72 -42.26 -91.48 53.76
N LEU O 73 -43.32 -91.57 54.57
CA LEU O 73 -43.51 -90.60 55.63
C LEU O 73 -42.40 -90.66 56.67
N GLU O 74 -41.85 -91.86 56.92
CA GLU O 74 -40.73 -91.94 57.86
C GLU O 74 -39.50 -91.24 57.33
N TYR O 75 -39.22 -91.37 56.02
CA TYR O 75 -38.05 -90.66 55.49
C TYR O 75 -38.24 -89.16 55.53
N LEU O 76 -39.44 -88.67 55.17
CA LEU O 76 -39.68 -87.24 55.25
C LEU O 76 -39.59 -86.71 56.68
N THR O 77 -40.19 -87.42 57.63
CA THR O 77 -40.09 -86.99 59.03
C THR O 77 -38.65 -87.09 59.53
N ALA O 78 -37.91 -88.12 59.11
CA ALA O 78 -36.53 -88.27 59.56
C ALA O 78 -35.65 -87.13 59.06
N GLU O 79 -35.82 -86.73 57.79
CA GLU O 79 -34.98 -85.66 57.27
C GLU O 79 -35.38 -84.31 57.87
N ILE O 80 -36.68 -84.08 58.07
CA ILE O 80 -37.08 -82.78 58.59
C ILE O 80 -36.71 -82.66 60.07
N LEU O 81 -36.74 -83.77 60.82
CA LEU O 81 -36.28 -83.73 62.20
C LEU O 81 -34.77 -83.66 62.33
N GLU O 82 -34.00 -84.25 61.41
CA GLU O 82 -32.55 -84.07 61.54
C GLU O 82 -32.16 -82.65 61.18
N LEU O 83 -32.85 -82.04 60.20
CA LEU O 83 -32.64 -80.63 59.93
C LEU O 83 -33.04 -79.76 61.11
N ALA O 84 -34.16 -80.09 61.76
CA ALA O 84 -34.59 -79.34 62.94
C ALA O 84 -33.63 -79.55 64.10
N GLY O 85 -33.06 -80.75 64.23
CA GLY O 85 -32.11 -81.01 65.30
C GLY O 85 -30.81 -80.26 65.11
N ASN O 86 -30.31 -80.18 63.88
CA ASN O 86 -29.13 -79.37 63.63
C ASN O 86 -29.43 -77.88 63.80
N ALA O 87 -30.66 -77.47 63.47
CA ALA O 87 -31.05 -76.08 63.71
C ALA O 87 -31.11 -75.76 65.20
N ALA O 88 -31.62 -76.69 66.00
CA ALA O 88 -31.70 -76.49 67.44
C ALA O 88 -30.33 -76.54 68.09
N ARG O 89 -29.45 -77.41 67.58
CA ARG O 89 -28.08 -77.45 68.06
C ARG O 89 -27.33 -76.18 67.69
N ASP O 90 -27.68 -75.59 66.55
CA ASP O 90 -27.16 -74.27 66.19
C ASP O 90 -27.65 -73.19 67.16
N ASN O 91 -28.90 -73.27 67.58
CA ASN O 91 -29.48 -72.28 68.49
C ASN O 91 -29.21 -72.71 69.95
N LYS O 92 -28.43 -73.78 70.13
CA LYS O 92 -28.05 -74.39 71.42
C LYS O 92 -29.23 -74.59 72.37
N LYS O 93 -30.41 -74.85 71.82
CA LYS O 93 -31.58 -75.26 72.58
C LYS O 93 -31.82 -76.73 72.34
N THR O 94 -32.10 -77.47 73.40
CA THR O 94 -32.23 -78.92 73.28
C THR O 94 -33.58 -79.34 72.72
N ARG O 95 -34.58 -78.46 72.75
CA ARG O 95 -35.94 -78.82 72.39
C ARG O 95 -36.37 -78.08 71.14
N ILE O 96 -37.16 -78.76 70.30
CA ILE O 96 -37.58 -78.18 69.03
C ILE O 96 -38.66 -77.14 69.27
N ILE O 97 -38.47 -75.95 68.70
CA ILE O 97 -39.44 -74.87 68.74
C ILE O 97 -39.91 -74.75 67.30
N PRO O 98 -41.13 -74.25 67.02
CA PRO O 98 -41.52 -74.06 65.60
C PRO O 98 -40.64 -73.10 64.82
N ARG O 99 -39.88 -72.23 65.47
CA ARG O 99 -38.87 -71.44 64.76
C ARG O 99 -37.84 -72.35 64.11
N HIS O 100 -37.37 -73.37 64.85
CA HIS O 100 -36.45 -74.35 64.28
C HIS O 100 -37.08 -75.07 63.10
N LEU O 101 -38.36 -75.42 63.22
CA LEU O 101 -39.00 -76.18 62.16
C LEU O 101 -39.19 -75.34 60.91
N GLN O 102 -39.51 -74.05 61.09
CA GLN O 102 -39.61 -73.13 59.96
C GLN O 102 -38.25 -72.94 59.28
N LEU O 103 -37.19 -72.76 60.07
CA LEU O 103 -35.85 -72.62 59.51
C LEU O 103 -35.43 -73.89 58.78
N ALA O 104 -35.83 -75.04 59.29
CA ALA O 104 -35.49 -76.31 58.63
C ALA O 104 -36.25 -76.46 57.32
N ILE O 105 -37.55 -76.17 57.32
CA ILE O 105 -38.36 -76.44 56.15
C ILE O 105 -38.12 -75.41 55.06
N ARG O 106 -37.57 -74.24 55.42
CA ARG O 106 -37.42 -73.20 54.40
C ARG O 106 -35.98 -73.09 53.91
N ASN O 107 -35.00 -73.59 54.65
CA ASN O 107 -33.61 -73.57 54.18
C ASN O 107 -33.29 -74.69 53.22
N ASP O 108 -34.20 -75.62 52.98
CA ASP O 108 -34.01 -76.64 51.96
C ASP O 108 -34.88 -76.28 50.76
N GLU O 109 -34.24 -76.11 49.61
CA GLU O 109 -34.94 -75.68 48.40
C GLU O 109 -35.94 -76.74 47.93
N GLU O 110 -35.61 -78.02 48.17
CA GLU O 110 -36.44 -79.10 47.65
C GLU O 110 -37.68 -79.30 48.51
N LEU O 111 -37.55 -79.25 49.83
CA LEU O 111 -38.74 -79.20 50.68
C LEU O 111 -39.51 -77.91 50.51
N ASN O 112 -38.81 -76.82 50.15
CA ASN O 112 -39.49 -75.57 49.82
C ASN O 112 -40.38 -75.77 48.59
N LYS O 113 -39.89 -76.49 47.58
CA LYS O 113 -40.73 -76.83 46.45
C LYS O 113 -41.86 -77.77 46.86
N LEU O 114 -41.60 -78.62 47.85
CA LEU O 114 -42.63 -79.55 48.29
C LEU O 114 -43.69 -78.85 49.14
N LEU O 115 -43.29 -77.84 49.91
CA LEU O 115 -44.19 -77.13 50.82
C LEU O 115 -44.19 -75.62 50.59
N GLY O 116 -44.41 -75.21 49.34
CA GLY O 116 -44.28 -73.78 49.01
C GLY O 116 -45.35 -72.90 49.62
N ARG O 117 -46.61 -73.29 49.51
CA ARG O 117 -47.72 -72.42 49.82
C ARG O 117 -48.23 -72.59 51.25
N VAL O 118 -47.35 -72.90 52.19
CA VAL O 118 -47.76 -73.14 53.57
C VAL O 118 -46.94 -72.25 54.50
N THR O 119 -47.57 -71.81 55.59
CA THR O 119 -46.89 -71.09 56.66
C THR O 119 -47.06 -71.87 57.95
N ILE O 120 -45.99 -71.95 58.75
CA ILE O 120 -45.98 -72.67 60.02
C ILE O 120 -46.39 -71.68 61.10
N ALA O 121 -47.31 -72.11 61.97
CA ALA O 121 -47.73 -71.27 63.09
C ALA O 121 -46.57 -71.02 64.04
N GLN O 122 -46.41 -69.74 64.41
CA GLN O 122 -45.27 -69.25 65.19
C GLN O 122 -43.94 -69.61 64.54
N GLY O 123 -43.90 -69.60 63.21
CA GLY O 123 -42.71 -70.01 62.50
C GLY O 123 -41.73 -68.89 62.22
N GLY O 124 -42.26 -67.71 61.89
CA GLY O 124 -41.38 -66.67 61.42
C GLY O 124 -40.95 -66.93 59.99
N VAL O 125 -39.83 -66.32 59.62
CA VAL O 125 -39.30 -66.41 58.26
C VAL O 125 -37.79 -66.44 58.35
N LEU O 126 -37.15 -66.88 57.27
CA LEU O 126 -35.70 -66.91 57.20
C LEU O 126 -35.13 -65.50 57.24
N PRO O 127 -33.87 -65.33 57.69
CA PRO O 127 -33.21 -64.03 57.55
C PRO O 127 -33.03 -63.69 56.07
N ASN O 128 -33.78 -62.69 55.62
CA ASN O 128 -33.78 -62.29 54.22
C ASN O 128 -33.79 -60.77 54.18
N ILE O 129 -32.62 -60.18 53.94
CA ILE O 129 -32.48 -58.74 53.80
C ILE O 129 -31.82 -58.49 52.46
N GLN O 130 -32.38 -57.56 51.68
CA GLN O 130 -31.88 -57.34 50.34
C GLN O 130 -30.73 -56.33 50.37
N ALA O 131 -29.80 -56.48 49.41
CA ALA O 131 -28.56 -55.73 49.45
C ALA O 131 -28.77 -54.23 49.27
N VAL O 132 -29.84 -53.84 48.58
CA VAL O 132 -30.16 -52.42 48.44
C VAL O 132 -30.59 -51.82 49.77
N LEU O 133 -31.14 -52.61 50.68
CA LEU O 133 -31.52 -52.11 51.98
C LEU O 133 -30.34 -51.87 52.90
N LEU O 134 -29.21 -52.53 52.65
CA LEU O 134 -28.04 -52.32 53.48
C LEU O 134 -27.41 -50.97 53.17
N PRO O 135 -26.83 -50.31 54.17
CA PRO O 135 -26.19 -49.02 53.92
C PRO O 135 -24.91 -49.16 53.09
N LYS O 136 -24.42 -48.02 52.63
CA LYS O 136 -23.21 -47.89 51.79
C LYS O 136 -23.30 -48.74 50.52
N LYS P 31 -66.01 -88.02 81.73
CA LYS P 31 -65.86 -88.95 80.61
C LYS P 31 -65.50 -88.21 79.33
N ARG P 32 -64.47 -88.68 78.65
CA ARG P 32 -63.97 -88.05 77.44
C ARG P 32 -63.90 -89.07 76.31
N SER P 33 -63.67 -88.57 75.10
CA SER P 33 -63.48 -89.39 73.93
C SER P 33 -62.05 -89.28 73.47
N ARG P 34 -61.37 -90.43 73.33
CA ARG P 34 -59.98 -90.43 72.91
C ARG P 34 -59.86 -90.00 71.46
N LYS P 35 -58.89 -89.13 71.19
CA LYS P 35 -58.64 -88.63 69.83
C LYS P 35 -57.37 -89.25 69.31
N GLU P 36 -57.44 -89.82 68.11
CA GLU P 36 -56.29 -90.47 67.50
C GLU P 36 -55.27 -89.44 67.03
N SER P 37 -54.00 -89.83 67.07
CA SER P 37 -52.91 -88.97 66.63
C SER P 37 -51.71 -89.85 66.30
N TYR P 38 -50.61 -89.21 65.95
CA TYR P 38 -49.38 -89.90 65.63
C TYR P 38 -48.23 -89.49 66.54
N SER P 39 -48.50 -89.25 67.83
CA SER P 39 -47.53 -88.58 68.69
C SER P 39 -46.34 -89.45 69.03
N VAL P 40 -46.58 -90.63 69.61
CA VAL P 40 -45.51 -91.46 70.12
C VAL P 40 -44.63 -91.97 68.98
N TYR P 41 -45.19 -92.09 67.78
CA TYR P 41 -44.41 -92.58 66.65
C TYR P 41 -43.39 -91.55 66.20
N VAL P 42 -43.80 -90.28 66.14
CA VAL P 42 -42.87 -89.20 65.82
C VAL P 42 -41.85 -89.05 66.94
N TYR P 43 -42.27 -89.28 68.19
CA TYR P 43 -41.32 -89.29 69.29
C TYR P 43 -40.26 -90.39 69.12
N LYS P 44 -40.69 -91.58 68.69
CA LYS P 44 -39.76 -92.67 68.43
C LYS P 44 -38.81 -92.34 67.29
N VAL P 45 -39.33 -91.68 66.24
CA VAL P 45 -38.48 -91.27 65.12
C VAL P 45 -37.44 -90.25 65.58
N LEU P 46 -37.86 -89.31 66.43
CA LEU P 46 -36.93 -88.34 67.00
C LEU P 46 -35.83 -89.03 67.81
N LYS P 47 -36.22 -89.96 68.69
CA LYS P 47 -35.23 -90.66 69.50
C LYS P 47 -34.32 -91.56 68.65
N GLN P 48 -34.80 -92.05 67.51
CA GLN P 48 -33.93 -92.75 66.59
C GLN P 48 -32.93 -91.80 65.94
N VAL P 49 -33.35 -90.59 65.57
CA VAL P 49 -32.44 -89.71 64.86
C VAL P 49 -31.65 -88.84 65.84
N HIS P 50 -32.22 -88.55 67.02
CA HIS P 50 -31.55 -87.73 68.03
C HIS P 50 -32.02 -88.18 69.41
N PRO P 51 -31.20 -88.97 70.10
CA PRO P 51 -31.62 -89.47 71.42
C PRO P 51 -31.80 -88.40 72.48
N ASP P 52 -31.06 -87.29 72.39
CA ASP P 52 -30.97 -86.34 73.48
C ASP P 52 -31.69 -85.02 73.24
N THR P 53 -32.60 -84.95 72.28
CA THR P 53 -33.27 -83.70 71.95
C THR P 53 -34.75 -83.77 72.29
N GLY P 54 -35.35 -82.62 72.62
CA GLY P 54 -36.75 -82.52 72.91
C GLY P 54 -37.55 -81.83 71.82
N ILE P 55 -38.81 -81.54 72.15
CA ILE P 55 -39.76 -80.90 71.25
C ILE P 55 -40.68 -80.01 72.07
N SER P 56 -41.34 -79.07 71.39
CA SER P 56 -42.48 -78.37 71.97
C SER P 56 -43.77 -79.08 71.55
N SER P 57 -44.83 -78.87 72.34
CA SER P 57 -46.12 -79.45 72.01
C SER P 57 -46.76 -78.76 70.82
N LYS P 58 -46.46 -77.46 70.65
CA LYS P 58 -46.98 -76.74 69.49
C LYS P 58 -46.36 -77.25 68.21
N ALA P 59 -45.05 -77.45 68.19
CA ALA P 59 -44.41 -78.06 67.03
C ALA P 59 -44.83 -79.51 66.88
N MET P 60 -45.23 -80.16 67.98
CA MET P 60 -45.76 -81.51 67.86
C MET P 60 -47.11 -81.51 67.14
N GLY P 61 -47.96 -80.53 67.44
CA GLY P 61 -49.19 -80.38 66.66
C GLY P 61 -48.90 -80.04 65.21
N ILE P 62 -47.85 -79.23 64.97
CA ILE P 62 -47.38 -78.96 63.61
C ILE P 62 -47.06 -80.26 62.89
N MET P 63 -46.33 -81.17 63.56
CA MET P 63 -45.95 -82.42 62.90
C MET P 63 -47.13 -83.37 62.71
N ASN P 64 -48.04 -83.45 63.68
CA ASN P 64 -49.21 -84.32 63.49
C ASN P 64 -50.06 -83.84 62.32
N SER P 65 -50.28 -82.55 62.25
CA SER P 65 -50.94 -81.96 61.08
C SER P 65 -50.10 -82.16 59.81
N PHE P 66 -48.77 -82.19 59.94
CA PHE P 66 -47.90 -82.39 58.77
C PHE P 66 -48.06 -83.78 58.19
N VAL P 67 -48.07 -84.79 59.07
CA VAL P 67 -48.25 -86.16 58.62
C VAL P 67 -49.62 -86.33 58.00
N ASN P 68 -50.66 -85.73 58.62
CA ASN P 68 -52.00 -85.82 58.07
C ASN P 68 -52.11 -85.14 56.70
N ASP P 69 -51.48 -83.97 56.54
CA ASP P 69 -51.56 -83.23 55.28
C ASP P 69 -50.82 -83.93 54.15
N ILE P 70 -49.58 -84.37 54.41
CA ILE P 70 -48.83 -85.06 53.37
C ILE P 70 -49.48 -86.39 53.03
N PHE P 71 -50.06 -87.07 54.03
CA PHE P 71 -50.83 -88.27 53.78
C PHE P 71 -52.02 -87.98 52.88
N GLU P 72 -52.71 -86.87 53.13
CA GLU P 72 -53.89 -86.53 52.32
C GLU P 72 -53.49 -86.20 50.89
N ARG P 73 -52.37 -85.49 50.71
CA ARG P 73 -51.88 -85.19 49.36
C ARG P 73 -51.56 -86.46 48.59
N ILE P 74 -50.73 -87.33 49.17
CA ILE P 74 -50.31 -88.55 48.49
C ILE P 74 -51.50 -89.45 48.22
N ALA P 75 -52.40 -89.56 49.20
CA ALA P 75 -53.53 -90.45 49.07
C ALA P 75 -54.55 -89.93 48.06
N GLY P 76 -54.74 -88.61 47.99
CA GLY P 76 -55.59 -88.04 46.97
C GLY P 76 -55.04 -88.23 45.57
N GLU P 77 -53.71 -88.09 45.43
CA GLU P 77 -53.07 -88.38 44.16
C GLU P 77 -53.27 -89.83 43.77
N ALA P 78 -53.16 -90.74 44.74
CA ALA P 78 -53.36 -92.15 44.46
C ALA P 78 -54.81 -92.45 44.09
N SER P 79 -55.76 -91.78 44.74
CA SER P 79 -57.17 -91.94 44.38
C SER P 79 -57.43 -91.50 42.96
N ARG P 80 -56.85 -90.36 42.58
CA ARG P 80 -56.99 -89.89 41.21
C ARG P 80 -56.37 -90.87 40.22
N LEU P 81 -55.16 -91.36 40.52
CA LEU P 81 -54.49 -92.32 39.63
C LEU P 81 -55.27 -93.62 39.52
N ALA P 82 -55.97 -94.02 40.59
CA ALA P 82 -56.82 -95.20 40.50
C ALA P 82 -58.02 -94.96 39.59
N HIS P 83 -58.68 -93.80 39.74
CA HIS P 83 -59.87 -93.56 38.93
C HIS P 83 -59.54 -93.29 37.47
N TYR P 84 -58.31 -92.87 37.18
CA TYR P 84 -57.95 -92.52 35.81
C TYR P 84 -57.92 -93.73 34.89
N ASN P 85 -57.15 -94.75 35.23
CA ASN P 85 -56.98 -95.89 34.34
C ASN P 85 -57.94 -97.02 34.65
N LYS P 86 -59.10 -96.70 35.22
CA LYS P 86 -60.22 -97.62 35.41
C LYS P 86 -59.87 -98.77 36.37
N ARG P 87 -58.89 -98.54 37.23
CA ARG P 87 -58.49 -99.51 38.23
C ARG P 87 -59.20 -99.22 39.54
N SER P 88 -59.97 -100.19 40.02
CA SER P 88 -60.69 -100.03 41.28
C SER P 88 -59.84 -100.40 42.48
N THR P 89 -58.57 -100.71 42.28
CA THR P 89 -57.68 -101.13 43.36
C THR P 89 -56.47 -100.22 43.40
N ILE P 90 -56.22 -99.60 44.54
CA ILE P 90 -55.01 -98.82 44.75
C ILE P 90 -53.86 -99.79 44.99
N THR P 91 -52.74 -99.55 44.30
CA THR P 91 -51.57 -100.42 44.39
C THR P 91 -50.35 -99.62 44.82
N SER P 92 -49.36 -100.32 45.36
CA SER P 92 -48.11 -99.70 45.73
C SER P 92 -47.35 -99.15 44.53
N ARG P 93 -47.59 -99.72 43.34
CA ARG P 93 -47.01 -99.17 42.12
C ARG P 93 -47.50 -97.75 41.87
N GLU P 94 -48.80 -97.51 42.01
CA GLU P 94 -49.28 -96.16 41.76
C GLU P 94 -49.02 -95.25 42.94
N ILE P 95 -48.80 -95.82 44.14
CA ILE P 95 -48.23 -95.02 45.21
C ILE P 95 -46.84 -94.54 44.81
N GLN P 96 -46.06 -95.41 44.17
CA GLN P 96 -44.72 -95.03 43.72
C GLN P 96 -44.79 -93.94 42.66
N THR P 97 -45.76 -94.04 41.75
CA THR P 97 -45.92 -92.98 40.76
C THR P 97 -46.32 -91.68 41.42
N ALA P 98 -47.19 -91.75 42.43
CA ALA P 98 -47.60 -90.54 43.15
C ALA P 98 -46.44 -89.91 43.91
N VAL P 99 -45.59 -90.74 44.54
CA VAL P 99 -44.43 -90.23 45.26
C VAL P 99 -43.46 -89.57 44.29
N ARG P 100 -43.21 -90.21 43.15
CA ARG P 100 -42.35 -89.61 42.13
C ARG P 100 -43.00 -88.36 41.53
N LEU P 101 -44.33 -88.31 41.57
CA LEU P 101 -45.08 -87.18 41.04
C LEU P 101 -44.94 -85.95 41.94
N LEU P 102 -45.40 -86.06 43.19
CA LEU P 102 -45.46 -84.91 44.09
C LEU P 102 -44.07 -84.50 44.57
N LEU P 103 -43.25 -85.47 44.93
CA LEU P 103 -41.94 -85.15 45.51
C LEU P 103 -40.95 -84.85 44.39
N PRO P 104 -40.37 -83.66 44.34
CA PRO P 104 -39.40 -83.35 43.29
C PRO P 104 -38.01 -83.88 43.66
N GLY P 105 -37.26 -84.31 42.65
CA GLY P 105 -35.84 -84.57 42.79
C GLY P 105 -35.40 -85.68 43.72
N GLU P 106 -34.53 -85.31 44.66
CA GLU P 106 -33.77 -86.27 45.45
C GLU P 106 -34.64 -87.04 46.44
N LEU P 107 -35.67 -86.38 46.98
CA LEU P 107 -36.58 -87.04 47.92
C LEU P 107 -37.27 -88.23 47.28
N ALA P 108 -37.58 -88.13 45.99
CA ALA P 108 -38.26 -89.22 45.30
C ALA P 108 -37.40 -90.46 45.23
N LYS P 109 -36.13 -90.32 44.83
CA LYS P 109 -35.26 -91.48 44.70
C LYS P 109 -34.92 -92.07 46.06
N HIS P 110 -34.71 -91.22 47.08
CA HIS P 110 -34.59 -91.79 48.42
C HIS P 110 -35.84 -92.53 48.84
N ALA P 111 -37.02 -91.93 48.66
CA ALA P 111 -38.27 -92.49 49.13
C ALA P 111 -38.56 -93.85 48.50
N VAL P 112 -38.32 -93.96 47.19
CA VAL P 112 -38.52 -95.23 46.53
C VAL P 112 -37.48 -96.24 47.02
N SER P 113 -36.27 -95.78 47.39
CA SER P 113 -35.29 -96.72 47.92
C SER P 113 -35.74 -97.37 49.23
N GLU P 114 -36.14 -96.55 50.24
CA GLU P 114 -36.48 -97.22 51.51
C GLU P 114 -37.77 -97.98 51.34
N GLY P 115 -38.66 -97.52 50.46
CA GLY P 115 -39.93 -98.19 50.29
C GLY P 115 -39.78 -99.55 49.65
N THR P 116 -38.94 -99.66 48.62
CA THR P 116 -38.69 -100.97 48.02
C THR P 116 -38.02 -101.91 49.00
N LYS P 117 -37.01 -101.44 49.76
CA LYS P 117 -36.40 -102.37 50.70
C LYS P 117 -37.36 -102.73 51.84
N ALA P 118 -38.23 -101.79 52.21
CA ALA P 118 -39.22 -102.04 53.26
C ALA P 118 -40.26 -103.06 52.81
N VAL P 119 -40.74 -102.95 51.57
CA VAL P 119 -41.78 -103.88 51.14
C VAL P 119 -41.17 -105.25 50.85
N THR P 120 -39.89 -105.30 50.45
CA THR P 120 -39.26 -106.61 50.32
C THR P 120 -39.06 -107.25 51.69
N LYS P 121 -38.75 -106.44 52.71
CA LYS P 121 -38.70 -106.96 54.07
C LYS P 121 -40.06 -107.45 54.53
N TYR P 122 -41.12 -106.72 54.19
CA TYR P 122 -42.47 -107.13 54.56
C TYR P 122 -42.86 -108.44 53.88
N THR P 123 -42.53 -108.59 52.61
CA THR P 123 -42.86 -109.83 51.91
C THR P 123 -41.99 -110.98 52.39
N SER P 124 -40.78 -110.69 52.87
CA SER P 124 -39.91 -111.73 53.38
C SER P 124 -40.31 -112.23 54.75
N ALA P 125 -41.23 -111.56 55.43
CA ALA P 125 -41.68 -111.98 56.75
C ALA P 125 -43.12 -111.56 56.99
N SER Q 35 -44.85 -6.41 22.65
CA SER Q 35 -43.55 -7.09 22.44
C SER Q 35 -43.13 -7.82 23.72
N GLY Q 36 -42.41 -7.15 24.61
CA GLY Q 36 -41.95 -7.78 25.87
C GLY Q 36 -40.49 -8.18 25.78
N PRO Q 37 -39.69 -8.01 26.87
CA PRO Q 37 -38.29 -8.43 26.88
C PRO Q 37 -38.12 -9.95 26.64
N PRO Q 38 -37.19 -10.48 25.80
CA PRO Q 38 -37.02 -11.93 25.69
C PRO Q 38 -36.55 -12.55 27.00
N VAL Q 39 -36.51 -13.89 27.01
CA VAL Q 39 -36.38 -14.67 28.23
C VAL Q 39 -35.00 -14.52 28.86
N SER Q 40 -33.99 -14.16 28.05
CA SER Q 40 -32.60 -14.16 28.52
C SER Q 40 -32.36 -13.15 29.64
N GLU Q 41 -32.95 -11.96 29.52
CA GLU Q 41 -32.86 -10.96 30.59
C GLU Q 41 -33.55 -11.45 31.85
N LEU Q 42 -34.68 -12.14 31.68
CA LEU Q 42 -35.36 -12.73 32.83
C LEU Q 42 -34.51 -13.78 33.52
N ILE Q 43 -33.73 -14.54 32.75
CA ILE Q 43 -32.87 -15.56 33.34
C ILE Q 43 -31.67 -14.93 34.03
N THR Q 44 -31.17 -13.82 33.49
CA THR Q 44 -30.11 -13.08 34.18
C THR Q 44 -30.61 -12.53 35.51
N LYS Q 45 -31.83 -11.98 35.52
CA LYS Q 45 -32.42 -11.54 36.78
C LYS Q 45 -32.68 -12.72 37.72
N ALA Q 46 -33.03 -13.89 37.17
CA ALA Q 46 -33.27 -15.06 37.99
C ALA Q 46 -31.98 -15.55 38.67
N VAL Q 47 -30.87 -15.55 37.93
CA VAL Q 47 -29.61 -16.01 38.53
C VAL Q 47 -29.04 -14.94 39.45
N ALA Q 48 -29.41 -13.67 39.23
CA ALA Q 48 -28.99 -12.61 40.14
C ALA Q 48 -29.91 -12.41 41.33
N ALA Q 49 -31.08 -13.08 41.34
CA ALA Q 49 -32.05 -12.88 42.41
C ALA Q 49 -31.57 -13.43 43.74
N SER Q 50 -30.96 -14.62 43.74
CA SER Q 50 -30.60 -15.26 45.00
C SER Q 50 -29.09 -15.19 45.23
N LYS Q 51 -28.32 -15.68 44.26
CA LYS Q 51 -26.85 -15.71 44.27
C LYS Q 51 -26.31 -16.40 45.53
N GLU Q 52 -26.81 -17.62 45.75
CA GLU Q 52 -26.20 -18.48 46.75
C GLU Q 52 -24.92 -19.10 46.19
N ARG Q 53 -24.21 -19.85 47.04
CA ARG Q 53 -22.84 -20.25 46.72
C ARG Q 53 -22.78 -21.18 45.51
N SER Q 54 -23.69 -22.16 45.45
CA SER Q 54 -23.82 -23.01 44.28
C SER Q 54 -24.63 -22.28 43.21
N GLY Q 55 -24.70 -22.89 42.03
CA GLY Q 55 -25.48 -22.31 40.96
C GLY Q 55 -26.98 -22.43 41.19
N VAL Q 56 -27.78 -21.63 40.50
CA VAL Q 56 -29.23 -21.76 40.60
C VAL Q 56 -29.67 -22.90 39.68
N SER Q 57 -30.68 -23.65 40.13
CA SER Q 57 -31.07 -24.87 39.43
C SER Q 57 -32.10 -24.56 38.34
N LEU Q 58 -32.36 -25.58 37.51
CA LEU Q 58 -33.37 -25.46 36.47
C LEU Q 58 -34.77 -25.32 37.05
N ALA Q 59 -35.08 -26.08 38.10
CA ALA Q 59 -36.38 -25.99 38.74
C ALA Q 59 -36.56 -24.64 39.42
N ALA Q 60 -35.50 -24.13 40.04
CA ALA Q 60 -35.58 -22.82 40.70
C ALA Q 60 -35.77 -21.70 39.69
N LEU Q 61 -35.11 -21.77 38.53
CA LEU Q 61 -35.30 -20.72 37.53
C LEU Q 61 -36.68 -20.83 36.88
N LYS Q 62 -37.20 -22.06 36.70
CA LYS Q 62 -38.56 -22.21 36.20
C LYS Q 62 -39.58 -21.61 37.17
N LYS Q 63 -39.40 -21.88 38.48
CA LYS Q 63 -40.32 -21.31 39.46
C LYS Q 63 -40.13 -19.81 39.60
N ALA Q 64 -38.91 -19.31 39.35
CA ALA Q 64 -38.68 -17.87 39.35
C ALA Q 64 -39.38 -17.19 38.17
N LEU Q 65 -39.37 -17.84 37.01
CA LEU Q 65 -40.11 -17.33 35.87
C LEU Q 65 -41.61 -17.38 36.13
N ALA Q 66 -42.07 -18.44 36.80
CA ALA Q 66 -43.49 -18.53 37.16
C ALA Q 66 -43.90 -17.44 38.14
N ALA Q 67 -43.05 -17.14 39.12
CA ALA Q 67 -43.36 -16.11 40.11
C ALA Q 67 -43.30 -14.71 39.49
N ALA Q 68 -42.28 -14.44 38.67
CA ALA Q 68 -42.21 -13.15 38.00
C ALA Q 68 -43.27 -13.03 36.91
N GLY Q 69 -43.73 -14.16 36.38
CA GLY Q 69 -44.77 -14.17 35.37
C GLY Q 69 -44.26 -14.61 34.01
N TYR Q 70 -44.48 -15.88 33.70
CA TYR Q 70 -44.07 -16.46 32.43
C TYR Q 70 -44.79 -17.78 32.24
N ASP Q 71 -45.08 -18.11 30.98
CA ASP Q 71 -45.69 -19.40 30.62
C ASP Q 71 -44.56 -20.42 30.49
N VAL Q 72 -44.22 -21.04 31.63
CA VAL Q 72 -43.13 -22.01 31.65
C VAL Q 72 -43.58 -23.35 31.08
N GLU Q 73 -44.90 -23.55 30.95
CA GLU Q 73 -45.42 -24.85 30.55
C GLU Q 73 -45.11 -25.16 29.09
N LYS Q 74 -45.28 -24.18 28.20
CA LYS Q 74 -45.13 -24.41 26.77
C LYS Q 74 -43.77 -23.96 26.25
N ASN Q 75 -42.85 -23.59 27.13
CA ASN Q 75 -41.57 -23.01 26.71
C ASN Q 75 -40.37 -23.81 27.22
N ASN Q 76 -40.53 -25.12 27.40
CA ASN Q 76 -39.42 -25.94 27.89
C ASN Q 76 -38.29 -26.03 26.86
N SER Q 77 -38.64 -26.22 25.59
CA SER Q 77 -37.63 -26.17 24.53
C SER Q 77 -37.01 -24.78 24.44
N ARG Q 78 -37.84 -23.74 24.63
CA ARG Q 78 -37.35 -22.37 24.62
C ARG Q 78 -36.35 -22.12 25.73
N ILE Q 79 -36.64 -22.56 26.96
CA ILE Q 79 -35.72 -22.27 28.06
C ILE Q 79 -34.46 -23.12 27.90
N LYS Q 80 -34.59 -24.33 27.36
CA LYS Q 80 -33.41 -25.16 27.10
C LYS Q 80 -32.48 -24.50 26.08
N LEU Q 81 -33.03 -24.05 24.94
CA LEU Q 81 -32.20 -23.40 23.93
C LEU Q 81 -31.66 -22.06 24.42
N GLY Q 82 -32.43 -21.33 25.23
CA GLY Q 82 -31.95 -20.07 25.76
C GLY Q 82 -30.80 -20.24 26.73
N LEU Q 83 -30.92 -21.22 27.63
CA LEU Q 83 -29.84 -21.47 28.59
C LEU Q 83 -28.60 -21.97 27.89
N LYS Q 84 -28.76 -22.84 26.89
CA LYS Q 84 -27.60 -23.32 26.13
C LYS Q 84 -26.95 -22.18 25.35
N SER Q 85 -27.75 -21.29 24.78
CA SER Q 85 -27.23 -20.15 24.04
C SER Q 85 -26.45 -19.21 24.96
N LEU Q 86 -26.98 -18.95 26.16
CA LEU Q 86 -26.29 -18.02 27.04
C LEU Q 86 -25.05 -18.63 27.67
N VAL Q 87 -25.03 -19.95 27.94
CA VAL Q 87 -23.81 -20.54 28.48
C VAL Q 87 -22.77 -20.70 27.38
N SER Q 88 -23.20 -20.76 26.12
CA SER Q 88 -22.22 -20.84 25.03
C SER Q 88 -21.47 -19.52 24.86
N LYS Q 89 -22.12 -18.40 25.17
CA LYS Q 89 -21.43 -17.12 25.11
C LYS Q 89 -20.48 -16.92 26.28
N GLY Q 90 -20.60 -17.69 27.35
CA GLY Q 90 -19.75 -17.53 28.52
C GLY Q 90 -20.20 -16.47 29.49
N THR Q 91 -21.36 -15.84 29.26
CA THR Q 91 -21.88 -14.86 30.22
C THR Q 91 -22.29 -15.53 31.52
N LEU Q 92 -22.70 -16.79 31.46
CA LEU Q 92 -22.98 -17.60 32.63
C LEU Q 92 -22.31 -18.96 32.44
N VAL Q 93 -21.82 -19.52 33.54
CA VAL Q 93 -20.99 -20.72 33.51
C VAL Q 93 -21.71 -21.84 34.25
N GLN Q 94 -21.40 -23.08 33.86
CA GLN Q 94 -22.00 -24.27 34.45
C GLN Q 94 -21.22 -24.71 35.68
N THR Q 95 -21.93 -24.99 36.77
CA THR Q 95 -21.27 -25.43 37.99
C THR Q 95 -20.99 -26.93 37.96
N LYS Q 96 -22.04 -27.75 37.96
CA LYS Q 96 -21.90 -29.19 38.13
C LYS Q 96 -22.42 -30.01 36.94
N GLY Q 97 -23.62 -29.70 36.45
CA GLY Q 97 -24.32 -30.59 35.55
C GLY Q 97 -23.78 -30.58 34.13
N THR Q 98 -24.49 -31.31 33.27
CA THR Q 98 -24.17 -31.41 31.86
C THR Q 98 -25.39 -31.05 31.03
N GLY Q 99 -25.19 -30.18 30.05
CA GLY Q 99 -26.29 -29.75 29.20
C GLY Q 99 -27.25 -28.86 29.98
N ALA Q 100 -28.54 -29.17 29.86
CA ALA Q 100 -29.57 -28.39 30.56
C ALA Q 100 -29.73 -28.77 32.02
N SER Q 101 -29.11 -29.87 32.46
CA SER Q 101 -29.23 -30.30 33.84
C SER Q 101 -28.17 -29.62 34.70
N GLY Q 102 -28.37 -29.70 36.01
CA GLY Q 102 -27.42 -29.14 36.96
C GLY Q 102 -27.82 -27.76 37.45
N SER Q 103 -26.80 -27.02 37.90
CA SER Q 103 -26.99 -25.71 38.50
C SER Q 103 -26.18 -24.67 37.72
N PHE Q 104 -26.65 -23.43 37.76
CA PHE Q 104 -26.20 -22.38 36.87
C PHE Q 104 -25.80 -21.14 37.66
N LYS Q 105 -24.60 -20.64 37.45
CA LYS Q 105 -24.11 -19.45 38.15
C LYS Q 105 -23.38 -18.52 37.18
N LEU Q 106 -23.43 -17.23 37.50
CA LEU Q 106 -22.93 -16.20 36.60
C LEU Q 106 -21.39 -16.21 36.52
N ASN Q 107 -20.88 -15.38 35.62
CA ASN Q 107 -19.47 -15.42 35.22
C ASN Q 107 -18.57 -14.84 36.32
N LYS Q 108 -17.28 -14.78 36.01
CA LYS Q 108 -16.30 -14.19 36.94
C LYS Q 108 -16.57 -12.71 37.15
N LYS Q 109 -16.88 -11.98 36.06
CA LYS Q 109 -17.13 -10.55 36.14
C LYS Q 109 -18.38 -10.16 35.36
N LYS R 38 -28.72 54.16 -12.94
CA LYS R 38 -27.51 54.25 -12.14
C LYS R 38 -26.90 55.63 -12.35
N PRO R 39 -26.74 56.37 -11.25
CA PRO R 39 -26.23 57.74 -11.36
C PRO R 39 -24.77 57.77 -11.79
N HIS R 40 -24.42 58.86 -12.48
CA HIS R 40 -23.09 58.99 -13.06
C HIS R 40 -22.03 59.13 -11.97
N ARG R 41 -20.86 58.56 -12.23
CA ARG R 41 -19.73 58.63 -11.30
C ARG R 41 -18.45 58.39 -12.08
N TYR R 42 -17.52 59.34 -12.00
CA TYR R 42 -16.23 59.17 -12.63
C TYR R 42 -15.36 58.20 -11.86
N ARG R 43 -14.42 57.57 -12.56
CA ARG R 43 -13.40 56.79 -11.89
C ARG R 43 -12.41 57.71 -11.19
N PRO R 44 -11.82 57.26 -10.08
CA PRO R 44 -10.95 58.15 -9.29
C PRO R 44 -9.69 58.56 -10.05
N GLY R 45 -9.25 59.78 -9.79
CA GLY R 45 -8.14 60.36 -10.48
C GLY R 45 -8.53 61.24 -11.66
N THR R 46 -9.55 60.84 -12.42
CA THR R 46 -10.03 61.64 -13.53
C THR R 46 -10.57 62.98 -13.03
N VAL R 47 -11.41 62.92 -11.99
CA VAL R 47 -11.83 64.13 -11.30
C VAL R 47 -10.63 64.85 -10.74
N ALA R 48 -9.72 64.12 -10.11
CA ALA R 48 -8.56 64.72 -9.47
C ALA R 48 -7.70 65.46 -10.47
N LEU R 49 -7.46 64.85 -11.63
CA LEU R 49 -6.77 65.54 -12.70
C LEU R 49 -7.56 66.74 -13.21
N ARG R 50 -8.89 66.67 -13.14
CA ARG R 50 -9.68 67.82 -13.54
C ARG R 50 -9.45 69.03 -12.64
N GLU R 51 -9.52 68.86 -11.31
CA GLU R 51 -9.22 70.07 -10.52
C GLU R 51 -7.72 70.36 -10.47
N ILE R 52 -6.87 69.37 -10.78
CA ILE R 52 -5.46 69.68 -11.01
C ILE R 52 -5.32 70.71 -12.12
N ARG R 53 -6.00 70.45 -13.24
CA ARG R 53 -5.98 71.38 -14.36
C ARG R 53 -6.59 72.72 -13.99
N ARG R 54 -7.72 72.69 -13.26
CA ARG R 54 -8.40 73.94 -12.88
C ARG R 54 -7.53 74.79 -11.97
N TYR R 55 -7.04 74.20 -10.88
CA TYR R 55 -6.32 74.93 -9.86
C TYR R 55 -4.91 75.28 -10.28
N GLN R 56 -4.28 74.47 -11.13
CA GLN R 56 -3.00 74.85 -11.68
C GLN R 56 -3.16 75.91 -12.75
N LYS R 57 -4.31 75.94 -13.42
CA LYS R 57 -4.64 77.05 -14.29
C LYS R 57 -4.96 78.31 -13.50
N SER R 58 -5.57 78.15 -12.33
CA SER R 58 -6.12 79.28 -11.59
C SER R 58 -5.02 80.10 -10.94
N THR R 59 -5.39 81.29 -10.48
CA THR R 59 -4.44 82.23 -9.89
C THR R 59 -4.78 82.62 -8.46
N GLU R 60 -6.00 82.35 -7.99
CA GLU R 60 -6.44 82.87 -6.71
C GLU R 60 -5.88 82.04 -5.56
N LEU R 61 -6.04 82.58 -4.36
CA LEU R 61 -5.60 81.90 -3.15
C LEU R 61 -6.51 80.71 -2.86
N LEU R 62 -5.91 79.61 -2.39
CA LEU R 62 -6.65 78.37 -2.21
C LEU R 62 -7.20 78.18 -0.80
N ILE R 63 -6.61 78.82 0.20
CA ILE R 63 -7.03 78.60 1.58
C ILE R 63 -7.98 79.72 1.99
N ARG R 64 -8.80 79.44 2.99
CA ARG R 64 -9.76 80.43 3.47
C ARG R 64 -9.05 81.57 4.17
N LYS R 65 -9.59 82.78 4.02
CA LYS R 65 -8.87 83.98 4.45
C LYS R 65 -8.97 84.18 5.96
N LEU R 66 -10.20 84.28 6.49
CA LEU R 66 -10.42 84.63 7.89
C LEU R 66 -9.73 83.70 8.89
N PRO R 67 -9.73 82.36 8.72
CA PRO R 67 -8.87 81.56 9.59
C PRO R 67 -7.40 81.84 9.42
N PHE R 68 -6.97 82.35 8.26
CA PHE R 68 -5.55 82.65 8.12
C PHE R 68 -5.18 83.90 8.93
N GLN R 69 -6.02 84.94 8.91
CA GLN R 69 -5.76 86.04 9.86
C GLN R 69 -5.86 85.57 11.30
N ARG R 70 -6.83 84.72 11.61
CA ARG R 70 -6.97 84.23 12.98
C ARG R 70 -5.73 83.47 13.42
N LEU R 71 -5.18 82.64 12.52
CA LEU R 71 -4.01 81.85 12.85
C LEU R 71 -2.77 82.72 13.00
N VAL R 72 -2.58 83.70 12.11
CA VAL R 72 -1.38 84.52 12.21
C VAL R 72 -1.43 85.40 13.44
N ARG R 73 -2.63 85.87 13.80
CA ARG R 73 -2.78 86.60 15.06
C ARG R 73 -2.51 85.70 16.25
N GLU R 74 -3.00 84.46 16.19
CA GLU R 74 -2.81 83.51 17.28
C GLU R 74 -1.35 83.21 17.52
N ILE R 75 -0.57 83.03 16.45
CA ILE R 75 0.81 82.62 16.63
C ILE R 75 1.70 83.82 16.90
N ALA R 76 1.37 84.98 16.33
CA ALA R 76 2.12 86.19 16.67
C ALA R 76 1.82 86.65 18.08
N GLN R 77 0.72 86.18 18.67
CA GLN R 77 0.44 86.41 20.08
C GLN R 77 1.49 85.78 20.99
N ASP R 78 2.17 84.72 20.52
CA ASP R 78 3.16 84.06 21.35
C ASP R 78 4.45 84.86 21.49
N PHE R 79 4.81 85.64 20.49
CA PHE R 79 6.05 86.40 20.55
C PHE R 79 5.88 87.76 21.21
N LYS R 80 4.79 88.45 20.93
CA LYS R 80 4.60 89.79 21.44
C LYS R 80 3.10 90.05 21.53
N THR R 81 2.69 90.85 22.50
CA THR R 81 1.27 91.09 22.72
C THR R 81 0.77 92.29 21.93
N ASP R 82 -0.54 92.28 21.67
CA ASP R 82 -1.28 93.37 21.03
C ASP R 82 -0.73 93.71 19.65
N LEU R 83 -0.66 92.75 18.74
CA LEU R 83 -0.19 93.05 17.40
C LEU R 83 -1.35 93.38 16.48
N ARG R 84 -1.12 94.36 15.61
CA ARG R 84 -2.08 94.76 14.61
C ARG R 84 -1.49 94.43 13.24
N PHE R 85 -2.36 93.99 12.34
CA PHE R 85 -1.95 93.44 11.06
C PHE R 85 -2.56 94.25 9.93
N GLN R 86 -1.71 94.79 9.07
CA GLN R 86 -2.19 95.29 7.79
C GLN R 86 -2.63 94.10 6.95
N SER R 87 -3.76 94.27 6.24
CA SER R 87 -4.31 93.18 5.46
C SER R 87 -3.36 92.79 4.33
N SER R 88 -2.64 93.76 3.78
CA SER R 88 -1.66 93.49 2.74
C SER R 88 -0.54 92.59 3.24
N ALA R 89 -0.07 92.80 4.47
CA ALA R 89 0.97 91.95 5.04
C ALA R 89 0.46 90.53 5.21
N VAL R 90 -0.80 90.37 5.62
CA VAL R 90 -1.37 89.05 5.78
C VAL R 90 -1.52 88.36 4.44
N MET R 91 -1.91 89.12 3.40
CA MET R 91 -2.01 88.54 2.07
C MET R 91 -0.65 88.12 1.54
N ALA R 92 0.38 88.93 1.79
CA ALA R 92 1.72 88.60 1.36
C ALA R 92 2.22 87.34 2.05
N LEU R 93 1.93 87.22 3.34
CA LEU R 93 2.26 86.01 4.08
C LEU R 93 1.51 84.81 3.52
N GLN R 94 0.25 85.02 3.15
CA GLN R 94 -0.55 83.94 2.59
C GLN R 94 0.01 83.45 1.27
N GLU R 95 0.40 84.39 0.40
CA GLU R 95 1.00 84.01 -0.87
C GLU R 95 2.33 83.30 -0.69
N ALA R 96 3.16 83.80 0.24
CA ALA R 96 4.45 83.16 0.51
C ALA R 96 4.28 81.75 1.04
N SER R 97 3.34 81.58 1.96
CA SER R 97 3.06 80.25 2.51
C SER R 97 2.53 79.32 1.44
N GLU R 98 1.65 79.84 0.57
CA GLU R 98 1.09 79.01 -0.49
C GLU R 98 2.16 78.56 -1.47
N ALA R 99 3.07 79.47 -1.84
CA ALA R 99 4.15 79.09 -2.75
C ALA R 99 5.13 78.12 -2.11
N TYR R 100 5.43 78.32 -0.82
CA TYR R 100 6.33 77.40 -0.12
C TYR R 100 5.74 76.01 -0.05
N LEU R 101 4.44 75.91 0.25
CA LEU R 101 3.78 74.61 0.29
C LEU R 101 3.69 73.99 -1.09
N VAL R 102 3.48 74.80 -2.12
CA VAL R 102 3.42 74.27 -3.48
C VAL R 102 4.76 73.70 -3.91
N GLY R 103 5.85 74.41 -3.59
CA GLY R 103 7.17 73.90 -3.88
C GLY R 103 7.48 72.63 -3.12
N LEU R 104 7.07 72.58 -1.85
CA LEU R 104 7.24 71.36 -1.06
C LEU R 104 6.45 70.21 -1.68
N PHE R 105 5.23 70.49 -2.14
CA PHE R 105 4.39 69.42 -2.66
C PHE R 105 4.91 68.90 -4.00
N GLU R 106 5.42 69.76 -4.85
CA GLU R 106 5.97 69.25 -6.11
C GLU R 106 7.27 68.50 -5.87
N ASP R 107 8.04 68.89 -4.85
CA ASP R 107 9.20 68.10 -4.47
C ASP R 107 8.79 66.73 -3.96
N THR R 108 7.71 66.65 -3.18
CA THR R 108 7.23 65.35 -2.74
C THR R 108 6.65 64.54 -3.88
N ASN R 109 6.09 65.22 -4.89
CA ASN R 109 5.69 64.53 -6.11
C ASN R 109 6.86 63.87 -6.80
N LEU R 110 7.98 64.60 -6.90
CA LEU R 110 9.19 64.05 -7.49
C LEU R 110 9.70 62.87 -6.67
N ALA R 111 9.65 62.98 -5.34
CA ALA R 111 10.06 61.88 -4.49
C ALA R 111 9.15 60.67 -4.64
N ALA R 112 7.84 60.90 -4.77
CA ALA R 112 6.89 59.79 -4.83
C ALA R 112 6.99 59.06 -6.15
N ILE R 113 7.11 59.80 -7.26
CA ILE R 113 7.28 59.12 -8.54
C ILE R 113 8.66 58.49 -8.61
N HIS R 114 9.61 59.01 -7.84
CA HIS R 114 10.92 58.37 -7.77
C HIS R 114 10.83 57.01 -7.09
N ALA R 115 9.98 56.88 -6.08
CA ALA R 115 9.81 55.62 -5.38
C ALA R 115 8.80 54.70 -6.05
N LYS R 116 8.46 54.97 -7.32
CA LYS R 116 7.56 54.16 -8.15
C LYS R 116 6.15 54.04 -7.57
N ARG R 117 5.77 54.98 -6.70
CA ARG R 117 4.42 55.05 -6.18
C ARG R 117 3.70 56.27 -6.75
N VAL R 118 2.39 56.30 -6.54
CA VAL R 118 1.58 57.44 -6.97
C VAL R 118 0.90 58.14 -5.82
N THR R 119 0.95 57.58 -4.61
CA THR R 119 0.34 58.19 -3.44
C THR R 119 1.45 58.68 -2.53
N ILE R 120 1.33 59.92 -2.07
CA ILE R 120 2.33 60.51 -1.19
C ILE R 120 2.11 60.03 0.24
N MET R 121 3.19 59.96 1.01
CA MET R 121 3.21 59.57 2.41
C MET R 121 4.13 60.55 3.15
N PRO R 122 3.98 60.68 4.47
CA PRO R 122 4.73 61.74 5.19
C PRO R 122 6.24 61.68 5.08
N LYS R 123 6.79 60.48 4.91
CA LYS R 123 8.24 60.36 4.76
C LYS R 123 8.73 61.02 3.48
N ASP R 124 7.85 61.17 2.48
CA ASP R 124 8.19 61.99 1.33
C ASP R 124 8.43 63.45 1.75
N ILE R 125 7.60 63.95 2.67
CA ILE R 125 7.74 65.34 3.12
C ILE R 125 9.00 65.52 3.95
N GLN R 126 9.26 64.60 4.88
CA GLN R 126 10.51 64.70 5.64
C GLN R 126 11.73 64.56 4.74
N LEU R 127 11.65 63.67 3.74
CA LEU R 127 12.75 63.55 2.78
C LEU R 127 12.96 64.84 2.02
N ALA R 128 11.88 65.43 1.50
CA ALA R 128 12.01 66.64 0.69
C ALA R 128 12.56 67.80 1.49
N ARG R 129 12.09 67.96 2.73
CA ARG R 129 12.60 69.01 3.58
C ARG R 129 14.05 68.77 3.94
N ARG R 130 14.42 67.52 4.21
CA ARG R 130 15.76 67.25 4.68
C ARG R 130 16.77 67.36 3.54
N ILE R 131 16.36 67.05 2.31
CA ILE R 131 17.21 67.31 1.16
C ILE R 131 17.31 68.81 0.93
N ARG R 132 16.19 69.52 1.10
CA ARG R 132 16.18 70.97 0.94
C ARG R 132 17.05 71.68 1.97
N GLY R 133 17.26 71.07 3.14
CA GLY R 133 18.11 71.66 4.15
C GLY R 133 17.40 72.11 5.41
N GLU R 134 16.34 71.41 5.80
CA GLU R 134 15.65 71.73 7.04
C GLU R 134 15.55 70.50 7.92
N LYS S 21 -10.43 87.44 23.32
CA LYS S 21 -9.15 88.05 23.00
C LYS S 21 -8.11 86.99 22.64
N VAL S 22 -7.95 86.00 23.51
CA VAL S 22 -6.94 84.97 23.33
C VAL S 22 -7.47 83.90 22.38
N LEU S 23 -6.66 83.54 21.39
CA LEU S 23 -6.99 82.47 20.44
C LEU S 23 -6.11 81.27 20.74
N ARG S 24 -6.69 80.08 20.66
CA ARG S 24 -6.07 78.91 21.26
C ARG S 24 -5.68 77.84 20.24
N ASP S 25 -6.57 77.50 19.32
CA ASP S 25 -6.41 76.32 18.46
C ASP S 25 -6.72 76.63 17.00
N ASN S 26 -6.10 77.65 16.42
CA ASN S 26 -6.31 77.94 15.01
C ASN S 26 -5.41 77.13 14.09
N ILE S 27 -4.64 76.18 14.62
CA ILE S 27 -3.79 75.36 13.75
C ILE S 27 -4.62 74.46 12.86
N GLN S 28 -5.76 73.98 13.35
CA GLN S 28 -6.65 73.21 12.48
C GLN S 28 -7.54 74.10 11.65
N GLY S 29 -7.40 75.42 11.76
CA GLY S 29 -8.06 76.34 10.84
C GLY S 29 -7.61 76.17 9.40
N ILE S 30 -6.41 75.66 9.17
CA ILE S 30 -5.96 75.26 7.85
C ILE S 30 -6.62 73.90 7.61
N THR S 31 -7.76 73.92 6.92
CA THR S 31 -8.60 72.75 6.80
C THR S 31 -7.98 71.71 5.86
N LYS S 32 -8.47 70.48 6.00
CA LYS S 32 -8.10 69.40 5.09
C LYS S 32 -8.37 69.69 3.61
N PRO S 33 -9.56 70.16 3.19
CA PRO S 33 -9.72 70.42 1.74
C PRO S 33 -8.83 71.52 1.21
N ALA S 34 -8.43 72.48 2.05
CA ALA S 34 -7.47 73.48 1.60
C ALA S 34 -6.12 72.84 1.29
N ILE S 35 -5.73 71.86 2.11
CA ILE S 35 -4.50 71.11 1.84
C ILE S 35 -4.64 70.27 0.59
N ARG S 36 -5.83 69.72 0.35
CA ARG S 36 -6.07 68.99 -0.89
C ARG S 36 -5.95 69.91 -2.11
N ARG S 37 -6.48 71.13 -2.00
CA ARG S 37 -6.35 72.11 -3.08
C ARG S 37 -4.89 72.47 -3.33
N LEU S 38 -4.13 72.66 -2.25
CA LEU S 38 -2.70 72.97 -2.39
C LEU S 38 -1.94 71.82 -3.02
N ALA S 39 -2.32 70.58 -2.69
CA ALA S 39 -1.71 69.42 -3.31
C ALA S 39 -2.07 69.32 -4.79
N ARG S 40 -3.31 69.72 -5.13
CA ARG S 40 -3.69 69.77 -6.54
C ARG S 40 -2.85 70.77 -7.31
N ARG S 41 -2.63 71.95 -6.73
CA ARG S 41 -1.71 72.89 -7.35
C ARG S 41 -0.28 72.38 -7.30
N GLY S 42 0.07 71.61 -6.27
CA GLY S 42 1.35 70.97 -6.25
C GLY S 42 1.50 69.80 -7.22
N GLY S 43 0.44 69.42 -7.90
CA GLY S 43 0.52 68.32 -8.84
C GLY S 43 0.34 66.95 -8.24
N VAL S 44 -0.23 66.86 -7.05
CA VAL S 44 -0.45 65.57 -6.41
C VAL S 44 -1.84 65.10 -6.80
N LYS S 45 -1.94 63.87 -7.31
CA LYS S 45 -3.27 63.37 -7.60
C LYS S 45 -3.83 62.55 -6.44
N ARG S 46 -2.98 61.86 -5.69
CA ARG S 46 -3.44 60.99 -4.61
C ARG S 46 -2.72 61.37 -3.32
N ILE S 47 -3.51 61.67 -2.29
CA ILE S 47 -2.98 62.23 -1.05
C ILE S 47 -3.41 61.32 0.09
N SER S 48 -2.45 60.91 0.91
CA SER S 48 -2.79 60.09 2.06
C SER S 48 -3.50 60.91 3.12
N GLY S 49 -4.28 60.23 3.96
CA GLY S 49 -4.95 60.90 5.05
C GLY S 49 -4.02 61.27 6.19
N LEU S 50 -2.86 60.63 6.24
CA LEU S 50 -1.82 60.89 7.23
C LEU S 50 -0.93 62.05 6.87
N ILE S 51 -1.29 62.84 5.87
CA ILE S 51 -0.41 63.91 5.39
C ILE S 51 -0.64 65.21 6.15
N TYR S 52 -1.91 65.50 6.48
CA TYR S 52 -2.36 66.86 6.73
C TYR S 52 -1.75 67.45 8.00
N GLU S 53 -1.61 66.64 9.05
CA GLU S 53 -1.11 67.18 10.31
C GLU S 53 0.39 67.49 10.24
N GLU S 54 1.16 66.71 9.50
CA GLU S 54 2.57 67.08 9.29
C GLU S 54 2.69 68.29 8.40
N THR S 55 1.81 68.43 7.41
CA THR S 55 1.84 69.66 6.60
C THR S 55 1.45 70.87 7.43
N ARG S 56 0.51 70.70 8.35
CA ARG S 56 0.21 71.74 9.33
C ARG S 56 1.43 72.07 10.17
N GLY S 57 2.19 71.04 10.59
CA GLY S 57 3.41 71.29 11.35
C GLY S 57 4.46 72.02 10.54
N VAL S 58 4.61 71.66 9.26
CA VAL S 58 5.64 72.27 8.41
C VAL S 58 5.29 73.73 8.12
N LEU S 59 4.03 73.97 7.71
CA LEU S 59 3.50 75.33 7.61
C LEU S 59 3.66 76.09 8.91
N LYS S 60 3.43 75.40 10.03
CA LYS S 60 3.53 76.02 11.35
C LYS S 60 4.94 76.50 11.61
N VAL S 61 5.93 75.65 11.36
CA VAL S 61 7.33 76.00 11.62
C VAL S 61 7.75 77.15 10.71
N PHE S 62 7.35 77.06 9.43
CA PHE S 62 7.70 78.11 8.47
C PHE S 62 7.10 79.45 8.87
N LEU S 63 5.82 79.44 9.28
CA LEU S 63 5.18 80.69 9.66
C LEU S 63 5.78 81.23 10.95
N GLU S 64 6.16 80.35 11.89
CA GLU S 64 6.85 80.79 13.08
C GLU S 64 8.14 81.51 12.75
N ASN S 65 8.94 80.94 11.83
CA ASN S 65 10.20 81.56 11.45
C ASN S 65 9.97 82.93 10.84
N VAL S 66 9.02 83.02 9.90
CA VAL S 66 8.85 84.29 9.21
C VAL S 66 8.20 85.34 10.11
N ILE S 67 7.28 84.96 11.01
CA ILE S 67 6.65 86.01 11.80
C ILE S 67 7.56 86.38 12.97
N ARG S 68 8.45 85.47 13.37
CA ARG S 68 9.46 85.83 14.36
C ARG S 68 10.40 86.88 13.80
N ASP S 69 10.83 86.67 12.55
CA ASP S 69 11.62 87.69 11.88
C ASP S 69 10.81 88.96 11.71
N ALA S 70 9.53 88.83 11.39
CA ALA S 70 8.67 89.99 11.16
C ALA S 70 8.48 90.81 12.42
N VAL S 71 8.24 90.15 13.55
CA VAL S 71 8.04 90.89 14.79
C VAL S 71 9.36 91.46 15.26
N THR S 72 10.49 90.81 14.92
CA THR S 72 11.79 91.40 15.23
C THR S 72 12.00 92.70 14.45
N TYR S 73 11.65 92.67 13.16
CA TYR S 73 11.75 93.87 12.34
C TYR S 73 10.82 94.96 12.85
N THR S 74 9.58 94.59 13.18
CA THR S 74 8.58 95.57 13.60
C THR S 74 8.93 96.15 14.96
N GLU S 75 9.50 95.34 15.85
CA GLU S 75 9.92 95.84 17.14
C GLU S 75 11.10 96.77 16.99
N HIS S 76 11.99 96.50 16.02
CA HIS S 76 12.97 97.52 15.66
C HIS S 76 12.30 98.77 15.12
N ALA S 77 11.17 98.61 14.42
CA ALA S 77 10.51 99.81 13.91
C ALA S 77 9.83 100.62 15.00
N LYS S 78 9.79 100.09 16.23
CA LYS S 78 9.09 100.67 17.37
C LYS S 78 7.61 100.88 17.07
N ARG S 79 7.07 100.02 16.23
CA ARG S 79 5.68 100.06 15.85
C ARG S 79 4.93 98.89 16.47
N LYS S 80 3.69 99.14 16.84
CA LYS S 80 2.84 98.10 17.39
C LYS S 80 2.11 97.34 16.29
N THR S 81 2.19 97.84 15.06
CA THR S 81 1.49 97.28 13.91
C THR S 81 2.53 96.71 12.95
N VAL S 82 2.36 95.44 12.59
CA VAL S 82 3.23 94.84 11.59
C VAL S 82 2.84 95.36 10.21
N THR S 83 3.84 95.61 9.37
CA THR S 83 3.62 96.16 8.04
C THR S 83 4.18 95.23 6.97
N ALA S 84 3.74 95.45 5.74
CA ALA S 84 4.02 94.52 4.66
C ALA S 84 5.48 94.54 4.24
N MET S 85 6.12 95.71 4.18
CA MET S 85 7.50 95.76 3.71
C MET S 85 8.43 95.09 4.70
N ASP S 86 8.07 95.13 5.99
CA ASP S 86 8.82 94.38 6.98
C ASP S 86 8.70 92.88 6.74
N VAL S 87 7.50 92.42 6.35
CA VAL S 87 7.29 91.01 6.05
C VAL S 87 8.13 90.59 4.85
N VAL S 88 8.17 91.41 3.80
CA VAL S 88 8.93 90.99 2.62
C VAL S 88 10.42 91.06 2.89
N TYR S 89 10.86 91.97 3.78
CA TYR S 89 12.25 91.91 4.26
C TYR S 89 12.53 90.59 4.95
N ALA S 90 11.59 90.13 5.78
CA ALA S 90 11.76 88.86 6.48
C ALA S 90 11.84 87.69 5.51
N LEU S 91 11.05 87.74 4.45
CA LEU S 91 11.10 86.65 3.47
C LEU S 91 12.39 86.65 2.66
N LYS S 92 12.90 87.83 2.25
CA LYS S 92 14.10 87.79 1.42
C LYS S 92 15.31 87.44 2.27
N ARG S 93 15.33 87.87 3.52
CA ARG S 93 16.39 87.46 4.42
C ARG S 93 16.32 85.97 4.73
N GLN S 94 15.13 85.38 4.62
CA GLN S 94 14.97 83.94 4.74
C GLN S 94 15.16 83.23 3.40
N GLY S 95 15.36 83.99 2.33
CA GLY S 95 15.63 83.39 1.04
C GLY S 95 14.41 82.89 0.30
N ARG S 96 13.26 83.51 0.51
CA ARG S 96 12.00 83.18 -0.17
C ARG S 96 11.31 84.45 -0.65
N THR S 97 12.05 85.25 -1.42
CA THR S 97 11.70 86.64 -1.73
C THR S 97 10.34 86.75 -2.41
N LEU S 98 9.62 87.83 -2.06
CA LEU S 98 8.28 88.10 -2.57
C LEU S 98 8.34 89.32 -3.47
N TYR S 99 7.57 89.29 -4.55
CA TYR S 99 7.35 90.47 -5.37
C TYR S 99 5.91 90.92 -5.25
N GLY S 100 5.69 92.21 -5.46
CA GLY S 100 4.35 92.76 -5.55
C GLY S 100 3.82 93.40 -4.28
N PHE S 101 4.67 93.68 -3.30
CA PHE S 101 4.21 94.25 -2.05
C PHE S 101 5.09 95.41 -1.64
N GLY S 102 5.32 96.33 -2.57
CA GLY S 102 6.05 97.53 -2.28
C GLY S 102 7.55 97.38 -2.24
N GLY S 103 8.09 96.27 -2.74
CA GLY S 103 9.51 96.04 -2.75
C GLY S 103 10.27 97.02 -3.63
N ALA T 28 50.71 116.35 29.49
CA ALA T 28 49.81 116.13 30.61
C ALA T 28 48.63 115.26 30.19
N ARG T 29 48.78 114.55 29.09
CA ARG T 29 47.73 113.68 28.60
C ARG T 29 47.59 112.48 29.53
N ALA T 30 46.35 112.00 29.68
CA ALA T 30 46.13 110.79 30.44
C ALA T 30 46.70 109.58 29.69
N LYS T 31 46.92 108.50 30.44
CA LYS T 31 47.53 107.32 29.85
C LYS T 31 46.59 106.67 28.84
N ALA T 32 47.14 106.24 27.72
CA ALA T 32 46.35 105.66 26.65
C ALA T 32 45.87 104.28 27.05
N LYS T 33 44.60 104.20 27.44
CA LYS T 33 44.02 102.93 27.85
C LYS T 33 42.99 102.56 26.78
N THR T 34 42.68 101.27 26.64
CA THR T 34 42.09 100.78 25.41
C THR T 34 40.62 100.43 25.61
N ARG T 35 39.86 100.59 24.53
CA ARG T 35 38.41 100.38 24.59
C ARG T 35 38.07 98.91 24.76
N SER T 36 38.93 98.00 24.28
CA SER T 36 38.69 96.58 24.52
C SER T 36 38.79 96.27 26.00
N SER T 37 39.75 96.88 26.68
CA SER T 37 39.83 96.78 28.13
C SER T 37 38.68 97.54 28.80
N ARG T 38 38.21 98.62 28.18
CA ARG T 38 37.10 99.37 28.74
C ARG T 38 35.82 98.55 28.71
N ALA T 39 35.62 97.76 27.66
CA ALA T 39 34.55 96.78 27.67
C ALA T 39 34.96 95.50 28.37
N GLY T 40 36.22 95.41 28.81
CA GLY T 40 36.70 94.19 29.43
C GLY T 40 36.76 93.02 28.49
N LEU T 41 37.07 93.24 27.22
CA LEU T 41 36.94 92.21 26.21
C LEU T 41 38.25 92.07 25.45
N GLN T 42 38.43 90.90 24.83
CA GLN T 42 39.70 90.56 24.18
C GLN T 42 39.77 91.06 22.74
N PHE T 43 38.66 91.07 22.02
CA PHE T 43 38.68 91.47 20.61
C PHE T 43 38.92 92.97 20.47
N PRO T 44 39.59 93.39 19.38
CA PRO T 44 39.93 94.81 19.23
C PRO T 44 38.72 95.66 18.89
N VAL T 45 38.37 96.58 19.78
CA VAL T 45 37.27 97.48 19.51
C VAL T 45 37.65 98.47 18.42
N GLY T 46 38.87 99.01 18.49
CA GLY T 46 39.27 100.03 17.53
C GLY T 46 39.38 99.51 16.10
N ARG T 47 39.96 98.32 15.95
CA ARG T 47 40.11 97.75 14.60
C ARG T 47 38.75 97.43 13.99
N VAL T 48 37.84 96.86 14.78
CA VAL T 48 36.51 96.52 14.28
C VAL T 48 35.72 97.78 13.97
N HIS T 49 35.85 98.81 14.81
CA HIS T 49 35.23 100.10 14.53
C HIS T 49 35.72 100.69 13.22
N ARG T 50 37.03 100.68 13.00
CA ARG T 50 37.59 101.16 11.74
C ARG T 50 37.12 100.32 10.57
N LEU T 51 36.99 99.01 10.80
CA LEU T 51 36.62 98.09 9.74
C LEU T 51 35.16 98.26 9.35
N LEU T 52 34.31 98.66 10.30
CA LEU T 52 32.94 99.06 9.93
C LEU T 52 32.93 100.43 9.26
N ARG T 53 33.79 101.34 9.69
CA ARG T 53 33.78 102.70 9.13
C ARG T 53 34.17 102.70 7.66
N LYS T 54 35.22 101.97 7.30
CA LYS T 54 35.56 101.84 5.89
C LYS T 54 35.04 100.56 5.27
N GLY T 55 34.23 99.77 5.99
CA GLY T 55 33.52 98.67 5.36
C GLY T 55 32.27 99.08 4.62
N ASN T 56 31.93 100.36 4.68
CA ASN T 56 30.83 100.98 3.93
C ASN T 56 29.48 100.35 4.25
N TYR T 57 29.06 100.54 5.50
CA TYR T 57 27.73 100.14 5.94
C TYR T 57 26.87 101.32 6.38
N SER T 58 27.51 102.42 6.79
CA SER T 58 26.83 103.69 7.02
C SER T 58 27.88 104.79 7.07
N GLU T 59 27.42 106.02 6.89
CA GLU T 59 28.28 107.18 7.10
C GLU T 59 28.42 107.52 8.58
N ARG T 60 27.42 107.17 9.40
CA ARG T 60 27.47 107.39 10.83
C ARG T 60 27.43 106.05 11.55
N VAL T 61 28.13 105.96 12.68
CA VAL T 61 28.15 104.73 13.47
C VAL T 61 28.25 105.11 14.94
N GLY T 62 27.50 104.40 15.78
CA GLY T 62 27.55 104.64 17.20
C GLY T 62 28.71 103.96 17.87
N ALA T 63 29.02 104.43 19.07
CA ALA T 63 30.19 103.92 19.79
C ALA T 63 29.92 102.54 20.38
N GLY T 64 28.68 102.27 20.78
CA GLY T 64 28.38 101.00 21.39
C GLY T 64 28.27 99.83 20.44
N ALA T 65 28.06 100.11 19.15
CA ALA T 65 27.94 99.03 18.18
C ALA T 65 29.21 98.18 18.03
N PRO T 66 30.42 98.73 17.89
CA PRO T 66 31.59 97.84 17.87
C PRO T 66 31.80 97.10 19.16
N VAL T 67 31.40 97.69 20.29
CA VAL T 67 31.50 97.00 21.58
C VAL T 67 30.60 95.78 21.58
N TYR T 68 29.36 95.96 21.14
CA TYR T 68 28.40 94.86 21.05
C TYR T 68 28.89 93.79 20.09
N LEU T 69 29.46 94.22 18.96
CA LEU T 69 29.91 93.30 17.93
C LEU T 69 31.10 92.48 18.41
N ALA T 70 32.06 93.13 19.07
CA ALA T 70 33.19 92.41 19.63
C ALA T 70 32.72 91.42 20.70
N ALA T 71 31.74 91.82 21.50
CA ALA T 71 31.20 90.92 22.52
C ALA T 71 30.57 89.68 21.90
N VAL T 72 29.77 89.84 20.85
CA VAL T 72 29.05 88.68 20.31
C VAL T 72 30.01 87.74 19.59
N LEU T 73 31.00 88.29 18.86
CA LEU T 73 32.01 87.40 18.27
C LEU T 73 32.86 86.70 19.32
N GLU T 74 33.18 87.37 20.43
CA GLU T 74 33.93 86.68 21.48
C GLU T 74 33.11 85.55 22.08
N TYR T 75 31.81 85.76 22.27
CA TYR T 75 30.96 84.69 22.79
C TYR T 75 30.90 83.52 21.84
N LEU T 76 30.78 83.80 20.54
CA LEU T 76 30.71 82.74 19.54
C LEU T 76 32.00 81.94 19.49
N THR T 77 33.15 82.63 19.46
CA THR T 77 34.42 81.95 19.48
C THR T 77 34.63 81.20 20.78
N ALA T 78 34.14 81.75 21.88
CA ALA T 78 34.29 81.07 23.17
C ALA T 78 33.55 79.75 23.20
N GLU T 79 32.30 79.74 22.71
CA GLU T 79 31.54 78.49 22.75
C GLU T 79 32.08 77.48 21.73
N ILE T 80 32.49 77.95 20.54
CA ILE T 80 32.96 76.99 19.57
C ILE T 80 34.35 76.47 19.95
N LEU T 81 35.11 77.29 20.68
CA LEU T 81 36.42 76.85 21.16
C LEU T 81 36.28 75.92 22.36
N GLU T 82 35.24 76.11 23.16
CA GLU T 82 34.88 75.10 24.16
C GLU T 82 34.60 73.75 23.51
N LEU T 83 33.78 73.75 22.46
CA LEU T 83 33.45 72.50 21.78
C LEU T 83 34.67 71.88 21.12
N ALA T 84 35.53 72.71 20.54
CA ALA T 84 36.77 72.22 19.93
C ALA T 84 37.71 71.64 20.97
N GLY T 85 37.80 72.27 22.14
CA GLY T 85 38.66 71.76 23.20
C GLY T 85 38.18 70.43 23.74
N ASN T 86 36.87 70.30 23.95
CA ASN T 86 36.34 69.01 24.40
C ASN T 86 36.51 67.93 23.33
N ALA T 87 36.33 68.28 22.06
CA ALA T 87 36.55 67.32 20.99
C ALA T 87 38.00 66.88 20.92
N ALA T 88 38.93 67.82 21.14
CA ALA T 88 40.35 67.49 21.12
C ALA T 88 40.73 66.60 22.30
N ARG T 89 40.18 66.89 23.48
CA ARG T 89 40.51 66.11 24.65
C ARG T 89 39.90 64.71 24.57
N ASP T 90 38.73 64.58 23.94
CA ASP T 90 38.13 63.27 23.78
C ASP T 90 38.91 62.40 22.80
N ASN T 91 39.58 63.02 21.83
CA ASN T 91 40.46 62.29 20.93
C ASN T 91 41.91 62.28 21.41
N LYS T 92 42.13 62.67 22.67
CA LYS T 92 43.45 62.65 23.32
C LYS T 92 44.47 63.52 22.59
N LYS T 93 44.02 64.62 22.01
CA LYS T 93 44.90 65.58 21.36
C LYS T 93 44.94 66.86 22.18
N THR T 94 46.14 67.38 22.38
CA THR T 94 46.31 68.66 23.05
C THR T 94 46.47 69.81 22.07
N ARG T 95 46.29 69.56 20.77
CA ARG T 95 46.32 70.60 19.76
C ARG T 95 45.08 70.44 18.88
N ILE T 96 44.40 71.56 18.60
CA ILE T 96 43.18 71.51 17.81
C ILE T 96 43.51 71.22 16.36
N ILE T 97 42.61 70.47 15.70
CA ILE T 97 42.80 70.10 14.30
C ILE T 97 41.48 70.52 13.65
N PRO T 98 41.41 70.77 12.34
CA PRO T 98 40.10 71.03 11.72
C PRO T 98 39.09 69.88 11.82
N ARG T 99 39.55 68.65 12.02
CA ARG T 99 38.60 67.56 12.26
C ARG T 99 37.83 67.80 13.56
N HIS T 100 38.52 68.31 14.58
CA HIS T 100 37.83 68.71 15.81
C HIS T 100 36.82 69.82 15.55
N LEU T 101 37.14 70.76 14.67
CA LEU T 101 36.23 71.85 14.37
C LEU T 101 34.97 71.34 13.69
N GLN T 102 35.14 70.43 12.74
CA GLN T 102 33.99 69.84 12.05
C GLN T 102 33.13 69.03 13.01
N LEU T 103 33.77 68.22 13.86
CA LEU T 103 33.03 67.43 14.83
C LEU T 103 32.33 68.34 15.85
N ALA T 104 32.94 69.49 16.14
CA ALA T 104 32.34 70.43 17.07
C ALA T 104 31.10 71.09 16.47
N ILE T 105 31.21 71.58 15.23
CA ILE T 105 30.09 72.31 14.65
C ILE T 105 28.94 71.37 14.32
N ARG T 106 29.24 70.16 13.85
CA ARG T 106 28.16 69.31 13.36
C ARG T 106 27.43 68.58 14.48
N ASN T 107 27.99 68.52 15.68
CA ASN T 107 27.33 67.78 16.75
C ASN T 107 26.34 68.63 17.53
N ASP T 108 26.17 69.91 17.19
CA ASP T 108 25.08 70.72 17.72
C ASP T 108 24.17 71.14 16.58
N GLU T 109 22.87 70.92 16.76
CA GLU T 109 21.89 71.25 15.72
C GLU T 109 21.76 72.76 15.53
N GLU T 110 21.92 73.53 16.60
CA GLU T 110 21.71 74.97 16.50
C GLU T 110 22.86 75.63 15.74
N LEU T 111 24.09 75.18 15.96
CA LEU T 111 25.21 75.62 15.14
C LEU T 111 25.07 75.13 13.71
N ASN T 112 24.42 73.98 13.50
CA ASN T 112 24.13 73.54 12.14
C ASN T 112 23.17 74.50 11.46
N LYS T 113 22.18 75.01 12.18
CA LYS T 113 21.32 76.05 11.63
C LYS T 113 22.09 77.34 11.42
N LEU T 114 23.10 77.58 12.25
CA LEU T 114 24.01 78.71 11.99
C LEU T 114 24.87 78.45 10.75
N LEU T 115 25.32 77.20 10.57
CA LEU T 115 26.30 76.87 9.56
C LEU T 115 25.82 75.78 8.61
N GLY T 116 24.62 75.95 8.04
CA GLY T 116 24.08 74.91 7.15
C GLY T 116 24.84 74.80 5.84
N ARG T 117 25.29 75.93 5.30
CA ARG T 117 25.90 75.96 3.97
C ARG T 117 27.39 76.24 4.00
N VAL T 118 28.06 75.95 5.11
CA VAL T 118 29.46 76.32 5.30
C VAL T 118 30.34 75.09 5.13
N THR T 119 31.42 75.24 4.35
CA THR T 119 32.36 74.16 4.09
C THR T 119 33.61 74.35 4.94
N ILE T 120 34.02 73.30 5.63
CA ILE T 120 35.26 73.30 6.41
C ILE T 120 36.31 72.49 5.67
N ALA T 121 37.49 73.09 5.47
CA ALA T 121 38.59 72.41 4.81
C ALA T 121 39.13 71.28 5.69
N GLN T 122 39.33 70.11 5.06
CA GLN T 122 39.83 68.90 5.73
C GLN T 122 38.97 68.49 6.93
N GLY T 123 37.66 68.73 6.86
CA GLY T 123 36.82 68.43 7.99
C GLY T 123 36.20 67.05 7.97
N GLY T 124 35.98 66.50 6.77
CA GLY T 124 35.26 65.25 6.71
C GLY T 124 33.80 65.46 7.06
N VAL T 125 33.14 64.36 7.44
CA VAL T 125 31.75 64.41 7.88
C VAL T 125 31.65 63.64 9.18
N LEU T 126 30.47 63.71 9.79
CA LEU T 126 30.21 62.94 10.99
C LEU T 126 30.22 61.45 10.66
N PRO T 127 30.70 60.60 11.56
CA PRO T 127 30.52 59.15 11.40
C PRO T 127 29.03 58.82 11.50
N ASN T 128 28.45 58.45 10.37
CA ASN T 128 27.00 58.28 10.29
C ASN T 128 26.69 57.23 9.24
N ILE T 129 26.13 56.11 9.68
CA ILE T 129 25.72 55.03 8.79
C ILE T 129 24.22 54.90 8.92
N GLN T 130 23.53 54.85 7.79
CA GLN T 130 22.09 54.61 7.81
C GLN T 130 21.84 53.21 8.36
N ALA T 131 20.76 53.08 9.15
CA ALA T 131 20.56 51.87 9.93
C ALA T 131 20.27 50.66 9.06
N VAL T 132 19.62 50.86 7.92
CA VAL T 132 19.36 49.76 7.01
C VAL T 132 20.64 49.27 6.33
N LEU T 133 21.67 50.10 6.27
CA LEU T 133 22.95 49.68 5.70
C LEU T 133 23.66 48.68 6.59
N LEU T 134 23.38 48.70 7.89
CA LEU T 134 24.04 47.79 8.81
C LEU T 134 23.51 46.37 8.63
N PRO T 135 24.36 45.36 8.82
CA PRO T 135 23.91 43.97 8.68
C PRO T 135 23.07 43.54 9.87
N LYS T 136 22.41 42.40 9.69
CA LYS T 136 21.57 41.82 10.74
C LYS T 136 22.40 41.28 11.89
N LYS U 31 61.52 93.51 4.82
CA LYS U 31 60.26 93.31 5.51
C LYS U 31 59.09 93.54 4.56
N ARG U 32 57.96 92.90 4.86
CA ARG U 32 56.76 92.98 4.02
C ARG U 32 55.71 93.80 4.75
N SER U 33 54.84 94.44 3.97
CA SER U 33 53.78 95.29 4.53
C SER U 33 52.81 94.44 5.34
N ARG U 34 52.19 95.07 6.35
CA ARG U 34 51.42 94.36 7.35
C ARG U 34 50.15 93.75 6.77
N LYS U 35 49.89 92.51 7.15
CA LYS U 35 48.63 91.82 6.87
C LYS U 35 47.91 91.63 8.19
N GLU U 36 46.89 92.46 8.43
CA GLU U 36 46.17 92.39 9.69
C GLU U 36 45.26 91.16 9.74
N SER U 37 45.22 90.51 10.89
CA SER U 37 44.52 89.25 11.04
C SER U 37 43.98 89.13 12.45
N TYR U 38 43.17 88.09 12.68
CA TYR U 38 42.52 87.88 13.97
C TYR U 38 43.03 86.66 14.73
N SER U 39 44.32 86.34 14.68
CA SER U 39 44.80 85.12 15.32
C SER U 39 45.03 85.31 16.82
N VAL U 40 45.77 86.36 17.20
CA VAL U 40 46.27 86.48 18.57
C VAL U 40 45.13 86.69 19.55
N TYR U 41 44.04 87.32 19.10
CA TYR U 41 42.85 87.43 19.94
C TYR U 41 42.24 86.07 20.17
N VAL U 42 42.25 85.21 19.16
CA VAL U 42 41.75 83.86 19.36
C VAL U 42 42.63 83.12 20.35
N TYR U 43 43.96 83.33 20.28
CA TYR U 43 44.85 82.75 21.29
C TYR U 43 44.51 83.22 22.69
N LYS U 44 44.22 84.52 22.85
CA LYS U 44 43.90 85.02 24.18
C LYS U 44 42.59 84.44 24.69
N VAL U 45 41.55 84.40 23.85
CA VAL U 45 40.25 83.93 24.33
C VAL U 45 40.31 82.43 24.62
N LEU U 46 41.05 81.67 23.81
CA LEU U 46 41.18 80.24 24.08
C LEU U 46 41.98 80.02 25.35
N LYS U 47 43.00 80.86 25.56
CA LYS U 47 43.83 80.78 26.75
C LYS U 47 43.03 81.06 28.00
N GLN U 48 41.99 81.91 27.90
CA GLN U 48 41.04 82.05 29.00
C GLN U 48 40.19 80.79 29.16
N VAL U 49 39.73 80.22 28.05
CA VAL U 49 38.77 79.12 28.22
C VAL U 49 39.49 77.78 28.33
N HIS U 50 40.69 77.66 27.76
CA HIS U 50 41.48 76.43 27.83
C HIS U 50 42.95 76.80 27.79
N PRO U 51 43.58 76.97 28.97
CA PRO U 51 44.99 77.39 28.99
C PRO U 51 45.95 76.37 28.37
N ASP U 52 45.53 75.12 28.27
CA ASP U 52 46.42 74.02 28.00
C ASP U 52 46.64 73.74 26.51
N THR U 53 45.69 74.05 25.65
CA THR U 53 45.65 73.41 24.34
C THR U 53 46.57 74.13 23.34
N GLY U 54 46.81 73.45 22.23
CA GLY U 54 47.57 74.00 21.13
C GLY U 54 46.68 74.30 19.94
N ILE U 55 47.29 74.89 18.92
CA ILE U 55 46.56 75.37 17.75
C ILE U 55 47.28 74.91 16.49
N SER U 56 46.53 74.34 15.55
CA SER U 56 47.06 74.17 14.20
C SER U 56 46.69 75.38 13.34
N SER U 57 47.58 75.72 12.40
CA SER U 57 47.49 77.00 11.72
C SER U 57 46.35 77.04 10.70
N LYS U 58 46.05 75.91 10.05
CA LYS U 58 44.95 75.95 9.09
C LYS U 58 43.61 76.02 9.82
N ALA U 59 43.53 75.42 11.02
CA ALA U 59 42.37 75.63 11.87
C ALA U 59 42.25 77.09 12.30
N MET U 60 43.39 77.74 12.53
CA MET U 60 43.38 79.15 12.88
C MET U 60 42.84 79.98 11.72
N GLY U 61 43.21 79.61 10.50
CA GLY U 61 42.62 80.23 9.32
C GLY U 61 41.12 80.00 9.23
N ILE U 62 40.66 78.81 9.64
CA ILE U 62 39.23 78.54 9.65
C ILE U 62 38.52 79.47 10.63
N MET U 63 39.15 79.73 11.78
CA MET U 63 38.61 80.73 12.72
C MET U 63 38.58 82.13 12.13
N ASN U 64 39.63 82.53 11.41
CA ASN U 64 39.60 83.85 10.78
C ASN U 64 38.48 83.95 9.75
N SER U 65 38.26 82.88 9.00
CA SER U 65 37.15 82.86 8.05
C SER U 65 35.81 82.93 8.76
N PHE U 66 35.68 82.23 9.89
CA PHE U 66 34.46 82.30 10.71
C PHE U 66 34.16 83.72 11.15
N VAL U 67 35.15 84.38 11.77
CA VAL U 67 34.90 85.70 12.34
C VAL U 67 34.67 86.73 11.25
N ASN U 68 35.40 86.63 10.14
CA ASN U 68 35.18 87.56 9.03
C ASN U 68 33.82 87.35 8.39
N ASP U 69 33.40 86.09 8.25
CA ASP U 69 32.09 85.79 7.68
C ASP U 69 30.96 86.33 8.55
N ILE U 70 31.01 86.04 9.85
CA ILE U 70 29.95 86.50 10.75
C ILE U 70 29.96 88.02 10.83
N PHE U 71 31.15 88.63 10.80
CA PHE U 71 31.26 90.08 10.78
C PHE U 71 30.57 90.67 9.55
N GLU U 72 30.81 90.08 8.37
CA GLU U 72 30.16 90.59 7.17
C GLU U 72 28.65 90.39 7.20
N ARG U 73 28.18 89.25 7.72
CA ARG U 73 26.73 89.02 7.83
C ARG U 73 26.07 90.05 8.73
N ILE U 74 26.63 90.27 9.91
CA ILE U 74 26.04 91.21 10.86
C ILE U 74 26.13 92.63 10.34
N ALA U 75 27.24 92.98 9.68
CA ALA U 75 27.39 94.34 9.17
C ALA U 75 26.44 94.61 8.01
N GLY U 76 26.21 93.60 7.16
CA GLY U 76 25.24 93.75 6.09
C GLY U 76 23.82 93.90 6.61
N GLU U 77 23.46 93.11 7.62
CA GLU U 77 22.14 93.27 8.24
C GLU U 77 22.02 94.63 8.93
N ALA U 78 23.12 95.12 9.53
CA ALA U 78 23.09 96.43 10.16
C ALA U 78 22.86 97.53 9.14
N SER U 79 23.54 97.45 8.00
CA SER U 79 23.33 98.44 6.95
C SER U 79 21.92 98.36 6.40
N ARG U 80 21.39 97.14 6.25
CA ARG U 80 20.04 96.96 5.71
C ARG U 80 18.99 97.55 6.66
N LEU U 81 19.13 97.31 7.96
CA LEU U 81 18.18 97.85 8.92
C LEU U 81 18.33 99.36 9.09
N ALA U 82 19.55 99.88 8.99
CA ALA U 82 19.71 101.33 9.03
C ALA U 82 19.05 101.98 7.81
N HIS U 83 19.09 101.30 6.67
CA HIS U 83 18.36 101.77 5.51
C HIS U 83 16.85 101.71 5.71
N TYR U 84 16.35 100.63 6.31
CA TYR U 84 14.90 100.42 6.37
C TYR U 84 14.22 101.37 7.35
N ASN U 85 14.88 101.64 8.47
CA ASN U 85 14.44 102.70 9.37
C ASN U 85 14.99 104.05 8.96
N LYS U 86 15.69 104.11 7.82
CA LYS U 86 16.20 105.34 7.22
C LYS U 86 17.13 106.06 8.19
N ARG U 87 17.86 105.27 8.95
CA ARG U 87 18.72 105.77 10.02
C ARG U 87 20.14 105.89 9.48
N SER U 88 20.78 107.01 9.79
CA SER U 88 22.12 107.25 9.27
C SER U 88 23.18 106.56 10.11
N THR U 89 22.83 106.09 11.30
CA THR U 89 23.80 105.70 12.32
C THR U 89 23.67 104.22 12.67
N ILE U 90 24.79 103.50 12.61
CA ILE U 90 24.85 102.13 13.13
C ILE U 90 25.09 102.16 14.64
N THR U 91 24.08 101.76 15.41
CA THR U 91 24.12 101.66 16.88
C THR U 91 23.98 100.20 17.30
N SER U 92 24.16 99.98 18.62
CA SER U 92 24.08 98.63 19.18
C SER U 92 22.67 98.05 19.08
N ARG U 93 21.67 98.91 18.99
CA ARG U 93 20.29 98.49 19.17
C ARG U 93 19.80 97.73 17.93
N GLU U 94 20.10 98.25 16.74
CA GLU U 94 19.77 97.53 15.52
C GLU U 94 20.68 96.35 15.25
N ILE U 95 21.93 96.36 15.72
CA ILE U 95 22.71 95.15 15.51
C ILE U 95 22.26 94.07 16.49
N GLN U 96 21.70 94.46 17.63
CA GLN U 96 20.99 93.52 18.48
C GLN U 96 19.83 92.90 17.74
N THR U 97 19.09 93.74 17.02
CA THR U 97 18.00 93.23 16.18
C THR U 97 18.53 92.26 15.13
N ALA U 98 19.67 92.60 14.53
CA ALA U 98 20.28 91.74 13.51
C ALA U 98 20.74 90.41 14.08
N VAL U 99 21.29 90.42 15.31
CA VAL U 99 21.70 89.17 15.94
C VAL U 99 20.49 88.32 16.27
N ARG U 100 19.39 88.95 16.69
CA ARG U 100 18.17 88.19 16.91
C ARG U 100 17.63 87.63 15.59
N LEU U 101 17.91 88.31 14.48
CA LEU U 101 17.53 87.75 13.18
C LEU U 101 18.41 86.58 12.79
N LEU U 102 19.72 86.78 12.69
CA LEU U 102 20.58 85.79 12.06
C LEU U 102 20.94 84.67 13.02
N LEU U 103 21.56 85.01 14.13
CA LEU U 103 21.92 83.99 15.08
C LEU U 103 20.67 83.49 15.81
N PRO U 104 20.43 82.19 15.82
CA PRO U 104 19.21 81.67 16.44
C PRO U 104 19.32 81.49 17.94
N GLY U 105 18.16 81.55 18.59
CA GLY U 105 17.90 80.97 19.89
C GLY U 105 18.84 81.20 21.05
N GLU U 106 19.47 80.11 21.50
CA GLU U 106 20.17 80.12 22.78
C GLU U 106 21.42 81.00 22.73
N LEU U 107 22.25 80.84 21.69
CA LEU U 107 23.37 81.74 21.48
C LEU U 107 22.90 83.16 21.26
N ALA U 108 21.74 83.34 20.63
CA ALA U 108 21.23 84.69 20.42
C ALA U 108 20.93 85.39 21.73
N LYS U 109 20.21 84.73 22.63
CA LYS U 109 19.85 85.40 23.87
C LYS U 109 21.06 85.55 24.80
N HIS U 110 21.96 84.56 24.81
CA HIS U 110 23.15 84.69 25.65
C HIS U 110 24.11 85.73 25.10
N ALA U 111 24.27 85.79 23.78
CA ALA U 111 25.12 86.80 23.16
C ALA U 111 24.56 88.19 23.40
N VAL U 112 23.23 88.32 23.36
CA VAL U 112 22.58 89.55 23.77
C VAL U 112 22.94 89.89 25.21
N SER U 113 22.96 88.87 26.09
CA SER U 113 23.29 89.12 27.49
C SER U 113 24.71 89.65 27.65
N GLU U 114 25.69 88.99 27.02
CA GLU U 114 27.08 89.45 27.18
C GLU U 114 27.29 90.80 26.51
N GLY U 115 26.63 91.04 25.39
CA GLY U 115 26.78 92.32 24.73
C GLY U 115 26.18 93.46 25.51
N THR U 116 25.01 93.25 26.10
CA THR U 116 24.43 94.27 26.97
C THR U 116 25.30 94.52 28.20
N LYS U 117 25.86 93.46 28.78
CA LYS U 117 26.79 93.65 29.88
C LYS U 117 27.99 94.46 29.45
N ALA U 118 28.53 94.17 28.27
CA ALA U 118 29.71 94.88 27.78
C ALA U 118 29.40 96.34 27.49
N VAL U 119 28.25 96.63 26.89
CA VAL U 119 27.95 98.01 26.52
C VAL U 119 27.59 98.82 27.76
N THR U 120 27.03 98.16 28.79
CA THR U 120 26.82 98.87 30.04
C THR U 120 28.14 99.13 30.75
N LYS U 121 29.09 98.19 30.64
CA LYS U 121 30.41 98.42 31.22
C LYS U 121 31.14 99.56 30.51
N TYR U 122 31.03 99.62 29.18
CA TYR U 122 31.63 100.72 28.45
C TYR U 122 30.90 102.02 28.71
N THR U 123 29.61 101.94 29.02
CA THR U 123 28.85 103.11 29.45
C THR U 123 29.42 103.66 30.74
N SER U 124 29.85 102.78 31.62
CA SER U 124 30.60 103.16 32.82
C SER U 124 32.07 103.39 32.54
N ALA U 125 32.45 103.60 31.28
CA ALA U 125 33.83 103.86 30.83
C ALA U 125 34.79 102.77 31.30
N LYS V 38 41.53 26.92 1.59
CA LYS V 38 40.67 27.88 0.91
C LYS V 38 40.94 29.28 1.42
N PRO V 39 41.28 30.20 0.52
CA PRO V 39 41.59 31.57 0.95
C PRO V 39 40.36 32.28 1.51
N HIS V 40 40.60 33.09 2.53
CA HIS V 40 39.52 33.86 3.13
C HIS V 40 38.98 34.89 2.17
N ARG V 41 37.65 35.05 2.17
CA ARG V 41 37.00 36.02 1.30
C ARG V 41 35.82 36.60 2.06
N TYR V 42 35.80 37.92 2.20
CA TYR V 42 34.73 38.56 2.94
C TYR V 42 33.46 38.56 2.11
N ARG V 43 32.31 38.51 2.79
CA ARG V 43 31.04 38.63 2.09
C ARG V 43 30.89 40.03 1.52
N PRO V 44 30.13 40.18 0.43
CA PRO V 44 29.95 41.51 -0.17
C PRO V 44 29.30 42.50 0.79
N GLY V 45 29.88 43.70 0.85
CA GLY V 45 29.45 44.73 1.75
C GLY V 45 30.27 44.87 3.01
N THR V 46 30.94 43.79 3.45
CA THR V 46 31.72 43.85 4.67
C THR V 46 32.92 44.78 4.54
N VAL V 47 33.71 44.58 3.49
CA VAL V 47 34.82 45.48 3.21
C VAL V 47 34.29 46.85 2.83
N ALA V 48 33.10 46.89 2.23
CA ALA V 48 32.48 48.18 1.90
C ALA V 48 32.18 48.98 3.17
N LEU V 49 31.62 48.35 4.19
CA LEU V 49 31.33 49.05 5.43
C LEU V 49 32.61 49.40 6.20
N ARG V 50 33.62 48.54 6.11
CA ARG V 50 34.90 48.90 6.71
C ARG V 50 35.52 50.08 5.98
N GLU V 51 35.33 50.16 4.67
CA GLU V 51 35.71 51.35 3.90
C GLU V 51 34.91 52.56 4.36
N ILE V 52 33.63 52.37 4.66
CA ILE V 52 32.79 53.48 5.13
C ILE V 52 33.38 54.07 6.40
N ARG V 53 33.68 53.21 7.37
CA ARG V 53 34.24 53.67 8.64
C ARG V 53 35.62 54.28 8.44
N ARG V 54 36.45 53.66 7.60
CA ARG V 54 37.82 54.12 7.40
C ARG V 54 37.85 55.48 6.73
N TYR V 55 37.13 55.64 5.63
CA TYR V 55 37.14 56.90 4.91
C TYR V 55 36.30 57.97 5.58
N GLN V 56 35.38 57.59 6.47
CA GLN V 56 34.59 58.59 7.15
C GLN V 56 35.26 59.09 8.41
N LYS V 57 36.10 58.27 9.04
CA LYS V 57 36.89 58.78 10.16
C LYS V 57 38.02 59.67 9.66
N SER V 58 38.48 59.43 8.44
CA SER V 58 39.63 60.13 7.91
C SER V 58 39.24 61.46 7.32
N THR V 59 40.23 62.36 7.20
CA THR V 59 40.03 63.64 6.55
C THR V 59 40.92 63.83 5.34
N GLU V 60 41.87 62.93 5.10
CA GLU V 60 42.86 63.11 4.05
C GLU V 60 42.21 62.93 2.68
N LEU V 61 42.89 63.42 1.67
CA LEU V 61 42.29 63.69 0.36
C LEU V 61 41.91 62.41 -0.38
N LEU V 62 40.89 62.53 -1.24
CA LEU V 62 40.33 61.42 -1.99
C LEU V 62 40.55 61.52 -3.50
N ILE V 63 40.81 62.70 -4.01
CA ILE V 63 41.09 62.88 -5.43
C ILE V 63 42.58 63.04 -5.64
N ARG V 64 43.13 62.27 -6.57
CA ARG V 64 44.51 62.46 -6.99
C ARG V 64 44.67 63.88 -7.55
N LYS V 65 45.61 64.64 -6.96
CA LYS V 65 45.60 66.09 -7.13
C LYS V 65 46.08 66.50 -8.51
N LEU V 66 46.96 65.72 -9.11
CA LEU V 66 47.52 66.17 -10.39
C LEU V 66 46.59 65.91 -11.58
N PRO V 67 45.92 64.75 -11.72
CA PRO V 67 44.89 64.68 -12.79
C PRO V 67 43.76 65.66 -12.60
N PHE V 68 43.41 65.94 -11.34
CA PHE V 68 42.44 67.00 -11.07
C PHE V 68 42.94 68.35 -11.54
N GLN V 69 44.21 68.67 -11.25
CA GLN V 69 44.76 69.96 -11.66
C GLN V 69 44.84 70.07 -13.18
N ARG V 70 45.12 68.94 -13.85
CA ARG V 70 45.04 68.90 -15.30
C ARG V 70 43.63 69.19 -15.80
N LEU V 71 42.62 68.65 -15.12
CA LEU V 71 41.23 68.92 -15.50
C LEU V 71 40.89 70.39 -15.27
N VAL V 72 41.37 70.96 -14.17
CA VAL V 72 41.13 72.36 -13.85
C VAL V 72 41.74 73.26 -14.91
N ARG V 73 42.99 72.99 -15.29
CA ARG V 73 43.63 73.82 -16.30
C ARG V 73 42.99 73.63 -17.67
N GLU V 74 42.50 72.42 -17.95
CA GLU V 74 41.81 72.15 -19.20
C GLU V 74 40.51 72.96 -19.30
N ILE V 75 39.74 72.99 -18.22
CA ILE V 75 38.50 73.76 -18.24
C ILE V 75 38.80 75.25 -18.21
N ALA V 76 39.88 75.65 -17.53
CA ALA V 76 40.23 77.06 -17.43
C ALA V 76 40.67 77.63 -18.78
N GLN V 77 41.47 76.87 -19.53
CA GLN V 77 41.94 77.35 -20.82
C GLN V 77 40.84 77.40 -21.86
N ASP V 78 39.71 76.73 -21.62
CA ASP V 78 38.55 76.83 -22.49
C ASP V 78 37.85 78.17 -22.37
N PHE V 79 38.13 78.93 -21.31
CA PHE V 79 37.44 80.19 -21.06
C PHE V 79 38.38 81.38 -21.20
N LYS V 80 39.57 81.28 -20.64
CA LYS V 80 40.64 82.24 -20.87
C LYS V 80 41.93 81.44 -21.02
N THR V 81 42.68 81.73 -22.06
CA THR V 81 43.91 81.00 -22.29
C THR V 81 45.02 81.49 -21.37
N ASP V 82 46.02 80.62 -21.18
CA ASP V 82 47.25 80.91 -20.43
C ASP V 82 46.99 81.31 -18.99
N LEU V 83 45.97 80.75 -18.37
CA LEU V 83 45.73 81.02 -16.96
C LEU V 83 46.76 80.31 -16.10
N ARG V 84 47.22 81.00 -15.06
CA ARG V 84 48.17 80.45 -14.11
C ARG V 84 47.47 80.27 -12.77
N PHE V 85 47.86 79.24 -12.05
CA PHE V 85 47.14 78.84 -10.85
C PHE V 85 48.05 78.87 -9.64
N GLN V 86 47.61 79.57 -8.59
CA GLN V 86 48.17 79.35 -7.27
C GLN V 86 47.78 77.95 -6.81
N SER V 87 48.67 77.32 -6.05
CA SER V 87 48.39 75.96 -5.58
C SER V 87 47.22 75.95 -4.61
N SER V 88 47.13 76.98 -3.77
CA SER V 88 46.02 77.11 -2.84
C SER V 88 44.68 77.31 -3.55
N ALA V 89 44.69 77.98 -4.70
CA ALA V 89 43.47 78.11 -5.49
C ALA V 89 42.99 76.75 -5.97
N VAL V 90 43.93 75.93 -6.42
CA VAL V 90 43.61 74.55 -6.79
C VAL V 90 43.05 73.80 -5.60
N MET V 91 43.71 73.95 -4.43
CA MET V 91 43.32 73.22 -3.23
C MET V 91 41.90 73.55 -2.81
N ALA V 92 41.59 74.83 -2.76
CA ALA V 92 40.24 75.27 -2.42
C ALA V 92 39.23 74.73 -3.43
N LEU V 93 39.58 74.82 -4.72
CA LEU V 93 38.67 74.31 -5.78
C LEU V 93 38.43 72.84 -5.48
N GLN V 94 39.47 72.16 -5.00
CA GLN V 94 39.34 70.72 -4.65
C GLN V 94 38.42 70.60 -3.43
N GLU V 95 38.80 71.18 -2.28
CA GLU V 95 37.99 70.98 -1.04
C GLU V 95 36.51 71.22 -1.35
N ALA V 96 36.18 72.31 -2.04
CA ALA V 96 34.81 72.62 -2.39
C ALA V 96 34.17 71.51 -3.24
N SER V 97 34.93 70.92 -4.18
CA SER V 97 34.31 69.90 -5.03
C SER V 97 33.94 68.65 -4.24
N GLU V 98 34.85 68.13 -3.40
CA GLU V 98 34.48 66.98 -2.59
C GLU V 98 33.37 67.34 -1.60
N ALA V 99 33.32 68.59 -1.13
CA ALA V 99 32.21 68.99 -0.29
C ALA V 99 30.89 68.90 -1.02
N TYR V 100 30.85 69.41 -2.24
CA TYR V 100 29.63 69.41 -3.03
C TYR V 100 29.21 67.98 -3.37
N LEU V 101 30.18 67.15 -3.75
CA LEU V 101 29.89 65.77 -4.10
C LEU V 101 29.38 64.97 -2.91
N VAL V 102 30.01 65.11 -1.73
CA VAL V 102 29.55 64.33 -0.59
C VAL V 102 28.19 64.82 -0.12
N GLY V 103 27.89 66.10 -0.32
CA GLY V 103 26.53 66.56 -0.10
C GLY V 103 25.54 65.84 -1.00
N LEU V 104 25.90 65.68 -2.27
CA LEU V 104 25.06 64.91 -3.18
C LEU V 104 24.94 63.45 -2.79
N PHE V 105 26.02 62.80 -2.35
CA PHE V 105 25.85 61.38 -2.02
C PHE V 105 25.14 61.16 -0.69
N GLU V 106 25.25 62.09 0.26
CA GLU V 106 24.41 61.98 1.45
C GLU V 106 22.93 62.11 1.07
N ASP V 107 22.62 63.09 0.21
CA ASP V 107 21.25 63.21 -0.28
C ASP V 107 20.82 61.97 -1.06
N THR V 108 21.75 61.41 -1.82
CA THR V 108 21.49 60.23 -2.64
C THR V 108 21.22 59.02 -1.77
N ASN V 109 21.97 58.86 -0.69
CA ASN V 109 21.74 57.77 0.25
C ASN V 109 20.37 57.90 0.90
N LEU V 110 20.01 59.12 1.31
CA LEU V 110 18.71 59.33 1.94
C LEU V 110 17.57 59.04 0.98
N ALA V 111 17.69 59.49 -0.26
CA ALA V 111 16.64 59.24 -1.24
C ALA V 111 16.62 57.78 -1.67
N ALA V 112 17.78 57.11 -1.64
CA ALA V 112 17.84 55.71 -2.04
C ALA V 112 17.21 54.82 -0.99
N ILE V 113 17.48 55.08 0.29
CA ILE V 113 16.81 54.32 1.34
C ILE V 113 15.35 54.74 1.43
N HIS V 114 15.03 55.93 0.93
CA HIS V 114 13.62 56.29 0.72
C HIS V 114 13.01 55.43 -0.38
N ALA V 115 13.80 55.01 -1.34
CA ALA V 115 13.33 54.21 -2.46
C ALA V 115 13.42 52.71 -2.19
N LYS V 116 13.64 52.31 -0.95
CA LYS V 116 13.74 50.92 -0.51
C LYS V 116 14.86 50.15 -1.21
N ARG V 117 15.89 50.85 -1.68
CA ARG V 117 17.05 50.20 -2.27
C ARG V 117 18.31 50.57 -1.51
N VAL V 118 19.37 49.82 -1.78
CA VAL V 118 20.69 50.18 -1.28
C VAL V 118 21.66 50.54 -2.38
N THR V 119 21.33 50.27 -3.64
CA THR V 119 22.19 50.63 -4.76
C THR V 119 21.70 51.93 -5.38
N ILE V 120 22.61 52.87 -5.59
CA ILE V 120 22.25 54.17 -6.13
C ILE V 120 22.22 54.10 -7.65
N MET V 121 21.32 54.86 -8.26
CA MET V 121 21.09 54.84 -9.69
C MET V 121 21.05 56.27 -10.21
N PRO V 122 21.30 56.48 -11.51
CA PRO V 122 21.39 57.85 -12.05
C PRO V 122 20.16 58.72 -11.85
N LYS V 123 18.97 58.12 -11.87
CA LYS V 123 17.76 58.87 -11.59
C LYS V 123 17.75 59.44 -10.18
N ASP V 124 18.47 58.81 -9.25
CA ASP V 124 18.53 59.32 -7.89
C ASP V 124 19.35 60.61 -7.82
N ILE V 125 20.50 60.65 -8.50
CA ILE V 125 21.31 61.87 -8.51
C ILE V 125 20.58 62.98 -9.25
N GLN V 126 19.89 62.61 -10.33
CA GLN V 126 19.04 63.58 -11.03
C GLN V 126 17.96 64.14 -10.11
N LEU V 127 17.35 63.26 -9.31
CA LEU V 127 16.33 63.68 -8.36
C LEU V 127 16.92 64.63 -7.32
N ALA V 128 18.09 64.30 -6.80
CA ALA V 128 18.71 65.11 -5.77
C ALA V 128 19.04 66.49 -6.31
N ARG V 129 19.56 66.56 -7.53
CA ARG V 129 19.84 67.85 -8.14
C ARG V 129 18.57 68.64 -8.39
N ARG V 130 17.49 67.96 -8.80
CA ARG V 130 16.25 68.68 -9.08
C ARG V 130 15.60 69.20 -7.80
N ILE V 131 15.67 68.43 -6.72
CA ILE V 131 15.14 68.89 -5.43
C ILE V 131 15.97 70.05 -4.91
N ARG V 132 17.29 69.99 -5.10
CA ARG V 132 18.11 71.14 -4.73
C ARG V 132 17.92 72.31 -5.69
N GLY V 133 17.22 72.11 -6.81
CA GLY V 133 17.06 73.17 -7.78
C GLY V 133 18.22 73.33 -8.73
N GLU V 134 19.06 72.30 -8.85
CA GLU V 134 20.24 72.38 -9.70
C GLU V 134 19.84 72.30 -11.17
N LYS W 21 50.65 71.00 -24.52
CA LYS W 21 50.15 72.33 -24.18
C LYS W 21 48.65 72.28 -23.90
N VAL W 22 47.87 71.97 -24.93
CA VAL W 22 46.43 71.86 -24.75
C VAL W 22 46.08 70.48 -24.17
N LEU W 23 44.92 70.41 -23.53
CA LEU W 23 44.44 69.18 -22.92
C LEU W 23 43.07 68.86 -23.47
N ARG W 24 42.79 67.58 -23.66
CA ARG W 24 41.55 67.16 -24.30
C ARG W 24 40.74 66.18 -23.46
N ASP W 25 41.38 65.46 -22.54
CA ASP W 25 40.69 64.42 -21.76
C ASP W 25 41.34 64.35 -20.37
N ASN W 26 40.71 64.99 -19.40
CA ASN W 26 41.09 64.81 -18.00
C ASN W 26 39.90 64.55 -17.09
N ILE W 27 38.69 64.46 -17.64
CA ILE W 27 37.55 64.05 -16.83
C ILE W 27 37.71 62.61 -16.37
N GLN W 28 38.44 61.80 -17.13
CA GLN W 28 38.74 60.45 -16.70
C GLN W 28 39.83 60.41 -15.63
N GLY W 29 40.49 61.54 -15.37
CA GLY W 29 41.41 61.62 -14.24
C GLY W 29 40.74 61.51 -12.89
N ILE W 30 39.43 61.78 -12.83
CA ILE W 30 38.63 61.42 -11.66
C ILE W 30 38.27 59.96 -11.87
N THR W 31 39.13 59.08 -11.36
CA THR W 31 38.99 57.66 -11.64
C THR W 31 37.80 57.06 -10.90
N LYS W 32 37.34 55.94 -11.43
CA LYS W 32 36.29 55.15 -10.77
C LYS W 32 36.62 54.73 -9.33
N PRO W 33 37.85 54.28 -8.99
CA PRO W 33 38.14 54.08 -7.55
C PRO W 33 38.07 55.36 -6.74
N ALA W 34 38.44 56.51 -7.33
CA ALA W 34 38.32 57.77 -6.61
C ALA W 34 36.85 58.11 -6.34
N ILE W 35 35.98 57.85 -7.32
CA ILE W 35 34.55 58.07 -7.12
C ILE W 35 34.01 57.09 -6.09
N ARG W 36 34.56 55.87 -6.08
CA ARG W 36 34.19 54.89 -5.07
C ARG W 36 34.58 55.37 -3.67
N ARG W 37 35.76 55.98 -3.54
CA ARG W 37 36.16 56.55 -2.26
C ARG W 37 35.22 57.67 -1.85
N LEU W 38 34.82 58.52 -2.81
CA LEU W 38 33.88 59.59 -2.52
C LEU W 38 32.55 59.04 -2.04
N ALA W 39 32.08 57.97 -2.68
CA ALA W 39 30.84 57.34 -2.27
C ALA W 39 30.96 56.71 -0.88
N ARG W 40 32.12 56.15 -0.57
CA ARG W 40 32.34 55.61 0.77
C ARG W 40 32.36 56.72 1.82
N ARG W 41 32.86 57.91 1.46
CA ARG W 41 32.74 59.04 2.37
C ARG W 41 31.29 59.48 2.53
N GLY W 42 30.52 59.39 1.46
CA GLY W 42 29.11 59.75 1.55
C GLY W 42 28.23 58.71 2.20
N GLY W 43 28.77 57.56 2.57
CA GLY W 43 27.97 56.52 3.16
C GLY W 43 27.26 55.63 2.17
N VAL W 44 27.72 55.58 0.93
CA VAL W 44 27.07 54.78 -0.10
C VAL W 44 27.48 53.33 0.07
N LYS W 45 26.49 52.45 0.16
CA LYS W 45 26.75 51.03 0.35
C LYS W 45 27.10 50.33 -0.96
N ARG W 46 26.35 50.61 -2.02
CA ARG W 46 26.54 49.95 -3.30
C ARG W 46 26.48 50.99 -4.42
N ILE W 47 27.40 50.86 -5.37
CA ILE W 47 27.59 51.86 -6.41
C ILE W 47 27.32 51.20 -7.75
N SER W 48 26.40 51.76 -8.52
CA SER W 48 26.19 51.23 -9.86
C SER W 48 27.31 51.68 -10.79
N GLY W 49 27.45 50.95 -11.90
CA GLY W 49 28.45 51.30 -12.88
C GLY W 49 28.11 52.54 -13.69
N LEU W 50 26.84 52.90 -13.75
CA LEU W 50 26.42 54.08 -14.50
C LEU W 50 26.61 55.36 -13.71
N ILE W 51 26.99 55.26 -12.44
CA ILE W 51 27.10 56.44 -11.59
C ILE W 51 28.27 57.31 -12.01
N TYR W 52 29.38 56.70 -12.41
CA TYR W 52 30.67 57.38 -12.46
C TYR W 52 30.71 58.49 -13.51
N GLU W 53 30.20 58.21 -14.71
CA GLU W 53 30.22 59.22 -15.75
C GLU W 53 29.24 60.35 -15.45
N GLU W 54 28.16 60.03 -14.73
CA GLU W 54 27.23 61.06 -14.29
C GLU W 54 27.87 61.98 -13.27
N THR W 55 28.61 61.39 -12.33
CA THR W 55 29.34 62.19 -11.35
C THR W 55 30.41 63.04 -12.03
N ARG W 56 31.02 62.49 -13.08
CA ARG W 56 31.94 63.29 -13.89
C ARG W 56 31.23 64.48 -14.51
N GLY W 57 30.03 64.27 -15.05
CA GLY W 57 29.29 65.38 -15.64
C GLY W 57 28.86 66.42 -14.62
N VAL W 58 28.37 65.97 -13.47
CA VAL W 58 27.88 66.88 -12.44
C VAL W 58 29.03 67.66 -11.84
N LEU W 59 30.14 66.98 -11.57
CA LEU W 59 31.35 67.64 -11.08
C LEU W 59 31.85 68.64 -12.10
N LYS W 60 31.81 68.29 -13.39
CA LYS W 60 32.21 69.21 -14.45
C LYS W 60 31.34 70.45 -14.45
N VAL W 61 30.02 70.26 -14.26
CA VAL W 61 29.09 71.38 -14.20
C VAL W 61 29.42 72.30 -13.05
N PHE W 62 29.66 71.73 -11.87
CA PHE W 62 29.93 72.57 -10.71
C PHE W 62 31.26 73.30 -10.85
N LEU W 63 32.29 72.60 -11.33
CA LEU W 63 33.60 73.22 -11.41
C LEU W 63 33.61 74.31 -12.49
N GLU W 64 32.87 74.11 -13.59
CA GLU W 64 32.82 75.16 -14.59
C GLU W 64 32.00 76.34 -14.10
N ASN W 65 30.94 76.07 -13.32
CA ASN W 65 30.11 77.15 -12.79
C ASN W 65 30.89 78.00 -11.82
N VAL W 66 31.81 77.41 -11.07
CA VAL W 66 32.58 78.22 -10.13
C VAL W 66 33.80 78.82 -10.82
N ILE W 67 34.33 78.16 -11.84
CA ILE W 67 35.58 78.66 -12.41
C ILE W 67 35.30 79.81 -13.37
N ARG W 68 34.09 79.88 -13.94
CA ARG W 68 33.73 81.06 -14.72
C ARG W 68 33.65 82.28 -13.83
N ASP W 69 33.15 82.10 -12.61
CA ASP W 69 33.17 83.16 -11.62
C ASP W 69 34.60 83.53 -11.27
N ALA W 70 35.45 82.53 -11.05
CA ALA W 70 36.83 82.79 -10.65
C ALA W 70 37.59 83.54 -11.72
N VAL W 71 37.42 83.13 -12.99
CA VAL W 71 38.13 83.82 -14.05
C VAL W 71 37.55 85.22 -14.23
N THR W 72 36.27 85.42 -13.92
CA THR W 72 35.69 86.76 -13.96
C THR W 72 36.34 87.68 -12.94
N TYR W 73 36.53 87.19 -11.71
CA TYR W 73 37.26 88.00 -10.72
C TYR W 73 38.70 88.26 -11.15
N THR W 74 39.37 87.27 -11.74
CA THR W 74 40.77 87.49 -12.10
C THR W 74 40.92 88.48 -13.24
N GLU W 75 40.01 88.45 -14.23
CA GLU W 75 40.12 89.45 -15.29
C GLU W 75 39.72 90.81 -14.79
N HIS W 76 38.80 90.88 -13.83
CA HIS W 76 38.44 92.19 -13.28
C HIS W 76 39.56 92.75 -12.42
N ALA W 77 40.33 91.88 -11.78
CA ALA W 77 41.46 92.34 -10.97
C ALA W 77 42.66 92.74 -11.79
N LYS W 78 42.57 92.62 -13.12
CA LYS W 78 43.66 92.85 -14.07
C LYS W 78 44.86 91.95 -13.79
N ARG W 79 44.60 90.76 -13.23
CA ARG W 79 45.62 89.77 -13.01
C ARG W 79 45.50 88.64 -14.02
N LYS W 80 46.61 87.96 -14.27
CA LYS W 80 46.63 86.82 -15.17
C LYS W 80 46.62 85.51 -14.40
N THR W 81 46.97 85.52 -13.13
CA THR W 81 47.07 84.32 -12.30
C THR W 81 45.85 84.21 -11.40
N VAL W 82 45.29 83.02 -11.31
CA VAL W 82 44.14 82.77 -10.46
C VAL W 82 44.60 82.70 -9.01
N THR W 83 43.95 83.45 -8.14
CA THR W 83 44.25 83.43 -6.71
C THR W 83 43.14 82.69 -5.96
N ALA W 84 43.51 82.19 -4.77
CA ALA W 84 42.59 81.37 -4.00
C ALA W 84 41.43 82.19 -3.46
N MET W 85 41.68 83.46 -3.14
CA MET W 85 40.68 84.28 -2.48
C MET W 85 39.51 84.54 -3.42
N ASP W 86 39.82 84.67 -4.71
CA ASP W 86 38.78 84.79 -5.73
C ASP W 86 37.95 83.51 -5.82
N VAL W 87 38.59 82.35 -5.67
CA VAL W 87 37.85 81.09 -5.67
C VAL W 87 36.94 81.03 -4.46
N VAL W 88 37.40 81.54 -3.32
CA VAL W 88 36.56 81.60 -2.13
C VAL W 88 35.34 82.49 -2.38
N TYR W 89 35.55 83.63 -3.03
CA TYR W 89 34.44 84.48 -3.43
C TYR W 89 33.48 83.75 -4.36
N ALA W 90 34.05 82.99 -5.31
CA ALA W 90 33.25 82.28 -6.29
C ALA W 90 32.41 81.20 -5.64
N LEU W 91 32.92 80.57 -4.59
CA LEU W 91 32.08 79.59 -3.90
C LEU W 91 31.04 80.27 -3.01
N LYS W 92 31.38 81.38 -2.37
CA LYS W 92 30.44 81.97 -1.42
C LYS W 92 29.33 82.71 -2.16
N ARG W 93 29.55 83.05 -3.43
CA ARG W 93 28.47 83.65 -4.21
C ARG W 93 27.32 82.67 -4.41
N GLN W 94 27.64 81.41 -4.70
CA GLN W 94 26.66 80.34 -4.68
C GLN W 94 26.34 79.82 -3.29
N GLY W 95 26.75 80.52 -2.24
CA GLY W 95 26.40 80.11 -0.90
C GLY W 95 27.00 78.80 -0.47
N ARG W 96 28.20 78.49 -0.94
CA ARG W 96 28.89 77.26 -0.60
C ARG W 96 30.22 77.60 0.05
N THR W 97 30.16 78.50 1.03
CA THR W 97 31.33 79.17 1.57
C THR W 97 32.30 78.18 2.20
N LEU W 98 33.57 78.29 1.81
CA LEU W 98 34.63 77.43 2.28
C LEU W 98 35.49 78.22 3.24
N TYR W 99 35.76 77.66 4.41
CA TYR W 99 36.52 78.34 5.44
C TYR W 99 37.97 77.90 5.42
N GLY W 100 38.86 78.84 5.77
CA GLY W 100 40.23 78.52 6.12
C GLY W 100 41.27 79.04 5.16
N PHE W 101 40.90 79.53 3.98
CA PHE W 101 41.86 80.01 3.01
C PHE W 101 41.69 81.49 2.70
N GLY W 102 40.83 82.19 3.43
CA GLY W 102 40.77 83.62 3.30
C GLY W 102 41.95 84.29 3.99
N GLY W 103 42.42 85.38 3.38
CA GLY W 103 43.53 86.14 3.94
C GLY W 103 44.87 85.44 3.82
N ALA X 28 22.85 132.99 -20.39
CA ALA X 28 23.44 132.96 -19.06
C ALA X 28 23.73 131.52 -18.62
N ARG X 29 22.80 130.62 -18.94
CA ARG X 29 22.91 129.23 -18.58
C ARG X 29 22.38 128.39 -19.72
N ALA X 30 23.05 127.26 -19.97
CA ALA X 30 22.59 126.34 -21.01
C ALA X 30 21.28 125.69 -20.61
N LYS X 31 20.51 125.29 -21.62
CA LYS X 31 19.25 124.59 -21.37
C LYS X 31 19.53 123.24 -20.73
N ALA X 32 18.79 122.94 -19.66
CA ALA X 32 18.99 121.68 -18.95
C ALA X 32 18.54 120.52 -19.83
N LYS X 33 19.43 119.54 -19.98
CA LYS X 33 19.19 118.39 -20.84
C LYS X 33 19.37 117.14 -20.00
N THR X 34 18.39 116.25 -20.05
CA THR X 34 18.38 115.09 -19.17
C THR X 34 19.42 114.07 -19.60
N ARG X 35 20.03 113.42 -18.61
CA ARG X 35 21.10 112.47 -18.89
C ARG X 35 20.57 111.17 -19.46
N SER X 36 19.30 110.84 -19.18
CA SER X 36 18.69 109.68 -19.81
C SER X 36 18.55 109.89 -21.31
N SER X 37 18.26 111.13 -21.73
CA SER X 37 18.25 111.45 -23.14
C SER X 37 19.65 111.40 -23.74
N ARG X 38 20.66 111.76 -22.95
CA ARG X 38 22.04 111.61 -23.41
C ARG X 38 22.40 110.15 -23.62
N ALA X 39 21.93 109.28 -22.73
CA ALA X 39 22.12 107.85 -22.91
C ALA X 39 21.06 107.23 -23.79
N GLY X 40 20.05 107.99 -24.21
CA GLY X 40 18.97 107.45 -25.01
C GLY X 40 18.16 106.39 -24.31
N LEU X 41 17.98 106.52 -23.00
CA LEU X 41 17.36 105.48 -22.19
C LEU X 41 16.12 106.02 -21.50
N GLN X 42 15.20 105.12 -21.19
CA GLN X 42 13.97 105.51 -20.50
C GLN X 42 14.17 105.56 -18.99
N PHE X 43 15.07 104.75 -18.45
CA PHE X 43 15.28 104.74 -17.02
C PHE X 43 16.08 105.96 -16.58
N PRO X 44 15.75 106.53 -15.42
CA PRO X 44 16.38 107.79 -14.99
C PRO X 44 17.82 107.59 -14.57
N VAL X 45 18.74 108.22 -15.29
CA VAL X 45 20.15 108.20 -14.90
C VAL X 45 20.34 108.91 -13.57
N GLY X 46 19.70 110.06 -13.39
CA GLY X 46 19.91 110.84 -12.18
C GLY X 46 19.36 110.15 -10.94
N ARG X 47 18.18 109.53 -11.06
CA ARG X 47 17.59 108.87 -9.90
C ARG X 47 18.38 107.63 -9.48
N VAL X 48 18.80 106.81 -10.44
CA VAL X 48 19.59 105.62 -10.12
C VAL X 48 20.96 106.03 -9.58
N HIS X 49 21.51 107.10 -10.13
CA HIS X 49 22.77 107.66 -9.63
C HIS X 49 22.62 108.10 -8.17
N ARG X 50 21.53 108.79 -7.86
CA ARG X 50 21.25 109.19 -6.48
C ARG X 50 21.04 107.98 -5.58
N LEU X 51 20.39 106.94 -6.11
CA LEU X 51 20.15 105.73 -5.32
C LEU X 51 21.45 105.02 -5.00
N LEU X 52 22.37 104.98 -5.95
CA LEU X 52 23.70 104.45 -5.65
C LEU X 52 24.44 105.33 -4.63
N ARG X 53 24.28 106.64 -4.73
CA ARG X 53 24.99 107.52 -3.80
C ARG X 53 24.46 107.36 -2.37
N LYS X 54 23.17 107.22 -2.20
CA LYS X 54 22.60 106.90 -0.89
C LYS X 54 22.37 105.42 -0.66
N GLY X 55 22.83 104.56 -1.57
CA GLY X 55 22.72 103.14 -1.31
C GLY X 55 23.89 102.52 -0.57
N ASN X 56 24.87 103.35 -0.20
CA ASN X 56 25.98 102.95 0.68
C ASN X 56 26.80 101.79 0.10
N TYR X 57 27.06 101.83 -1.19
CA TYR X 57 27.83 100.79 -1.85
C TYR X 57 29.29 101.16 -2.06
N SER X 58 29.55 102.44 -2.31
CA SER X 58 30.92 102.93 -2.41
C SER X 58 30.92 104.38 -1.97
N GLU X 59 32.09 104.87 -1.56
CA GLU X 59 32.19 106.26 -1.15
C GLU X 59 32.09 107.19 -2.34
N ARG X 60 32.46 106.73 -3.53
CA ARG X 60 32.42 107.53 -4.73
C ARG X 60 32.00 106.66 -5.91
N VAL X 61 31.21 107.23 -6.80
CA VAL X 61 30.63 106.51 -7.92
C VAL X 61 31.08 107.16 -9.22
N GLY X 62 31.53 106.33 -10.17
CA GLY X 62 31.86 106.83 -11.48
C GLY X 62 30.63 107.27 -12.24
N ALA X 63 30.86 108.13 -13.23
CA ALA X 63 29.74 108.73 -13.95
C ALA X 63 29.04 107.71 -14.84
N GLY X 64 29.80 106.86 -15.52
CA GLY X 64 29.19 105.93 -16.46
C GLY X 64 28.54 104.72 -15.84
N ALA X 65 28.84 104.42 -14.59
CA ALA X 65 28.27 103.23 -13.95
C ALA X 65 26.75 103.27 -13.79
N PRO X 66 26.11 104.36 -13.32
CA PRO X 66 24.63 104.34 -13.33
C PRO X 66 24.05 104.30 -14.72
N VAL X 67 24.72 104.89 -15.70
CA VAL X 67 24.27 104.82 -17.09
C VAL X 67 24.25 103.37 -17.57
N TYR X 68 25.34 102.66 -17.30
CA TYR X 68 25.46 101.26 -17.65
C TYR X 68 24.41 100.42 -16.94
N LEU X 69 24.20 100.69 -15.65
CA LEU X 69 23.23 99.94 -14.87
C LEU X 69 21.82 100.18 -15.36
N ALA X 70 21.50 101.44 -15.70
CA ALA X 70 20.19 101.77 -16.23
C ALA X 70 19.95 101.10 -17.57
N ALA X 71 20.99 101.02 -18.40
CA ALA X 71 20.85 100.31 -19.68
C ALA X 71 20.61 98.82 -19.45
N VAL X 72 21.31 98.23 -18.49
CA VAL X 72 21.13 96.81 -18.19
C VAL X 72 19.71 96.55 -17.71
N LEU X 73 19.23 97.36 -16.78
CA LEU X 73 17.86 97.21 -16.30
C LEU X 73 16.85 97.47 -17.41
N GLU X 74 17.15 98.41 -18.30
CA GLU X 74 16.20 98.73 -19.37
C GLU X 74 16.08 97.56 -20.34
N TYR X 75 17.20 96.91 -20.64
CA TYR X 75 17.15 95.70 -21.44
C TYR X 75 16.38 94.59 -20.75
N LEU X 76 16.59 94.44 -19.43
CA LEU X 76 15.90 93.38 -18.69
C LEU X 76 14.39 93.59 -18.69
N THR X 77 13.96 94.80 -18.36
CA THR X 77 12.52 95.09 -18.36
C THR X 77 11.95 95.03 -19.77
N ALA X 78 12.74 95.42 -20.78
CA ALA X 78 12.26 95.35 -22.16
C ALA X 78 11.97 93.92 -22.58
N GLU X 79 12.90 93.01 -22.28
CA GLU X 79 12.69 91.63 -22.71
C GLU X 79 11.58 90.95 -21.91
N ILE X 80 11.50 91.23 -20.60
CA ILE X 80 10.47 90.56 -19.81
C ILE X 80 9.10 91.12 -20.15
N LEU X 81 9.03 92.40 -20.52
CA LEU X 81 7.75 92.98 -20.92
C LEU X 81 7.35 92.50 -22.30
N GLU X 82 8.33 92.25 -23.18
CA GLU X 82 8.03 91.63 -24.47
C GLU X 82 7.44 90.24 -24.28
N LEU X 83 8.05 89.46 -23.37
CA LEU X 83 7.53 88.13 -23.08
C LEU X 83 6.13 88.20 -22.47
N ALA X 84 5.92 89.16 -21.57
CA ALA X 84 4.62 89.32 -20.93
C ALA X 84 3.55 89.72 -21.95
N GLY X 85 3.90 90.63 -22.87
CA GLY X 85 2.94 91.03 -23.88
C GLY X 85 2.60 89.90 -24.83
N ASN X 86 3.60 89.09 -25.20
CA ASN X 86 3.34 87.94 -26.04
C ASN X 86 2.45 86.92 -25.33
N ALA X 87 2.70 86.71 -24.04
CA ALA X 87 1.88 85.79 -23.26
C ALA X 87 0.45 86.30 -23.12
N ALA X 88 0.28 87.61 -22.93
CA ALA X 88 -1.06 88.18 -22.82
C ALA X 88 -1.79 88.11 -24.16
N ARG X 89 -1.05 88.31 -25.26
CA ARG X 89 -1.64 88.16 -26.59
C ARG X 89 -2.05 86.72 -26.85
N ASP X 90 -1.33 85.76 -26.26
CA ASP X 90 -1.76 84.37 -26.30
C ASP X 90 -3.07 84.22 -25.52
N ASN X 91 -3.23 84.96 -24.43
CA ASN X 91 -4.45 84.88 -23.64
C ASN X 91 -5.53 85.84 -24.10
N LYS X 92 -5.30 86.56 -25.20
CA LYS X 92 -6.25 87.52 -25.80
C LYS X 92 -6.60 88.64 -24.82
N LYS X 93 -5.64 89.07 -24.01
CA LYS X 93 -5.83 90.16 -23.07
C LYS X 93 -4.86 91.28 -23.41
N THR X 94 -5.35 92.52 -23.41
CA THR X 94 -4.48 93.63 -23.79
C THR X 94 -3.72 94.21 -22.60
N ARG X 95 -4.03 93.77 -21.39
CA ARG X 95 -3.33 94.27 -20.21
C ARG X 95 -2.68 93.10 -19.49
N ILE X 96 -1.42 93.28 -19.07
CA ILE X 96 -0.64 92.18 -18.54
C ILE X 96 -1.16 91.81 -17.16
N ILE X 97 -1.02 90.53 -16.81
CA ILE X 97 -1.57 89.96 -15.60
C ILE X 97 -0.40 89.33 -14.85
N PRO X 98 -0.42 89.26 -13.52
CA PRO X 98 0.59 88.50 -12.80
C PRO X 98 0.68 87.03 -13.20
N ARG X 99 -0.44 86.44 -13.64
CA ARG X 99 -0.41 85.10 -14.20
C ARG X 99 0.48 85.05 -15.43
N HIS X 100 0.36 86.06 -16.30
CA HIS X 100 1.21 86.16 -17.47
C HIS X 100 2.66 86.33 -17.08
N LEU X 101 2.91 87.05 -15.98
CA LEU X 101 4.29 87.23 -15.52
C LEU X 101 4.89 85.92 -15.04
N GLN X 102 4.11 85.13 -14.29
CA GLN X 102 4.59 83.82 -13.86
C GLN X 102 4.85 82.91 -15.05
N LEU X 103 3.96 82.96 -16.05
CA LEU X 103 4.16 82.20 -17.28
C LEU X 103 5.43 82.66 -17.99
N ALA X 104 5.71 83.96 -17.95
CA ALA X 104 6.90 84.50 -18.59
C ALA X 104 8.17 84.04 -17.88
N ILE X 105 8.17 84.07 -16.55
CA ILE X 105 9.38 83.71 -15.80
C ILE X 105 9.66 82.22 -15.93
N ARG X 106 8.64 81.38 -15.75
CA ARG X 106 8.93 79.96 -15.63
C ARG X 106 9.09 79.27 -16.98
N ASN X 107 8.53 79.84 -18.05
CA ASN X 107 8.72 79.26 -19.37
C ASN X 107 10.01 79.71 -20.05
N ASP X 108 10.77 80.60 -19.42
CA ASP X 108 12.11 80.92 -19.88
C ASP X 108 13.11 80.30 -18.94
N GLU X 109 13.98 79.44 -19.47
CA GLU X 109 14.94 78.73 -18.63
C GLU X 109 15.96 79.70 -18.05
N GLU X 110 16.37 80.69 -18.83
CA GLU X 110 17.48 81.54 -18.42
C GLU X 110 17.02 82.55 -17.36
N LEU X 111 15.82 83.11 -17.51
CA LEU X 111 15.24 83.92 -16.46
C LEU X 111 14.88 83.11 -15.23
N ASN X 112 14.48 81.84 -15.43
CA ASN X 112 14.22 80.99 -14.29
C ASN X 112 15.49 80.71 -13.50
N LYS X 113 16.61 80.54 -14.21
CA LYS X 113 17.90 80.41 -13.54
C LYS X 113 18.28 81.72 -12.86
N LEU X 114 17.89 82.86 -13.43
CA LEU X 114 18.03 84.12 -12.72
C LEU X 114 17.13 84.17 -11.50
N LEU X 115 15.90 83.70 -11.61
CA LEU X 115 14.86 83.92 -10.62
C LEU X 115 14.23 82.63 -10.09
N GLY X 116 15.07 81.65 -9.72
CA GLY X 116 14.52 80.42 -9.17
C GLY X 116 13.95 80.58 -7.78
N ARG X 117 14.43 81.59 -7.04
CA ARG X 117 14.11 81.76 -5.63
C ARG X 117 13.05 82.81 -5.38
N VAL X 118 12.36 83.28 -6.42
CA VAL X 118 11.45 84.41 -6.28
C VAL X 118 10.02 83.88 -6.22
N THR X 119 9.14 84.64 -5.59
CA THR X 119 7.72 84.33 -5.53
C THR X 119 6.92 85.51 -6.07
N ILE X 120 5.99 85.21 -6.97
CA ILE X 120 5.14 86.22 -7.61
C ILE X 120 3.76 86.11 -6.99
N ALA X 121 3.21 87.25 -6.56
CA ALA X 121 1.87 87.26 -6.00
C ALA X 121 0.83 86.95 -7.07
N GLN X 122 -0.07 86.02 -6.73
CA GLN X 122 -1.18 85.59 -7.59
C GLN X 122 -0.70 85.05 -8.94
N GLY X 123 0.49 84.46 -8.96
CA GLY X 123 1.06 84.00 -10.21
C GLY X 123 0.72 82.57 -10.54
N GLY X 124 0.51 81.74 -9.53
CA GLY X 124 0.31 80.35 -9.82
C GLY X 124 1.61 79.68 -10.24
N VAL X 125 1.46 78.57 -10.98
CA VAL X 125 2.59 77.82 -11.51
C VAL X 125 2.28 77.42 -12.95
N LEU X 126 3.26 76.78 -13.58
CA LEU X 126 3.08 76.28 -14.93
C LEU X 126 2.10 75.12 -14.95
N PRO X 127 1.37 74.93 -16.05
CA PRO X 127 0.67 73.66 -16.25
C PRO X 127 1.67 72.55 -16.44
N ASN X 128 1.75 71.67 -15.45
CA ASN X 128 2.82 70.68 -15.40
C ASN X 128 2.27 69.43 -14.71
N ILE X 129 2.09 68.37 -15.48
CA ILE X 129 1.60 67.10 -14.98
C ILE X 129 2.65 66.05 -15.30
N GLN X 130 3.00 65.23 -14.31
CA GLN X 130 3.96 64.18 -14.56
C GLN X 130 3.33 63.10 -15.44
N ALA X 131 4.17 62.49 -16.28
CA ALA X 131 3.66 61.61 -17.34
C ALA X 131 3.02 60.36 -16.76
N VAL X 132 3.55 59.85 -15.65
CA VAL X 132 2.97 58.66 -15.01
C VAL X 132 1.62 58.98 -14.40
N LEU X 133 1.35 60.24 -14.06
CA LEU X 133 0.06 60.63 -13.49
C LEU X 133 -1.07 60.55 -14.51
N LEU X 134 -0.75 60.59 -15.80
CA LEU X 134 -1.74 60.46 -16.85
C LEU X 134 -2.26 59.02 -16.93
N PRO X 135 -3.49 58.84 -17.38
CA PRO X 135 -4.02 57.48 -17.57
C PRO X 135 -3.31 56.76 -18.72
N LYS X 136 -3.48 55.44 -18.71
CA LYS X 136 -2.87 54.51 -19.67
C LYS X 136 -1.34 54.64 -19.70
N LYS Y 31 -2.93 116.00 2.35
CA LYS Y 31 -1.50 116.12 2.10
C LYS Y 31 -0.73 114.90 2.59
N ARG Y 32 -0.06 114.23 1.65
CA ARG Y 32 0.83 113.14 1.99
C ARG Y 32 2.18 113.39 1.32
N SER Y 33 3.18 112.63 1.75
CA SER Y 33 4.54 112.74 1.24
C SER Y 33 4.64 111.95 -0.05
N ARG Y 34 5.34 112.51 -1.04
CA ARG Y 34 5.46 111.87 -2.34
C ARG Y 34 6.27 110.58 -2.24
N LYS Y 35 5.80 109.54 -2.92
CA LYS Y 35 6.41 108.22 -2.86
C LYS Y 35 6.98 107.87 -4.23
N GLU Y 36 8.24 107.43 -4.23
CA GLU Y 36 8.97 107.18 -5.45
C GLU Y 36 8.46 105.92 -6.16
N SER Y 37 8.49 105.95 -7.49
CA SER Y 37 8.04 104.82 -8.29
C SER Y 37 8.75 104.80 -9.64
N TYR Y 38 8.66 103.65 -10.31
CA TYR Y 38 9.10 103.46 -11.68
C TYR Y 38 7.96 103.27 -12.67
N SER Y 39 6.78 103.84 -12.39
CA SER Y 39 5.63 103.60 -13.25
C SER Y 39 5.81 104.19 -14.63
N VAL Y 40 6.29 105.44 -14.71
CA VAL Y 40 6.34 106.13 -15.98
C VAL Y 40 7.43 105.56 -16.90
N TYR Y 41 8.54 105.10 -16.33
CA TYR Y 41 9.62 104.59 -17.16
C TYR Y 41 9.25 103.23 -17.74
N VAL Y 42 8.70 102.36 -16.90
CA VAL Y 42 8.24 101.05 -17.36
C VAL Y 42 7.12 101.21 -18.36
N TYR Y 43 6.27 102.22 -18.16
CA TYR Y 43 5.19 102.49 -19.10
C TYR Y 43 5.73 102.91 -20.46
N LYS Y 44 6.75 103.78 -20.46
CA LYS Y 44 7.39 104.17 -21.72
C LYS Y 44 8.05 102.99 -22.40
N VAL Y 45 8.71 102.13 -21.63
CA VAL Y 45 9.37 100.95 -22.20
C VAL Y 45 8.34 100.00 -22.79
N LEU Y 46 7.21 99.82 -22.11
CA LEU Y 46 6.15 98.97 -22.63
C LEU Y 46 5.59 99.52 -23.94
N LYS Y 47 5.33 100.84 -23.99
CA LYS Y 47 4.88 101.42 -25.24
C LYS Y 47 5.92 101.33 -26.34
N GLN Y 48 7.21 101.33 -25.98
CA GLN Y 48 8.25 101.13 -26.96
C GLN Y 48 8.23 99.71 -27.52
N VAL Y 49 8.04 98.71 -26.66
CA VAL Y 49 8.08 97.33 -27.15
C VAL Y 49 6.72 96.88 -27.65
N HIS Y 50 5.65 97.47 -27.13
CA HIS Y 50 4.29 97.06 -27.46
C HIS Y 50 3.39 98.28 -27.36
N PRO Y 51 3.11 98.95 -28.49
CA PRO Y 51 2.24 100.13 -28.45
C PRO Y 51 0.82 99.83 -28.00
N ASP Y 52 0.36 98.60 -28.12
CA ASP Y 52 -1.03 98.25 -27.93
C ASP Y 52 -1.35 97.63 -26.58
N THR Y 53 -0.38 97.46 -25.69
CA THR Y 53 -0.61 96.64 -24.49
C THR Y 53 -0.72 97.50 -23.23
N GLY Y 54 -1.53 97.02 -22.28
CA GLY Y 54 -1.70 97.66 -21.01
C GLY Y 54 -1.07 96.89 -19.85
N ILE Y 55 -1.31 97.39 -18.65
CA ILE Y 55 -0.79 96.77 -17.43
C ILE Y 55 -1.90 96.72 -16.40
N SER Y 56 -1.76 95.78 -15.46
CA SER Y 56 -2.49 95.84 -14.20
C SER Y 56 -1.59 96.44 -13.12
N SER Y 57 -2.22 96.98 -12.07
CA SER Y 57 -1.45 97.62 -11.01
C SER Y 57 -0.66 96.59 -10.20
N LYS Y 58 -1.21 95.38 -10.05
CA LYS Y 58 -0.47 94.31 -9.38
C LYS Y 58 0.77 93.93 -10.15
N ALA Y 59 0.65 93.85 -11.48
CA ALA Y 59 1.80 93.60 -12.33
C ALA Y 59 2.84 94.70 -12.18
N MET Y 60 2.39 95.95 -12.03
CA MET Y 60 3.34 97.04 -11.84
C MET Y 60 4.02 96.95 -10.47
N GLY Y 61 3.30 96.49 -9.46
CA GLY Y 61 3.94 96.25 -8.17
C GLY Y 61 5.01 95.19 -8.26
N ILE Y 62 4.74 94.12 -9.02
CA ILE Y 62 5.75 93.10 -9.26
C ILE Y 62 6.94 93.69 -10.01
N MET Y 63 6.68 94.58 -10.97
CA MET Y 63 7.79 95.24 -11.69
C MET Y 63 8.62 96.13 -10.80
N ASN Y 64 7.98 96.88 -9.89
CA ASN Y 64 8.74 97.72 -8.98
C ASN Y 64 9.60 96.88 -8.05
N SER Y 65 9.03 95.79 -7.53
CA SER Y 65 9.79 94.86 -6.71
C SER Y 65 10.92 94.22 -7.50
N PHE Y 66 10.66 93.89 -8.77
CA PHE Y 66 11.67 93.31 -9.64
C PHE Y 66 12.83 94.24 -9.86
N VAL Y 67 12.55 95.48 -10.27
CA VAL Y 67 13.63 96.38 -10.64
C VAL Y 67 14.41 96.79 -9.40
N ASN Y 68 13.71 97.02 -8.29
CA ASN Y 68 14.40 97.30 -7.04
C ASN Y 68 15.25 96.12 -6.58
N ASP Y 69 14.75 94.90 -6.79
CA ASP Y 69 15.50 93.71 -6.38
C ASP Y 69 16.76 93.53 -7.21
N ILE Y 70 16.63 93.64 -8.53
CA ILE Y 70 17.79 93.47 -9.41
C ILE Y 70 18.79 94.59 -9.19
N PHE Y 71 18.31 95.81 -8.96
CA PHE Y 71 19.18 96.93 -8.65
C PHE Y 71 19.95 96.68 -7.36
N GLU Y 72 19.26 96.16 -6.33
CA GLU Y 72 19.91 95.83 -5.08
C GLU Y 72 20.97 94.75 -5.25
N ARG Y 73 20.64 93.69 -6.01
CA ARG Y 73 21.58 92.60 -6.24
C ARG Y 73 22.84 93.08 -6.95
N ILE Y 74 22.67 93.80 -8.07
CA ILE Y 74 23.83 94.21 -8.84
C ILE Y 74 24.65 95.24 -8.08
N ALA Y 75 23.98 96.17 -7.39
CA ALA Y 75 24.70 97.20 -6.66
C ALA Y 75 25.48 96.63 -5.50
N GLY Y 76 24.88 95.70 -4.73
CA GLY Y 76 25.61 95.08 -3.64
C GLY Y 76 26.76 94.22 -4.12
N GLU Y 77 26.56 93.51 -5.23
CA GLU Y 77 27.64 92.70 -5.78
C GLU Y 77 28.80 93.58 -6.23
N ALA Y 78 28.48 94.68 -6.90
CA ALA Y 78 29.52 95.64 -7.29
C ALA Y 78 30.20 96.24 -6.07
N SER Y 79 29.45 96.45 -4.99
CA SER Y 79 30.03 96.98 -3.76
C SER Y 79 31.07 96.02 -3.20
N ARG Y 80 30.78 94.72 -3.19
CA ARG Y 80 31.79 93.80 -2.68
C ARG Y 80 32.95 93.62 -3.66
N LEU Y 81 32.71 93.77 -4.97
CA LEU Y 81 33.85 93.84 -5.90
C LEU Y 81 34.73 95.04 -5.63
N ALA Y 82 34.13 96.19 -5.33
CA ALA Y 82 34.92 97.37 -4.98
C ALA Y 82 35.69 97.14 -3.70
N HIS Y 83 35.08 96.39 -2.78
CA HIS Y 83 35.78 95.96 -1.56
C HIS Y 83 36.97 95.07 -1.87
N TYR Y 84 36.82 94.17 -2.84
CA TYR Y 84 37.77 93.07 -2.98
C TYR Y 84 39.04 93.52 -3.67
N ASN Y 85 38.94 94.44 -4.62
CA ASN Y 85 40.10 95.05 -5.23
C ASN Y 85 40.56 96.29 -4.49
N LYS Y 86 39.92 96.59 -3.35
CA LYS Y 86 40.24 97.74 -2.50
C LYS Y 86 40.06 99.05 -3.24
N ARG Y 87 39.18 99.07 -4.23
CA ARG Y 87 38.83 100.28 -4.96
C ARG Y 87 37.69 100.98 -4.25
N SER Y 88 37.93 102.23 -3.88
CA SER Y 88 36.89 103.05 -3.28
C SER Y 88 36.03 103.74 -4.32
N THR Y 89 36.31 103.53 -5.60
CA THR Y 89 35.54 104.09 -6.69
C THR Y 89 34.87 102.95 -7.44
N ILE Y 90 33.57 103.06 -7.65
CA ILE Y 90 32.83 102.08 -8.44
C ILE Y 90 32.72 102.62 -9.86
N THR Y 91 32.95 101.75 -10.85
CA THR Y 91 32.85 102.13 -12.26
C THR Y 91 31.94 101.16 -12.99
N SER Y 92 31.67 101.50 -14.26
CA SER Y 92 30.88 100.63 -15.12
C SER Y 92 31.61 99.34 -15.46
N ARG Y 93 32.93 99.32 -15.36
CA ARG Y 93 33.67 98.07 -15.46
C ARG Y 93 33.26 97.11 -14.35
N GLU Y 94 33.13 97.63 -13.13
CA GLU Y 94 32.67 96.83 -12.00
C GLU Y 94 31.25 96.35 -12.22
N ILE Y 95 30.39 97.22 -12.73
CA ILE Y 95 29.00 96.86 -12.96
C ILE Y 95 28.93 95.77 -14.02
N GLN Y 96 29.76 95.88 -15.06
CA GLN Y 96 29.83 94.88 -16.10
C GLN Y 96 30.31 93.55 -15.55
N THR Y 97 31.30 93.58 -14.66
CA THR Y 97 31.77 92.37 -14.00
C THR Y 97 30.65 91.72 -13.21
N ALA Y 98 29.87 92.52 -12.50
CA ALA Y 98 28.76 91.99 -11.72
C ALA Y 98 27.68 91.39 -12.62
N VAL Y 99 27.40 92.04 -13.75
CA VAL Y 99 26.39 91.52 -14.67
C VAL Y 99 26.84 90.21 -15.28
N ARG Y 100 28.10 90.13 -15.71
CA ARG Y 100 28.62 88.87 -16.26
C ARG Y 100 28.66 87.79 -15.19
N LEU Y 101 28.87 88.18 -13.93
CA LEU Y 101 28.94 87.20 -12.86
C LEU Y 101 27.56 86.67 -12.50
N LEU Y 102 26.56 87.55 -12.45
CA LEU Y 102 25.27 87.16 -11.91
C LEU Y 102 24.30 86.70 -12.99
N LEU Y 103 24.21 87.43 -14.07
CA LEU Y 103 23.22 87.09 -15.10
C LEU Y 103 23.68 85.87 -15.89
N PRO Y 104 22.89 84.80 -15.90
CA PRO Y 104 23.29 83.60 -16.64
C PRO Y 104 23.12 83.81 -18.14
N GLY Y 105 23.91 83.07 -18.91
CA GLY Y 105 23.77 82.98 -20.35
C GLY Y 105 23.97 84.24 -21.16
N GLU Y 106 23.25 84.34 -22.27
CA GLU Y 106 23.49 85.45 -23.21
C GLU Y 106 22.79 86.72 -22.76
N LEU Y 107 21.97 86.62 -21.71
CA LEU Y 107 21.44 87.82 -21.07
C LEU Y 107 22.57 88.74 -20.63
N ALA Y 108 23.65 88.15 -20.13
CA ALA Y 108 24.81 88.93 -19.70
C ALA Y 108 25.43 89.68 -20.87
N LYS Y 109 25.72 88.98 -21.97
CA LYS Y 109 26.42 89.63 -23.09
C LYS Y 109 25.51 90.61 -23.82
N HIS Y 110 24.21 90.33 -23.89
CA HIS Y 110 23.28 91.33 -24.40
C HIS Y 110 23.26 92.57 -23.53
N ALA Y 111 23.27 92.39 -22.21
CA ALA Y 111 23.31 93.53 -21.31
C ALA Y 111 24.62 94.30 -21.46
N VAL Y 112 25.72 93.59 -21.66
CA VAL Y 112 27.01 94.24 -21.88
C VAL Y 112 26.99 95.04 -23.18
N SER Y 113 26.40 94.48 -24.23
CA SER Y 113 26.31 95.19 -25.51
C SER Y 113 25.47 96.45 -25.38
N GLU Y 114 24.30 96.34 -24.75
CA GLU Y 114 23.42 97.50 -24.60
C GLU Y 114 24.06 98.57 -23.70
N GLY Y 115 24.65 98.14 -22.59
CA GLY Y 115 25.29 99.10 -21.71
C GLY Y 115 26.53 99.73 -22.33
N THR Y 116 27.26 98.97 -23.13
CA THR Y 116 28.42 99.52 -23.83
C THR Y 116 28.00 100.56 -24.84
N LYS Y 117 26.92 100.30 -25.59
CA LYS Y 117 26.39 101.29 -26.52
C LYS Y 117 25.94 102.54 -25.77
N ALA Y 118 25.27 102.35 -24.63
CA ALA Y 118 24.78 103.49 -23.85
C ALA Y 118 25.93 104.31 -23.31
N VAL Y 119 26.99 103.65 -22.81
CA VAL Y 119 28.15 104.35 -22.28
C VAL Y 119 28.85 105.13 -23.38
N THR Y 120 29.00 104.52 -24.56
CA THR Y 120 29.66 105.22 -25.67
C THR Y 120 28.86 106.43 -26.13
N LYS Y 121 27.54 106.29 -26.32
CA LYS Y 121 26.79 107.43 -26.83
C LYS Y 121 26.49 108.45 -25.74
N TYR Y 122 26.66 108.07 -24.46
CA TYR Y 122 26.68 109.07 -23.41
C TYR Y 122 28.00 109.81 -23.42
N THR Y 123 29.10 109.10 -23.68
CA THR Y 123 30.41 109.73 -23.72
C THR Y 123 30.51 110.71 -24.88
N SER Y 124 29.92 110.37 -26.02
CA SER Y 124 29.86 111.27 -27.15
C SER Y 124 28.90 112.43 -26.92
N ALA Y 125 27.96 112.30 -25.99
CA ALA Y 125 27.02 113.37 -25.69
C ALA Y 125 27.31 113.95 -24.31
N LYS Z 38 18.88 -59.14 -45.19
CA LYS Z 38 17.64 -59.35 -45.93
C LYS Z 38 17.67 -60.71 -46.62
N PRO Z 39 16.49 -61.26 -46.92
CA PRO Z 39 16.44 -62.35 -47.90
C PRO Z 39 16.80 -61.82 -49.28
N HIS Z 40 17.45 -62.67 -50.06
CA HIS Z 40 17.95 -62.26 -51.35
C HIS Z 40 16.81 -62.18 -52.37
N ARG Z 41 16.97 -61.28 -53.33
CA ARG Z 41 16.06 -61.19 -54.47
C ARG Z 41 16.89 -60.80 -55.69
N TYR Z 42 16.91 -61.67 -56.70
CA TYR Z 42 17.58 -61.30 -57.94
C TYR Z 42 16.80 -60.22 -58.66
N ARG Z 43 17.54 -59.27 -59.18
CA ARG Z 43 16.99 -58.17 -59.95
C ARG Z 43 16.34 -58.69 -61.24
N PRO Z 44 15.31 -58.01 -61.72
CA PRO Z 44 14.58 -58.48 -62.91
C PRO Z 44 15.46 -58.59 -64.15
N GLY Z 45 15.22 -59.64 -64.93
CA GLY Z 45 15.97 -59.94 -66.11
C GLY Z 45 17.05 -60.99 -65.91
N THR Z 46 17.64 -61.07 -64.72
CA THR Z 46 18.66 -62.07 -64.45
C THR Z 46 18.07 -63.48 -64.51
N VAL Z 47 16.98 -63.69 -63.77
CA VAL Z 47 16.30 -64.98 -63.76
C VAL Z 47 15.73 -65.31 -65.12
N ALA Z 48 15.16 -64.30 -65.79
CA ALA Z 48 14.57 -64.52 -67.12
C ALA Z 48 15.62 -64.96 -68.12
N LEU Z 49 16.78 -64.29 -68.13
CA LEU Z 49 17.86 -64.70 -69.01
C LEU Z 49 18.40 -66.08 -68.65
N ARG Z 50 18.39 -66.42 -67.36
CA ARG Z 50 18.79 -67.76 -66.95
C ARG Z 50 17.86 -68.82 -67.52
N GLU Z 51 16.55 -68.57 -67.48
CA GLU Z 51 15.61 -69.53 -68.07
C GLU Z 51 15.72 -69.54 -69.60
N ILE Z 52 16.09 -68.40 -70.20
CA ILE Z 52 16.33 -68.37 -71.64
C ILE Z 52 17.49 -69.29 -72.00
N ARG Z 53 18.58 -69.22 -71.23
CA ARG Z 53 19.70 -70.12 -71.42
C ARG Z 53 19.30 -71.57 -71.19
N ARG Z 54 18.49 -71.80 -70.16
CA ARG Z 54 18.07 -73.15 -69.79
C ARG Z 54 17.22 -73.79 -70.89
N TYR Z 55 16.29 -73.03 -71.46
CA TYR Z 55 15.37 -73.61 -72.43
C TYR Z 55 15.87 -73.51 -73.86
N GLN Z 56 16.86 -72.66 -74.12
CA GLN Z 56 17.63 -72.81 -75.33
C GLN Z 56 18.57 -73.99 -75.25
N LYS Z 57 18.97 -74.38 -74.03
CA LYS Z 57 19.71 -75.62 -73.84
C LYS Z 57 18.81 -76.85 -73.96
N SER Z 58 17.62 -76.80 -73.39
CA SER Z 58 16.73 -77.95 -73.40
C SER Z 58 15.96 -78.04 -74.71
N THR Z 59 15.45 -79.24 -75.00
CA THR Z 59 14.82 -79.53 -76.28
C THR Z 59 13.35 -79.94 -76.16
N GLU Z 60 12.87 -80.21 -74.96
CA GLU Z 60 11.62 -80.93 -74.77
C GLU Z 60 10.41 -80.02 -74.91
N LEU Z 61 9.24 -80.64 -75.00
CA LEU Z 61 7.98 -79.92 -75.07
C LEU Z 61 7.70 -79.24 -73.73
N LEU Z 62 7.05 -78.07 -73.79
CA LEU Z 62 6.85 -77.29 -72.57
C LEU Z 62 5.42 -77.30 -72.06
N ILE Z 63 4.44 -77.33 -72.93
CA ILE Z 63 3.04 -77.42 -72.52
C ILE Z 63 2.76 -78.85 -72.09
N ARG Z 64 1.93 -79.01 -71.07
CA ARG Z 64 1.47 -80.32 -70.66
C ARG Z 64 0.71 -80.99 -71.80
N LYS Z 65 0.98 -82.29 -71.97
CA LYS Z 65 0.54 -83.01 -73.16
C LYS Z 65 -0.95 -83.28 -73.13
N LEU Z 66 -1.48 -83.59 -71.94
CA LEU Z 66 -2.89 -83.93 -71.83
C LEU Z 66 -3.85 -82.79 -72.19
N PRO Z 67 -3.70 -81.55 -71.70
CA PRO Z 67 -4.62 -80.50 -72.15
C PRO Z 67 -4.47 -80.17 -73.61
N PHE Z 68 -3.25 -80.27 -74.15
CA PHE Z 68 -3.06 -80.10 -75.58
C PHE Z 68 -3.81 -81.18 -76.35
N GLN Z 69 -3.72 -82.43 -75.90
CA GLN Z 69 -4.44 -83.54 -76.51
C GLN Z 69 -5.95 -83.31 -76.46
N ARG Z 70 -6.43 -82.82 -75.31
CA ARG Z 70 -7.84 -82.50 -75.15
C ARG Z 70 -8.25 -81.41 -76.14
N LEU Z 71 -7.37 -80.42 -76.33
CA LEU Z 71 -7.64 -79.37 -77.32
C LEU Z 71 -7.65 -79.94 -78.74
N VAL Z 72 -6.76 -80.89 -79.02
CA VAL Z 72 -6.74 -81.53 -80.34
C VAL Z 72 -8.06 -82.26 -80.60
N ARG Z 73 -8.54 -82.99 -79.60
CA ARG Z 73 -9.81 -83.70 -79.72
C ARG Z 73 -10.96 -82.71 -79.90
N GLU Z 74 -10.91 -81.61 -79.14
CA GLU Z 74 -11.93 -80.58 -79.22
C GLU Z 74 -11.98 -79.95 -80.61
N ILE Z 75 -10.82 -79.64 -81.18
CA ILE Z 75 -10.78 -78.98 -82.49
C ILE Z 75 -11.20 -79.96 -83.57
N ALA Z 76 -10.76 -81.21 -83.48
CA ALA Z 76 -11.14 -82.20 -84.48
C ALA Z 76 -12.62 -82.56 -84.41
N GLN Z 77 -13.23 -82.42 -83.24
CA GLN Z 77 -14.66 -82.66 -83.11
C GLN Z 77 -15.48 -81.65 -83.89
N ASP Z 78 -14.93 -80.45 -84.13
CA ASP Z 78 -15.60 -79.41 -84.89
C ASP Z 78 -15.85 -79.81 -86.34
N PHE Z 79 -15.06 -80.75 -86.86
CA PHE Z 79 -15.15 -81.15 -88.26
C PHE Z 79 -15.96 -82.42 -88.44
N LYS Z 80 -15.76 -83.39 -87.56
CA LYS Z 80 -16.40 -84.70 -87.68
C LYS Z 80 -16.30 -85.38 -86.33
N THR Z 81 -17.38 -86.04 -85.93
CA THR Z 81 -17.41 -86.87 -84.73
C THR Z 81 -16.71 -88.21 -84.98
N ASP Z 82 -16.77 -89.07 -83.97
CA ASP Z 82 -16.33 -90.47 -84.02
C ASP Z 82 -14.88 -90.62 -84.44
N LEU Z 83 -13.98 -89.80 -83.90
CA LEU Z 83 -12.59 -89.84 -84.34
C LEU Z 83 -11.67 -90.36 -83.24
N ARG Z 84 -10.79 -91.29 -83.60
CA ARG Z 84 -9.71 -91.71 -82.72
C ARG Z 84 -8.42 -91.04 -83.17
N PHE Z 85 -7.40 -91.13 -82.32
CA PHE Z 85 -6.18 -90.37 -82.50
C PHE Z 85 -4.96 -91.23 -82.23
N GLN Z 86 -4.10 -91.40 -83.24
CA GLN Z 86 -2.77 -91.93 -82.96
C GLN Z 86 -2.00 -90.93 -82.11
N SER Z 87 -1.32 -91.44 -81.09
CA SER Z 87 -0.57 -90.58 -80.20
C SER Z 87 0.59 -89.90 -80.90
N SER Z 88 1.20 -90.61 -81.86
CA SER Z 88 2.30 -90.06 -82.65
C SER Z 88 1.86 -88.82 -83.42
N ALA Z 89 0.62 -88.83 -83.92
CA ALA Z 89 0.04 -87.64 -84.51
C ALA Z 89 -0.01 -86.50 -83.50
N VAL Z 90 -0.35 -86.80 -82.25
CA VAL Z 90 -0.53 -85.75 -81.25
C VAL Z 90 0.82 -85.13 -80.89
N MET Z 91 1.84 -85.96 -80.68
CA MET Z 91 3.16 -85.39 -80.37
C MET Z 91 3.73 -84.66 -81.57
N ALA Z 92 3.42 -85.13 -82.79
CA ALA Z 92 3.83 -84.38 -83.98
C ALA Z 92 3.19 -83.00 -84.01
N LEU Z 93 1.89 -82.94 -83.68
CA LEU Z 93 1.21 -81.65 -83.62
C LEU Z 93 1.81 -80.76 -82.55
N GLN Z 94 2.12 -81.32 -81.38
CA GLN Z 94 2.70 -80.54 -80.30
C GLN Z 94 4.05 -79.98 -80.68
N GLU Z 95 4.91 -80.81 -81.27
CA GLU Z 95 6.24 -80.35 -81.64
C GLU Z 95 6.18 -79.32 -82.75
N ALA Z 96 5.35 -79.57 -83.78
CA ALA Z 96 5.23 -78.62 -84.87
C ALA Z 96 4.65 -77.29 -84.41
N SER Z 97 3.65 -77.35 -83.54
CA SER Z 97 3.03 -76.14 -83.02
C SER Z 97 4.01 -75.36 -82.18
N GLU Z 98 4.75 -76.04 -81.30
CA GLU Z 98 5.72 -75.35 -80.45
C GLU Z 98 6.84 -74.74 -81.28
N ALA Z 99 7.31 -75.44 -82.32
CA ALA Z 99 8.36 -74.90 -83.17
C ALA Z 99 7.87 -73.67 -83.93
N TYR Z 100 6.64 -73.75 -84.47
CA TYR Z 100 5.99 -72.60 -85.11
C TYR Z 100 5.92 -71.42 -84.16
N LEU Z 101 5.48 -71.67 -82.93
CA LEU Z 101 5.35 -70.60 -81.94
C LEU Z 101 6.69 -69.99 -81.58
N VAL Z 102 7.71 -70.81 -81.32
CA VAL Z 102 8.99 -70.23 -80.88
C VAL Z 102 9.68 -69.52 -82.04
N GLY Z 103 9.42 -69.97 -83.27
CA GLY Z 103 9.92 -69.23 -84.42
C GLY Z 103 9.30 -67.84 -84.52
N LEU Z 104 7.98 -67.75 -84.39
CA LEU Z 104 7.37 -66.44 -84.42
C LEU Z 104 7.70 -65.64 -83.17
N PHE Z 105 8.03 -66.32 -82.06
CA PHE Z 105 8.51 -65.63 -80.87
C PHE Z 105 9.85 -64.95 -81.12
N GLU Z 106 10.77 -65.65 -81.79
CA GLU Z 106 12.05 -65.04 -82.12
C GLU Z 106 11.86 -63.89 -83.11
N ASP Z 107 10.90 -64.06 -84.03
CA ASP Z 107 10.59 -62.99 -84.98
C ASP Z 107 10.09 -61.74 -84.28
N THR Z 108 9.10 -61.90 -83.39
CA THR Z 108 8.57 -60.77 -82.63
C THR Z 108 9.60 -60.23 -81.66
N ASN Z 109 10.52 -61.08 -81.20
CA ASN Z 109 11.62 -60.67 -80.37
C ASN Z 109 12.51 -59.67 -81.10
N LEU Z 110 12.94 -60.02 -82.31
CA LEU Z 110 13.79 -59.11 -83.07
C LEU Z 110 13.02 -57.88 -83.52
N ALA Z 111 11.72 -58.03 -83.74
CA ALA Z 111 10.88 -56.88 -84.06
C ALA Z 111 10.83 -55.89 -82.90
N ALA Z 112 10.66 -56.38 -81.68
CA ALA Z 112 10.64 -55.51 -80.51
C ALA Z 112 12.02 -54.92 -80.24
N ILE Z 113 13.07 -55.67 -80.59
CA ILE Z 113 14.44 -55.15 -80.53
C ILE Z 113 14.58 -53.96 -81.47
N HIS Z 114 14.04 -54.08 -82.68
CA HIS Z 114 13.99 -52.96 -83.61
C HIS Z 114 13.16 -51.82 -83.06
N ALA Z 115 12.06 -52.13 -82.37
CA ALA Z 115 11.18 -51.11 -81.82
C ALA Z 115 11.66 -50.58 -80.47
N LYS Z 116 12.93 -50.78 -80.14
CA LYS Z 116 13.62 -50.17 -78.99
C LYS Z 116 13.03 -50.60 -77.66
N ARG Z 117 12.32 -51.73 -77.63
CA ARG Z 117 11.65 -52.20 -76.43
C ARG Z 117 12.17 -53.58 -76.01
N VAL Z 118 11.96 -53.91 -74.74
CA VAL Z 118 12.15 -55.25 -74.23
C VAL Z 118 10.83 -55.93 -73.89
N THR Z 119 9.75 -55.16 -73.83
CA THR Z 119 8.42 -55.70 -73.51
C THR Z 119 7.66 -55.92 -74.80
N ILE Z 120 7.23 -57.15 -75.02
CA ILE Z 120 6.52 -57.51 -76.23
C ILE Z 120 5.04 -57.19 -76.06
N MET Z 121 4.44 -56.63 -77.11
CA MET Z 121 3.01 -56.37 -77.18
C MET Z 121 2.48 -56.98 -78.46
N PRO Z 122 1.20 -57.40 -78.46
CA PRO Z 122 0.69 -58.20 -79.60
C PRO Z 122 0.59 -57.44 -80.91
N LYS Z 123 0.72 -56.11 -80.88
CA LYS Z 123 0.83 -55.35 -82.12
C LYS Z 123 2.05 -55.78 -82.93
N ASP Z 124 3.14 -56.13 -82.24
CA ASP Z 124 4.32 -56.67 -82.90
C ASP Z 124 4.00 -58.01 -83.55
N ILE Z 125 3.19 -58.82 -82.86
CA ILE Z 125 2.81 -60.13 -83.38
C ILE Z 125 1.94 -59.98 -84.63
N GLN Z 126 0.98 -59.06 -84.60
CA GLN Z 126 0.13 -58.83 -85.75
C GLN Z 126 0.92 -58.29 -86.93
N LEU Z 127 1.87 -57.39 -86.66
CA LEU Z 127 2.74 -56.88 -87.73
C LEU Z 127 3.57 -58.00 -88.33
N ALA Z 128 4.11 -58.89 -87.50
CA ALA Z 128 4.92 -59.99 -87.98
C ALA Z 128 4.10 -60.97 -88.81
N ARG Z 129 2.87 -61.25 -88.38
CA ARG Z 129 1.99 -62.11 -89.15
C ARG Z 129 1.64 -61.50 -90.49
N ARG Z 130 1.28 -60.21 -90.49
CA ARG Z 130 0.80 -59.56 -91.71
C ARG Z 130 1.92 -59.39 -92.71
N ILE Z 131 3.12 -58.99 -92.25
CA ILE Z 131 4.25 -58.89 -93.16
C ILE Z 131 4.69 -60.27 -93.62
N ARG Z 132 4.69 -61.24 -92.70
CA ARG Z 132 4.92 -62.63 -93.05
C ARG Z 132 3.81 -63.16 -93.96
N GLY Z 133 2.63 -62.57 -93.89
CA GLY Z 133 1.55 -62.91 -94.80
C GLY Z 133 0.41 -63.66 -94.18
N GLU Z 134 0.17 -63.47 -92.88
CA GLU Z 134 -0.93 -64.15 -92.21
C GLU Z 134 -1.77 -63.16 -91.40
N LYS AA 21 -15.66 -86.81 -72.57
CA LYS AA 21 -16.01 -86.88 -73.99
C LYS AA 21 -16.17 -85.50 -74.59
N VAL AA 22 -17.23 -84.80 -74.20
CA VAL AA 22 -17.52 -83.47 -74.74
C VAL AA 22 -16.66 -82.44 -74.02
N LEU AA 23 -15.93 -81.63 -74.79
CA LEU AA 23 -14.95 -80.70 -74.26
C LEU AA 23 -15.33 -79.27 -74.65
N ARG AA 24 -15.08 -78.32 -73.75
CA ARG AA 24 -15.54 -76.95 -73.93
C ARG AA 24 -14.43 -75.91 -73.93
N ASP AA 25 -13.55 -75.93 -72.93
CA ASP AA 25 -12.71 -74.77 -72.65
C ASP AA 25 -11.24 -75.15 -72.61
N ASN AA 26 -10.78 -75.87 -73.64
CA ASN AA 26 -9.36 -76.15 -73.80
C ASN AA 26 -8.61 -75.01 -74.47
N ILE AA 27 -9.28 -73.87 -74.68
CA ILE AA 27 -8.57 -72.63 -74.99
C ILE AA 27 -7.62 -72.27 -73.87
N GLN AA 28 -7.99 -72.55 -72.62
CA GLN AA 28 -7.08 -72.30 -71.51
C GLN AA 28 -6.35 -73.56 -71.08
N GLY AA 29 -6.41 -74.63 -71.87
CA GLY AA 29 -5.50 -75.74 -71.70
C GLY AA 29 -4.05 -75.39 -71.91
N ILE AA 30 -3.78 -74.31 -72.64
CA ILE AA 30 -2.47 -73.66 -72.65
C ILE AA 30 -2.44 -72.72 -71.45
N THR AA 31 -1.55 -73.01 -70.51
CA THR AA 31 -1.38 -72.13 -69.36
C THR AA 31 -0.46 -70.98 -69.74
N LYS AA 32 -0.65 -69.87 -69.03
CA LYS AA 32 0.28 -68.74 -69.17
C LYS AA 32 1.73 -69.08 -68.85
N PRO AA 33 2.07 -69.77 -67.73
CA PRO AA 33 3.49 -70.10 -67.52
C PRO AA 33 4.09 -71.01 -68.59
N ALA AA 34 3.28 -71.83 -69.25
CA ALA AA 34 3.77 -72.57 -70.41
C ALA AA 34 4.17 -71.60 -71.53
N ILE AA 35 3.37 -70.55 -71.71
CA ILE AA 35 3.69 -69.53 -72.72
C ILE AA 35 4.96 -68.79 -72.31
N ARG AA 36 5.14 -68.53 -71.01
CA ARG AA 36 6.35 -67.87 -70.55
C ARG AA 36 7.58 -68.76 -70.75
N ARG AA 37 7.42 -70.07 -70.54
CA ARG AA 37 8.51 -71.01 -70.81
C ARG AA 37 8.86 -71.00 -72.29
N LEU AA 38 7.85 -71.01 -73.15
CA LEU AA 38 8.07 -70.97 -74.59
C LEU AA 38 8.74 -69.66 -75.00
N ALA AA 39 8.37 -68.57 -74.34
CA ALA AA 39 8.92 -67.26 -74.68
C ALA AA 39 10.36 -67.12 -74.20
N ARG AA 40 10.70 -67.73 -73.07
CA ARG AA 40 12.11 -67.80 -72.69
C ARG AA 40 12.89 -68.68 -73.64
N ARG AA 41 12.29 -69.80 -74.07
CA ARG AA 41 12.87 -70.54 -75.18
C ARG AA 41 12.83 -69.72 -76.47
N GLY AA 42 11.79 -68.90 -76.62
CA GLY AA 42 11.70 -67.97 -77.73
C GLY AA 42 12.50 -66.71 -77.58
N GLY AA 43 13.30 -66.61 -76.51
CA GLY AA 43 14.19 -65.49 -76.33
C GLY AA 43 13.52 -64.21 -75.88
N VAL AA 44 12.29 -64.27 -75.41
CA VAL AA 44 11.55 -63.08 -75.00
C VAL AA 44 11.86 -62.80 -73.54
N LYS AA 45 12.10 -61.52 -73.22
CA LYS AA 45 12.51 -61.14 -71.88
C LYS AA 45 11.35 -60.58 -71.04
N ARG AA 46 10.54 -59.70 -71.61
CA ARG AA 46 9.44 -59.08 -70.89
C ARG AA 46 8.15 -59.28 -71.68
N ILE AA 47 7.13 -59.84 -71.03
CA ILE AA 47 5.92 -60.32 -71.70
C ILE AA 47 4.72 -59.57 -71.16
N SER AA 48 3.95 -58.95 -72.06
CA SER AA 48 2.71 -58.30 -71.64
C SER AA 48 1.64 -59.32 -71.31
N GLY AA 49 0.65 -58.88 -70.53
CA GLY AA 49 -0.51 -59.70 -70.25
C GLY AA 49 -1.43 -59.90 -71.42
N LEU AA 50 -1.39 -59.00 -72.40
CA LEU AA 50 -2.22 -59.09 -73.60
C LEU AA 50 -1.70 -60.12 -74.59
N ILE AA 51 -0.46 -60.58 -74.41
CA ILE AA 51 0.19 -61.49 -75.36
C ILE AA 51 -0.54 -62.82 -75.45
N TYR AA 52 -0.89 -63.40 -74.32
CA TYR AA 52 -1.27 -64.81 -74.23
C TYR AA 52 -2.55 -65.10 -75.00
N GLU AA 53 -3.54 -64.22 -74.92
CA GLU AA 53 -4.82 -64.46 -75.56
C GLU AA 53 -4.73 -64.27 -77.07
N GLU AA 54 -3.94 -63.29 -77.50
CA GLU AA 54 -3.72 -63.09 -78.94
C GLU AA 54 -2.98 -64.28 -79.54
N THR AA 55 -1.96 -64.77 -78.82
CA THR AA 55 -1.26 -65.97 -79.29
C THR AA 55 -2.18 -67.18 -79.26
N ARG AA 56 -3.10 -67.23 -78.29
CA ARG AA 56 -4.11 -68.27 -78.28
C ARG AA 56 -4.96 -68.24 -79.54
N GLY AA 57 -5.40 -67.05 -79.94
CA GLY AA 57 -6.17 -66.93 -81.17
C GLY AA 57 -5.37 -67.35 -82.40
N VAL AA 58 -4.10 -66.96 -82.45
CA VAL AA 58 -3.24 -67.30 -83.58
C VAL AA 58 -3.04 -68.81 -83.68
N LEU AA 59 -2.76 -69.45 -82.55
CA LEU AA 59 -2.57 -70.89 -82.57
C LEU AA 59 -3.87 -71.61 -82.89
N LYS AA 60 -5.00 -71.07 -82.44
CA LYS AA 60 -6.28 -71.65 -82.81
C LYS AA 60 -6.49 -71.60 -84.31
N VAL AA 61 -6.14 -70.49 -84.95
CA VAL AA 61 -6.26 -70.40 -86.41
C VAL AA 61 -5.40 -71.46 -87.09
N PHE AA 62 -4.14 -71.57 -86.63
CA PHE AA 62 -3.21 -72.52 -87.23
C PHE AA 62 -3.66 -73.97 -87.04
N LEU AA 63 -4.12 -74.33 -85.82
CA LEU AA 63 -4.56 -75.70 -85.61
C LEU AA 63 -5.89 -75.99 -86.30
N GLU AA 64 -6.80 -75.01 -86.37
CA GLU AA 64 -8.04 -75.23 -87.12
C GLU AA 64 -7.73 -75.54 -88.57
N ASN AA 65 -6.78 -74.82 -89.17
CA ASN AA 65 -6.38 -75.08 -90.55
C ASN AA 65 -5.82 -76.49 -90.70
N VAL AA 66 -4.82 -76.83 -89.89
CA VAL AA 66 -4.09 -78.07 -90.14
C VAL AA 66 -4.94 -79.28 -89.75
N ILE AA 67 -5.77 -79.14 -88.71
CA ILE AA 67 -6.59 -80.27 -88.27
C ILE AA 67 -7.81 -80.44 -89.16
N ARG AA 68 -8.33 -79.34 -89.72
CA ARG AA 68 -9.35 -79.44 -90.75
C ARG AA 68 -8.85 -80.23 -91.94
N ASP AA 69 -7.63 -79.94 -92.38
CA ASP AA 69 -7.08 -80.67 -93.51
C ASP AA 69 -6.74 -82.11 -93.12
N ALA AA 70 -6.36 -82.33 -91.87
CA ALA AA 70 -6.12 -83.69 -91.38
C ALA AA 70 -7.41 -84.51 -91.38
N VAL AA 71 -8.53 -83.88 -91.00
CA VAL AA 71 -9.83 -84.54 -91.09
C VAL AA 71 -10.17 -84.85 -92.53
N THR AA 72 -9.88 -83.91 -93.45
CA THR AA 72 -10.09 -84.18 -94.88
C THR AA 72 -9.30 -85.38 -95.35
N TYR AA 73 -8.06 -85.51 -94.86
CA TYR AA 73 -7.24 -86.67 -95.15
C TYR AA 73 -7.90 -87.95 -94.66
N THR AA 74 -8.31 -87.95 -93.38
CA THR AA 74 -8.75 -89.18 -92.75
C THR AA 74 -10.08 -89.65 -93.29
N GLU AA 75 -10.98 -88.71 -93.62
CA GLU AA 75 -12.20 -89.11 -94.31
C GLU AA 75 -11.89 -89.58 -95.71
N HIS AA 76 -10.89 -88.96 -96.35
CA HIS AA 76 -10.45 -89.49 -97.64
C HIS AA 76 -9.73 -90.82 -97.45
N ALA AA 77 -9.10 -91.00 -96.30
CA ALA AA 77 -8.55 -92.30 -95.95
C ALA AA 77 -9.62 -93.25 -95.40
N LYS AA 78 -10.85 -92.75 -95.23
CA LYS AA 78 -12.00 -93.54 -94.75
C LYS AA 78 -11.73 -94.15 -93.39
N ARG AA 79 -11.01 -93.43 -92.53
CA ARG AA 79 -10.65 -93.96 -91.23
C ARG AA 79 -11.32 -93.16 -90.12
N LYS AA 80 -11.46 -93.82 -88.98
CA LYS AA 80 -11.96 -93.19 -87.76
C LYS AA 80 -10.84 -92.92 -86.77
N THR AA 81 -9.61 -93.26 -87.13
CA THR AA 81 -8.42 -92.88 -86.38
C THR AA 81 -7.54 -92.08 -87.33
N VAL AA 82 -6.96 -90.98 -86.82
CA VAL AA 82 -5.99 -90.24 -87.62
C VAL AA 82 -4.62 -90.88 -87.46
N THR AA 83 -3.76 -90.70 -88.47
CA THR AA 83 -2.38 -91.11 -88.40
C THR AA 83 -1.46 -89.90 -88.43
N ALA AA 84 -0.22 -90.13 -87.99
CA ALA AA 84 0.79 -89.07 -88.04
C ALA AA 84 1.25 -88.81 -89.47
N MET AA 85 1.01 -89.75 -90.39
CA MET AA 85 1.39 -89.51 -91.77
C MET AA 85 0.46 -88.48 -92.40
N ASP AA 86 -0.80 -88.47 -91.95
CA ASP AA 86 -1.70 -87.38 -92.27
C ASP AA 86 -1.16 -86.06 -91.74
N VAL AA 87 -0.57 -86.09 -90.55
CA VAL AA 87 0.06 -84.89 -89.99
C VAL AA 87 1.25 -84.47 -90.84
N VAL AA 88 1.97 -85.44 -91.40
CA VAL AA 88 3.06 -85.16 -92.32
C VAL AA 88 2.54 -84.44 -93.57
N TYR AA 89 1.41 -84.89 -94.09
CA TYR AA 89 0.79 -84.20 -95.21
C TYR AA 89 0.38 -82.78 -94.82
N ALA AA 90 -0.17 -82.64 -93.61
CA ALA AA 90 -0.66 -81.36 -93.12
C ALA AA 90 0.46 -80.36 -92.91
N LEU AA 91 1.64 -80.84 -92.53
CA LEU AA 91 2.75 -79.92 -92.40
C LEU AA 91 3.38 -79.63 -93.76
N LYS AA 92 3.36 -80.59 -94.69
CA LYS AA 92 4.10 -80.38 -95.92
C LYS AA 92 3.35 -79.44 -96.87
N ARG AA 93 2.02 -79.40 -96.83
CA ARG AA 93 1.36 -78.56 -97.85
C ARG AA 93 1.48 -77.06 -97.60
N GLN AA 94 2.13 -76.60 -96.54
CA GLN AA 94 2.73 -75.28 -96.58
C GLN AA 94 4.23 -75.29 -96.37
N GLY AA 95 4.87 -76.45 -96.45
CA GLY AA 95 6.31 -76.49 -96.27
C GLY AA 95 6.76 -76.15 -94.87
N ARG AA 96 6.17 -76.78 -93.87
CA ARG AA 96 6.58 -76.64 -92.47
C ARG AA 96 7.19 -77.94 -92.02
N THR AA 97 8.07 -78.45 -92.87
CA THR AA 97 8.36 -79.88 -92.94
C THR AA 97 9.08 -80.40 -91.70
N LEU AA 98 8.57 -81.49 -91.17
CA LEU AA 98 9.04 -82.10 -89.93
C LEU AA 98 9.51 -83.51 -90.23
N TYR AA 99 10.59 -83.93 -89.60
CA TYR AA 99 11.17 -85.23 -89.81
C TYR AA 99 10.97 -86.11 -88.59
N GLY AA 100 10.89 -87.42 -88.82
CA GLY AA 100 10.92 -88.39 -87.75
C GLY AA 100 9.57 -88.92 -87.30
N PHE AA 101 8.52 -88.77 -88.09
CA PHE AA 101 7.19 -89.24 -87.75
C PHE AA 101 6.63 -90.13 -88.84
N GLY AA 102 7.42 -91.11 -89.26
CA GLY AA 102 7.01 -92.01 -90.31
C GLY AA 102 7.28 -91.51 -91.71
N GLY AA 103 8.03 -90.44 -91.86
CA GLY AA 103 8.36 -89.92 -93.17
C GLY AA 103 9.65 -90.52 -93.72
N ALA BA 28 -21.71 -97.03 -139.51
CA ALA BA 28 -22.77 -97.48 -138.62
C ALA BA 28 -22.60 -96.86 -137.24
N ARG BA 29 -21.58 -96.01 -137.09
CA ARG BA 29 -21.31 -95.36 -135.82
C ARG BA 29 -22.36 -94.28 -135.54
N ALA BA 30 -22.69 -94.11 -134.27
CA ALA BA 30 -23.61 -93.05 -133.87
C ALA BA 30 -22.92 -91.70 -133.96
N LYS BA 31 -23.74 -90.64 -133.92
CA LYS BA 31 -23.21 -89.29 -133.97
C LYS BA 31 -22.39 -88.98 -132.73
N ALA BA 32 -21.16 -88.53 -132.95
CA ALA BA 32 -20.23 -88.28 -131.87
C ALA BA 32 -20.57 -86.98 -131.17
N LYS BA 33 -21.07 -87.08 -129.95
CA LYS BA 33 -21.14 -85.91 -129.08
C LYS BA 33 -19.77 -85.68 -128.47
N THR BA 34 -19.60 -84.55 -127.80
CA THR BA 34 -18.41 -84.31 -127.01
C THR BA 34 -18.77 -84.54 -125.55
N ARG BA 35 -17.77 -84.91 -124.76
CA ARG BA 35 -17.98 -85.06 -123.34
C ARG BA 35 -18.31 -83.73 -122.68
N SER BA 36 -17.81 -82.62 -123.25
CA SER BA 36 -18.24 -81.30 -122.82
C SER BA 36 -19.73 -81.08 -123.07
N SER BA 37 -20.22 -81.53 -124.22
CA SER BA 37 -21.64 -81.45 -124.51
C SER BA 37 -22.42 -82.40 -123.62
N ARG BA 38 -21.84 -83.55 -123.29
CA ARG BA 38 -22.48 -84.49 -122.38
C ARG BA 38 -22.62 -83.90 -120.99
N ALA BA 39 -21.65 -83.10 -120.57
CA ALA BA 39 -21.80 -82.31 -119.37
C ALA BA 39 -22.43 -80.95 -119.63
N GLY BA 40 -22.66 -80.58 -120.89
CA GLY BA 40 -23.22 -79.29 -121.22
C GLY BA 40 -22.32 -78.12 -120.91
N LEU BA 41 -21.01 -78.30 -121.00
CA LEU BA 41 -20.05 -77.30 -120.54
C LEU BA 41 -19.20 -76.78 -121.69
N GLN BA 42 -18.36 -75.79 -121.37
CA GLN BA 42 -17.57 -75.08 -122.35
C GLN BA 42 -16.19 -75.70 -122.58
N PHE BA 43 -15.56 -76.19 -121.53
CA PHE BA 43 -14.15 -76.57 -121.62
C PHE BA 43 -13.99 -77.93 -122.28
N PRO BA 44 -12.90 -78.13 -123.05
CA PRO BA 44 -12.70 -79.41 -123.76
C PRO BA 44 -12.27 -80.52 -122.81
N VAL BA 45 -13.16 -81.50 -122.62
CA VAL BA 45 -12.86 -82.62 -121.74
C VAL BA 45 -11.76 -83.50 -122.32
N GLY BA 46 -11.78 -83.67 -123.64
CA GLY BA 46 -10.76 -84.49 -124.28
C GLY BA 46 -9.37 -83.89 -124.16
N ARG BA 47 -9.25 -82.57 -124.36
CA ARG BA 47 -7.98 -81.88 -124.20
C ARG BA 47 -7.42 -82.05 -122.80
N VAL BA 48 -8.24 -81.75 -121.79
CA VAL BA 48 -7.74 -81.77 -120.41
C VAL BA 48 -7.47 -83.20 -119.96
N HIS BA 49 -8.29 -84.15 -120.41
CA HIS BA 49 -8.04 -85.54 -120.06
C HIS BA 49 -6.77 -86.06 -120.72
N ARG BA 50 -6.51 -85.60 -121.94
CA ARG BA 50 -5.25 -85.91 -122.60
C ARG BA 50 -4.08 -85.30 -121.85
N LEU BA 51 -4.25 -84.07 -121.36
CA LEU BA 51 -3.23 -83.44 -120.52
C LEU BA 51 -2.97 -84.24 -119.26
N LEU BA 52 -4.03 -84.77 -118.65
CA LEU BA 52 -3.89 -85.60 -117.46
C LEU BA 52 -3.17 -86.90 -117.76
N ARG BA 53 -3.48 -87.52 -118.90
CA ARG BA 53 -2.87 -88.80 -119.23
C ARG BA 53 -1.40 -88.64 -119.58
N LYS BA 54 -1.05 -87.60 -120.36
CA LYS BA 54 0.34 -87.38 -120.70
C LYS BA 54 1.06 -86.51 -119.68
N GLY BA 55 0.40 -86.15 -118.59
CA GLY BA 55 1.08 -85.41 -117.56
C GLY BA 55 1.99 -86.22 -116.66
N ASN BA 56 2.09 -87.54 -116.87
CA ASN BA 56 2.84 -88.47 -116.01
C ASN BA 56 2.30 -88.46 -114.58
N TYR BA 57 0.98 -88.49 -114.48
CA TYR BA 57 0.28 -88.42 -113.20
C TYR BA 57 -0.38 -89.73 -112.81
N SER BA 58 -1.01 -90.42 -113.76
CA SER BA 58 -1.45 -91.79 -113.56
C SER BA 58 -1.59 -92.43 -114.93
N GLU BA 59 -1.51 -93.76 -114.94
CA GLU BA 59 -1.79 -94.51 -116.15
C GLU BA 59 -3.30 -94.60 -116.42
N ARG BA 60 -4.11 -94.69 -115.36
CA ARG BA 60 -5.55 -94.73 -115.51
C ARG BA 60 -6.18 -93.51 -114.86
N VAL BA 61 -7.14 -92.93 -115.57
CA VAL BA 61 -7.91 -91.79 -115.11
C VAL BA 61 -9.38 -92.11 -115.35
N GLY BA 62 -10.20 -91.95 -114.30
CA GLY BA 62 -11.62 -92.20 -114.44
C GLY BA 62 -12.30 -91.21 -115.36
N ALA BA 63 -13.49 -91.58 -115.81
CA ALA BA 63 -14.17 -90.81 -116.85
C ALA BA 63 -14.67 -89.47 -116.34
N GLY BA 64 -15.26 -89.46 -115.14
CA GLY BA 64 -15.89 -88.24 -114.65
C GLY BA 64 -14.96 -87.22 -114.06
N ALA BA 65 -13.72 -87.61 -113.74
CA ALA BA 65 -12.78 -86.66 -113.14
C ALA BA 65 -12.38 -85.50 -114.06
N PRO BA 66 -12.00 -85.71 -115.34
CA PRO BA 66 -11.75 -84.53 -116.19
C PRO BA 66 -12.98 -83.67 -116.41
N VAL BA 67 -14.16 -84.28 -116.46
CA VAL BA 67 -15.41 -83.53 -116.55
C VAL BA 67 -15.58 -82.63 -115.34
N TYR BA 68 -15.33 -83.19 -114.16
CA TYR BA 68 -15.47 -82.44 -112.92
C TYR BA 68 -14.44 -81.32 -112.87
N LEU BA 69 -13.22 -81.59 -113.30
CA LEU BA 69 -12.17 -80.59 -113.29
C LEU BA 69 -12.50 -79.45 -114.25
N ALA BA 70 -13.03 -79.77 -115.43
CA ALA BA 70 -13.46 -78.73 -116.36
C ALA BA 70 -14.58 -77.90 -115.76
N ALA BA 71 -15.49 -78.55 -115.03
CA ALA BA 71 -16.59 -77.82 -114.38
C ALA BA 71 -16.07 -76.83 -113.34
N VAL BA 72 -15.11 -77.25 -112.51
CA VAL BA 72 -14.66 -76.34 -111.45
C VAL BA 72 -13.74 -75.27 -112.00
N LEU BA 73 -12.99 -75.60 -113.07
CA LEU BA 73 -12.23 -74.57 -113.76
C LEU BA 73 -13.17 -73.55 -114.38
N GLU BA 74 -14.31 -74.01 -114.90
CA GLU BA 74 -15.33 -73.11 -115.41
C GLU BA 74 -15.89 -72.22 -114.31
N TYR BA 75 -16.10 -72.80 -113.12
CA TYR BA 75 -16.60 -72.04 -111.98
C TYR BA 75 -15.63 -70.92 -111.59
N LEU BA 76 -14.36 -71.26 -111.39
CA LEU BA 76 -13.40 -70.24 -110.98
C LEU BA 76 -13.18 -69.21 -112.09
N THR BA 77 -13.22 -69.66 -113.34
CA THR BA 77 -13.05 -68.77 -114.47
C THR BA 77 -14.18 -67.76 -114.54
N ALA BA 78 -15.42 -68.24 -114.41
CA ALA BA 78 -16.57 -67.35 -114.43
C ALA BA 78 -16.57 -66.41 -113.24
N GLU BA 79 -16.14 -66.90 -112.08
CA GLU BA 79 -16.09 -66.08 -110.87
C GLU BA 79 -15.10 -64.92 -111.03
N ILE BA 80 -13.86 -65.25 -111.40
CA ILE BA 80 -12.83 -64.23 -111.57
C ILE BA 80 -13.19 -63.27 -112.70
N LEU BA 81 -13.70 -63.83 -113.81
CA LEU BA 81 -14.06 -63.01 -114.96
C LEU BA 81 -15.22 -62.09 -114.64
N GLU BA 82 -16.19 -62.56 -113.86
CA GLU BA 82 -17.33 -61.72 -113.50
C GLU BA 82 -16.88 -60.59 -112.60
N LEU BA 83 -16.05 -60.88 -111.60
CA LEU BA 83 -15.57 -59.82 -110.73
C LEU BA 83 -14.68 -58.83 -111.46
N ALA BA 84 -13.86 -59.33 -112.39
CA ALA BA 84 -13.02 -58.45 -113.19
C ALA BA 84 -13.86 -57.58 -114.13
N GLY BA 85 -14.93 -58.14 -114.69
CA GLY BA 85 -15.81 -57.35 -115.54
C GLY BA 85 -16.56 -56.29 -114.75
N ASN BA 86 -16.97 -56.62 -113.52
CA ASN BA 86 -17.58 -55.62 -112.66
C ASN BA 86 -16.60 -54.50 -112.33
N ALA BA 87 -15.35 -54.87 -112.02
CA ALA BA 87 -14.33 -53.86 -111.71
C ALA BA 87 -14.03 -52.97 -112.92
N ALA BA 88 -13.99 -53.57 -114.11
CA ALA BA 88 -13.78 -52.77 -115.33
C ALA BA 88 -14.97 -51.88 -115.60
N ARG BA 89 -16.17 -52.35 -115.28
CA ARG BA 89 -17.36 -51.51 -115.40
C ARG BA 89 -17.33 -50.36 -114.41
N ASP BA 90 -16.67 -50.56 -113.26
CA ASP BA 90 -16.52 -49.47 -112.30
C ASP BA 90 -15.69 -48.32 -112.88
N ASN BA 91 -14.66 -48.63 -113.65
CA ASN BA 91 -13.87 -47.60 -114.32
C ASN BA 91 -14.19 -47.49 -115.80
N LYS BA 92 -15.46 -47.71 -116.17
CA LYS BA 92 -16.08 -47.32 -117.45
C LYS BA 92 -15.30 -47.79 -118.69
N LYS BA 93 -14.65 -48.94 -118.61
CA LYS BA 93 -14.01 -49.55 -119.76
C LYS BA 93 -14.62 -50.92 -120.04
N THR BA 94 -14.87 -51.19 -121.31
CA THR BA 94 -15.48 -52.46 -121.71
C THR BA 94 -14.48 -53.48 -122.23
N ARG BA 95 -13.18 -53.26 -122.04
CA ARG BA 95 -12.17 -54.25 -122.37
C ARG BA 95 -11.27 -54.46 -121.16
N ILE BA 96 -11.12 -55.72 -120.74
CA ILE BA 96 -10.48 -56.00 -119.47
C ILE BA 96 -8.97 -55.79 -119.58
N ILE BA 97 -8.39 -55.18 -118.54
CA ILE BA 97 -6.97 -54.87 -118.49
C ILE BA 97 -6.40 -55.51 -117.22
N PRO BA 98 -5.09 -55.73 -117.14
CA PRO BA 98 -4.52 -56.35 -115.93
C PRO BA 98 -4.71 -55.56 -114.65
N ARG BA 99 -4.92 -54.24 -114.75
CA ARG BA 99 -5.18 -53.46 -113.54
C ARG BA 99 -6.44 -53.94 -112.82
N HIS BA 100 -7.53 -54.14 -113.56
CA HIS BA 100 -8.75 -54.62 -112.93
C HIS BA 100 -8.64 -56.08 -112.53
N LEU BA 101 -7.75 -56.84 -113.20
CA LEU BA 101 -7.45 -58.19 -112.74
C LEU BA 101 -6.81 -58.16 -111.36
N GLN BA 102 -5.85 -57.24 -111.16
CA GLN BA 102 -5.23 -57.07 -109.84
C GLN BA 102 -6.25 -56.60 -108.82
N LEU BA 103 -7.13 -55.66 -109.22
CA LEU BA 103 -8.15 -55.15 -108.31
C LEU BA 103 -9.10 -56.25 -107.89
N ALA BA 104 -9.47 -57.13 -108.82
CA ALA BA 104 -10.35 -58.24 -108.49
C ALA BA 104 -9.67 -59.25 -107.58
N ILE BA 105 -8.41 -59.59 -107.88
CA ILE BA 105 -7.75 -60.67 -107.15
C ILE BA 105 -7.37 -60.22 -105.75
N ARG BA 106 -7.03 -58.93 -105.58
CA ARG BA 106 -6.50 -58.50 -104.29
C ARG BA 106 -7.59 -58.00 -103.35
N ASN BA 107 -8.72 -57.54 -103.89
CA ASN BA 107 -9.81 -57.11 -103.02
C ASN BA 107 -10.67 -58.27 -102.53
N ASP BA 108 -10.39 -59.48 -102.98
CA ASP BA 108 -11.15 -60.66 -102.59
C ASP BA 108 -10.24 -61.56 -101.76
N GLU BA 109 -10.57 -61.66 -100.46
CA GLU BA 109 -9.66 -62.27 -99.49
C GLU BA 109 -9.46 -63.76 -99.75
N GLU BA 110 -10.48 -64.46 -100.22
CA GLU BA 110 -10.30 -65.86 -100.59
C GLU BA 110 -9.42 -65.98 -101.82
N LEU BA 111 -9.67 -65.13 -102.82
CA LEU BA 111 -8.86 -65.12 -104.03
C LEU BA 111 -7.44 -64.64 -103.73
N ASN BA 112 -7.31 -63.59 -102.92
CA ASN BA 112 -5.98 -63.07 -102.56
C ASN BA 112 -5.19 -64.08 -101.73
N LYS BA 113 -5.84 -64.72 -100.76
CA LYS BA 113 -5.18 -65.75 -99.97
C LYS BA 113 -4.82 -66.94 -100.84
N LEU BA 114 -5.67 -67.25 -101.81
CA LEU BA 114 -5.40 -68.35 -102.73
C LEU BA 114 -4.19 -68.06 -103.59
N LEU BA 115 -3.98 -66.80 -103.96
CA LEU BA 115 -2.87 -66.38 -104.80
C LEU BA 115 -2.02 -65.30 -104.13
N GLY BA 116 -1.63 -65.53 -102.87
CA GLY BA 116 -0.76 -64.58 -102.20
C GLY BA 116 0.63 -64.52 -102.81
N ARG BA 117 1.13 -65.65 -103.30
CA ARG BA 117 2.46 -65.75 -103.87
C ARG BA 117 2.48 -65.48 -105.37
N VAL BA 118 1.48 -64.78 -105.88
CA VAL BA 118 1.29 -64.64 -107.31
C VAL BA 118 1.50 -63.18 -107.72
N THR BA 119 2.31 -62.99 -108.76
CA THR BA 119 2.71 -61.68 -109.26
C THR BA 119 1.87 -61.37 -110.50
N ILE BA 120 1.50 -60.10 -110.67
CA ILE BA 120 0.75 -59.68 -111.85
C ILE BA 120 1.57 -58.66 -112.62
N ALA BA 121 1.57 -58.78 -113.95
CA ALA BA 121 2.26 -57.82 -114.80
C ALA BA 121 1.32 -56.70 -115.20
N GLN BA 122 1.75 -55.45 -114.94
CA GLN BA 122 0.98 -54.23 -115.19
C GLN BA 122 -0.38 -54.22 -114.50
N GLY BA 123 -0.52 -54.97 -113.40
CA GLY BA 123 -1.72 -54.87 -112.59
C GLY BA 123 -1.61 -53.83 -111.52
N GLY BA 124 -0.40 -53.36 -111.22
CA GLY BA 124 -0.21 -52.42 -110.15
C GLY BA 124 -0.45 -53.06 -108.80
N VAL BA 125 -0.81 -52.23 -107.82
CA VAL BA 125 -1.16 -52.68 -106.48
C VAL BA 125 -2.47 -52.03 -106.09
N LEU BA 126 -3.06 -52.53 -105.02
CA LEU BA 126 -4.17 -51.84 -104.40
C LEU BA 126 -3.68 -50.51 -103.84
N PRO BA 127 -4.39 -49.41 -104.10
CA PRO BA 127 -4.06 -48.15 -103.44
C PRO BA 127 -4.31 -48.27 -101.95
N ASN BA 128 -3.24 -48.20 -101.17
CA ASN BA 128 -3.33 -48.41 -99.73
C ASN BA 128 -2.51 -47.33 -99.04
N ILE BA 129 -3.20 -46.38 -98.41
CA ILE BA 129 -2.57 -45.23 -97.77
C ILE BA 129 -2.74 -45.37 -96.28
N GLN BA 130 -1.63 -45.32 -95.55
CA GLN BA 130 -1.70 -45.38 -94.09
C GLN BA 130 -2.21 -44.05 -93.56
N ALA BA 131 -3.17 -44.14 -92.63
CA ALA BA 131 -3.76 -42.93 -92.05
C ALA BA 131 -2.76 -42.17 -91.18
N VAL BA 132 -1.77 -42.89 -90.62
CA VAL BA 132 -0.71 -42.24 -89.87
C VAL BA 132 0.17 -41.38 -90.79
N LEU BA 133 0.27 -41.74 -92.07
CA LEU BA 133 0.97 -40.88 -93.02
C LEU BA 133 0.20 -39.62 -93.36
N LEU BA 134 -1.11 -39.62 -93.14
CA LEU BA 134 -1.91 -38.45 -93.47
C LEU BA 134 -1.62 -37.30 -92.49
N PRO BA 135 -1.58 -36.07 -92.98
CA PRO BA 135 -1.29 -34.93 -92.11
C PRO BA 135 -2.46 -34.59 -91.20
N LYS BA 136 -2.28 -33.52 -90.44
CA LYS BA 136 -3.29 -33.04 -89.49
C LYS BA 136 -4.53 -32.53 -90.21
N LYS CA 31 3.37 -71.57 -142.72
CA LYS CA 31 2.53 -71.81 -141.56
C LYS CA 31 3.35 -72.24 -140.36
N ARG CA 32 2.69 -72.42 -139.22
CA ARG CA 32 3.36 -72.86 -138.00
C ARG CA 32 2.52 -73.96 -137.35
N SER CA 33 3.09 -74.57 -136.31
CA SER CA 33 2.38 -75.60 -135.57
C SER CA 33 1.24 -75.00 -134.77
N ARG CA 34 0.19 -75.80 -134.55
CA ARG CA 34 -0.94 -75.37 -133.75
C ARG CA 34 -0.54 -75.16 -132.30
N LYS CA 35 -0.96 -74.05 -131.72
CA LYS CA 35 -0.74 -73.75 -130.30
C LYS CA 35 -2.11 -73.71 -129.65
N GLU CA 36 -2.36 -74.67 -128.76
CA GLU CA 36 -3.68 -74.79 -128.13
C GLU CA 36 -3.89 -73.68 -127.12
N SER CA 37 -5.11 -73.15 -127.10
CA SER CA 37 -5.42 -72.05 -126.22
C SER CA 37 -6.81 -72.24 -125.63
N TYR CA 38 -6.99 -71.68 -124.44
CA TYR CA 38 -8.29 -71.65 -123.80
C TYR CA 38 -9.05 -70.39 -124.10
N SER CA 39 -8.48 -69.54 -124.97
CA SER CA 39 -9.04 -68.22 -125.25
C SER CA 39 -10.43 -68.32 -125.84
N VAL CA 40 -10.66 -69.33 -126.69
CA VAL CA 40 -12.00 -69.56 -127.19
C VAL CA 40 -12.94 -69.98 -126.05
N TYR CA 41 -12.51 -70.87 -125.17
CA TYR CA 41 -13.41 -71.42 -124.17
C TYR CA 41 -13.68 -70.41 -123.08
N VAL CA 42 -12.62 -69.72 -122.64
CA VAL CA 42 -12.74 -68.68 -121.65
C VAL CA 42 -13.53 -67.51 -122.22
N TYR CA 43 -13.39 -67.23 -123.51
CA TYR CA 43 -14.18 -66.16 -124.10
C TYR CA 43 -15.65 -66.54 -124.20
N LYS CA 44 -15.93 -67.83 -124.43
CA LYS CA 44 -17.31 -68.31 -124.33
C LYS CA 44 -17.86 -68.12 -122.92
N VAL CA 45 -17.08 -68.48 -121.90
CA VAL CA 45 -17.49 -68.30 -120.52
C VAL CA 45 -17.67 -66.81 -120.21
N LEU CA 46 -16.81 -65.98 -120.80
CA LEU CA 46 -16.91 -64.53 -120.66
C LEU CA 46 -18.23 -64.02 -121.19
N LYS CA 47 -18.59 -64.41 -122.41
CA LYS CA 47 -19.87 -64.01 -122.97
C LYS CA 47 -21.05 -64.63 -122.24
N GLN CA 48 -20.83 -65.73 -121.53
CA GLN CA 48 -21.86 -66.23 -120.62
C GLN CA 48 -22.06 -65.26 -119.45
N VAL CA 49 -20.98 -64.84 -118.80
CA VAL CA 49 -21.15 -64.04 -117.58
C VAL CA 49 -21.19 -62.54 -117.90
N HIS CA 50 -20.39 -62.09 -118.87
CA HIS CA 50 -20.38 -60.69 -119.29
C HIS CA 50 -20.51 -60.66 -120.79
N PRO CA 51 -21.74 -60.65 -121.31
CA PRO CA 51 -21.91 -60.53 -122.77
C PRO CA 51 -21.40 -59.22 -123.34
N ASP CA 52 -21.24 -58.20 -122.49
CA ASP CA 52 -20.92 -56.84 -122.91
C ASP CA 52 -19.44 -56.60 -123.17
N THR CA 53 -18.54 -57.17 -122.38
CA THR CA 53 -17.18 -56.68 -122.32
C THR CA 53 -16.24 -57.45 -123.24
N GLY CA 54 -15.18 -56.76 -123.68
CA GLY CA 54 -14.13 -57.35 -124.46
C GLY CA 54 -12.97 -57.81 -123.60
N ILE CA 55 -11.93 -58.29 -124.27
CA ILE CA 55 -10.76 -58.83 -123.58
C ILE CA 55 -9.51 -58.27 -124.24
N SER CA 56 -8.44 -58.16 -123.46
CA SER CA 56 -7.12 -57.91 -124.02
C SER CA 56 -6.34 -59.22 -124.11
N SER CA 57 -5.40 -59.25 -125.06
CA SER CA 57 -4.56 -60.43 -125.24
C SER CA 57 -3.63 -60.63 -124.05
N LYS CA 58 -3.22 -59.53 -123.41
CA LYS CA 58 -2.36 -59.63 -122.24
C LYS CA 58 -3.11 -60.23 -121.06
N ALA CA 59 -4.35 -59.77 -120.84
CA ALA CA 59 -5.19 -60.36 -119.82
C ALA CA 59 -5.47 -61.83 -120.12
N MET CA 60 -5.59 -62.17 -121.40
CA MET CA 60 -5.84 -63.57 -121.73
C MET CA 60 -4.61 -64.44 -121.52
N GLY CA 61 -3.42 -63.91 -121.79
CA GLY CA 61 -2.20 -64.63 -121.44
C GLY CA 61 -2.07 -64.82 -119.95
N ILE CA 62 -2.49 -63.80 -119.17
CA ILE CA 62 -2.59 -63.93 -117.73
C ILE CA 62 -3.53 -65.07 -117.35
N MET CA 63 -4.69 -65.13 -118.02
CA MET CA 63 -5.67 -66.18 -117.73
C MET CA 63 -5.13 -67.56 -118.09
N ASN CA 64 -4.42 -67.69 -119.21
CA ASN CA 64 -3.91 -68.99 -119.60
C ASN CA 64 -2.81 -69.45 -118.66
N SER CA 65 -1.91 -68.54 -118.28
CA SER CA 65 -0.88 -68.85 -117.30
C SER CA 65 -1.52 -69.25 -115.97
N PHE CA 66 -2.56 -68.51 -115.56
CA PHE CA 66 -3.38 -68.86 -114.41
C PHE CA 66 -3.93 -70.28 -114.47
N VAL CA 67 -4.68 -70.59 -115.53
CA VAL CA 67 -5.43 -71.85 -115.56
C VAL CA 67 -4.47 -73.02 -115.68
N ASN CA 68 -3.37 -72.85 -116.42
CA ASN CA 68 -2.39 -73.93 -116.51
C ASN CA 68 -1.70 -74.12 -115.18
N ASP CA 69 -1.39 -73.02 -114.49
CA ASP CA 69 -0.79 -73.10 -113.15
C ASP CA 69 -1.68 -73.85 -112.19
N ILE CA 70 -2.94 -73.46 -112.09
CA ILE CA 70 -3.81 -74.07 -111.09
C ILE CA 70 -4.18 -75.48 -111.51
N PHE CA 71 -4.19 -75.75 -112.82
CA PHE CA 71 -4.41 -77.11 -113.31
C PHE CA 71 -3.30 -78.04 -112.86
N GLU CA 72 -2.05 -77.60 -113.04
CA GLU CA 72 -0.95 -78.45 -112.60
C GLU CA 72 -0.87 -78.49 -111.07
N ARG CA 73 -1.32 -77.44 -110.39
CA ARG CA 73 -1.45 -77.49 -108.93
C ARG CA 73 -2.38 -78.62 -108.50
N ILE CA 74 -3.65 -78.55 -108.92
CA ILE CA 74 -4.66 -79.50 -108.47
C ILE CA 74 -4.31 -80.91 -108.92
N ALA CA 75 -3.75 -81.05 -110.12
CA ALA CA 75 -3.32 -82.35 -110.60
C ALA CA 75 -2.13 -82.86 -109.80
N GLY CA 76 -1.27 -81.96 -109.34
CA GLY CA 76 -0.15 -82.38 -108.51
C GLY CA 76 -0.59 -82.92 -107.16
N GLU CA 77 -1.51 -82.20 -106.49
CA GLU CA 77 -1.96 -82.74 -105.21
C GLU CA 77 -2.76 -84.02 -105.42
N ALA CA 78 -3.47 -84.13 -106.54
CA ALA CA 78 -4.10 -85.41 -106.87
C ALA CA 78 -3.07 -86.49 -107.11
N SER CA 79 -1.92 -86.12 -107.67
CA SER CA 79 -0.84 -87.09 -107.86
C SER CA 79 -0.31 -87.58 -106.52
N ARG CA 80 -0.07 -86.66 -105.58
CA ARG CA 80 0.34 -87.10 -104.25
C ARG CA 80 -0.74 -87.94 -103.56
N LEU CA 81 -2.01 -87.61 -103.76
CA LEU CA 81 -3.08 -88.45 -103.20
C LEU CA 81 -3.05 -89.85 -103.79
N ALA CA 82 -2.79 -89.96 -105.10
CA ALA CA 82 -2.64 -91.27 -105.73
C ALA CA 82 -1.47 -92.03 -105.14
N HIS CA 83 -0.39 -91.31 -104.82
CA HIS CA 83 0.74 -91.94 -104.12
C HIS CA 83 0.32 -92.43 -102.73
N TYR CA 84 -0.39 -91.59 -101.98
CA TYR CA 84 -0.65 -91.91 -100.58
C TYR CA 84 -1.73 -92.97 -100.46
N ASN CA 85 -2.64 -93.02 -101.40
CA ASN CA 85 -3.70 -94.01 -101.40
C ASN CA 85 -3.31 -95.28 -102.11
N LYS CA 86 -2.15 -95.28 -102.77
CA LYS CA 86 -1.63 -96.44 -103.52
C LYS CA 86 -2.63 -96.90 -104.58
N ARG CA 87 -3.20 -95.93 -105.29
CA ARG CA 87 -4.26 -96.20 -106.24
C ARG CA 87 -3.84 -95.81 -107.65
N SER CA 88 -4.06 -96.74 -108.59
CA SER CA 88 -3.67 -96.61 -109.98
C SER CA 88 -4.60 -95.70 -110.79
N THR CA 89 -5.89 -95.72 -110.48
CA THR CA 89 -6.90 -95.02 -111.27
C THR CA 89 -7.38 -93.80 -110.51
N ILE CA 90 -7.41 -92.66 -111.18
CA ILE CA 90 -7.84 -91.41 -110.57
C ILE CA 90 -9.36 -91.30 -110.71
N THR CA 91 -10.05 -91.11 -109.60
CA THR CA 91 -11.50 -90.94 -109.59
C THR CA 91 -11.83 -89.49 -109.28
N SER CA 92 -13.12 -89.16 -109.40
CA SER CA 92 -13.57 -87.82 -109.05
C SER CA 92 -13.48 -87.58 -107.55
N ARG CA 93 -13.67 -88.63 -106.74
CA ARG CA 93 -13.62 -88.52 -105.28
C ARG CA 93 -12.32 -87.90 -104.80
N GLU CA 94 -11.21 -88.39 -105.34
CA GLU CA 94 -9.91 -87.84 -105.05
C GLU CA 94 -9.81 -86.38 -105.49
N ILE CA 95 -10.47 -86.04 -106.60
CA ILE CA 95 -10.40 -84.66 -107.07
C ILE CA 95 -11.21 -83.74 -106.16
N GLN CA 96 -12.39 -84.16 -105.70
CA GLN CA 96 -13.16 -83.35 -104.74
C GLN CA 96 -12.39 -83.17 -103.44
N THR CA 97 -11.68 -84.21 -103.02
CA THR CA 97 -10.82 -84.07 -101.85
C THR CA 97 -9.75 -83.02 -102.07
N ALA CA 98 -9.08 -83.07 -103.23
CA ALA CA 98 -8.05 -82.09 -103.55
C ALA CA 98 -8.63 -80.68 -103.68
N VAL CA 99 -9.91 -80.58 -104.04
CA VAL CA 99 -10.59 -79.29 -104.05
C VAL CA 99 -10.74 -78.75 -102.64
N ARG CA 100 -11.12 -79.61 -101.67
CA ARG CA 100 -11.07 -79.12 -100.29
C ARG CA 100 -9.65 -78.79 -99.83
N LEU CA 101 -8.64 -79.44 -100.40
CA LEU CA 101 -7.28 -79.03 -100.09
C LEU CA 101 -6.96 -77.63 -100.62
N LEU CA 102 -7.30 -77.34 -101.87
CA LEU CA 102 -6.85 -76.07 -102.43
C LEU CA 102 -7.76 -74.91 -102.05
N LEU CA 103 -9.05 -75.04 -102.28
CA LEU CA 103 -9.90 -73.87 -102.39
C LEU CA 103 -10.22 -73.28 -101.02
N PRO CA 104 -10.29 -71.96 -100.92
CA PRO CA 104 -10.74 -71.33 -99.67
C PRO CA 104 -12.25 -71.35 -99.51
N GLY CA 105 -12.72 -72.24 -98.63
CA GLY CA 105 -14.06 -72.20 -98.08
C GLY CA 105 -15.24 -72.34 -99.01
N GLU CA 106 -16.05 -71.27 -99.08
CA GLU CA 106 -17.29 -71.32 -99.86
C GLU CA 106 -17.02 -71.53 -101.35
N LEU CA 107 -15.84 -71.13 -101.81
CA LEU CA 107 -15.36 -71.53 -103.12
C LEU CA 107 -15.32 -73.05 -103.23
N ALA CA 108 -14.77 -73.72 -102.21
CA ALA CA 108 -14.69 -75.17 -102.26
C ALA CA 108 -16.06 -75.81 -102.21
N LYS CA 109 -16.95 -75.35 -101.33
CA LYS CA 109 -18.29 -75.95 -101.27
C LYS CA 109 -19.08 -75.71 -102.55
N HIS CA 110 -19.03 -74.50 -103.10
CA HIS CA 110 -19.76 -74.25 -104.34
C HIS CA 110 -19.17 -75.01 -105.51
N ALA CA 111 -17.84 -75.13 -105.56
CA ALA CA 111 -17.19 -75.90 -106.59
C ALA CA 111 -17.57 -77.37 -106.50
N VAL CA 112 -17.65 -77.90 -105.28
CA VAL CA 112 -18.10 -79.26 -105.05
C VAL CA 112 -19.52 -79.45 -105.57
N SER CA 113 -20.39 -78.48 -105.27
CA SER CA 113 -21.79 -78.55 -105.72
C SER CA 113 -21.89 -78.54 -107.24
N GLU CA 114 -21.22 -77.58 -107.89
CA GLU CA 114 -21.30 -77.44 -109.33
C GLU CA 114 -20.70 -78.64 -110.05
N GLY CA 115 -19.55 -79.11 -109.57
CA GLY CA 115 -18.97 -80.31 -110.13
C GLY CA 115 -19.81 -81.54 -109.90
N THR CA 116 -20.53 -81.58 -108.77
CA THR CA 116 -21.44 -82.69 -108.50
C THR CA 116 -22.57 -82.73 -109.52
N LYS CA 117 -23.20 -81.60 -109.77
CA LYS CA 117 -24.25 -81.56 -110.78
C LYS CA 117 -23.71 -81.90 -112.17
N ALA CA 118 -22.54 -81.37 -112.52
CA ALA CA 118 -21.93 -81.68 -113.81
C ALA CA 118 -21.62 -83.16 -113.95
N VAL CA 119 -21.14 -83.77 -112.86
CA VAL CA 119 -20.87 -85.21 -112.86
C VAL CA 119 -22.16 -86.01 -113.02
N THR CA 120 -23.24 -85.56 -112.38
CA THR CA 120 -24.51 -86.27 -112.52
C THR CA 120 -25.03 -86.23 -113.95
N LYS CA 121 -25.04 -85.05 -114.58
CA LYS CA 121 -25.52 -85.00 -115.96
C LYS CA 121 -24.53 -85.56 -116.96
N TYR CA 122 -23.25 -85.65 -116.61
CA TYR CA 122 -22.34 -86.41 -117.44
C TYR CA 122 -22.59 -87.91 -117.30
N THR CA 123 -22.96 -88.35 -116.10
CA THR CA 123 -23.27 -89.75 -115.86
C THR CA 123 -24.50 -90.18 -116.66
N SER CA 124 -25.49 -89.30 -116.72
CA SER CA 124 -26.63 -89.45 -117.61
C SER CA 124 -26.35 -88.91 -119.01
N ALA CA 125 -25.09 -88.60 -119.31
CA ALA CA 125 -24.64 -88.10 -120.62
C ALA CA 125 -25.36 -86.84 -121.07
N LYS DA 38 5.55 -13.65 -103.34
CA LYS DA 38 6.23 -14.88 -102.98
C LYS DA 38 5.88 -16.01 -103.96
N PRO DA 39 6.91 -16.70 -104.44
CA PRO DA 39 6.68 -17.84 -105.35
C PRO DA 39 5.97 -18.98 -104.65
N HIS DA 40 5.22 -19.75 -105.43
CA HIS DA 40 4.50 -20.90 -104.91
C HIS DA 40 5.46 -22.02 -104.52
N ARG DA 41 5.24 -22.59 -103.35
CA ARG DA 41 6.03 -23.74 -102.90
C ARG DA 41 5.20 -24.56 -101.92
N TYR DA 42 5.06 -25.85 -102.21
CA TYR DA 42 4.30 -26.74 -101.36
C TYR DA 42 5.13 -27.17 -100.15
N ARG DA 43 4.43 -27.41 -99.04
CA ARG DA 43 5.09 -27.95 -97.86
C ARG DA 43 5.52 -29.39 -98.12
N PRO DA 44 6.58 -29.85 -97.44
CA PRO DA 44 7.11 -31.20 -97.73
C PRO DA 44 6.14 -32.32 -97.42
N GLY DA 45 6.20 -33.37 -98.22
CA GLY DA 45 5.40 -34.55 -98.04
C GLY DA 45 4.10 -34.56 -98.84
N THR DA 46 3.49 -33.39 -99.05
CA THR DA 46 2.20 -33.34 -99.74
C THR DA 46 2.33 -33.76 -101.19
N VAL DA 47 3.36 -33.25 -101.88
CA VAL DA 47 3.64 -33.70 -103.23
C VAL DA 47 4.02 -35.17 -103.23
N ALA DA 48 4.72 -35.61 -102.19
CA ALA DA 48 5.04 -37.03 -102.06
C ALA DA 48 3.78 -37.86 -101.88
N LEU DA 49 2.80 -37.34 -101.14
CA LEU DA 49 1.50 -38.02 -101.01
C LEU DA 49 0.79 -38.10 -102.35
N ARG DA 50 0.84 -37.02 -103.13
CA ARG DA 50 0.23 -37.03 -104.45
C ARG DA 50 0.94 -38.02 -105.37
N GLU DA 51 2.25 -38.13 -105.25
CA GLU DA 51 3.01 -39.14 -105.98
C GLU DA 51 2.61 -40.54 -105.58
N ILE DA 52 2.40 -40.76 -104.28
CA ILE DA 52 1.95 -42.06 -103.77
C ILE DA 52 0.61 -42.43 -104.39
N ARG DA 53 -0.33 -41.48 -104.38
CA ARG DA 53 -1.65 -41.73 -104.95
C ARG DA 53 -1.57 -42.02 -106.45
N ARG DA 54 -0.84 -41.17 -107.16
CA ARG DA 54 -0.65 -41.30 -108.61
C ARG DA 54 -0.04 -42.64 -108.97
N TYR DA 55 0.95 -43.08 -108.20
CA TYR DA 55 1.65 -44.31 -108.52
C TYR DA 55 0.89 -45.53 -108.04
N GLN DA 56 0.04 -45.38 -107.04
CA GLN DA 56 -0.82 -46.49 -106.65
C GLN DA 56 -1.99 -46.67 -107.62
N LYS DA 57 -2.40 -45.62 -108.33
CA LYS DA 57 -3.29 -45.87 -109.46
C LYS DA 57 -2.55 -46.44 -110.66
N SER DA 58 -1.36 -45.93 -110.94
CA SER DA 58 -0.68 -46.30 -112.16
C SER DA 58 0.06 -47.63 -112.01
N THR DA 59 0.25 -48.31 -113.15
CA THR DA 59 0.83 -49.65 -113.16
C THR DA 59 2.12 -49.75 -113.97
N GLU DA 60 2.55 -48.69 -114.64
CA GLU DA 60 3.66 -48.77 -115.56
C GLU DA 60 4.99 -48.92 -114.84
N LEU DA 61 6.00 -49.32 -115.60
CA LEU DA 61 7.37 -49.41 -115.09
C LEU DA 61 7.91 -48.02 -114.81
N LEU DA 62 8.71 -47.92 -113.74
CA LEU DA 62 9.19 -46.61 -113.29
C LEU DA 62 10.68 -46.42 -113.54
N ILE DA 63 11.42 -47.47 -113.81
CA ILE DA 63 12.83 -47.37 -114.19
C ILE DA 63 12.90 -47.21 -115.70
N ARG DA 64 13.88 -46.45 -116.17
CA ARG DA 64 14.19 -46.46 -117.59
C ARG DA 64 14.72 -47.84 -117.94
N LYS DA 65 14.15 -48.45 -118.98
CA LYS DA 65 14.32 -49.88 -119.15
C LYS DA 65 15.70 -50.21 -119.71
N LEU DA 66 16.28 -49.33 -120.53
CA LEU DA 66 17.57 -49.61 -121.18
C LEU DA 66 18.68 -49.85 -120.15
N PRO DA 67 18.82 -49.06 -119.07
CA PRO DA 67 19.73 -49.50 -118.00
C PRO DA 67 19.34 -50.82 -117.36
N PHE DA 68 18.05 -51.17 -117.36
CA PHE DA 68 17.66 -52.47 -116.80
C PHE DA 68 18.18 -53.61 -117.67
N GLN DA 69 18.10 -53.52 -119.01
CA GLN DA 69 18.75 -54.57 -119.81
C GLN DA 69 20.26 -54.51 -119.70
N ARG DA 70 20.82 -53.32 -119.47
CA ARG DA 70 22.26 -53.23 -119.23
C ARG DA 70 22.65 -54.04 -117.98
N LEU DA 71 21.86 -53.89 -116.91
CA LEU DA 71 22.08 -54.68 -115.70
C LEU DA 71 21.85 -56.15 -115.94
N VAL DA 72 20.80 -56.49 -116.71
CA VAL DA 72 20.48 -57.88 -117.00
C VAL DA 72 21.63 -58.57 -117.73
N ARG DA 73 22.17 -57.92 -118.76
CA ARG DA 73 23.27 -58.54 -119.49
C ARG DA 73 24.56 -58.50 -118.69
N GLU DA 74 24.73 -57.48 -117.84
CA GLU DA 74 25.87 -57.39 -116.94
C GLU DA 74 25.92 -58.57 -115.99
N ILE DA 75 24.77 -58.91 -115.40
CA ILE DA 75 24.73 -60.02 -114.44
C ILE DA 75 24.73 -61.35 -115.18
N ALA DA 76 24.13 -61.38 -116.38
CA ALA DA 76 24.02 -62.63 -117.12
C ALA DA 76 25.36 -63.11 -117.64
N GLN DA 77 26.21 -62.19 -118.09
CA GLN DA 77 27.52 -62.59 -118.59
C GLN DA 77 28.43 -63.11 -117.49
N ASP DA 78 28.09 -62.87 -116.23
CA ASP DA 78 28.85 -63.41 -115.10
C ASP DA 78 28.64 -64.91 -114.92
N PHE DA 79 27.57 -65.48 -115.47
CA PHE DA 79 27.36 -66.91 -115.47
C PHE DA 79 27.70 -67.54 -116.80
N LYS DA 80 27.21 -66.97 -117.90
CA LYS DA 80 27.58 -67.40 -119.23
C LYS DA 80 27.49 -66.22 -120.17
N THR DA 81 28.55 -65.98 -120.94
CA THR DA 81 28.64 -64.86 -121.83
C THR DA 81 27.96 -65.21 -123.16
N ASP DA 82 27.58 -64.18 -123.92
CA ASP DA 82 26.94 -64.28 -125.24
C ASP DA 82 25.59 -64.97 -125.16
N LEU DA 83 24.85 -64.71 -124.09
CA LEU DA 83 23.46 -65.13 -124.03
C LEU DA 83 22.56 -64.06 -124.62
N ARG DA 84 21.63 -64.49 -125.45
CA ARG DA 84 20.68 -63.59 -126.09
C ARG DA 84 19.42 -63.57 -125.25
N PHE DA 85 18.56 -62.58 -125.48
CA PHE DA 85 17.43 -62.36 -124.59
C PHE DA 85 16.17 -62.05 -125.36
N GLN DA 86 15.10 -62.76 -125.05
CA GLN DA 86 13.78 -62.25 -125.38
C GLN DA 86 13.56 -60.95 -124.62
N SER DA 87 13.01 -59.96 -125.31
CA SER DA 87 12.63 -58.72 -124.63
C SER DA 87 11.51 -58.98 -123.64
N SER DA 88 10.59 -59.89 -123.99
CA SER DA 88 9.56 -60.32 -123.06
C SER DA 88 10.13 -60.98 -121.82
N ALA DA 89 11.23 -61.72 -121.96
CA ALA DA 89 11.91 -62.29 -120.80
C ALA DA 89 12.38 -61.20 -119.85
N VAL DA 90 12.96 -60.13 -120.40
CA VAL DA 90 13.44 -59.02 -119.59
C VAL DA 90 12.27 -58.27 -118.97
N MET DA 91 11.14 -58.17 -119.69
CA MET DA 91 9.97 -57.51 -119.12
C MET DA 91 9.38 -58.32 -117.97
N ALA DA 92 9.40 -59.65 -118.09
CA ALA DA 92 8.97 -60.50 -116.98
C ALA DA 92 9.90 -60.34 -115.78
N LEU DA 93 11.21 -60.29 -116.04
CA LEU DA 93 12.19 -60.03 -114.98
C LEU DA 93 11.92 -58.71 -114.30
N GLN DA 94 11.60 -57.68 -115.09
CA GLN DA 94 11.29 -56.37 -114.53
C GLN DA 94 10.05 -56.43 -113.65
N GLU DA 95 8.94 -56.95 -114.20
CA GLU DA 95 7.67 -56.98 -113.46
C GLU DA 95 7.80 -57.73 -112.14
N ALA DA 96 8.49 -58.87 -112.16
CA ALA DA 96 8.77 -59.59 -110.92
C ALA DA 96 9.68 -58.77 -109.99
N SER DA 97 10.67 -58.08 -110.55
CA SER DA 97 11.66 -57.38 -109.75
C SER DA 97 11.03 -56.22 -108.98
N GLU DA 98 10.46 -55.25 -109.69
CA GLU DA 98 9.80 -54.16 -108.99
C GLU DA 98 8.55 -54.60 -108.23
N ALA DA 99 7.93 -55.75 -108.58
CA ALA DA 99 6.85 -56.24 -107.73
C ALA DA 99 7.38 -56.66 -106.36
N TYR DA 100 8.48 -57.40 -106.35
CA TYR DA 100 9.13 -57.78 -105.10
C TYR DA 100 9.61 -56.57 -104.33
N LEU DA 101 10.17 -55.58 -105.04
CA LEU DA 101 10.60 -54.35 -104.39
C LEU DA 101 9.44 -53.57 -103.81
N VAL DA 102 8.28 -53.56 -104.48
CA VAL DA 102 7.12 -52.85 -103.97
C VAL DA 102 6.62 -53.50 -102.69
N GLY DA 103 6.48 -54.83 -102.70
CA GLY DA 103 6.03 -55.52 -101.51
C GLY DA 103 7.00 -55.35 -100.35
N LEU DA 104 8.30 -55.40 -100.65
CA LEU DA 104 9.33 -55.05 -99.68
C LEU DA 104 9.16 -53.63 -99.17
N PHE DA 105 8.71 -52.71 -100.04
CA PHE DA 105 8.57 -51.33 -99.61
C PHE DA 105 7.37 -51.12 -98.71
N GLU DA 106 6.25 -51.81 -98.93
CA GLU DA 106 5.16 -51.71 -97.96
C GLU DA 106 5.57 -52.33 -96.63
N ASP DA 107 6.33 -53.43 -96.68
CA ASP DA 107 6.85 -54.00 -95.43
C ASP DA 107 7.81 -53.05 -94.72
N THR DA 108 8.65 -52.36 -95.49
CA THR DA 108 9.57 -51.37 -94.95
C THR DA 108 8.83 -50.20 -94.33
N ASN DA 109 7.76 -49.76 -94.98
CA ASN DA 109 6.94 -48.67 -94.44
C ASN DA 109 6.26 -49.10 -93.15
N LEU DA 110 5.76 -50.33 -93.11
CA LEU DA 110 5.17 -50.86 -91.88
C LEU DA 110 6.19 -50.92 -90.75
N ALA DA 111 7.42 -51.29 -91.08
CA ALA DA 111 8.50 -51.28 -90.08
C ALA DA 111 8.79 -49.86 -89.60
N ALA DA 112 8.83 -48.90 -90.53
CA ALA DA 112 9.14 -47.52 -90.17
C ALA DA 112 8.05 -46.92 -89.28
N ILE DA 113 6.79 -47.23 -89.58
CA ILE DA 113 5.70 -46.78 -88.73
C ILE DA 113 5.73 -47.48 -87.38
N HIS DA 114 6.02 -48.79 -87.37
CA HIS DA 114 5.86 -49.59 -86.17
C HIS DA 114 6.90 -49.24 -85.12
N ALA DA 115 8.03 -48.67 -85.54
CA ALA DA 115 8.99 -48.09 -84.61
C ALA DA 115 8.74 -46.61 -84.39
N LYS DA 116 7.49 -46.17 -84.52
CA LYS DA 116 7.00 -44.85 -84.09
C LYS DA 116 7.60 -43.73 -84.93
N ARG DA 117 7.76 -43.95 -86.22
CA ARG DA 117 8.40 -42.99 -87.11
C ARG DA 117 7.64 -42.92 -88.42
N VAL DA 118 8.10 -42.04 -89.31
CA VAL DA 118 7.65 -42.03 -90.70
C VAL DA 118 8.79 -42.20 -91.68
N THR DA 119 10.04 -42.01 -91.28
CA THR DA 119 11.18 -42.03 -92.18
C THR DA 119 11.82 -43.42 -92.14
N ILE DA 120 12.12 -43.98 -93.30
CA ILE DA 120 12.74 -45.29 -93.36
C ILE DA 120 14.24 -45.17 -93.13
N MET DA 121 14.81 -46.19 -92.51
CA MET DA 121 16.24 -46.40 -92.35
C MET DA 121 16.55 -47.84 -92.73
N PRO DA 122 17.83 -48.15 -93.01
CA PRO DA 122 18.16 -49.52 -93.45
C PRO DA 122 17.84 -50.62 -92.46
N LYS DA 123 17.72 -50.30 -91.17
CA LYS DA 123 17.37 -51.32 -90.19
C LYS DA 123 15.97 -51.87 -90.44
N ASP DA 124 15.08 -51.06 -91.01
CA ASP DA 124 13.81 -51.56 -91.52
C ASP DA 124 14.03 -52.65 -92.56
N ILE DA 125 14.94 -52.41 -93.50
CA ILE DA 125 15.22 -53.35 -94.58
C ILE DA 125 15.81 -54.63 -94.02
N GLN DA 126 16.74 -54.49 -93.06
CA GLN DA 126 17.38 -55.66 -92.47
C GLN DA 126 16.38 -56.50 -91.70
N LEU DA 127 15.51 -55.85 -90.92
CA LEU DA 127 14.48 -56.57 -90.19
C LEU DA 127 13.51 -57.27 -91.15
N ALA DA 128 13.14 -56.59 -92.23
CA ALA DA 128 12.24 -57.18 -93.22
C ALA DA 128 12.88 -58.40 -93.88
N ARG DA 129 14.17 -58.30 -94.18
CA ARG DA 129 14.88 -59.41 -94.80
C ARG DA 129 14.96 -60.60 -93.85
N ARG DA 130 15.20 -60.35 -92.56
CA ARG DA 130 15.20 -61.45 -91.60
C ARG DA 130 13.83 -62.08 -91.43
N ILE DA 131 12.78 -61.27 -91.31
CA ILE DA 131 11.46 -61.84 -91.01
C ILE DA 131 10.85 -62.47 -92.25
N ARG DA 132 11.34 -62.10 -93.43
CA ARG DA 132 10.93 -62.79 -94.65
C ARG DA 132 11.71 -64.08 -94.87
N GLY DA 133 12.60 -64.43 -93.94
CA GLY DA 133 13.41 -65.62 -94.10
C GLY DA 133 14.53 -65.45 -95.10
N GLU DA 134 14.94 -64.22 -95.37
CA GLU DA 134 15.93 -63.96 -96.41
C GLU DA 134 17.27 -63.59 -95.78
N LYS EA 21 32.85 -54.92 -124.41
CA LYS EA 21 32.40 -56.30 -124.31
C LYS EA 21 31.91 -56.62 -122.90
N VAL EA 22 32.66 -56.13 -121.90
CA VAL EA 22 32.28 -56.34 -120.51
C VAL EA 22 31.44 -55.16 -120.02
N LEU EA 23 30.75 -55.37 -118.90
CA LEU EA 23 29.91 -54.35 -118.29
C LEU EA 23 30.35 -54.15 -116.85
N ARG EA 24 30.51 -52.89 -116.46
CA ARG EA 24 31.19 -52.53 -115.22
C ARG EA 24 30.32 -51.77 -114.23
N ASP EA 25 29.46 -50.87 -114.68
CA ASP EA 25 28.61 -50.11 -113.75
C ASP EA 25 27.31 -49.74 -114.46
N ASN EA 26 26.29 -50.56 -114.26
CA ASN EA 26 24.93 -50.18 -114.58
C ASN EA 26 24.03 -50.14 -113.36
N ILE EA 27 24.55 -50.52 -112.19
CA ILE EA 27 23.79 -50.43 -110.96
C ILE EA 27 23.60 -48.98 -110.55
N GLN EA 28 24.52 -48.10 -110.95
CA GLN EA 28 24.29 -46.68 -110.75
C GLN EA 28 23.42 -46.07 -111.84
N GLY EA 29 23.04 -46.86 -112.84
CA GLY EA 29 21.94 -46.50 -113.70
C GLY EA 29 20.58 -46.66 -113.05
N ILE EA 30 20.52 -47.25 -111.86
CA ILE EA 30 19.30 -47.29 -111.05
C ILE EA 30 19.19 -45.90 -110.43
N THR EA 31 18.38 -45.05 -111.05
CA THR EA 31 18.26 -43.69 -110.57
C THR EA 31 17.46 -43.64 -109.27
N LYS EA 32 17.95 -42.85 -108.33
CA LYS EA 32 17.21 -42.60 -107.10
C LYS EA 32 15.85 -41.94 -107.30
N PRO EA 33 15.56 -41.19 -108.38
CA PRO EA 33 14.16 -40.95 -108.68
C PRO EA 33 13.36 -42.20 -109.00
N ALA EA 34 13.94 -43.19 -109.67
CA ALA EA 34 13.20 -44.43 -109.87
C ALA EA 34 13.00 -45.17 -108.56
N ILE EA 35 14.02 -45.16 -107.69
CA ILE EA 35 13.92 -45.80 -106.39
C ILE EA 35 12.84 -45.14 -105.56
N ARG EA 36 12.79 -43.81 -105.58
CA ARG EA 36 11.77 -43.12 -104.80
C ARG EA 36 10.40 -43.24 -105.48
N ARG EA 37 10.36 -43.43 -106.80
CA ARG EA 37 9.08 -43.71 -107.46
C ARG EA 37 8.51 -45.05 -106.98
N LEU EA 38 9.37 -46.07 -106.90
CA LEU EA 38 8.92 -47.34 -106.34
C LEU EA 38 8.57 -47.22 -104.87
N ALA EA 39 9.28 -46.33 -104.16
CA ALA EA 39 8.95 -46.06 -102.76
C ALA EA 39 7.57 -45.43 -102.62
N ARG EA 40 7.22 -44.51 -103.51
CA ARG EA 40 5.88 -43.93 -103.48
C ARG EA 40 4.83 -44.94 -103.88
N ARG EA 41 5.11 -45.76 -104.90
CA ARG EA 41 4.21 -46.86 -105.22
C ARG EA 41 4.24 -47.93 -104.13
N GLY EA 42 5.38 -48.09 -103.47
CA GLY EA 42 5.43 -48.91 -102.28
C GLY EA 42 4.92 -48.24 -101.02
N GLY EA 43 4.54 -46.97 -101.12
CA GLY EA 43 3.94 -46.27 -99.99
C GLY EA 43 4.90 -45.62 -99.03
N VAL EA 44 6.18 -45.52 -99.37
CA VAL EA 44 7.17 -44.90 -98.49
C VAL EA 44 7.11 -43.39 -98.67
N LYS EA 45 7.04 -42.66 -97.54
CA LYS EA 45 6.91 -41.21 -97.57
C LYS EA 45 8.26 -40.53 -97.47
N ARG EA 46 9.01 -40.76 -96.39
CA ARG EA 46 10.28 -40.08 -96.18
C ARG EA 46 11.39 -41.10 -96.25
N ILE EA 47 12.43 -40.77 -97.02
CA ILE EA 47 13.46 -41.72 -97.41
C ILE EA 47 14.80 -41.17 -96.92
N SER EA 48 15.59 -42.01 -96.26
CA SER EA 48 16.94 -41.64 -95.91
C SER EA 48 17.84 -41.64 -97.16
N GLY EA 49 18.97 -40.93 -97.06
CA GLY EA 49 19.90 -40.88 -98.17
C GLY EA 49 20.70 -42.15 -98.36
N LEU EA 50 20.83 -42.97 -97.32
CA LEU EA 50 21.65 -44.17 -97.37
C LEU EA 50 20.91 -45.39 -97.91
N ILE EA 51 19.63 -45.23 -98.23
CA ILE EA 51 18.78 -46.37 -98.60
C ILE EA 51 19.20 -46.94 -99.95
N TYR EA 52 19.58 -46.07 -100.90
CA TYR EA 52 19.56 -46.39 -102.33
C TYR EA 52 20.53 -47.52 -102.67
N GLU EA 53 21.78 -47.42 -102.24
CA GLU EA 53 22.79 -48.39 -102.65
C GLU EA 53 22.52 -49.75 -102.01
N GLU EA 54 22.01 -49.76 -100.78
CA GLU EA 54 21.67 -51.01 -100.13
C GLU EA 54 20.52 -51.73 -100.83
N THR EA 55 19.47 -50.99 -101.19
CA THR EA 55 18.40 -51.62 -101.98
C THR EA 55 18.90 -52.07 -103.35
N ARG EA 56 19.83 -51.32 -103.94
CA ARG EA 56 20.46 -51.75 -105.18
C ARG EA 56 21.15 -53.10 -105.01
N GLY EA 57 21.91 -53.25 -103.93
CA GLY EA 57 22.58 -54.51 -103.66
C GLY EA 57 21.60 -55.64 -103.41
N VAL EA 58 20.51 -55.36 -102.69
CA VAL EA 58 19.53 -56.39 -102.37
C VAL EA 58 18.82 -56.88 -103.63
N LEU EA 59 18.37 -55.93 -104.46
CA LEU EA 59 17.70 -56.32 -105.71
C LEU EA 59 18.68 -57.02 -106.64
N LYS EA 60 19.96 -56.61 -106.61
CA LYS EA 60 20.98 -57.28 -107.40
C LYS EA 60 21.15 -58.72 -106.96
N VAL EA 61 21.15 -58.96 -105.65
CA VAL EA 61 21.18 -60.32 -105.11
C VAL EA 61 20.01 -61.13 -105.63
N PHE EA 62 18.81 -60.52 -105.61
CA PHE EA 62 17.63 -61.15 -106.17
C PHE EA 62 17.81 -61.47 -107.65
N LEU EA 63 18.48 -60.57 -108.37
CA LEU EA 63 18.72 -60.77 -109.79
C LEU EA 63 19.63 -61.96 -110.05
N GLU EA 64 20.73 -62.11 -109.29
CA GLU EA 64 21.55 -63.30 -109.51
C GLU EA 64 20.81 -64.56 -109.10
N ASN EA 65 19.96 -64.46 -108.07
CA ASN EA 65 19.17 -65.61 -107.63
C ASN EA 65 18.26 -66.10 -108.74
N VAL EA 66 17.68 -65.18 -109.50
CA VAL EA 66 16.82 -65.59 -110.61
C VAL EA 66 17.67 -66.03 -111.80
N ILE EA 67 18.67 -65.23 -112.17
CA ILE EA 67 19.28 -65.39 -113.49
C ILE EA 67 20.28 -66.54 -113.48
N ARG EA 68 20.76 -66.94 -112.30
CA ARG EA 68 21.61 -68.12 -112.20
C ARG EA 68 20.86 -69.36 -112.66
N ASP EA 69 19.65 -69.53 -112.12
CA ASP EA 69 18.83 -70.66 -112.53
C ASP EA 69 18.30 -70.47 -113.94
N ALA EA 70 18.10 -69.22 -114.37
CA ALA EA 70 17.71 -68.98 -115.76
C ALA EA 70 18.82 -69.38 -116.73
N VAL EA 71 20.07 -69.07 -116.39
CA VAL EA 71 21.22 -69.51 -117.15
C VAL EA 71 21.29 -71.03 -117.19
N THR EA 72 21.04 -71.67 -116.04
CA THR EA 72 21.01 -73.12 -115.99
C THR EA 72 19.91 -73.70 -116.88
N TYR EA 73 18.76 -73.02 -116.92
CA TYR EA 73 17.66 -73.42 -117.79
C TYR EA 73 18.07 -73.37 -119.26
N THR EA 74 18.63 -72.24 -119.68
CA THR EA 74 19.00 -72.05 -121.08
C THR EA 74 20.11 -73.02 -121.48
N GLU EA 75 21.01 -73.30 -120.54
CA GLU EA 75 22.05 -74.30 -120.76
C GLU EA 75 21.45 -75.69 -120.93
N HIS EA 76 20.51 -76.06 -120.06
CA HIS EA 76 19.90 -77.38 -120.18
C HIS EA 76 18.92 -77.43 -121.34
N ALA EA 77 18.32 -76.29 -121.69
CA ALA EA 77 17.54 -76.21 -122.92
C ALA EA 77 18.42 -76.08 -124.16
N LYS EA 78 19.75 -76.08 -123.97
CA LYS EA 78 20.74 -76.14 -125.04
C LYS EA 78 20.67 -74.94 -125.97
N ARG EA 79 20.36 -73.77 -125.42
CA ARG EA 79 20.25 -72.56 -126.22
C ARG EA 79 21.24 -71.51 -125.75
N LYS EA 80 21.35 -70.46 -126.55
CA LYS EA 80 22.10 -69.26 -126.19
C LYS EA 80 21.21 -68.03 -126.15
N THR EA 81 19.90 -68.23 -126.17
CA THR EA 81 18.93 -67.15 -126.08
C THR EA 81 18.04 -67.37 -124.86
N VAL EA 82 17.90 -66.34 -124.04
CA VAL EA 82 17.07 -66.45 -122.85
C VAL EA 82 15.62 -66.12 -123.21
N THR EA 83 14.72 -67.02 -122.86
CA THR EA 83 13.30 -66.87 -123.15
C THR EA 83 12.51 -66.64 -121.87
N ALA EA 84 11.28 -66.15 -122.05
CA ALA EA 84 10.44 -65.79 -120.91
C ALA EA 84 9.90 -67.02 -120.20
N MET EA 85 9.89 -68.17 -120.86
CA MET EA 85 9.34 -69.37 -120.23
C MET EA 85 10.28 -69.87 -119.15
N ASP EA 86 11.58 -69.81 -119.43
CA ASP EA 86 12.58 -70.08 -118.40
C ASP EA 86 12.51 -69.06 -117.29
N VAL EA 87 12.18 -67.81 -117.62
CA VAL EA 87 11.95 -66.78 -116.60
C VAL EA 87 10.77 -67.17 -115.72
N VAL EA 88 9.74 -67.75 -116.32
CA VAL EA 88 8.58 -68.22 -115.57
C VAL EA 88 8.98 -69.31 -114.60
N TYR EA 89 9.81 -70.25 -115.06
CA TYR EA 89 10.33 -71.28 -114.17
C TYR EA 89 11.17 -70.67 -113.04
N ALA EA 90 12.02 -69.69 -113.39
CA ALA EA 90 12.96 -69.11 -112.44
C ALA EA 90 12.26 -68.30 -111.37
N LEU EA 91 11.16 -67.66 -111.72
CA LEU EA 91 10.36 -67.00 -110.70
C LEU EA 91 9.54 -68.01 -109.91
N LYS EA 92 9.12 -69.10 -110.55
CA LYS EA 92 8.10 -69.94 -109.92
C LYS EA 92 8.71 -70.93 -108.92
N ARG EA 93 9.99 -71.28 -109.06
CA ARG EA 93 10.54 -72.21 -108.06
C ARG EA 93 10.87 -71.48 -106.77
N GLN EA 94 10.89 -70.16 -106.78
CA GLN EA 94 10.73 -69.39 -105.55
C GLN EA 94 9.29 -68.97 -105.28
N GLY EA 95 8.34 -69.43 -106.08
CA GLY EA 95 6.95 -69.08 -105.84
C GLY EA 95 6.61 -67.63 -106.04
N ARG EA 96 7.08 -67.01 -107.11
CA ARG EA 96 6.84 -65.60 -107.39
C ARG EA 96 5.96 -65.46 -108.62
N THR EA 97 4.90 -66.28 -108.63
CA THR EA 97 4.18 -66.70 -109.83
C THR EA 97 3.60 -65.53 -110.62
N LEU EA 98 4.12 -65.33 -111.83
CA LEU EA 98 3.75 -64.19 -112.66
C LEU EA 98 2.97 -64.69 -113.87
N TYR EA 99 1.84 -64.07 -114.13
CA TYR EA 99 0.92 -64.49 -115.18
C TYR EA 99 1.01 -63.55 -116.36
N GLY EA 100 0.79 -64.10 -117.55
CA GLY EA 100 0.88 -63.32 -118.78
C GLY EA 100 2.18 -63.51 -119.54
N PHE EA 101 3.17 -64.19 -118.96
CA PHE EA 101 4.39 -64.51 -119.68
C PHE EA 101 4.53 -66.01 -119.93
N GLY EA 102 3.63 -66.82 -119.39
CA GLY EA 102 3.68 -68.25 -119.66
C GLY EA 102 2.88 -68.62 -120.91
N GLY EA 103 3.43 -69.55 -121.68
CA GLY EA 103 2.79 -70.00 -122.90
C GLY EA 103 3.77 -70.63 -123.89
N ALA FA 28 25.56 -121.10 -116.88
CA ALA FA 28 24.22 -120.93 -117.43
C ALA FA 28 23.82 -119.46 -117.41
N ARG FA 29 23.97 -118.83 -116.25
CA ARG FA 29 23.63 -117.43 -116.08
C ARG FA 29 24.67 -116.78 -115.19
N ALA FA 30 24.90 -115.49 -115.41
CA ALA FA 30 25.95 -114.77 -114.69
C ALA FA 30 25.59 -114.59 -113.22
N LYS FA 31 26.63 -114.34 -112.42
CA LYS FA 31 26.44 -114.09 -111.00
C LYS FA 31 25.65 -112.80 -110.78
N ALA FA 32 24.71 -112.85 -109.85
CA ALA FA 32 23.95 -111.65 -109.49
C ALA FA 32 24.88 -110.64 -108.83
N LYS FA 33 25.04 -109.49 -109.47
CA LYS FA 33 25.98 -108.48 -109.04
C LYS FA 33 25.24 -107.16 -108.95
N THR FA 34 25.34 -106.48 -107.81
CA THR FA 34 24.50 -105.32 -107.58
C THR FA 34 25.04 -104.10 -108.31
N ARG FA 35 24.10 -103.29 -108.81
CA ARG FA 35 24.44 -102.06 -109.50
C ARG FA 35 25.06 -101.02 -108.57
N SER FA 36 24.71 -101.06 -107.28
CA SER FA 36 25.36 -100.19 -106.32
C SER FA 36 26.85 -100.52 -106.20
N SER FA 37 27.18 -101.80 -106.14
CA SER FA 37 28.58 -102.21 -106.13
C SER FA 37 29.26 -101.83 -107.42
N ARG FA 38 28.52 -101.92 -108.53
CA ARG FA 38 29.06 -101.51 -109.82
C ARG FA 38 29.39 -100.03 -109.83
N ALA FA 39 28.49 -99.23 -109.28
CA ALA FA 39 28.76 -97.81 -109.06
C ALA FA 39 29.51 -97.57 -107.76
N GLY FA 40 29.91 -98.65 -107.08
CA GLY FA 40 30.69 -98.52 -105.87
C GLY FA 40 29.91 -97.95 -104.71
N LEU FA 41 28.59 -97.97 -104.80
CA LEU FA 41 27.72 -97.21 -103.91
C LEU FA 41 27.09 -98.12 -102.88
N GLN FA 42 26.38 -97.48 -101.95
CA GLN FA 42 25.76 -98.13 -100.82
C GLN FA 42 24.25 -98.19 -100.95
N PHE FA 43 23.64 -97.10 -101.39
CA PHE FA 43 22.19 -97.01 -101.49
C PHE FA 43 21.71 -97.93 -102.62
N PRO FA 44 20.57 -98.58 -102.42
CA PRO FA 44 20.08 -99.52 -103.44
C PRO FA 44 19.55 -98.78 -104.66
N VAL FA 45 20.33 -98.82 -105.75
CA VAL FA 45 19.97 -98.11 -106.97
C VAL FA 45 18.78 -98.79 -107.63
N GLY FA 46 18.66 -100.11 -107.45
CA GLY FA 46 17.47 -100.81 -107.93
C GLY FA 46 16.20 -100.35 -107.24
N ARG FA 47 16.27 -100.19 -105.91
CA ARG FA 47 15.13 -99.65 -105.17
C ARG FA 47 14.83 -98.22 -105.58
N VAL FA 48 15.88 -97.41 -105.78
CA VAL FA 48 15.70 -96.03 -106.24
C VAL FA 48 15.00 -96.00 -107.58
N HIS FA 49 15.44 -96.82 -108.52
CA HIS FA 49 14.88 -96.85 -109.87
C HIS FA 49 13.45 -97.38 -109.84
N ARG FA 50 13.18 -98.35 -108.98
CA ARG FA 50 11.83 -98.87 -108.83
C ARG FA 50 10.90 -97.80 -108.27
N LEU FA 51 11.34 -97.05 -107.26
CA LEU FA 51 10.51 -95.99 -106.71
C LEU FA 51 10.32 -94.85 -107.70
N LEU FA 52 11.30 -94.65 -108.59
CA LEU FA 52 11.09 -93.74 -109.71
C LEU FA 52 9.98 -94.24 -110.62
N ARG FA 53 10.01 -95.54 -110.94
CA ARG FA 53 9.01 -96.10 -111.85
C ARG FA 53 7.62 -96.07 -111.24
N LYS FA 54 7.51 -96.34 -109.95
CA LYS FA 54 6.25 -96.19 -109.26
C LYS FA 54 5.94 -94.74 -108.95
N GLY FA 55 6.94 -93.86 -109.01
CA GLY FA 55 6.68 -92.45 -108.89
C GLY FA 55 6.16 -91.80 -110.13
N ASN FA 56 6.19 -92.54 -111.26
CA ASN FA 56 5.59 -92.13 -112.53
C ASN FA 56 6.14 -90.80 -113.04
N TYR FA 57 7.43 -90.57 -112.83
CA TYR FA 57 8.02 -89.32 -113.27
C TYR FA 57 8.24 -89.27 -114.78
N SER FA 58 8.53 -90.40 -115.40
CA SER FA 58 8.60 -90.49 -116.85
C SER FA 58 8.32 -91.93 -117.25
N GLU FA 59 7.95 -92.10 -118.52
CA GLU FA 59 7.60 -93.44 -119.01
C GLU FA 59 8.84 -94.29 -119.28
N ARG FA 60 10.00 -93.65 -119.45
CA ARG FA 60 11.30 -94.32 -119.43
C ARG FA 60 12.27 -93.51 -118.60
N VAL FA 61 13.30 -94.18 -118.09
CA VAL FA 61 14.36 -93.55 -117.31
C VAL FA 61 15.69 -94.11 -117.78
N GLY FA 62 16.65 -93.23 -118.06
CA GLY FA 62 17.99 -93.67 -118.39
C GLY FA 62 18.69 -94.34 -117.23
N ALA FA 63 19.69 -95.15 -117.57
CA ALA FA 63 20.34 -96.01 -116.59
C ALA FA 63 21.13 -95.21 -115.56
N GLY FA 64 21.82 -94.15 -115.98
CA GLY FA 64 22.66 -93.41 -115.06
C GLY FA 64 21.93 -92.46 -114.14
N ALA FA 65 20.64 -92.24 -114.39
CA ALA FA 65 19.86 -91.33 -113.55
C ALA FA 65 19.71 -91.81 -112.10
N PRO FA 66 19.25 -93.04 -111.80
CA PRO FA 66 19.15 -93.42 -110.38
C PRO FA 66 20.51 -93.59 -109.72
N VAL FA 67 21.54 -93.91 -110.50
CA VAL FA 67 22.90 -93.95 -109.98
C VAL FA 67 23.32 -92.57 -109.50
N TYR FA 68 23.08 -91.56 -110.34
CA TYR FA 68 23.44 -90.18 -110.00
C TYR FA 68 22.64 -89.71 -108.79
N LEU FA 69 21.35 -90.08 -108.75
CA LEU FA 69 20.51 -89.80 -107.58
C LEU FA 69 21.10 -90.41 -106.32
N ALA FA 70 21.41 -91.70 -106.34
CA ALA FA 70 21.93 -92.37 -105.16
C ALA FA 70 23.22 -91.69 -104.70
N ALA FA 71 24.13 -91.43 -105.65
CA ALA FA 71 25.45 -90.88 -105.36
C ALA FA 71 25.35 -89.50 -104.70
N VAL FA 72 24.51 -88.62 -105.23
CA VAL FA 72 24.38 -87.31 -104.60
C VAL FA 72 23.67 -87.41 -103.24
N LEU FA 73 22.81 -88.42 -103.08
CA LEU FA 73 22.29 -88.66 -101.73
C LEU FA 73 23.36 -89.12 -100.74
N GLU FA 74 24.30 -89.99 -101.14
CA GLU FA 74 25.37 -90.25 -100.17
C GLU FA 74 26.23 -89.02 -99.95
N TYR FA 75 26.32 -88.13 -100.96
CA TYR FA 75 27.12 -86.93 -100.78
C TYR FA 75 26.51 -86.01 -99.72
N LEU FA 76 25.22 -85.71 -99.87
CA LEU FA 76 24.54 -84.88 -98.87
C LEU FA 76 24.49 -85.57 -97.52
N THR FA 77 24.24 -86.88 -97.51
CA THR FA 77 24.18 -87.62 -96.27
C THR FA 77 25.52 -87.60 -95.55
N ALA FA 78 26.61 -87.76 -96.30
CA ALA FA 78 27.94 -87.70 -95.72
C ALA FA 78 28.23 -86.33 -95.15
N GLU FA 79 27.81 -85.27 -95.85
CA GLU FA 79 28.04 -83.93 -95.34
C GLU FA 79 27.27 -83.67 -94.05
N ILE FA 80 25.98 -84.03 -94.03
CA ILE FA 80 25.17 -83.74 -92.86
C ILE FA 80 25.58 -84.63 -91.69
N LEU FA 81 26.02 -85.85 -91.96
CA LEU FA 81 26.47 -86.73 -90.88
C LEU FA 81 27.85 -86.31 -90.39
N GLU FA 82 28.67 -85.72 -91.25
CA GLU FA 82 29.90 -85.08 -90.83
C GLU FA 82 29.60 -83.95 -89.85
N LEU FA 83 28.62 -83.12 -90.18
CA LEU FA 83 28.23 -82.03 -89.30
C LEU FA 83 27.67 -82.58 -87.98
N ALA FA 84 26.88 -83.65 -88.06
CA ALA FA 84 26.32 -84.26 -86.87
C ALA FA 84 27.41 -84.85 -85.98
N GLY FA 85 28.44 -85.44 -86.60
CA GLY FA 85 29.57 -85.93 -85.82
C GLY FA 85 30.34 -84.81 -85.16
N ASN FA 86 30.50 -83.68 -85.86
CA ASN FA 86 31.15 -82.52 -85.26
C ASN FA 86 30.36 -82.03 -84.05
N ALA FA 87 29.04 -81.95 -84.18
CA ALA FA 87 28.19 -81.54 -83.07
C ALA FA 87 28.27 -82.53 -81.90
N ALA FA 88 28.25 -83.83 -82.21
CA ALA FA 88 28.22 -84.84 -81.16
C ALA FA 88 29.54 -84.90 -80.40
N ARG FA 89 30.66 -84.78 -81.10
CA ARG FA 89 31.95 -84.68 -80.41
C ARG FA 89 32.04 -83.37 -79.63
N ASP FA 90 31.42 -82.30 -80.14
CA ASP FA 90 31.29 -81.10 -79.31
C ASP FA 90 30.35 -81.33 -78.15
N ASN FA 91 29.31 -82.13 -78.33
CA ASN FA 91 28.37 -82.43 -77.26
C ASN FA 91 28.74 -83.69 -76.48
N LYS FA 92 29.91 -84.26 -76.75
CA LYS FA 92 30.56 -85.36 -75.99
C LYS FA 92 29.65 -86.57 -75.75
N LYS FA 93 28.73 -86.83 -76.67
CA LYS FA 93 27.89 -88.01 -76.62
C LYS FA 93 28.19 -88.92 -77.81
N THR FA 94 28.27 -90.21 -77.53
CA THR FA 94 28.65 -91.20 -78.54
C THR FA 94 27.55 -91.42 -79.58
N ARG FA 95 26.31 -91.52 -79.16
CA ARG FA 95 25.19 -91.74 -80.07
C ARG FA 95 24.54 -90.41 -80.40
N ILE FA 96 24.36 -90.15 -81.70
CA ILE FA 96 23.81 -88.87 -82.12
C ILE FA 96 22.32 -88.84 -81.88
N ILE FA 97 21.80 -87.65 -81.55
CA ILE FA 97 20.42 -87.44 -81.14
C ILE FA 97 19.88 -86.30 -82.00
N PRO FA 98 18.57 -86.08 -82.06
CA PRO FA 98 18.04 -84.95 -82.83
C PRO FA 98 18.54 -83.58 -82.40
N ARG FA 99 18.93 -83.41 -81.13
CA ARG FA 99 19.57 -82.15 -80.73
C ARG FA 99 20.91 -81.98 -81.43
N HIS FA 100 21.69 -83.06 -81.55
CA HIS FA 100 22.92 -83.00 -82.33
C HIS FA 100 22.63 -82.66 -83.79
N LEU FA 101 21.52 -83.17 -84.32
CA LEU FA 101 21.13 -82.87 -85.69
C LEU FA 101 20.83 -81.39 -85.86
N GLN FA 102 20.03 -80.83 -84.94
CA GLN FA 102 19.69 -79.40 -84.97
C GLN FA 102 20.94 -78.53 -84.87
N LEU FA 103 21.80 -78.84 -83.91
CA LEU FA 103 23.00 -78.05 -83.69
C LEU FA 103 23.96 -78.19 -84.86
N ALA FA 104 23.96 -79.34 -85.51
CA ALA FA 104 24.76 -79.52 -86.72
C ALA FA 104 24.25 -78.64 -87.84
N ILE FA 105 22.94 -78.65 -88.07
CA ILE FA 105 22.42 -78.07 -89.31
C ILE FA 105 22.28 -76.57 -89.22
N ARG FA 106 22.02 -76.04 -88.02
CA ARG FA 106 21.59 -74.65 -87.97
C ARG FA 106 22.76 -73.68 -87.82
N ASN FA 107 23.97 -74.16 -87.61
CA ASN FA 107 25.13 -73.30 -87.79
C ASN FA 107 25.70 -73.37 -89.20
N ASP FA 108 25.17 -74.26 -90.04
CA ASP FA 108 25.48 -74.23 -91.46
C ASP FA 108 24.39 -73.42 -92.15
N GLU FA 109 24.69 -72.16 -92.44
CA GLU FA 109 23.70 -71.27 -93.00
C GLU FA 109 23.38 -71.65 -94.44
N GLU FA 110 24.32 -72.28 -95.12
CA GLU FA 110 24.06 -72.81 -96.47
C GLU FA 110 22.95 -73.84 -96.46
N LEU FA 111 22.94 -74.73 -95.46
CA LEU FA 111 21.78 -75.59 -95.28
C LEU FA 111 20.56 -74.77 -94.88
N ASN FA 112 20.76 -73.65 -94.20
CA ASN FA 112 19.62 -72.84 -93.79
C ASN FA 112 18.96 -72.16 -94.98
N LYS FA 113 19.72 -71.88 -96.04
CA LYS FA 113 19.07 -71.60 -97.32
C LYS FA 113 18.46 -72.86 -97.89
N LEU FA 114 19.14 -74.00 -97.74
CA LEU FA 114 18.61 -75.24 -98.29
C LEU FA 114 17.37 -75.70 -97.54
N LEU FA 115 17.41 -75.67 -96.21
CA LEU FA 115 16.37 -76.26 -95.37
C LEU FA 115 15.84 -75.28 -94.32
N GLY FA 116 15.56 -74.05 -94.73
CA GLY FA 116 15.01 -73.07 -93.80
C GLY FA 116 13.60 -73.42 -93.36
N ARG FA 117 12.79 -73.93 -94.28
CA ARG FA 117 11.39 -74.27 -94.02
C ARG FA 117 11.23 -75.64 -93.40
N VAL FA 118 12.28 -76.19 -92.81
CA VAL FA 118 12.26 -77.52 -92.24
C VAL FA 118 12.24 -77.42 -90.73
N THR FA 119 11.32 -78.14 -90.10
CA THR FA 119 11.25 -78.25 -88.66
C THR FA 119 11.79 -79.62 -88.25
N ILE FA 120 12.28 -79.73 -87.03
CA ILE FA 120 13.02 -80.89 -86.56
C ILE FA 120 12.41 -81.32 -85.23
N ALA FA 121 12.09 -82.61 -85.11
CA ALA FA 121 11.45 -83.11 -83.90
C ALA FA 121 12.46 -83.19 -82.76
N GLN FA 122 12.13 -82.50 -81.66
CA GLN FA 122 12.95 -82.45 -80.44
C GLN FA 122 14.36 -81.90 -80.70
N GLY FA 123 14.51 -81.11 -81.77
CA GLY FA 123 15.80 -80.53 -82.06
C GLY FA 123 16.05 -79.27 -81.26
N GLY FA 124 14.97 -78.61 -80.83
CA GLY FA 124 15.18 -77.37 -80.13
C GLY FA 124 15.56 -76.25 -81.09
N VAL FA 125 16.29 -75.27 -80.55
CA VAL FA 125 16.63 -74.05 -81.27
C VAL FA 125 18.08 -73.73 -80.93
N LEU FA 126 18.71 -72.92 -81.79
CA LEU FA 126 20.01 -72.37 -81.46
C LEU FA 126 19.92 -71.46 -80.25
N PRO FA 127 20.80 -71.65 -79.26
CA PRO FA 127 20.91 -70.67 -78.16
C PRO FA 127 21.39 -69.34 -78.70
N ASN FA 128 20.51 -68.35 -78.66
CA ASN FA 128 20.79 -67.08 -79.31
C ASN FA 128 20.19 -65.97 -78.47
N ILE FA 129 21.04 -65.28 -77.71
CA ILE FA 129 20.64 -64.17 -76.86
C ILE FA 129 21.27 -62.90 -77.41
N GLN FA 130 20.45 -61.89 -77.64
CA GLN FA 130 20.92 -60.66 -78.27
C GLN FA 130 21.63 -59.77 -77.25
N ALA FA 131 22.54 -58.93 -77.74
CA ALA FA 131 23.31 -58.05 -76.88
C ALA FA 131 22.43 -56.98 -76.24
N VAL FA 132 21.31 -56.64 -76.88
CA VAL FA 132 20.36 -55.71 -76.28
C VAL FA 132 19.70 -56.31 -75.05
N LEU FA 133 19.54 -57.63 -75.00
CA LEU FA 133 19.09 -58.29 -73.78
C LEU FA 133 20.14 -58.27 -72.69
N LEU FA 134 21.41 -58.15 -73.07
CA LEU FA 134 22.47 -58.09 -72.10
C LEU FA 134 22.53 -56.70 -71.46
N PRO FA 135 22.84 -56.63 -70.16
CA PRO FA 135 22.84 -55.32 -69.49
C PRO FA 135 24.05 -54.49 -69.86
N LYS FA 136 24.09 -53.27 -69.30
CA LYS FA 136 25.15 -52.28 -69.51
C LYS FA 136 25.34 -51.94 -70.99
N LYS GA 31 2.78 -112.78 -89.19
CA LYS GA 31 3.01 -112.12 -90.47
C LYS GA 31 3.00 -110.60 -90.34
N ARG GA 32 4.14 -109.96 -90.57
CA ARG GA 32 4.21 -108.51 -90.61
C ARG GA 32 4.67 -108.09 -92.01
N SER GA 33 4.15 -106.96 -92.46
CA SER GA 33 4.45 -106.44 -93.79
C SER GA 33 5.78 -105.72 -93.76
N ARG GA 34 6.73 -106.21 -94.56
CA ARG GA 34 8.07 -105.63 -94.58
C ARG GA 34 8.02 -104.22 -95.18
N LYS GA 35 8.58 -103.27 -94.43
CA LYS GA 35 8.53 -101.86 -94.81
C LYS GA 35 9.95 -101.41 -95.13
N GLU GA 36 10.10 -100.68 -96.24
CA GLU GA 36 11.42 -100.29 -96.68
C GLU GA 36 11.84 -99.01 -96.00
N SER GA 37 13.03 -99.05 -95.38
CA SER GA 37 13.59 -97.91 -94.69
C SER GA 37 15.08 -97.90 -94.92
N TYR GA 38 15.67 -96.73 -94.82
CA TYR GA 38 17.05 -96.55 -95.22
C TYR GA 38 17.97 -96.49 -94.03
N SER GA 39 17.45 -96.81 -92.85
CA SER GA 39 18.18 -96.63 -91.60
C SER GA 39 19.41 -97.53 -91.52
N VAL GA 40 19.35 -98.70 -92.16
CA VAL GA 40 20.54 -99.52 -92.27
C VAL GA 40 21.58 -98.83 -93.15
N TYR GA 41 21.14 -98.19 -94.24
CA TYR GA 41 22.06 -97.46 -95.10
C TYR GA 41 22.57 -96.22 -94.40
N VAL GA 42 21.72 -95.56 -93.60
CA VAL GA 42 22.18 -94.44 -92.80
C VAL GA 42 23.23 -94.88 -91.79
N TYR GA 43 23.01 -96.04 -91.17
CA TYR GA 43 23.96 -96.56 -90.19
C TYR GA 43 25.30 -96.89 -90.84
N LYS GA 44 25.27 -97.50 -92.03
CA LYS GA 44 26.53 -97.82 -92.69
C LYS GA 44 27.24 -96.57 -93.19
N VAL GA 45 26.48 -95.56 -93.62
CA VAL GA 45 27.08 -94.27 -93.97
C VAL GA 45 27.74 -93.65 -92.75
N LEU GA 46 27.07 -93.71 -91.60
CA LEU GA 46 27.63 -93.18 -90.37
C LEU GA 46 28.91 -93.90 -89.99
N LYS GA 47 28.91 -95.23 -90.09
CA LYS GA 47 30.13 -95.99 -89.82
C LYS GA 47 31.21 -95.73 -90.85
N GLN GA 48 30.84 -95.36 -92.07
CA GLN GA 48 31.83 -94.90 -93.03
C GLN GA 48 32.47 -93.59 -92.57
N VAL GA 49 31.66 -92.64 -92.13
CA VAL GA 49 32.22 -91.35 -91.75
C VAL GA 49 32.74 -91.37 -90.32
N HIS GA 50 32.09 -92.14 -89.44
CA HIS GA 50 32.46 -92.19 -88.03
C HIS GA 50 32.14 -93.59 -87.52
N PRO GA 51 33.12 -94.50 -87.55
CA PRO GA 51 32.87 -95.86 -87.04
C PRO GA 51 32.54 -95.90 -85.56
N ASP GA 52 32.93 -94.89 -84.81
CA ASP GA 52 32.79 -94.86 -83.36
C ASP GA 52 31.43 -94.33 -82.91
N THR GA 53 30.56 -93.96 -83.84
CA THR GA 53 29.38 -93.17 -83.52
C THR GA 53 28.10 -94.00 -83.68
N GLY GA 54 27.23 -93.93 -82.68
CA GLY GA 54 25.92 -94.52 -82.74
C GLY GA 54 24.85 -93.51 -83.09
N ILE GA 55 23.60 -93.96 -83.00
CA ILE GA 55 22.45 -93.18 -83.47
C ILE GA 55 21.20 -93.70 -82.79
N SER GA 56 20.23 -92.81 -82.58
CA SER GA 56 18.93 -93.21 -82.06
C SER GA 56 17.99 -93.59 -83.20
N SER GA 57 16.90 -94.28 -82.84
CA SER GA 57 15.95 -94.73 -83.84
C SER GA 57 15.16 -93.57 -84.42
N LYS GA 58 14.80 -92.61 -83.58
CA LYS GA 58 14.11 -91.41 -84.06
C LYS GA 58 15.02 -90.57 -84.94
N ALA GA 59 16.33 -90.57 -84.65
CA ALA GA 59 17.27 -89.90 -85.54
C ALA GA 59 17.32 -90.58 -86.91
N MET GA 60 17.25 -91.92 -86.92
CA MET GA 60 17.18 -92.62 -88.20
C MET GA 60 15.87 -92.35 -88.92
N GLY GA 61 14.78 -92.15 -88.17
CA GLY GA 61 13.53 -91.72 -88.79
C GLY GA 61 13.65 -90.35 -89.43
N ILE GA 62 14.35 -89.43 -88.75
CA ILE GA 62 14.64 -88.12 -89.33
C ILE GA 62 15.46 -88.26 -90.60
N MET GA 63 16.46 -89.13 -90.59
CA MET GA 63 17.29 -89.32 -91.76
C MET GA 63 16.51 -89.91 -92.93
N ASN GA 64 15.63 -90.88 -92.65
CA ASN GA 64 14.81 -91.47 -93.70
C ASN GA 64 13.83 -90.44 -94.24
N SER GA 65 13.29 -89.60 -93.36
CA SER GA 65 12.44 -88.50 -93.78
C SER GA 65 13.19 -87.53 -94.68
N PHE GA 66 14.46 -87.26 -94.35
CA PHE GA 66 15.30 -86.42 -95.18
C PHE GA 66 15.52 -87.02 -96.55
N VAL GA 67 15.81 -88.32 -96.60
CA VAL GA 67 16.02 -89.01 -97.87
C VAL GA 67 14.78 -88.93 -98.73
N ASN GA 68 13.63 -89.23 -98.14
CA ASN GA 68 12.38 -89.21 -98.89
C ASN GA 68 12.04 -87.80 -99.34
N ASP GA 69 12.34 -86.81 -98.50
CA ASP GA 69 12.02 -85.42 -98.79
C ASP GA 69 12.85 -84.93 -99.98
N ILE GA 70 14.15 -85.15 -99.92
CA ILE GA 70 15.01 -84.70 -101.02
C ILE GA 70 14.70 -85.49 -102.28
N PHE GA 71 14.37 -86.77 -102.13
CA PHE GA 71 13.96 -87.61 -103.25
C PHE GA 71 12.73 -87.05 -103.95
N GLU GA 72 11.68 -86.71 -103.19
CA GLU GA 72 10.46 -86.23 -103.82
C GLU GA 72 10.65 -84.85 -104.41
N ARG GA 73 11.47 -84.00 -103.77
CA ARG GA 73 11.80 -82.70 -104.34
C ARG GA 73 12.46 -82.86 -105.70
N ILE GA 74 13.51 -83.67 -105.75
CA ILE GA 74 14.30 -83.76 -106.98
C ILE GA 74 13.51 -84.51 -108.04
N ALA GA 75 12.66 -85.44 -107.64
CA ALA GA 75 11.89 -86.22 -108.59
C ALA GA 75 10.79 -85.38 -109.23
N GLY GA 76 10.06 -84.60 -108.42
CA GLY GA 76 9.08 -83.70 -108.98
C GLY GA 76 9.69 -82.64 -109.86
N GLU GA 77 10.85 -82.11 -109.46
CA GLU GA 77 11.53 -81.10 -110.26
C GLU GA 77 11.98 -81.69 -111.60
N ALA GA 78 12.52 -82.92 -111.59
CA ALA GA 78 12.96 -83.56 -112.81
C ALA GA 78 11.79 -83.92 -113.70
N SER GA 79 10.65 -84.32 -113.10
CA SER GA 79 9.45 -84.59 -113.88
C SER GA 79 8.96 -83.34 -114.59
N ARG GA 80 8.99 -82.21 -113.88
CA ARG GA 80 8.60 -80.95 -114.52
C ARG GA 80 9.57 -80.55 -115.63
N LEU GA 81 10.87 -80.70 -115.41
CA LEU GA 81 11.84 -80.35 -116.46
C LEU GA 81 11.70 -81.26 -117.66
N ALA GA 82 11.35 -82.53 -117.45
CA ALA GA 82 11.01 -83.40 -118.56
C ALA GA 82 9.75 -82.93 -119.26
N HIS GA 83 8.79 -82.42 -118.49
CA HIS GA 83 7.53 -81.98 -119.06
C HIS GA 83 7.72 -80.71 -119.88
N TYR GA 84 8.75 -79.92 -119.55
CA TYR GA 84 8.98 -78.67 -120.29
C TYR GA 84 9.56 -78.95 -121.67
N ASN GA 85 10.65 -79.71 -121.72
CA ASN GA 85 11.33 -79.99 -122.98
C ASN GA 85 10.78 -81.21 -123.69
N LYS GA 86 9.55 -81.62 -123.36
CA LYS GA 86 8.85 -82.75 -123.97
C LYS GA 86 9.63 -84.05 -123.84
N ARG GA 87 10.30 -84.22 -122.71
CA ARG GA 87 11.20 -85.34 -122.49
C ARG GA 87 10.43 -86.47 -121.80
N SER GA 88 10.61 -87.69 -122.32
CA SER GA 88 9.99 -88.86 -121.70
C SER GA 88 10.99 -89.81 -121.06
N THR GA 89 12.28 -89.55 -121.21
CA THR GA 89 13.31 -90.42 -120.65
C THR GA 89 14.25 -89.59 -119.78
N ILE GA 90 14.36 -89.98 -118.51
CA ILE GA 90 15.15 -89.23 -117.54
C ILE GA 90 16.56 -89.80 -117.48
N THR GA 91 17.54 -88.95 -117.75
CA THR GA 91 18.95 -89.29 -117.62
C THR GA 91 19.58 -88.46 -116.50
N SER GA 92 20.81 -88.82 -116.15
CA SER GA 92 21.51 -88.15 -115.07
C SER GA 92 21.84 -86.69 -115.39
N ARG GA 93 21.85 -86.31 -116.68
CA ARG GA 93 22.01 -84.91 -117.06
C ARG GA 93 20.91 -84.04 -116.45
N GLU GA 94 19.67 -84.54 -116.50
CA GLU GA 94 18.54 -83.78 -115.98
C GLU GA 94 18.63 -83.63 -114.47
N ILE GA 95 19.05 -84.69 -113.77
CA ILE GA 95 19.24 -84.55 -112.32
C ILE GA 95 20.40 -83.61 -112.02
N GLN GA 96 21.46 -83.65 -112.82
CA GLN GA 96 22.59 -82.76 -112.62
C GLN GA 96 22.17 -81.30 -112.74
N THR GA 97 21.34 -81.02 -113.76
CA THR GA 97 20.75 -79.69 -113.89
C THR GA 97 19.88 -79.36 -112.70
N ALA GA 98 19.02 -80.29 -112.29
CA ALA GA 98 18.05 -79.98 -111.25
C ALA GA 98 18.72 -79.81 -109.88
N VAL GA 99 19.79 -80.56 -109.61
CA VAL GA 99 20.49 -80.38 -108.35
C VAL GA 99 21.28 -79.07 -108.36
N ARG GA 100 21.90 -78.72 -109.50
CA ARG GA 100 22.64 -77.47 -109.53
C ARG GA 100 21.69 -76.28 -109.49
N LEU GA 101 20.42 -76.52 -109.83
CA LEU GA 101 19.36 -75.57 -109.47
C LEU GA 101 19.14 -75.56 -107.96
N LEU GA 102 18.79 -76.71 -107.38
CA LEU GA 102 18.33 -76.74 -106.01
C LEU GA 102 19.45 -76.54 -105.01
N LEU GA 103 20.68 -76.82 -105.41
CA LEU GA 103 21.77 -76.66 -104.46
C LEU GA 103 22.56 -75.39 -104.77
N PRO GA 104 22.63 -74.44 -103.84
CA PRO GA 104 23.50 -73.28 -104.05
C PRO GA 104 24.90 -73.54 -103.50
N GLY GA 105 25.84 -72.67 -103.87
CA GLY GA 105 27.18 -72.73 -103.34
C GLY GA 105 28.02 -73.88 -103.82
N GLU GA 106 28.99 -74.28 -103.00
CA GLU GA 106 29.97 -75.28 -103.41
C GLU GA 106 29.36 -76.68 -103.44
N LEU GA 107 28.25 -76.87 -102.75
CA LEU GA 107 27.60 -78.19 -102.67
C LEU GA 107 27.20 -78.68 -104.04
N ALA GA 108 26.69 -77.77 -104.88
CA ALA GA 108 26.30 -78.13 -106.23
C ALA GA 108 27.50 -78.63 -107.04
N LYS GA 109 28.60 -77.89 -106.99
CA LYS GA 109 29.78 -78.26 -107.75
C LYS GA 109 30.35 -79.60 -107.30
N HIS GA 110 30.40 -79.80 -105.99
CA HIS GA 110 30.95 -81.04 -105.46
C HIS GA 110 30.05 -82.24 -105.72
N ALA GA 111 28.73 -82.04 -105.63
CA ALA GA 111 27.79 -83.12 -105.93
C ALA GA 111 27.83 -83.49 -107.40
N VAL GA 112 27.91 -82.48 -108.28
CA VAL GA 112 28.06 -82.74 -109.71
C VAL GA 112 29.33 -83.52 -109.99
N SER GA 113 30.43 -83.12 -109.35
CA SER GA 113 31.71 -83.83 -109.54
C SER GA 113 31.62 -85.28 -109.06
N GLU GA 114 31.08 -85.51 -107.87
CA GLU GA 114 31.05 -86.85 -107.30
C GLU GA 114 30.10 -87.76 -108.09
N GLY GA 115 28.92 -87.26 -108.44
CA GLY GA 115 28.02 -88.03 -109.26
C GLY GA 115 28.57 -88.26 -110.66
N THR GA 116 29.38 -87.32 -111.15
CA THR GA 116 30.05 -87.50 -112.44
C THR GA 116 31.03 -88.66 -112.38
N LYS GA 117 31.85 -88.74 -111.32
CA LYS GA 117 32.75 -89.88 -111.19
C LYS GA 117 31.98 -91.19 -111.04
N ALA GA 118 30.90 -91.18 -110.25
CA ALA GA 118 30.14 -92.40 -110.03
C ALA GA 118 29.48 -92.91 -111.32
N VAL GA 119 28.80 -92.01 -112.04
CA VAL GA 119 28.16 -92.36 -113.30
C VAL GA 119 29.20 -92.75 -114.36
N THR GA 120 30.36 -92.08 -114.35
CA THR GA 120 31.41 -92.38 -115.32
C THR GA 120 31.98 -93.77 -115.12
N LYS GA 121 32.32 -94.13 -113.88
CA LYS GA 121 32.95 -95.43 -113.71
C LYS GA 121 31.90 -96.52 -113.68
N TYR GA 122 30.64 -96.17 -113.39
CA TYR GA 122 29.53 -97.06 -113.72
C TYR GA 122 29.41 -97.30 -115.21
N THR GA 123 29.61 -96.25 -116.01
CA THR GA 123 29.51 -96.36 -117.46
C THR GA 123 30.60 -97.28 -118.00
N SER GA 124 31.80 -97.19 -117.43
CA SER GA 124 32.82 -98.17 -117.74
C SER GA 124 32.49 -99.56 -117.23
N ALA GA 125 31.63 -99.67 -116.21
CA ALA GA 125 31.25 -100.96 -115.68
C ALA GA 125 30.06 -101.52 -116.46
N SER HA 35 -11.87 -14.29 -64.26
CA SER HA 35 -10.72 -13.61 -64.84
C SER HA 35 -9.41 -14.24 -64.35
N GLY HA 36 -9.04 -13.94 -63.11
CA GLY HA 36 -7.89 -14.52 -62.50
C GLY HA 36 -6.60 -13.77 -62.81
N PRO HA 37 -5.53 -14.12 -62.10
CA PRO HA 37 -4.26 -13.41 -62.27
C PRO HA 37 -3.54 -13.87 -63.52
N PRO HA 38 -2.47 -13.17 -63.95
CA PRO HA 38 -1.63 -13.70 -65.02
C PRO HA 38 -0.91 -14.97 -64.60
N VAL HA 39 -0.32 -15.64 -65.60
CA VAL HA 39 0.17 -17.00 -65.42
C VAL HA 39 1.39 -17.05 -64.52
N SER HA 40 2.06 -15.92 -64.31
CA SER HA 40 3.22 -15.87 -63.42
C SER HA 40 2.83 -16.22 -61.99
N GLU HA 41 1.67 -15.73 -61.55
CA GLU HA 41 1.11 -16.03 -60.23
C GLU HA 41 0.91 -17.53 -60.04
N LEU HA 42 0.23 -18.15 -61.02
CA LEU HA 42 -0.10 -19.56 -60.95
C LEU HA 42 1.15 -20.42 -60.98
N ILE HA 43 2.12 -20.09 -61.82
CA ILE HA 43 3.32 -20.92 -61.90
C ILE HA 43 4.19 -20.73 -60.66
N THR HA 44 4.13 -19.55 -60.02
CA THR HA 44 4.90 -19.36 -58.80
C THR HA 44 4.35 -20.18 -57.65
N LYS HA 45 3.02 -20.23 -57.48
CA LYS HA 45 2.51 -21.19 -56.49
C LYS HA 45 2.60 -22.64 -56.96
N ALA HA 46 2.66 -22.89 -58.27
CA ALA HA 46 2.91 -24.24 -58.74
C ALA HA 46 4.30 -24.73 -58.32
N VAL HA 47 5.30 -23.86 -58.39
CA VAL HA 47 6.65 -24.28 -58.02
C VAL HA 47 6.85 -24.19 -56.51
N ALA HA 48 6.11 -23.31 -55.83
CA ALA HA 48 6.27 -23.16 -54.39
C ALA HA 48 5.32 -24.03 -53.57
N ALA HA 49 4.48 -24.85 -54.22
CA ALA HA 49 3.53 -25.68 -53.48
C ALA HA 49 4.22 -26.72 -52.60
N SER HA 50 5.30 -27.34 -53.09
CA SER HA 50 5.83 -28.51 -52.40
C SER HA 50 7.26 -28.34 -51.92
N LYS HA 51 8.12 -27.78 -52.76
CA LYS HA 51 9.57 -27.67 -52.54
C LYS HA 51 10.19 -29.05 -52.27
N GLU HA 52 10.16 -29.85 -53.33
CA GLU HA 52 10.88 -31.12 -53.39
C GLU HA 52 12.39 -30.86 -53.39
N ARG HA 53 13.17 -31.86 -52.95
CA ARG HA 53 14.63 -31.76 -52.94
C ARG HA 53 15.20 -31.49 -54.33
N SER HA 54 14.75 -32.23 -55.33
CA SER HA 54 14.97 -31.85 -56.72
C SER HA 54 13.86 -30.90 -57.12
N GLY HA 55 14.07 -30.18 -58.22
CA GLY HA 55 13.09 -29.21 -58.66
C GLY HA 55 11.79 -29.85 -59.12
N VAL HA 56 10.71 -29.08 -59.17
CA VAL HA 56 9.46 -29.64 -59.65
C VAL HA 56 9.56 -29.87 -61.16
N SER HA 57 9.19 -31.06 -61.59
CA SER HA 57 9.26 -31.37 -63.00
C SER HA 57 8.16 -30.64 -63.75
N LEU HA 58 8.31 -30.56 -65.07
CA LEU HA 58 7.30 -29.94 -65.90
C LEU HA 58 5.99 -30.70 -65.81
N ALA HA 59 6.06 -32.04 -65.78
CA ALA HA 59 4.85 -32.85 -65.63
C ALA HA 59 4.20 -32.62 -64.28
N ALA HA 60 4.99 -32.52 -63.21
CA ALA HA 60 4.41 -32.35 -61.88
C ALA HA 60 3.79 -30.96 -61.72
N LEU HA 61 4.43 -29.92 -62.27
CA LEU HA 61 3.82 -28.59 -62.20
C LEU HA 61 2.59 -28.48 -63.10
N LYS HA 62 2.59 -29.20 -64.23
CA LYS HA 62 1.38 -29.28 -65.05
C LYS HA 62 0.24 -29.96 -64.29
N LYS HA 63 0.54 -31.05 -63.58
CA LYS HA 63 -0.48 -31.72 -62.77
C LYS HA 63 -0.94 -30.83 -61.62
N ALA HA 64 -0.03 -30.04 -61.05
CA ALA HA 64 -0.41 -29.11 -59.98
C ALA HA 64 -1.34 -28.02 -60.50
N LEU HA 65 -1.06 -27.47 -61.68
CA LEU HA 65 -1.95 -26.46 -62.26
C LEU HA 65 -3.28 -27.06 -62.69
N ALA HA 66 -3.26 -28.34 -63.11
CA ALA HA 66 -4.51 -29.02 -63.43
C ALA HA 66 -5.35 -29.25 -62.18
N ALA HA 67 -4.71 -29.63 -61.07
CA ALA HA 67 -5.44 -29.86 -59.82
C ALA HA 67 -5.96 -28.55 -59.25
N ALA HA 68 -5.17 -27.48 -59.32
CA ALA HA 68 -5.63 -26.18 -58.84
C ALA HA 68 -6.69 -25.58 -59.76
N GLY HA 69 -6.58 -25.83 -61.06
CA GLY HA 69 -7.58 -25.36 -62.01
C GLY HA 69 -7.08 -24.27 -62.93
N TYR HA 70 -6.71 -24.66 -64.15
CA TYR HA 70 -6.32 -23.72 -65.20
C TYR HA 70 -6.41 -24.44 -66.54
N ASP HA 71 -6.67 -23.66 -67.59
CA ASP HA 71 -6.73 -24.19 -68.95
C ASP HA 71 -5.32 -24.52 -69.42
N VAL HA 72 -4.83 -25.69 -68.99
CA VAL HA 72 -3.55 -26.18 -69.48
C VAL HA 72 -3.69 -26.71 -70.90
N GLU HA 73 -4.93 -27.00 -71.33
CA GLU HA 73 -5.17 -27.54 -72.66
C GLU HA 73 -4.79 -26.55 -73.75
N LYS HA 74 -5.14 -25.28 -73.56
CA LYS HA 74 -4.95 -24.27 -74.60
C LYS HA 74 -3.80 -23.31 -74.28
N ASN HA 75 -3.57 -23.01 -73.00
CA ASN HA 75 -2.52 -22.07 -72.62
C ASN HA 75 -1.18 -22.79 -72.40
N ASN HA 76 -1.02 -23.99 -72.96
CA ASN HA 76 0.21 -24.74 -72.79
C ASN HA 76 1.42 -24.04 -73.41
N SER HA 77 1.28 -23.51 -74.62
CA SER HA 77 2.31 -22.66 -75.18
C SER HA 77 2.48 -21.39 -74.38
N ARG HA 78 1.35 -20.84 -73.89
CA ARG HA 78 1.39 -19.64 -73.05
C ARG HA 78 2.15 -19.90 -71.76
N ILE HA 79 1.88 -21.02 -71.07
CA ILE HA 79 2.56 -21.25 -69.80
C ILE HA 79 3.99 -21.70 -70.03
N LYS HA 80 4.29 -22.31 -71.18
CA LYS HA 80 5.67 -22.65 -71.50
C LYS HA 80 6.50 -21.38 -71.73
N LEU HA 81 5.96 -20.43 -72.50
CA LEU HA 81 6.68 -19.18 -72.67
C LEU HA 81 6.71 -18.36 -71.38
N GLY HA 82 5.69 -18.52 -70.52
CA GLY HA 82 5.71 -17.85 -69.23
C GLY HA 82 6.79 -18.39 -68.31
N LEU HA 83 6.93 -19.72 -68.24
CA LEU HA 83 7.98 -20.29 -67.41
C LEU HA 83 9.35 -20.00 -68.00
N LYS HA 84 9.45 -19.93 -69.34
CA LYS HA 84 10.67 -19.47 -69.98
C LYS HA 84 11.00 -18.04 -69.58
N SER HA 85 9.97 -17.19 -69.51
CA SER HA 85 10.16 -15.81 -69.07
C SER HA 85 10.68 -15.75 -67.64
N LEU HA 86 10.03 -16.47 -66.73
CA LEU HA 86 10.47 -16.46 -65.32
C LEU HA 86 11.85 -17.08 -65.13
N VAL HA 87 12.24 -18.03 -65.99
CA VAL HA 87 13.64 -18.46 -65.97
C VAL HA 87 14.55 -17.33 -66.44
N SER HA 88 14.15 -16.61 -67.49
CA SER HA 88 15.01 -15.55 -68.02
C SER HA 88 15.09 -14.36 -67.06
N LYS HA 89 14.02 -14.09 -66.31
CA LYS HA 89 14.09 -13.04 -65.30
C LYS HA 89 14.93 -13.43 -64.09
N GLY HA 90 15.28 -14.70 -63.94
CA GLY HA 90 16.07 -15.14 -62.81
C GLY HA 90 15.28 -15.34 -61.53
N THR HA 91 13.97 -15.10 -61.55
CA THR HA 91 13.13 -15.42 -60.39
C THR HA 91 13.07 -16.92 -60.16
N LEU HA 92 13.01 -17.69 -61.23
CA LEU HA 92 13.03 -19.15 -61.16
C LEU HA 92 14.29 -19.67 -61.85
N VAL HA 93 14.81 -20.78 -61.32
CA VAL HA 93 16.00 -21.42 -61.87
C VAL HA 93 15.65 -22.86 -62.25
N GLN HA 94 16.07 -23.28 -63.44
CA GLN HA 94 15.84 -24.62 -63.94
C GLN HA 94 16.84 -25.56 -63.28
N THR HA 95 16.34 -26.69 -62.77
CA THR HA 95 17.17 -27.55 -61.93
C THR HA 95 18.07 -28.46 -62.76
N LYS HA 96 17.49 -29.29 -63.62
CA LYS HA 96 18.26 -30.33 -64.31
C LYS HA 96 18.31 -30.13 -65.82
N GLY HA 97 17.17 -29.95 -66.47
CA GLY HA 97 17.13 -29.88 -67.92
C GLY HA 97 17.43 -28.49 -68.44
N THR HA 98 17.16 -28.32 -69.73
CA THR HA 98 17.21 -27.01 -70.39
C THR HA 98 15.91 -26.81 -71.15
N GLY HA 99 15.37 -25.60 -71.06
CA GLY HA 99 14.08 -25.36 -71.68
C GLY HA 99 12.95 -25.88 -70.81
N ALA HA 100 11.90 -26.39 -71.45
CA ALA HA 100 10.74 -26.87 -70.71
C ALA HA 100 10.95 -28.25 -70.11
N SER HA 101 11.95 -28.99 -70.54
CA SER HA 101 12.23 -30.29 -69.96
C SER HA 101 13.04 -30.14 -68.67
N GLY HA 102 13.14 -31.22 -67.92
CA GLY HA 102 13.86 -31.21 -66.66
C GLY HA 102 12.99 -30.78 -65.50
N SER HA 103 13.65 -30.15 -64.53
CA SER HA 103 13.01 -29.74 -63.28
C SER HA 103 13.30 -28.28 -63.02
N PHE HA 104 12.48 -27.67 -62.17
CA PHE HA 104 12.51 -26.23 -61.92
C PHE HA 104 12.32 -25.99 -60.42
N LYS HA 105 13.09 -25.05 -59.87
CA LYS HA 105 12.98 -24.71 -58.46
C LYS HA 105 13.11 -23.21 -58.27
N LEU HA 106 12.79 -22.75 -57.05
CA LEU HA 106 12.87 -21.34 -56.73
C LEU HA 106 14.31 -20.86 -56.67
N ASN HA 107 14.48 -19.55 -56.60
CA ASN HA 107 15.80 -18.95 -56.60
C ASN HA 107 16.46 -19.11 -55.23
N LYS HA 108 17.68 -18.57 -55.12
CA LYS HA 108 18.48 -18.76 -53.92
C LYS HA 108 17.90 -18.01 -52.72
N LYS HA 109 17.46 -16.78 -52.93
CA LYS HA 109 16.92 -15.97 -51.85
C LYS HA 109 15.60 -15.33 -52.25
#